data_4ENV
#
_entry.id   4ENV
#
_cell.length_a   93.230
_cell.length_b   133.130
_cell.length_c   122.710
_cell.angle_alpha   90.000
_cell.angle_beta   109.390
_cell.angle_gamma   90.000
#
_symmetry.space_group_name_H-M   'P 1 21 1'
#
loop_
_entity.id
_entity.type
_entity.pdbx_description
1 polymer 'Catalase HPII'
2 non-polymer 'CIS-HEME D HYDROXYCHLORIN GAMMA-SPIROLACTONE'
3 non-polymer 'PROTOPORPHYRIN IX CONTAINING FE'
4 water water
#
_entity_poly.entity_id   1
_entity_poly.type   'polypeptide(L)'
_entity_poly.pdbx_seq_one_letter_code
;MSQHNEKNPHQHQSPLHDSSEAKPGMDSLAPEDGSHRPAAEPTPPGAQPTAPGSLKAPDTRNEKLNSLEDVRKGSENYAL
TTNQGVRIADDQNSLRAGSRGPTLLEDFILREKITHFDHERIPERIVHARGSAAHGYFQPYKSLSDITKADFLSDPNKIT
PVFVRFSTVQGGAGSADTVRDIRGFATKFYTEEGIFDLVGNNTPIFFIQDAHKFPDFVHAVKPEPHWAIPQGQIAHDTFW
DYVSLQPETLHNVMWAMSDRGIPRSYRTMEGFGIHTFRLINAEGKATFVRFHWKPLAGKASLVWDEAQKLTGRDPDFHRR
ELWEAIEAGDFPEYELGFQLIPEEDEFKFDFDLLDPTKLIPEELVPVQRVGKMVLNRNPDNFFAENEQAAFHPGHIVPGL
DFTNDPLLQGRLFSYTDTQISRLGGPNFHEIPINRPTCPYHNFQRDGMHRMGIDTNPANYEPNSINDNWPRETPPGPKRG
GFESYQERVEGNKVRERSPSFGEYYSHPRLFWLSQTPFEQRHIVDGFSFELSKVVRPYIRERVVDQLAHIDLTLAQAVAK
NLGIELTDDQLNITPPPDVNGLKKDPSLSLYAIPDGDVKGRVVAILLNDEVRSADLLAILKALKAKGVHAKLLYSRMGEV
TADDGTVLPIAATFAGAPSLTVDAVIVPCGNIADIADNGDANYYLMEAYKHLKPIALAGDARKFKATIKIADQGEEGIVE
ADSADGSFMDELLTLMAAHRVWSRIPKIDKIPA
;
_entity_poly.pdbx_strand_id   A,B,C,D
#
loop_
_chem_comp.id
_chem_comp.type
_chem_comp.name
_chem_comp.formula
HDD non-polymer 'CIS-HEME D HYDROXYCHLORIN GAMMA-SPIROLACTONE' 'C34 H32 Fe N4 O5'
HEM non-polymer 'PROTOPORPHYRIN IX CONTAINING FE' 'C34 H32 Fe N4 O4'
#
# COMPACT_ATOMS: atom_id res chain seq x y z
N SER A 28 -22.64 -25.58 21.91
CA SER A 28 -21.36 -25.48 21.20
C SER A 28 -20.26 -25.11 22.18
N LEU A 29 -19.76 -26.11 22.87
CA LEU A 29 -18.94 -25.88 23.97
C LEU A 29 -18.02 -27.05 24.28
N ALA A 30 -17.21 -26.74 25.26
CA ALA A 30 -16.12 -27.50 25.73
C ALA A 30 -16.67 -28.76 26.39
N PRO A 31 -15.97 -29.91 26.20
CA PRO A 31 -16.28 -31.14 26.93
C PRO A 31 -16.23 -30.92 28.45
N GLU A 32 -17.14 -31.56 29.18
CA GLU A 32 -17.16 -31.46 30.66
C GLU A 32 -15.81 -31.81 31.33
N ASP A 33 -15.05 -32.71 30.70
CA ASP A 33 -13.76 -33.16 31.32
C ASP A 33 -12.57 -32.20 31.24
N GLY A 34 -12.70 -31.09 30.51
CA GLY A 34 -11.57 -30.21 30.33
C GLY A 34 -10.53 -30.64 29.31
N SER A 35 -10.82 -31.67 28.52
CA SER A 35 -9.81 -32.27 27.63
C SER A 35 -9.57 -31.44 26.35
N HIS A 36 -10.28 -30.34 26.25
CA HIS A 36 -10.03 -29.44 25.11
C HIS A 36 -8.82 -28.57 25.34
N ARG A 37 -8.41 -28.39 26.61
CA ARG A 37 -7.37 -27.43 27.02
C ARG A 37 -6.03 -28.12 27.41
N PRO A 38 -4.92 -27.77 26.75
CA PRO A 38 -3.60 -28.35 27.10
C PRO A 38 -3.19 -27.95 28.50
N ALA A 39 -2.57 -28.88 29.25
CA ALA A 39 -1.98 -28.54 30.52
C ALA A 39 -0.82 -27.54 30.29
N ALA A 40 -0.74 -26.55 31.19
CA ALA A 40 0.25 -25.50 31.14
C ALA A 40 1.50 -26.00 31.86
N GLU A 41 2.09 -27.08 31.35
CA GLU A 41 3.25 -27.78 31.94
C GLU A 41 3.99 -28.34 30.76
N PRO A 42 5.30 -28.61 30.91
CA PRO A 42 6.00 -29.26 29.81
C PRO A 42 5.44 -30.63 29.53
N THR A 43 5.13 -30.93 28.28
CA THR A 43 4.57 -32.26 27.93
C THR A 43 5.25 -32.75 26.61
N PRO A 44 5.41 -34.06 26.46
CA PRO A 44 6.10 -34.60 25.30
C PRO A 44 5.23 -34.43 24.06
N PRO A 45 5.88 -34.51 22.85
CA PRO A 45 5.14 -34.34 21.59
C PRO A 45 3.97 -35.28 21.57
N GLY A 46 2.80 -34.79 21.15
CA GLY A 46 1.55 -35.62 21.04
C GLY A 46 0.75 -35.80 22.31
N ALA A 47 1.31 -35.46 23.45
CA ALA A 47 0.58 -35.75 24.72
C ALA A 47 -0.59 -34.78 24.87
N GLN A 48 -0.46 -33.55 24.32
CA GLN A 48 -1.54 -32.55 24.56
C GLN A 48 -1.65 -31.78 23.23
N PRO A 49 -2.84 -31.20 22.95
CA PRO A 49 -2.80 -30.23 21.83
C PRO A 49 -1.80 -29.07 22.07
N THR A 50 -1.19 -28.60 21.00
CA THR A 50 -0.22 -27.47 21.13
C THR A 50 -1.04 -26.19 21.32
N ALA A 51 -0.39 -25.15 21.81
CA ALA A 51 -1.10 -23.93 22.19
C ALA A 51 -0.19 -22.73 22.09
N PRO A 52 -0.75 -21.52 22.11
CA PRO A 52 0.06 -20.25 22.15
C PRO A 52 0.98 -20.30 23.34
N GLY A 53 2.19 -19.76 23.18
CA GLY A 53 3.23 -19.83 24.20
C GLY A 53 2.78 -19.26 25.54
N SER A 54 2.06 -18.15 25.55
CA SER A 54 1.73 -17.54 26.86
C SER A 54 0.70 -18.36 27.67
N LEU A 55 0.03 -19.27 27.00
CA LEU A 55 -0.94 -20.13 27.67
C LEU A 55 -0.23 -21.44 28.05
N LYS A 56 0.72 -21.87 27.25
CA LYS A 56 1.39 -23.12 27.52
C LYS A 56 2.40 -22.99 28.63
N ALA A 57 3.12 -21.88 28.69
CA ALA A 57 4.25 -21.70 29.60
C ALA A 57 4.13 -20.27 30.16
N PRO A 58 3.05 -20.00 30.92
CA PRO A 58 2.88 -18.64 31.43
C PRO A 58 3.95 -18.08 32.34
N ASP A 59 4.73 -18.95 33.00
CA ASP A 59 5.76 -18.48 33.89
C ASP A 59 7.11 -18.36 33.22
N THR A 60 7.19 -18.64 31.92
CA THR A 60 8.42 -18.40 31.22
C THR A 60 8.38 -16.96 30.74
N ARG A 61 9.32 -16.16 31.29
CA ARG A 61 9.37 -14.76 30.98
C ARG A 61 10.74 -14.25 30.58
N ASN A 62 10.77 -13.10 29.92
CA ASN A 62 12.01 -12.37 29.70
C ASN A 62 11.57 -10.92 29.40
N GLU A 63 12.49 -9.96 29.42
CA GLU A 63 12.12 -8.54 29.27
C GLU A 63 11.30 -8.24 27.96
N LYS A 64 11.59 -8.98 26.89
CA LYS A 64 10.88 -8.74 25.61
C LYS A 64 9.51 -9.37 25.72
N LEU A 65 9.42 -10.61 26.19
CA LEU A 65 8.07 -11.23 26.30
C LEU A 65 7.15 -10.35 27.19
N ASN A 66 7.69 -9.81 28.29
CA ASN A 66 6.88 -9.04 29.20
C ASN A 66 6.40 -7.76 28.47
N SER A 67 7.30 -7.13 27.71
CA SER A 67 7.00 -5.84 27.03
C SER A 67 5.89 -6.02 25.99
N LEU A 68 5.66 -7.23 25.51
CA LEU A 68 4.52 -7.45 24.63
C LEU A 68 3.13 -7.51 25.27
N GLU A 69 3.10 -7.40 26.62
CA GLU A 69 1.84 -7.55 27.31
C GLU A 69 0.81 -6.45 26.93
N ASP A 70 1.25 -5.27 26.45
CA ASP A 70 0.31 -4.16 26.16
C ASP A 70 -0.54 -4.50 24.98
N VAL A 71 0.00 -5.39 24.13
CA VAL A 71 -0.77 -5.81 22.99
C VAL A 71 -1.36 -7.24 23.01
N ARG A 72 -0.96 -8.13 23.94
CA ARG A 72 -1.61 -9.43 24.05
C ARG A 72 -3.09 -9.25 24.38
N LYS A 73 -3.92 -9.99 23.70
CA LYS A 73 -5.34 -9.90 23.96
C LYS A 73 -5.84 -11.33 24.27
N GLY A 74 -6.49 -11.44 25.44
CA GLY A 74 -7.24 -12.63 25.89
C GLY A 74 -8.60 -12.85 25.18
N SER A 75 -9.48 -13.60 25.83
CA SER A 75 -10.74 -13.97 25.15
C SER A 75 -11.74 -14.52 26.14
N GLU A 76 -11.28 -15.26 27.15
CA GLU A 76 -12.19 -16.01 28.03
C GLU A 76 -13.07 -15.05 28.79
N ASN A 77 -14.39 -15.30 28.77
CA ASN A 77 -15.34 -14.49 29.47
C ASN A 77 -15.67 -13.18 28.83
N TYR A 78 -15.10 -12.90 27.67
CA TYR A 78 -15.38 -11.60 27.03
C TYR A 78 -16.43 -11.76 26.01
N ALA A 79 -17.15 -10.68 25.80
CA ALA A 79 -18.21 -10.59 24.79
C ALA A 79 -17.61 -10.42 23.40
N LEU A 80 -18.19 -11.08 22.40
CA LEU A 80 -17.77 -10.92 20.99
C LEU A 80 -18.17 -9.53 20.49
N THR A 81 -17.24 -8.78 19.85
CA THR A 81 -17.60 -7.41 19.46
C THR A 81 -17.15 -7.11 18.08
N THR A 82 -17.60 -5.97 17.52
CA THR A 82 -17.00 -5.39 16.30
C THR A 82 -15.61 -4.85 16.76
N ASN A 83 -14.76 -4.43 15.81
CA ASN A 83 -13.51 -3.77 16.14
C ASN A 83 -13.69 -2.39 16.87
N GLN A 84 -14.94 -1.83 16.75
CA GLN A 84 -15.31 -0.59 17.38
C GLN A 84 -15.85 -0.81 18.81
N GLY A 85 -15.94 -2.07 19.23
CA GLY A 85 -16.34 -2.46 20.61
C GLY A 85 -17.85 -2.63 20.78
N VAL A 86 -18.59 -2.78 19.64
CA VAL A 86 -20.04 -2.99 19.78
C VAL A 86 -20.29 -4.51 19.93
N ARG A 87 -21.02 -4.91 20.94
CA ARG A 87 -21.36 -6.33 21.13
C ARG A 87 -22.26 -6.83 20.01
N ILE A 88 -21.87 -7.98 19.52
CA ILE A 88 -22.61 -8.69 18.51
C ILE A 88 -23.61 -9.67 19.15
N ALA A 89 -24.89 -9.60 18.70
CA ALA A 89 -25.94 -10.53 19.19
C ALA A 89 -26.03 -11.81 18.38
N ASP A 90 -25.94 -11.70 17.08
CA ASP A 90 -26.02 -12.89 16.17
C ASP A 90 -24.89 -12.91 15.15
N ASP A 91 -23.88 -13.69 15.43
CA ASP A 91 -22.69 -13.80 14.54
C ASP A 91 -22.88 -14.95 13.54
N GLN A 92 -24.12 -15.42 13.35
CA GLN A 92 -24.36 -16.52 12.40
C GLN A 92 -25.05 -16.07 11.11
N ASN A 93 -25.54 -14.84 11.03
CA ASN A 93 -26.35 -14.41 9.92
C ASN A 93 -26.05 -12.98 9.48
N SER A 94 -26.16 -12.76 8.18
CA SER A 94 -26.26 -11.44 7.54
C SER A 94 -27.64 -10.81 7.74
N LEU A 95 -27.65 -9.47 7.70
CA LEU A 95 -28.91 -8.71 7.82
C LEU A 95 -29.57 -8.74 6.45
N ARG A 96 -30.82 -9.20 6.41
CA ARG A 96 -31.55 -9.35 5.12
C ARG A 96 -32.96 -8.91 5.24
N ALA A 97 -33.55 -8.56 4.08
CA ALA A 97 -34.99 -8.08 4.08
C ALA A 97 -35.87 -9.33 3.91
N GLY A 98 -36.27 -9.92 5.06
CA GLY A 98 -36.95 -11.24 5.16
C GLY A 98 -35.83 -12.28 5.21
N SER A 99 -36.10 -13.45 5.74
CA SER A 99 -35.11 -14.44 6.09
C SER A 99 -34.66 -15.21 4.84
N ARG A 100 -35.38 -15.03 3.73
CA ARG A 100 -34.94 -15.50 2.38
C ARG A 100 -34.63 -14.32 1.46
N GLY A 101 -34.36 -13.16 2.01
CA GLY A 101 -34.28 -11.95 1.19
C GLY A 101 -32.84 -11.50 0.95
N PRO A 102 -32.67 -10.40 0.24
CA PRO A 102 -31.35 -9.90 -0.11
C PRO A 102 -30.62 -9.30 1.08
N THR A 103 -29.28 -9.41 1.08
CA THR A 103 -28.46 -8.81 2.15
C THR A 103 -28.46 -7.31 2.00
N LEU A 104 -28.55 -6.61 3.14
CA LEU A 104 -28.68 -5.16 3.11
C LEU A 104 -27.27 -4.51 3.29
N LEU A 105 -27.07 -3.36 2.59
CA LEU A 105 -25.84 -2.65 2.66
C LEU A 105 -25.57 -2.09 4.06
N GLU A 106 -26.64 -1.87 4.84
CA GLU A 106 -26.46 -1.31 6.19
C GLU A 106 -25.92 -2.34 7.19
N ASP A 107 -25.64 -3.57 6.74
CA ASP A 107 -25.07 -4.54 7.67
C ASP A 107 -23.57 -4.25 7.91
N PHE A 108 -23.31 -3.38 8.88
CA PHE A 108 -21.92 -2.97 9.11
C PHE A 108 -21.16 -4.06 9.86
N ILE A 109 -21.85 -4.98 10.51
CA ILE A 109 -21.15 -6.02 11.23
C ILE A 109 -20.54 -7.03 10.25
N LEU A 110 -21.39 -7.50 9.33
CA LEU A 110 -20.95 -8.34 8.18
C LEU A 110 -19.80 -7.58 7.49
N ARG A 111 -20.00 -6.33 7.06
CA ARG A 111 -18.95 -5.76 6.23
C ARG A 111 -17.64 -5.53 6.98
N GLU A 112 -17.68 -5.17 8.28
CA GLU A 112 -16.42 -5.07 9.00
C GLU A 112 -15.71 -6.44 9.06
N LYS A 113 -16.48 -7.50 9.32
CA LYS A 113 -15.89 -8.80 9.52
C LYS A 113 -15.29 -9.32 8.15
N ILE A 114 -16.09 -9.18 7.06
CA ILE A 114 -15.61 -9.57 5.75
C ILE A 114 -14.43 -8.67 5.25
N THR A 115 -14.46 -7.39 5.59
CA THR A 115 -13.39 -6.43 5.14
C THR A 115 -12.15 -6.86 5.82
N HIS A 116 -12.26 -7.15 7.11
CA HIS A 116 -11.00 -7.57 7.76
C HIS A 116 -10.42 -8.85 7.19
N PHE A 117 -11.30 -9.82 6.99
CA PHE A 117 -10.90 -11.10 6.37
C PHE A 117 -10.25 -10.81 5.00
N ASP A 118 -10.91 -9.98 4.17
CA ASP A 118 -10.44 -9.75 2.82
C ASP A 118 -9.05 -9.13 2.70
N HIS A 119 -8.60 -8.53 3.79
CA HIS A 119 -7.32 -7.84 3.82
C HIS A 119 -6.35 -8.48 4.81
N GLU A 120 -6.56 -9.76 5.10
CA GLU A 120 -5.58 -10.46 6.01
C GLU A 120 -4.17 -10.58 5.54
N ARG A 121 -3.96 -10.77 4.24
CA ARG A 121 -2.64 -11.13 3.76
C ARG A 121 -1.75 -9.90 3.52
N ILE A 122 -0.47 -10.12 3.74
CA ILE A 122 0.59 -9.14 3.43
C ILE A 122 1.55 -9.86 2.49
N PRO A 123 2.37 -9.08 1.73
CA PRO A 123 3.34 -9.79 0.86
C PRO A 123 4.28 -10.67 1.67
N GLU A 124 4.62 -11.85 1.15
CA GLU A 124 5.59 -12.71 1.90
C GLU A 124 6.98 -12.15 1.63
N ARG A 125 7.94 -12.56 2.44
CA ARG A 125 9.37 -12.16 2.25
C ARG A 125 9.85 -12.56 0.83
N ILE A 126 10.60 -11.69 0.13
CA ILE A 126 11.07 -12.05 -1.21
C ILE A 126 11.80 -13.40 -1.23
N VAL A 127 12.65 -13.61 -0.22
CA VAL A 127 13.40 -14.86 -0.01
C VAL A 127 13.16 -15.21 1.48
N HIS A 128 13.33 -16.46 1.82
CA HIS A 128 13.15 -16.96 3.19
C HIS A 128 11.70 -16.77 3.64
N ALA A 129 10.74 -16.89 2.68
CA ALA A 129 9.33 -16.74 3.01
C ALA A 129 8.82 -17.82 3.94
N ARG A 130 9.45 -19.03 3.89
CA ARG A 130 9.01 -20.14 4.75
C ARG A 130 9.89 -20.18 6.02
N GLY A 131 9.34 -19.94 7.23
CA GLY A 131 10.20 -19.90 8.39
C GLY A 131 9.41 -20.06 9.68
N SER A 132 10.13 -20.46 10.71
CA SER A 132 9.52 -20.89 11.97
C SER A 132 10.34 -20.25 13.06
N ALA A 133 9.67 -19.67 14.08
CA ALA A 133 10.39 -18.76 15.04
C ALA A 133 10.02 -19.06 16.51
N ALA A 134 10.89 -18.60 17.44
CA ALA A 134 10.63 -18.78 18.84
C ALA A 134 11.35 -17.66 19.59
N HIS A 135 10.88 -17.42 20.81
CA HIS A 135 11.54 -16.53 21.76
C HIS A 135 12.52 -17.25 22.64
N GLY A 136 13.49 -16.51 23.20
CA GLY A 136 14.50 -17.15 24.06
C GLY A 136 15.38 -16.05 24.67
N TYR A 137 16.56 -16.45 25.12
CA TYR A 137 17.51 -15.55 25.81
C TYR A 137 18.95 -15.97 25.49
N PHE A 138 19.86 -15.00 25.59
CA PHE A 138 21.28 -15.22 25.37
C PHE A 138 22.02 -14.59 26.52
N GLN A 139 23.16 -15.21 26.85
CA GLN A 139 24.13 -14.59 27.71
C GLN A 139 25.53 -15.06 27.38
N PRO A 140 26.50 -14.19 27.62
CA PRO A 140 27.88 -14.56 27.25
C PRO A 140 28.52 -15.36 28.40
N TYR A 141 29.57 -16.13 28.11
CA TYR A 141 30.20 -16.94 29.12
C TYR A 141 31.13 -16.05 29.97
N LYS A 142 31.70 -15.01 29.38
CA LYS A 142 32.61 -14.07 30.08
C LYS A 142 32.56 -12.77 29.30
N SER A 143 32.96 -11.70 29.94
CA SER A 143 33.00 -10.44 29.31
C SER A 143 33.97 -10.47 28.15
N LEU A 144 33.57 -9.89 27.03
CA LEU A 144 34.43 -9.75 25.90
C LEU A 144 34.94 -8.32 25.73
N SER A 145 34.94 -7.52 26.82
CA SER A 145 35.34 -6.08 26.67
C SER A 145 36.74 -5.81 26.09
N ASP A 146 37.63 -6.79 26.11
CA ASP A 146 38.95 -6.62 25.49
C ASP A 146 38.89 -6.53 23.99
N ILE A 147 37.87 -7.14 23.37
CA ILE A 147 37.79 -7.20 21.91
C ILE A 147 36.55 -6.44 21.37
N THR A 148 35.55 -6.15 22.23
CA THR A 148 34.36 -5.42 21.75
C THR A 148 33.70 -4.64 22.87
N LYS A 149 33.19 -3.45 22.55
CA LYS A 149 32.49 -2.70 23.59
C LYS A 149 31.00 -2.94 23.49
N ALA A 150 30.58 -3.88 22.62
CA ALA A 150 29.09 -4.21 22.57
C ALA A 150 28.54 -4.58 23.93
N ASP A 151 27.50 -3.88 24.37
CA ASP A 151 26.98 -4.08 25.70
C ASP A 151 26.50 -5.53 25.98
N PHE A 152 25.89 -6.15 24.96
CA PHE A 152 25.31 -7.45 25.13
C PHE A 152 26.35 -8.58 25.33
N LEU A 153 27.61 -8.25 25.13
CA LEU A 153 28.73 -9.21 25.26
C LEU A 153 29.61 -8.78 26.45
N SER A 154 29.13 -7.87 27.31
CA SER A 154 30.00 -7.23 28.32
C SER A 154 29.94 -7.89 29.70
N ASP A 155 28.95 -8.72 29.98
CA ASP A 155 28.76 -9.20 31.36
C ASP A 155 28.10 -10.58 31.27
N PRO A 156 28.76 -11.60 31.84
CA PRO A 156 28.13 -12.94 31.81
C PRO A 156 26.79 -13.09 32.46
N ASN A 157 26.39 -12.14 33.32
CA ASN A 157 25.08 -12.25 33.99
C ASN A 157 24.10 -11.21 33.55
N LYS A 158 24.38 -10.63 32.40
CA LYS A 158 23.38 -9.73 31.78
C LYS A 158 22.79 -10.49 30.59
N ILE A 159 21.50 -10.77 30.72
CA ILE A 159 20.75 -11.62 29.83
C ILE A 159 20.11 -10.73 28.75
N THR A 160 20.18 -11.17 27.50
CA THR A 160 19.60 -10.44 26.40
C THR A 160 18.50 -11.30 25.82
N PRO A 161 17.26 -10.78 25.74
CA PRO A 161 16.19 -11.55 25.07
C PRO A 161 16.50 -11.69 23.64
N VAL A 162 16.04 -12.76 23.04
CA VAL A 162 16.19 -12.92 21.58
C VAL A 162 14.87 -13.38 20.97
N PHE A 163 14.70 -13.18 19.68
CA PHE A 163 13.66 -13.85 18.92
C PHE A 163 14.43 -14.39 17.71
N VAL A 164 14.16 -15.64 17.35
CA VAL A 164 14.92 -16.31 16.30
C VAL A 164 13.97 -16.86 15.30
N ARG A 165 14.28 -16.67 14.02
CA ARG A 165 13.45 -17.28 12.98
C ARG A 165 14.37 -18.14 12.12
N PHE A 166 13.99 -19.42 11.93
CA PHE A 166 14.69 -20.30 11.00
C PHE A 166 13.89 -20.40 9.74
N SER A 167 14.54 -20.71 8.59
CA SER A 167 13.80 -20.62 7.32
C SER A 167 14.50 -21.43 6.24
N THR A 168 13.77 -21.70 5.14
CA THR A 168 14.37 -22.16 3.93
C THR A 168 14.58 -20.86 3.12
N VAL A 169 14.97 -20.99 1.86
CA VAL A 169 15.27 -19.80 1.03
C VAL A 169 14.29 -19.66 -0.11
N GLN A 170 14.09 -20.70 -0.89
CA GLN A 170 13.47 -20.54 -2.20
C GLN A 170 11.94 -20.50 -2.08
N GLY A 171 11.32 -21.37 -1.29
CA GLY A 171 9.89 -21.57 -1.45
C GLY A 171 9.02 -20.51 -0.75
N GLY A 172 7.75 -20.49 -1.15
CA GLY A 172 6.83 -19.51 -0.51
C GLY A 172 6.51 -19.89 0.95
N ALA A 173 5.73 -19.01 1.62
CA ALA A 173 5.42 -19.22 3.03
C ALA A 173 4.62 -20.50 3.22
N GLY A 174 3.92 -20.97 2.19
CA GLY A 174 3.17 -22.27 2.34
C GLY A 174 3.88 -23.43 1.64
N SER A 175 5.22 -23.33 1.40
CA SER A 175 5.99 -24.47 0.86
C SER A 175 6.37 -25.45 1.99
N ALA A 176 7.04 -26.53 1.64
CA ALA A 176 7.43 -27.52 2.63
C ALA A 176 8.73 -27.26 3.36
N ASP A 177 8.88 -27.91 4.49
CA ASP A 177 10.01 -27.67 5.35
C ASP A 177 11.23 -28.47 4.89
N THR A 178 11.05 -29.77 4.56
CA THR A 178 12.27 -30.71 4.56
C THR A 178 12.72 -30.81 3.11
N VAL A 179 12.75 -29.65 2.40
CA VAL A 179 13.27 -29.51 1.00
C VAL A 179 14.80 -29.55 1.00
N ARG A 180 15.38 -29.76 -0.18
CA ARG A 180 16.83 -29.52 -0.30
C ARG A 180 17.07 -28.01 -0.61
N ASP A 181 17.70 -27.30 0.35
CA ASP A 181 17.87 -25.86 0.18
C ASP A 181 18.86 -25.43 1.25
N ILE A 182 19.29 -24.16 1.16
CA ILE A 182 19.99 -23.57 2.32
C ILE A 182 18.95 -23.22 3.40
N ARG A 183 19.31 -23.21 4.71
CA ARG A 183 18.39 -22.65 5.75
C ARG A 183 18.89 -21.33 6.27
N GLY A 184 17.93 -20.47 6.60
CA GLY A 184 18.23 -19.19 7.23
C GLY A 184 18.19 -19.44 8.74
N PHE A 185 18.93 -18.62 9.49
CA PHE A 185 19.05 -18.69 10.95
C PHE A 185 19.23 -17.25 11.37
N ALA A 186 18.13 -16.55 11.63
CA ALA A 186 18.15 -15.11 11.94
C ALA A 186 17.84 -14.87 13.46
N THR A 187 18.69 -14.11 14.16
CA THR A 187 18.47 -13.85 15.58
C THR A 187 18.40 -12.34 15.82
N LYS A 188 17.32 -11.93 16.46
CA LYS A 188 17.14 -10.52 16.84
C LYS A 188 17.51 -10.42 18.33
N PHE A 189 18.57 -9.66 18.67
CA PHE A 189 19.00 -9.56 20.07
C PHE A 189 18.47 -8.20 20.56
N TYR A 190 17.69 -8.21 21.64
CA TYR A 190 17.11 -6.93 22.09
C TYR A 190 18.05 -6.39 23.21
N THR A 191 19.11 -5.66 22.80
CA THR A 191 20.17 -5.22 23.72
C THR A 191 19.80 -3.86 24.34
N GLU A 192 20.55 -3.52 25.39
CA GLU A 192 20.33 -2.26 26.11
C GLU A 192 20.77 -1.06 25.34
N GLU A 193 21.49 -1.32 24.26
CA GLU A 193 22.06 -0.28 23.40
C GLU A 193 21.58 -0.48 21.97
N GLY A 194 20.47 -1.22 21.83
CA GLY A 194 19.81 -1.28 20.50
C GLY A 194 19.58 -2.67 20.03
N ILE A 195 18.73 -2.79 19.00
CA ILE A 195 18.52 -4.10 18.40
C ILE A 195 19.78 -4.48 17.56
N PHE A 196 20.38 -5.65 17.77
CA PHE A 196 21.34 -6.24 16.87
C PHE A 196 20.66 -7.43 16.19
N ASP A 197 20.61 -7.47 14.85
CA ASP A 197 20.10 -8.69 14.11
C ASP A 197 21.31 -9.40 13.47
N LEU A 198 21.56 -10.64 13.89
CA LEU A 198 22.56 -11.50 13.24
C LEU A 198 21.77 -12.37 12.30
N VAL A 199 21.87 -12.04 11.00
CA VAL A 199 21.03 -12.66 9.98
C VAL A 199 21.92 -13.62 9.15
N GLY A 200 21.90 -14.90 9.56
CA GLY A 200 22.84 -15.90 9.07
C GLY A 200 22.13 -16.99 8.36
N ASN A 201 22.91 -17.90 7.78
CA ASN A 201 22.42 -19.15 7.13
C ASN A 201 23.07 -20.34 7.82
N ASN A 202 22.73 -21.55 7.36
CA ASN A 202 23.30 -22.80 7.95
C ASN A 202 24.54 -23.34 7.23
N THR A 203 25.09 -22.55 6.29
CA THR A 203 26.37 -22.94 5.65
C THR A 203 27.26 -21.70 5.72
N PRO A 204 28.61 -21.89 5.67
CA PRO A 204 29.49 -20.79 6.05
C PRO A 204 29.83 -19.88 4.88
N ILE A 205 29.21 -20.12 3.71
CA ILE A 205 29.46 -19.22 2.56
C ILE A 205 28.14 -19.01 1.83
N PHE A 206 28.15 -18.04 0.94
CA PHE A 206 27.00 -17.91 0.06
C PHE A 206 27.37 -18.25 -1.41
N PHE A 207 26.38 -18.27 -2.31
CA PHE A 207 26.54 -18.71 -3.67
C PHE A 207 27.26 -17.63 -4.53
N ILE A 208 27.17 -16.35 -4.16
CA ILE A 208 27.59 -15.28 -5.06
C ILE A 208 28.42 -14.28 -4.24
N GLN A 209 29.19 -13.50 -5.00
CA GLN A 209 30.17 -12.56 -4.49
C GLN A 209 29.66 -11.15 -4.29
N ASP A 210 28.89 -10.63 -5.24
CA ASP A 210 28.49 -9.23 -5.19
C ASP A 210 26.97 -9.12 -5.17
N ALA A 211 26.43 -8.28 -4.29
CA ALA A 211 24.97 -8.10 -4.16
C ALA A 211 24.28 -7.76 -5.45
N HIS A 212 24.98 -7.06 -6.32
CA HIS A 212 24.40 -6.75 -7.63
C HIS A 212 23.85 -7.92 -8.39
N LYS A 213 24.44 -9.07 -8.15
CA LYS A 213 23.95 -10.33 -8.78
C LYS A 213 22.85 -11.01 -7.97
N PHE A 214 22.47 -10.51 -6.81
CA PHE A 214 21.48 -11.29 -6.00
C PHE A 214 20.16 -11.53 -6.81
N PRO A 215 19.63 -10.50 -7.51
CA PRO A 215 18.39 -10.80 -8.24
C PRO A 215 18.60 -11.83 -9.30
N ASP A 216 19.73 -11.82 -10.02
CA ASP A 216 20.00 -12.87 -11.01
C ASP A 216 20.01 -14.27 -10.45
N PHE A 217 20.82 -14.44 -9.39
CA PHE A 217 20.82 -15.73 -8.69
C PHE A 217 19.45 -16.20 -8.15
N VAL A 218 18.79 -15.30 -7.39
CA VAL A 218 17.47 -15.62 -6.79
C VAL A 218 16.49 -15.95 -7.89
N HIS A 219 16.51 -15.20 -8.98
CA HIS A 219 15.57 -15.53 -10.04
C HIS A 219 15.85 -16.86 -10.69
N ALA A 220 17.16 -17.15 -10.86
CA ALA A 220 17.54 -18.48 -11.33
C ALA A 220 17.07 -19.61 -10.40
N VAL A 221 17.15 -19.42 -9.07
CA VAL A 221 16.76 -20.53 -8.15
C VAL A 221 15.25 -20.67 -7.96
N LYS A 222 14.51 -19.54 -8.05
CA LYS A 222 13.10 -19.48 -7.79
C LYS A 222 12.34 -20.18 -8.92
N PRO A 223 11.01 -20.35 -8.75
CA PRO A 223 10.27 -21.01 -9.82
C PRO A 223 10.41 -20.24 -11.11
N GLU A 224 10.48 -20.97 -12.23
CA GLU A 224 10.75 -20.36 -13.49
C GLU A 224 9.57 -19.49 -13.95
N PRO A 225 9.86 -18.34 -14.62
CA PRO A 225 8.82 -17.29 -14.74
C PRO A 225 7.62 -17.58 -15.66
N HIS A 226 7.79 -18.44 -16.66
CA HIS A 226 6.65 -18.73 -17.50
C HIS A 226 5.56 -19.47 -16.73
N TRP A 227 5.92 -20.54 -15.97
CA TRP A 227 4.91 -21.40 -15.35
C TRP A 227 4.92 -21.51 -13.85
N ALA A 228 5.86 -20.81 -13.17
CA ALA A 228 6.05 -20.78 -11.67
C ALA A 228 6.18 -22.22 -11.14
N ILE A 229 7.14 -22.98 -11.75
CA ILE A 229 7.53 -24.34 -11.29
C ILE A 229 9.09 -24.35 -11.33
N PRO A 230 9.74 -24.95 -10.37
CA PRO A 230 9.24 -25.76 -9.28
C PRO A 230 9.27 -25.05 -7.93
N GLN A 231 8.38 -25.49 -7.01
CA GLN A 231 8.37 -24.86 -5.66
C GLN A 231 9.31 -25.58 -4.67
N GLY A 232 10.09 -24.83 -3.88
CA GLY A 232 10.94 -25.47 -2.88
C GLY A 232 12.00 -26.37 -3.46
N GLN A 233 12.48 -26.15 -4.73
CA GLN A 233 13.43 -27.10 -5.32
C GLN A 233 14.37 -26.43 -6.27
N ILE A 234 15.63 -26.82 -6.19
CA ILE A 234 16.65 -26.19 -7.03
C ILE A 234 16.87 -27.09 -8.27
N ALA A 235 16.17 -28.22 -8.30
CA ALA A 235 16.40 -29.18 -9.37
C ALA A 235 15.66 -28.71 -10.60
N HIS A 236 16.20 -27.63 -11.22
CA HIS A 236 15.63 -27.18 -12.45
C HIS A 236 16.61 -26.42 -13.29
N ASP A 237 16.26 -26.35 -14.58
CA ASP A 237 17.20 -25.86 -15.58
C ASP A 237 17.84 -24.52 -15.24
N THR A 238 17.04 -23.49 -14.89
CA THR A 238 17.56 -22.17 -14.70
C THR A 238 18.61 -22.10 -13.57
N PHE A 239 18.38 -22.83 -12.47
CA PHE A 239 19.35 -22.87 -11.43
C PHE A 239 20.71 -23.42 -11.90
N TRP A 240 20.65 -24.59 -12.53
CA TRP A 240 21.87 -25.23 -13.05
C TRP A 240 22.51 -24.43 -14.21
N ASP A 241 21.70 -23.73 -15.04
CA ASP A 241 22.24 -22.84 -16.05
C ASP A 241 23.10 -21.80 -15.35
N TYR A 242 22.54 -21.06 -14.35
CA TYR A 242 23.29 -20.04 -13.62
C TYR A 242 24.55 -20.62 -13.01
N VAL A 243 24.43 -21.73 -12.31
CA VAL A 243 25.57 -22.36 -11.68
C VAL A 243 26.67 -22.67 -12.70
N SER A 244 26.26 -23.24 -13.86
CA SER A 244 27.26 -23.63 -14.86
C SER A 244 28.02 -22.46 -15.44
N LEU A 245 27.43 -21.28 -15.42
CA LEU A 245 27.98 -20.07 -16.00
C LEU A 245 28.64 -19.16 -14.97
N GLN A 246 28.53 -19.54 -13.72
CA GLN A 246 29.06 -18.67 -12.58
C GLN A 246 29.76 -19.60 -11.59
N PRO A 247 31.00 -19.97 -11.92
CA PRO A 247 31.66 -20.96 -10.98
C PRO A 247 31.87 -20.48 -9.56
N GLU A 248 31.71 -19.19 -9.29
CA GLU A 248 31.75 -18.71 -7.86
C GLU A 248 30.69 -19.41 -6.98
N THR A 249 29.61 -19.86 -7.63
CA THR A 249 28.57 -20.61 -6.93
C THR A 249 28.90 -22.03 -6.41
N LEU A 250 29.99 -22.60 -6.93
CA LEU A 250 30.22 -24.03 -6.72
C LEU A 250 30.38 -24.40 -5.29
N HIS A 251 31.02 -23.54 -4.51
CA HIS A 251 31.23 -23.83 -3.11
C HIS A 251 29.92 -24.07 -2.41
N ASN A 252 29.01 -23.08 -2.41
CA ASN A 252 27.72 -23.32 -1.66
C ASN A 252 26.86 -24.40 -2.32
N VAL A 253 27.02 -24.57 -3.64
CA VAL A 253 26.36 -25.70 -4.34
C VAL A 253 26.81 -27.03 -3.71
N MET A 254 28.11 -27.18 -3.48
CA MET A 254 28.59 -28.41 -2.78
C MET A 254 27.93 -28.59 -1.47
N TRP A 255 27.82 -27.53 -0.68
CA TRP A 255 27.10 -27.73 0.61
C TRP A 255 25.63 -28.13 0.46
N ALA A 256 24.98 -27.52 -0.50
CA ALA A 256 23.54 -27.75 -0.81
C ALA A 256 23.30 -29.19 -1.29
N MET A 257 24.24 -29.74 -2.06
CA MET A 257 24.15 -31.14 -2.59
C MET A 257 24.51 -32.18 -1.52
N SER A 258 25.19 -31.77 -0.48
CA SER A 258 25.51 -32.69 0.65
C SER A 258 24.29 -32.78 1.56
N ASP A 259 24.35 -33.65 2.54
CA ASP A 259 23.20 -33.81 3.42
C ASP A 259 22.99 -32.52 4.29
N ARG A 260 23.93 -31.56 4.26
CA ARG A 260 23.62 -30.28 4.93
C ARG A 260 22.38 -29.63 4.31
N GLY A 261 22.05 -29.99 3.07
CA GLY A 261 20.90 -29.41 2.40
C GLY A 261 19.55 -29.85 2.96
N ILE A 262 19.58 -30.88 3.85
CA ILE A 262 18.37 -31.62 4.31
C ILE A 262 18.50 -31.88 5.80
N PRO A 263 18.52 -30.78 6.63
CA PRO A 263 18.65 -31.02 8.09
C PRO A 263 17.50 -31.79 8.74
N ARG A 264 17.85 -32.53 9.79
CA ARG A 264 16.88 -33.29 10.55
C ARG A 264 15.96 -32.34 11.32
N SER A 265 16.49 -31.22 11.76
CA SER A 265 15.76 -30.27 12.60
C SER A 265 16.51 -28.98 12.55
N TYR A 266 15.83 -27.83 12.77
CA TYR A 266 16.55 -26.60 13.00
C TYR A 266 17.48 -26.65 14.26
N ARG A 267 17.20 -27.57 15.18
CA ARG A 267 18.00 -27.79 16.35
C ARG A 267 19.32 -28.51 16.03
N THR A 268 19.41 -29.16 14.85
CA THR A 268 20.60 -30.01 14.57
C THR A 268 21.30 -29.56 13.27
N MET A 269 21.41 -28.24 13.16
CA MET A 269 22.25 -27.61 12.08
C MET A 269 23.11 -26.50 12.68
N GLU A 270 24.22 -26.23 12.01
CA GLU A 270 25.10 -25.04 12.30
C GLU A 270 24.49 -23.75 11.75
N GLY A 271 24.90 -22.63 12.33
CA GLY A 271 24.58 -21.28 11.78
C GLY A 271 25.88 -20.51 11.57
N PHE A 272 25.85 -19.53 10.67
CA PHE A 272 27.06 -18.80 10.32
C PHE A 272 26.57 -17.42 9.90
N GLY A 273 27.28 -16.39 10.34
CA GLY A 273 26.99 -15.08 9.73
C GLY A 273 27.46 -14.88 8.29
N ILE A 274 28.40 -15.74 7.88
CA ILE A 274 29.01 -15.80 6.52
C ILE A 274 30.09 -14.67 6.34
N HIS A 275 29.65 -13.42 6.45
CA HIS A 275 30.58 -12.32 6.21
C HIS A 275 31.59 -12.12 7.31
N THR A 276 32.73 -11.56 6.91
CA THR A 276 33.61 -11.00 7.91
C THR A 276 33.00 -9.69 8.36
N PHE A 277 32.84 -9.51 9.67
CA PHE A 277 32.45 -8.24 10.27
C PHE A 277 33.62 -7.70 11.08
N ARG A 278 33.38 -6.64 11.85
CA ARG A 278 34.39 -6.08 12.75
C ARG A 278 33.87 -6.05 14.17
N LEU A 279 34.76 -6.38 15.11
CA LEU A 279 34.49 -6.03 16.49
C LEU A 279 35.31 -4.79 16.80
N ILE A 280 34.75 -3.84 17.54
CA ILE A 280 35.50 -2.63 17.90
C ILE A 280 35.50 -2.49 19.42
N ASN A 281 36.70 -2.44 20.03
CA ASN A 281 36.75 -2.32 21.53
C ASN A 281 36.83 -0.87 21.97
N ALA A 282 36.88 -0.66 23.27
CA ALA A 282 36.83 0.69 23.87
C ALA A 282 38.04 1.53 23.44
N GLU A 283 39.17 0.88 23.14
CA GLU A 283 40.33 1.63 22.65
C GLU A 283 40.31 1.90 21.19
N GLY A 284 39.28 1.44 20.46
CA GLY A 284 39.13 1.72 19.04
C GLY A 284 39.77 0.68 18.15
N LYS A 285 40.32 -0.37 18.74
CA LYS A 285 40.93 -1.49 17.98
C LYS A 285 39.85 -2.30 17.26
N ALA A 286 40.06 -2.55 15.95
CA ALA A 286 39.20 -3.43 15.11
C ALA A 286 39.77 -4.86 15.00
N THR A 287 38.94 -5.88 15.33
CA THR A 287 39.30 -7.25 15.06
C THR A 287 38.32 -7.76 14.04
N PHE A 288 38.78 -8.43 13.02
CA PHE A 288 37.81 -9.05 12.09
C PHE A 288 37.15 -10.27 12.76
N VAL A 289 35.90 -10.61 12.42
CA VAL A 289 35.19 -11.68 13.17
C VAL A 289 34.24 -12.33 12.16
N ARG A 290 34.16 -13.65 12.22
CA ARG A 290 33.06 -14.39 11.58
C ARG A 290 32.31 -15.07 12.69
N PHE A 291 30.98 -14.93 12.62
CA PHE A 291 30.04 -15.49 13.60
C PHE A 291 29.62 -16.92 13.30
N HIS A 292 29.50 -17.70 14.39
CA HIS A 292 29.06 -19.09 14.31
C HIS A 292 28.04 -19.40 15.35
N TRP A 293 27.11 -20.28 15.00
CA TRP A 293 26.27 -20.95 16.07
C TRP A 293 26.52 -22.41 16.04
N LYS A 294 26.78 -23.01 17.21
CA LYS A 294 27.03 -24.46 17.33
C LYS A 294 25.80 -25.09 17.98
N PRO A 295 25.18 -26.09 17.30
CA PRO A 295 23.97 -26.70 17.90
C PRO A 295 24.33 -27.64 19.05
N LEU A 296 23.87 -27.34 20.26
CA LEU A 296 24.20 -28.22 21.39
C LEU A 296 23.53 -29.58 21.31
N ALA A 297 22.49 -29.68 20.52
CA ALA A 297 21.88 -31.01 20.19
C ALA A 297 22.68 -31.80 19.13
N GLY A 298 23.73 -31.22 18.55
CA GLY A 298 24.59 -31.99 17.62
C GLY A 298 24.17 -31.76 16.20
N LYS A 299 24.98 -32.16 15.23
CA LYS A 299 24.67 -31.93 13.83
C LYS A 299 23.99 -33.23 13.29
N ALA A 300 22.88 -33.09 12.60
CA ALA A 300 22.14 -34.29 12.06
C ALA A 300 21.30 -33.90 10.86
N SER A 301 21.38 -34.69 9.78
CA SER A 301 20.56 -34.50 8.58
C SER A 301 19.85 -35.80 8.17
N LEU A 302 18.76 -35.58 7.45
CA LEU A 302 17.98 -36.62 6.76
C LEU A 302 18.82 -37.23 5.63
N VAL A 303 18.22 -38.22 4.97
CA VAL A 303 18.75 -38.71 3.67
C VAL A 303 17.67 -38.29 2.64
N TRP A 304 18.08 -38.17 1.38
CA TRP A 304 17.26 -37.47 0.36
C TRP A 304 15.89 -38.13 0.17
N ASP A 305 15.85 -39.46 0.08
CA ASP A 305 14.57 -40.13 -0.15
C ASP A 305 13.57 -39.85 0.96
N GLU A 306 14.10 -39.86 2.22
CA GLU A 306 13.37 -39.55 3.42
C GLU A 306 12.88 -38.10 3.40
N ALA A 307 13.78 -37.17 3.11
CA ALA A 307 13.45 -35.74 3.07
C ALA A 307 12.37 -35.44 2.03
N GLN A 308 12.52 -36.01 0.83
CA GLN A 308 11.56 -35.79 -0.27
C GLN A 308 10.22 -36.40 0.08
N LYS A 309 10.19 -37.60 0.64
CA LYS A 309 8.88 -38.18 0.92
C LYS A 309 8.27 -37.43 2.08
N LEU A 310 9.10 -36.87 2.97
CA LEU A 310 8.54 -36.18 4.14
C LEU A 310 7.92 -34.86 3.77
N THR A 311 8.37 -34.22 2.69
CA THR A 311 7.65 -32.98 2.25
C THR A 311 6.17 -33.27 1.88
N GLY A 312 5.85 -34.52 1.47
CA GLY A 312 4.45 -34.93 1.31
C GLY A 312 3.79 -35.39 2.60
N ARG A 313 4.46 -36.29 3.33
CA ARG A 313 3.83 -36.83 4.55
C ARG A 313 3.58 -35.78 5.65
N ASP A 314 4.47 -34.81 5.74
CA ASP A 314 4.28 -33.70 6.70
C ASP A 314 5.12 -32.52 6.18
N PRO A 315 4.50 -31.65 5.32
CA PRO A 315 5.26 -30.51 4.87
C PRO A 315 5.63 -29.54 6.03
N ASP A 316 5.02 -29.74 7.18
CA ASP A 316 5.33 -28.91 8.38
C ASP A 316 6.27 -29.50 9.41
N PHE A 317 7.09 -30.47 8.97
CA PHE A 317 7.81 -31.29 9.95
C PHE A 317 8.80 -30.44 10.81
N HIS A 318 9.56 -29.50 10.20
CA HIS A 318 10.51 -28.74 10.97
C HIS A 318 9.78 -27.73 11.87
N ARG A 319 8.71 -27.10 11.34
CA ARG A 319 8.00 -26.10 12.13
C ARG A 319 7.44 -26.79 13.36
N ARG A 320 6.83 -27.97 13.09
CA ARG A 320 6.19 -28.77 14.18
C ARG A 320 7.18 -29.22 15.24
N GLU A 321 8.31 -29.75 14.79
CA GLU A 321 9.31 -30.40 15.65
C GLU A 321 9.92 -29.31 16.56
N LEU A 322 10.13 -28.09 16.04
CA LEU A 322 10.66 -26.98 16.86
C LEU A 322 9.63 -26.62 17.96
N TRP A 323 8.40 -26.42 17.54
CA TRP A 323 7.36 -25.97 18.43
C TRP A 323 7.20 -27.01 19.56
N GLU A 324 7.17 -28.26 19.15
CA GLU A 324 7.00 -29.41 20.14
C GLU A 324 8.19 -29.60 21.04
N ALA A 325 9.37 -29.30 20.53
CA ALA A 325 10.60 -29.49 21.37
C ALA A 325 10.48 -28.46 22.50
N ILE A 326 10.05 -27.22 22.14
CA ILE A 326 9.97 -26.14 23.14
C ILE A 326 8.84 -26.49 24.14
N GLU A 327 7.70 -26.94 23.63
CA GLU A 327 6.63 -27.43 24.55
C GLU A 327 7.08 -28.55 25.47
N ALA A 328 8.01 -29.39 25.00
CA ALA A 328 8.54 -30.51 25.83
C ALA A 328 9.61 -30.10 26.86
N GLY A 329 10.11 -28.90 26.80
CA GLY A 329 11.31 -28.59 27.59
C GLY A 329 12.61 -28.94 26.90
N ASP A 330 12.57 -29.47 25.67
CA ASP A 330 13.81 -29.73 24.90
C ASP A 330 14.25 -28.46 24.25
N PHE A 331 14.54 -27.43 25.02
CA PHE A 331 14.72 -26.11 24.40
C PHE A 331 15.91 -26.13 23.43
N PRO A 332 15.73 -25.51 22.24
CA PRO A 332 16.92 -25.50 21.34
C PRO A 332 18.03 -24.62 21.94
N GLU A 333 19.24 -25.16 22.03
CA GLU A 333 20.36 -24.39 22.56
C GLU A 333 21.44 -24.31 21.50
N TYR A 334 22.08 -23.16 21.43
CA TYR A 334 23.18 -22.93 20.50
C TYR A 334 24.24 -22.16 21.20
N GLU A 335 25.48 -22.52 20.93
CA GLU A 335 26.58 -21.75 21.34
C GLU A 335 27.08 -20.77 20.25
N LEU A 336 27.10 -19.50 20.62
CA LEU A 336 27.67 -18.46 19.75
C LEU A 336 29.22 -18.62 19.84
N GLY A 337 29.90 -18.50 18.70
CA GLY A 337 31.36 -18.64 18.60
C GLY A 337 31.86 -17.62 17.65
N PHE A 338 33.08 -17.11 17.88
CA PHE A 338 33.63 -16.18 16.92
C PHE A 338 34.97 -16.76 16.36
N GLN A 339 35.18 -16.65 15.08
CA GLN A 339 36.57 -16.71 14.50
C GLN A 339 37.09 -15.31 14.47
N LEU A 340 38.24 -15.08 15.12
CA LEU A 340 38.78 -13.73 15.22
C LEU A 340 40.12 -13.65 14.50
N ILE A 341 40.26 -12.61 13.68
CA ILE A 341 41.48 -12.43 12.84
C ILE A 341 41.93 -11.01 13.09
N PRO A 342 43.16 -10.84 13.60
CA PRO A 342 43.67 -9.45 13.80
C PRO A 342 43.72 -8.70 12.48
N GLU A 343 43.58 -7.37 12.58
CA GLU A 343 43.64 -6.54 11.38
C GLU A 343 44.85 -6.78 10.51
N GLU A 344 45.99 -6.96 11.18
CA GLU A 344 47.27 -7.14 10.50
C GLU A 344 47.32 -8.44 9.72
N ASP A 345 46.34 -9.32 9.94
CA ASP A 345 46.34 -10.63 9.27
C ASP A 345 45.33 -10.71 8.14
N GLU A 346 44.75 -9.59 7.76
CA GLU A 346 43.76 -9.52 6.66
C GLU A 346 44.17 -10.31 5.40
N PHE A 347 45.43 -10.20 5.02
CA PHE A 347 45.90 -10.73 3.71
C PHE A 347 46.70 -12.01 3.84
N LYS A 348 46.71 -12.59 5.02
CA LYS A 348 47.57 -13.76 5.31
C LYS A 348 47.07 -15.15 4.84
N PHE A 349 45.86 -15.22 4.27
CA PHE A 349 45.36 -16.51 3.76
C PHE A 349 45.42 -16.58 2.24
N ASP A 350 45.10 -17.74 1.67
CA ASP A 350 45.18 -17.77 0.20
C ASP A 350 43.88 -17.39 -0.46
N PHE A 351 42.94 -16.99 0.38
CA PHE A 351 41.68 -16.50 -0.08
C PHE A 351 41.49 -15.11 0.48
N ASP A 352 40.58 -14.34 -0.13
CA ASP A 352 40.24 -13.00 0.45
C ASP A 352 39.27 -13.09 1.62
N LEU A 353 39.56 -12.44 2.77
CA LEU A 353 38.64 -12.57 3.92
C LEU A 353 37.29 -11.93 3.61
N LEU A 354 37.23 -11.03 2.63
CA LEU A 354 36.00 -10.30 2.37
C LEU A 354 35.15 -11.03 1.28
N ASP A 355 35.60 -12.18 0.82
CA ASP A 355 34.94 -12.98 -0.22
C ASP A 355 33.98 -13.99 0.46
N PRO A 356 32.66 -13.74 0.35
CA PRO A 356 31.66 -14.59 1.05
C PRO A 356 31.44 -15.93 0.37
N THR A 357 32.17 -16.22 -0.70
CA THR A 357 32.12 -17.58 -1.26
C THR A 357 33.28 -18.45 -0.67
N LYS A 358 34.04 -17.88 0.28
CA LYS A 358 35.17 -18.59 0.88
C LYS A 358 34.89 -18.81 2.32
N LEU A 359 35.25 -19.96 2.85
CA LEU A 359 35.13 -20.12 4.34
C LEU A 359 36.46 -19.98 5.03
N ILE A 360 36.46 -19.77 6.37
CA ILE A 360 37.73 -19.74 7.11
C ILE A 360 37.80 -21.09 7.82
N PRO A 361 38.68 -21.99 7.35
CA PRO A 361 38.72 -23.31 8.02
C PRO A 361 39.05 -23.14 9.47
N GLU A 362 38.36 -23.91 10.31
CA GLU A 362 38.63 -23.92 11.74
C GLU A 362 40.00 -24.46 12.07
N GLU A 363 40.60 -25.30 11.23
CA GLU A 363 41.96 -25.70 11.48
C GLU A 363 42.94 -24.50 11.41
N LEU A 364 42.61 -23.48 10.60
CA LEU A 364 43.44 -22.27 10.53
C LEU A 364 43.05 -21.23 11.62
N VAL A 365 41.76 -21.01 11.83
CA VAL A 365 41.30 -19.99 12.78
C VAL A 365 40.23 -20.64 13.68
N PRO A 366 40.54 -20.96 14.96
CA PRO A 366 39.53 -21.72 15.71
C PRO A 366 38.31 -20.87 16.10
N VAL A 367 37.16 -21.51 16.29
CA VAL A 367 36.03 -20.81 16.84
C VAL A 367 36.22 -20.63 18.35
N GLN A 368 36.28 -19.41 18.84
CA GLN A 368 36.27 -19.16 20.29
C GLN A 368 34.81 -19.14 20.85
N ARG A 369 34.54 -19.93 21.88
CA ARG A 369 33.22 -19.90 22.49
C ARG A 369 32.90 -18.55 23.10
N VAL A 370 31.69 -18.07 22.85
CA VAL A 370 31.31 -16.75 23.31
C VAL A 370 30.11 -16.79 24.26
N GLY A 371 29.07 -17.61 24.01
CA GLY A 371 27.92 -17.55 24.91
C GLY A 371 26.86 -18.52 24.45
N LYS A 372 25.79 -18.66 25.23
CA LYS A 372 24.77 -19.64 24.90
C LYS A 372 23.41 -18.95 24.68
N MET A 373 22.69 -19.38 23.66
CA MET A 373 21.35 -18.94 23.45
C MET A 373 20.44 -20.14 23.68
N VAL A 374 19.35 -19.89 24.41
CA VAL A 374 18.33 -20.92 24.67
C VAL A 374 16.98 -20.42 24.12
N LEU A 375 16.28 -21.22 23.32
CA LEU A 375 14.96 -20.76 22.90
C LEU A 375 13.94 -21.50 23.74
N ASN A 376 13.15 -20.77 24.52
CA ASN A 376 12.32 -21.46 25.48
C ASN A 376 10.88 -21.05 25.48
N ARG A 377 10.44 -20.32 24.46
CA ARG A 377 8.97 -20.10 24.43
C ARG A 377 8.48 -19.84 22.99
N ASN A 378 7.41 -20.53 22.64
CA ASN A 378 6.76 -20.31 21.35
C ASN A 378 6.02 -19.01 21.31
N PRO A 379 5.83 -18.42 20.08
CA PRO A 379 4.95 -17.23 20.04
C PRO A 379 3.49 -17.50 20.48
N ASP A 380 2.70 -16.41 20.61
CA ASP A 380 1.25 -16.54 20.75
C ASP A 380 0.49 -16.58 19.42
N ASN A 381 0.92 -15.73 18.47
CA ASN A 381 0.23 -15.67 17.22
C ASN A 381 1.32 -15.64 16.11
N PHE A 382 1.27 -16.61 15.20
CA PHE A 382 2.30 -16.76 14.23
C PHE A 382 2.33 -15.53 13.35
N PHE A 383 1.17 -15.11 12.86
CA PHE A 383 1.25 -13.95 11.97
C PHE A 383 1.81 -12.72 12.63
N ALA A 384 1.28 -12.40 13.82
CA ALA A 384 1.67 -11.12 14.49
C ALA A 384 3.20 -11.13 14.80
N GLU A 385 3.69 -12.25 15.30
CA GLU A 385 5.07 -12.31 15.77
C GLU A 385 6.09 -12.86 14.81
N ASN A 386 5.74 -13.92 14.06
CA ASN A 386 6.69 -14.53 13.10
C ASN A 386 6.54 -13.80 11.77
N GLU A 387 5.40 -13.83 11.14
CA GLU A 387 5.29 -13.31 9.76
C GLU A 387 5.68 -11.86 9.73
N GLN A 388 5.36 -11.07 10.81
CA GLN A 388 5.69 -9.65 10.71
C GLN A 388 7.07 -9.27 11.29
N ALA A 389 7.83 -10.22 11.81
CA ALA A 389 9.21 -9.91 12.28
C ALA A 389 10.05 -9.40 11.11
N ALA A 390 10.89 -8.41 11.39
CA ALA A 390 11.78 -7.85 10.35
C ALA A 390 13.20 -7.91 10.90
N PHE A 391 14.04 -8.73 10.28
CA PHE A 391 15.48 -8.85 10.66
C PHE A 391 16.32 -8.17 9.58
N HIS A 392 17.44 -7.56 9.94
CA HIS A 392 18.24 -6.88 8.94
C HIS A 392 19.70 -6.76 9.38
N PRO A 393 20.68 -7.26 8.60
CA PRO A 393 22.04 -7.36 9.15
C PRO A 393 22.72 -5.95 9.32
N GLY A 394 22.13 -4.90 8.74
CA GLY A 394 22.58 -3.53 9.06
C GLY A 394 22.13 -3.09 10.48
N HIS A 395 21.30 -3.87 11.20
CA HIS A 395 20.95 -3.50 12.56
C HIS A 395 22.07 -3.97 13.47
N ILE A 396 23.12 -3.12 13.57
CA ILE A 396 24.25 -3.42 14.43
C ILE A 396 24.24 -2.44 15.64
N VAL A 397 25.18 -2.61 16.58
CA VAL A 397 25.20 -1.76 17.75
C VAL A 397 26.64 -1.30 17.94
N PRO A 398 26.89 -0.31 18.82
CA PRO A 398 28.30 0.09 19.01
C PRO A 398 29.12 -1.10 19.57
N GLY A 399 30.32 -1.29 18.99
CA GLY A 399 31.16 -2.44 19.34
C GLY A 399 31.14 -3.39 18.20
N LEU A 400 30.25 -3.15 17.21
CA LEU A 400 30.29 -3.96 15.97
C LEU A 400 30.48 -3.02 14.78
N ASP A 401 30.92 -3.56 13.62
CA ASP A 401 30.95 -2.71 12.43
C ASP A 401 31.03 -3.65 11.21
N PHE A 402 30.90 -3.05 10.05
CA PHE A 402 30.88 -3.80 8.77
C PHE A 402 32.31 -3.98 8.21
N THR A 403 32.41 -4.68 7.07
CA THR A 403 33.65 -4.66 6.23
C THR A 403 33.11 -4.38 4.83
N ASN A 404 34.04 -4.36 3.86
CA ASN A 404 33.73 -4.10 2.46
C ASN A 404 33.29 -5.30 1.66
N ASP A 405 33.05 -6.44 2.32
CA ASP A 405 32.48 -7.62 1.68
C ASP A 405 31.32 -7.11 0.73
N PRO A 406 31.48 -7.34 -0.60
CA PRO A 406 30.57 -6.63 -1.55
C PRO A 406 29.17 -7.25 -1.59
N LEU A 407 29.00 -8.40 -0.98
CA LEU A 407 27.65 -9.01 -0.76
C LEU A 407 26.94 -8.43 0.46
N LEU A 408 27.68 -8.37 1.57
CA LEU A 408 27.18 -7.62 2.78
C LEU A 408 26.85 -6.18 2.45
N GLN A 409 27.75 -5.49 1.73
CA GLN A 409 27.53 -4.08 1.44
C GLN A 409 26.12 -3.85 0.81
N GLY A 410 25.74 -4.66 -0.19
CA GLY A 410 24.42 -4.45 -0.80
C GLY A 410 23.29 -4.98 0.07
N ARG A 411 23.57 -5.98 0.91
CA ARG A 411 22.49 -6.39 1.88
C ARG A 411 22.10 -5.18 2.68
N LEU A 412 23.08 -4.31 3.05
CA LEU A 412 22.65 -3.20 3.94
C LEU A 412 21.56 -2.32 3.29
N PHE A 413 21.51 -2.23 1.92
CA PHE A 413 20.50 -1.42 1.29
C PHE A 413 19.15 -2.17 1.39
N SER A 414 19.23 -3.47 1.08
CA SER A 414 17.99 -4.27 0.77
C SER A 414 17.05 -4.46 1.93
N TYR A 415 17.55 -4.73 3.14
CA TYR A 415 16.62 -5.10 4.18
C TYR A 415 15.75 -3.97 4.66
N THR A 416 16.23 -2.70 4.64
CA THR A 416 15.37 -1.59 5.05
C THR A 416 14.37 -1.26 3.93
N ASP A 417 14.84 -1.38 2.70
CA ASP A 417 14.02 -1.08 1.53
C ASP A 417 12.78 -2.06 1.45
N THR A 418 13.03 -3.34 1.50
CA THR A 418 11.96 -4.37 1.31
C THR A 418 10.83 -4.24 2.35
N GLN A 419 11.16 -3.71 3.53
CA GLN A 419 10.19 -3.67 4.65
C GLN A 419 9.11 -2.60 4.36
N ILE A 420 9.47 -1.63 3.53
CA ILE A 420 8.50 -0.59 3.17
C ILE A 420 7.26 -1.11 2.46
N SER A 421 7.37 -2.11 1.58
CA SER A 421 6.21 -2.72 1.00
C SER A 421 5.71 -3.88 1.87
N ARG A 422 6.63 -4.73 2.32
CA ARG A 422 6.22 -5.93 3.05
C ARG A 422 5.36 -5.65 4.28
N LEU A 423 5.88 -4.68 5.03
CA LEU A 423 5.23 -4.24 6.28
C LEU A 423 4.50 -2.89 6.19
N GLY A 424 4.34 -2.35 4.97
CA GLY A 424 3.32 -1.30 4.74
C GLY A 424 3.84 0.09 5.03
N GLY A 425 5.12 0.21 5.42
CA GLY A 425 5.67 1.54 5.59
C GLY A 425 6.83 1.64 6.55
N PRO A 426 7.22 2.89 6.91
CA PRO A 426 8.49 3.06 7.54
C PRO A 426 8.41 2.91 9.08
N ASN A 427 7.18 2.63 9.59
CA ASN A 427 6.96 2.43 11.01
C ASN A 427 6.98 0.98 11.41
N PHE A 428 7.69 0.16 10.63
CA PHE A 428 7.74 -1.24 10.98
C PHE A 428 8.39 -1.60 12.32
N HIS A 429 9.22 -0.71 12.89
CA HIS A 429 9.87 -0.94 14.17
C HIS A 429 8.82 -0.77 15.30
N GLU A 430 7.60 -0.22 15.00
CA GLU A 430 6.55 -0.09 16.01
C GLU A 430 5.66 -1.34 16.03
N ILE A 431 5.85 -2.27 15.11
CA ILE A 431 5.09 -3.49 15.15
C ILE A 431 5.68 -4.25 16.36
N PRO A 432 4.80 -4.75 17.25
CA PRO A 432 5.28 -5.07 18.58
C PRO A 432 6.49 -5.99 18.63
N ILE A 433 6.51 -7.04 17.75
CA ILE A 433 7.69 -7.98 17.80
C ILE A 433 9.00 -7.23 17.50
N ASN A 434 8.92 -6.18 16.68
CA ASN A 434 10.14 -5.49 16.25
C ASN A 434 10.64 -4.39 17.14
N ARG A 435 9.84 -4.05 18.15
CA ARG A 435 10.17 -2.90 19.02
C ARG A 435 11.41 -3.13 19.87
N PRO A 436 12.31 -2.12 19.98
CA PRO A 436 13.41 -2.19 20.94
C PRO A 436 12.81 -2.26 22.32
N THR A 437 13.50 -2.92 23.25
CA THR A 437 13.07 -2.79 24.65
C THR A 437 13.91 -1.68 25.30
N CYS A 438 14.95 -1.19 24.63
CA CYS A 438 15.69 -0.02 25.17
C CYS A 438 15.03 1.27 24.69
N PRO A 439 15.49 2.42 25.20
CA PRO A 439 14.86 3.66 24.72
C PRO A 439 15.06 3.97 23.24
N TYR A 440 14.06 4.61 22.64
CA TYR A 440 14.34 5.16 21.35
C TYR A 440 13.61 6.50 21.17
N HIS A 441 14.31 7.55 20.69
CA HIS A 441 13.77 8.87 20.60
C HIS A 441 14.49 9.51 19.48
N ASN A 442 13.76 10.21 18.59
CA ASN A 442 14.44 10.95 17.51
C ASN A 442 13.42 11.90 16.90
N PHE A 443 13.78 12.54 15.79
CA PHE A 443 12.94 13.60 15.23
C PHE A 443 12.14 13.09 14.02
N GLN A 444 12.14 11.77 13.86
CA GLN A 444 11.36 11.18 12.74
C GLN A 444 9.90 11.18 13.13
N ARG A 445 9.04 11.48 12.14
CA ARG A 445 7.61 11.69 12.35
C ARG A 445 6.77 11.01 11.29
N ASP A 446 5.54 10.71 11.63
CA ASP A 446 4.47 10.39 10.63
C ASP A 446 4.73 9.01 9.98
N GLY A 447 4.34 8.86 8.72
CA GLY A 447 4.35 7.55 8.07
C GLY A 447 3.05 6.80 8.35
N MET A 448 2.75 5.85 7.45
CA MET A 448 1.57 5.05 7.65
C MET A 448 1.63 4.29 8.95
N HIS A 449 0.44 4.15 9.50
CA HIS A 449 0.31 3.31 10.71
CA HIS A 449 0.10 3.51 10.82
C HIS A 449 1.10 3.90 11.87
N ARG A 450 1.24 5.25 12.02
CA ARG A 450 2.14 5.76 13.07
C ARG A 450 1.54 5.53 14.44
N MET A 451 2.22 4.79 15.31
CA MET A 451 1.71 4.56 16.69
C MET A 451 2.20 5.60 17.71
N GLY A 452 3.51 5.85 17.68
CA GLY A 452 4.13 6.78 18.69
C GLY A 452 3.52 8.19 18.52
N ILE A 453 3.04 8.75 19.64
CA ILE A 453 2.55 10.15 19.66
C ILE A 453 3.65 11.01 20.28
N ASP A 454 4.34 11.75 19.47
CA ASP A 454 5.49 12.53 20.01
C ASP A 454 5.01 13.83 20.62
N THR A 455 5.49 14.11 21.82
CA THR A 455 5.16 15.36 22.49
C THR A 455 6.23 16.45 22.35
N ASN A 456 7.37 16.10 21.76
CA ASN A 456 8.43 17.05 21.57
C ASN A 456 7.98 18.25 20.74
N PRO A 457 8.11 19.49 21.26
CA PRO A 457 7.76 20.68 20.50
C PRO A 457 8.59 20.71 19.19
N ALA A 458 9.79 20.09 19.22
CA ALA A 458 10.68 20.11 18.08
C ALA A 458 10.58 18.81 17.31
N ASN A 459 10.58 18.96 16.00
CA ASN A 459 10.75 17.78 15.11
C ASN A 459 12.02 17.89 14.24
N TYR A 460 13.02 18.60 14.70
CA TYR A 460 14.25 18.86 13.92
C TYR A 460 15.37 19.15 14.92
N GLU A 461 16.59 18.95 14.51
CA GLU A 461 17.73 19.50 15.29
C GLU A 461 18.77 19.97 14.29
N PRO A 462 19.56 20.99 14.68
CA PRO A 462 19.44 21.59 16.02
C PRO A 462 18.19 22.44 16.31
N ASN A 463 17.73 22.41 17.59
CA ASN A 463 16.56 23.19 17.98
C ASN A 463 16.93 23.84 19.33
N SER A 464 16.33 24.98 19.57
CA SER A 464 16.44 25.65 20.83
C SER A 464 15.14 25.47 21.61
N ILE A 465 14.03 25.24 20.89
CA ILE A 465 12.70 25.20 21.50
C ILE A 465 12.49 24.02 22.44
N ASN A 466 13.35 22.99 22.34
CA ASN A 466 13.28 21.88 23.29
C ASN A 466 14.65 21.69 23.88
N ASP A 467 15.49 22.75 23.87
CA ASP A 467 16.87 22.66 24.37
C ASP A 467 17.65 21.54 23.70
N ASN A 468 17.32 21.37 22.42
CA ASN A 468 18.01 20.39 21.57
C ASN A 468 17.82 18.89 21.94
N TRP A 469 16.77 18.53 22.73
CA TRP A 469 16.55 17.13 23.06
C TRP A 469 15.66 16.52 22.00
N PRO A 470 15.80 15.21 21.69
CA PRO A 470 16.84 14.30 22.24
C PRO A 470 18.19 14.62 21.58
N ARG A 471 19.29 14.45 22.33
CA ARG A 471 20.65 14.88 21.92
C ARG A 471 21.56 13.76 21.41
N GLU A 472 22.44 14.15 20.50
CA GLU A 472 23.56 13.32 20.09
C GLU A 472 24.43 12.96 21.30
N THR A 473 25.15 11.86 21.19
CA THR A 473 25.97 11.32 22.29
C THR A 473 27.28 10.95 21.71
N PRO A 474 28.39 11.55 22.20
CA PRO A 474 29.71 11.16 21.71
C PRO A 474 29.96 9.66 21.85
N PRO A 475 30.82 9.10 20.95
CA PRO A 475 31.19 7.70 21.17
C PRO A 475 32.02 7.58 22.43
N GLY A 476 31.99 6.39 23.05
CA GLY A 476 32.92 6.08 24.13
C GLY A 476 32.76 4.62 24.52
N PRO A 477 33.24 4.29 25.71
CA PRO A 477 33.43 2.89 26.13
C PRO A 477 32.13 2.10 26.32
N LYS A 478 31.08 2.76 26.82
CA LYS A 478 29.77 2.15 27.06
C LYS A 478 28.72 3.26 26.86
N ARG A 479 27.54 2.93 26.37
CA ARG A 479 26.44 3.91 26.32
C ARG A 479 26.74 5.07 25.37
N GLY A 480 27.73 4.91 24.47
CA GLY A 480 28.16 6.00 23.58
C GLY A 480 27.44 5.98 22.25
N GLY A 481 27.56 7.04 21.47
CA GLY A 481 26.92 7.04 20.13
C GLY A 481 27.68 6.17 19.19
N PHE A 482 27.02 5.82 18.07
CA PHE A 482 27.65 4.97 17.11
C PHE A 482 28.57 5.81 16.19
N GLU A 483 29.84 5.39 16.08
CA GLU A 483 30.77 5.98 15.08
C GLU A 483 31.37 4.83 14.28
N SER A 484 31.45 4.99 12.98
CA SER A 484 32.05 3.96 12.14
C SER A 484 33.59 3.89 12.37
N TYR A 485 34.15 2.70 12.31
CA TYR A 485 35.61 2.52 12.33
C TYR A 485 36.18 3.26 11.10
N GLN A 486 37.25 4.02 11.32
CA GLN A 486 37.75 4.93 10.25
C GLN A 486 38.71 4.14 9.37
N GLU A 487 38.18 3.11 8.69
CA GLU A 487 38.90 2.34 7.68
C GLU A 487 39.46 3.22 6.56
N ARG A 488 40.73 3.00 6.15
CA ARG A 488 41.29 3.72 4.95
C ARG A 488 40.64 3.22 3.68
N VAL A 489 40.19 4.12 2.83
CA VAL A 489 39.64 3.74 1.52
C VAL A 489 40.53 4.38 0.47
N GLU A 490 41.02 3.63 -0.51
CA GLU A 490 41.88 4.21 -1.54
C GLU A 490 41.58 3.44 -2.81
N GLY A 491 41.05 4.14 -3.80
CA GLY A 491 40.87 3.45 -5.05
C GLY A 491 40.02 4.31 -5.97
N ASN A 492 39.84 3.90 -7.21
CA ASN A 492 39.00 4.66 -8.12
C ASN A 492 37.57 4.15 -8.10
N LYS A 493 36.58 5.02 -8.45
CA LYS A 493 35.21 4.52 -8.59
C LYS A 493 35.13 3.52 -9.74
N VAL A 494 35.01 2.24 -9.40
CA VAL A 494 34.96 1.15 -10.38
C VAL A 494 33.82 0.15 -10.13
N ARG A 495 33.28 -0.43 -11.23
CA ARG A 495 32.42 -1.65 -11.08
C ARG A 495 33.35 -2.79 -11.52
N GLU A 496 34.10 -3.34 -10.58
CA GLU A 496 35.08 -4.36 -10.88
C GLU A 496 35.10 -5.31 -9.71
N ARG A 497 35.22 -6.58 -10.03
CA ARG A 497 35.36 -7.64 -9.03
C ARG A 497 36.80 -7.67 -8.61
N SER A 498 37.08 -7.74 -7.31
CA SER A 498 38.51 -7.88 -6.89
C SER A 498 39.22 -9.13 -7.57
N PRO A 499 40.40 -8.96 -8.21
CA PRO A 499 41.03 -10.22 -8.77
C PRO A 499 41.21 -11.34 -7.67
N SER A 500 41.29 -10.97 -6.38
CA SER A 500 41.50 -11.92 -5.32
C SER A 500 40.27 -12.83 -5.08
N PHE A 501 39.13 -12.49 -5.69
CA PHE A 501 37.88 -13.25 -5.54
C PHE A 501 37.80 -14.28 -6.66
N GLY A 502 38.73 -14.20 -7.66
CA GLY A 502 38.59 -15.00 -8.89
C GLY A 502 39.18 -16.39 -8.73
N GLU A 503 38.81 -17.10 -7.68
CA GLU A 503 39.25 -18.47 -7.55
C GLU A 503 38.03 -19.27 -7.00
N TYR A 504 37.69 -20.38 -7.65
CA TYR A 504 36.34 -20.95 -7.43
C TYR A 504 36.32 -22.40 -7.05
N TYR A 505 37.45 -23.08 -7.12
CA TYR A 505 37.51 -24.55 -6.98
C TYR A 505 38.13 -25.05 -5.74
N SER A 506 39.10 -24.30 -5.19
CA SER A 506 39.83 -24.88 -4.06
C SER A 506 38.96 -25.09 -2.83
N HIS A 507 38.01 -24.18 -2.51
CA HIS A 507 37.10 -24.45 -1.34
C HIS A 507 36.06 -25.57 -1.54
N PRO A 508 35.43 -25.67 -2.73
CA PRO A 508 34.58 -26.86 -3.04
C PRO A 508 35.40 -28.17 -2.78
N ARG A 509 36.65 -28.18 -3.25
CA ARG A 509 37.52 -29.33 -3.07
C ARG A 509 37.78 -29.61 -1.60
N LEU A 510 38.20 -28.60 -0.82
CA LEU A 510 38.41 -28.82 0.62
C LEU A 510 37.19 -29.40 1.28
N PHE A 511 36.04 -28.87 0.88
CA PHE A 511 34.79 -29.41 1.41
C PHE A 511 34.59 -30.87 1.06
N TRP A 512 34.76 -31.22 -0.20
CA TRP A 512 34.63 -32.58 -0.65
C TRP A 512 35.53 -33.54 0.13
N LEU A 513 36.79 -33.13 0.27
CA LEU A 513 37.81 -34.09 0.80
C LEU A 513 37.60 -34.23 2.31
N SER A 514 36.82 -33.33 2.89
CA SER A 514 36.58 -33.34 4.31
C SER A 514 35.36 -34.14 4.74
N GLN A 515 34.62 -34.67 3.77
CA GLN A 515 33.42 -35.50 4.04
C GLN A 515 33.81 -36.98 4.24
N THR A 516 32.99 -37.70 4.99
CA THR A 516 33.23 -39.12 5.11
C THR A 516 32.84 -39.78 3.79
N PRO A 517 33.24 -41.06 3.59
CA PRO A 517 32.88 -41.74 2.37
C PRO A 517 31.37 -41.76 2.10
N PHE A 518 30.54 -42.00 3.12
CA PHE A 518 29.10 -42.00 2.91
C PHE A 518 28.55 -40.59 2.61
N GLU A 519 29.19 -39.57 3.18
CA GLU A 519 28.75 -38.18 2.88
C GLU A 519 29.09 -37.81 1.44
N GLN A 520 30.24 -38.33 0.98
CA GLN A 520 30.65 -38.20 -0.41
C GLN A 520 29.69 -38.87 -1.37
N ARG A 521 29.29 -40.11 -1.05
CA ARG A 521 28.26 -40.83 -1.83
C ARG A 521 26.99 -40.01 -1.91
N HIS A 522 26.61 -39.41 -0.79
CA HIS A 522 25.35 -38.64 -0.80
C HIS A 522 25.49 -37.35 -1.57
N ILE A 523 26.67 -36.75 -1.61
CA ILE A 523 26.90 -35.62 -2.55
C ILE A 523 26.77 -36.02 -4.01
N VAL A 524 27.43 -37.12 -4.35
CA VAL A 524 27.34 -37.65 -5.71
C VAL A 524 25.85 -37.91 -6.09
N ASP A 525 25.13 -38.56 -5.18
CA ASP A 525 23.72 -38.85 -5.39
C ASP A 525 22.94 -37.60 -5.52
N GLY A 526 23.29 -36.56 -4.73
CA GLY A 526 22.51 -35.27 -4.87
C GLY A 526 22.72 -34.61 -6.22
N PHE A 527 23.96 -34.42 -6.64
CA PHE A 527 24.21 -33.92 -8.04
C PHE A 527 23.54 -34.77 -9.15
N SER A 528 23.60 -36.09 -9.00
CA SER A 528 23.11 -36.99 -10.07
C SER A 528 21.60 -36.88 -10.16
N PHE A 529 20.93 -36.92 -9.01
CA PHE A 529 19.46 -36.76 -9.00
C PHE A 529 19.05 -35.37 -9.57
N GLU A 530 19.72 -34.32 -9.10
CA GLU A 530 19.41 -32.98 -9.55
C GLU A 530 19.60 -32.77 -11.04
N LEU A 531 20.76 -33.14 -11.54
CA LEU A 531 21.02 -32.93 -12.97
C LEU A 531 20.15 -33.84 -13.86
N SER A 532 19.66 -34.95 -13.31
CA SER A 532 18.84 -35.82 -14.10
C SER A 532 17.52 -35.07 -14.37
N LYS A 533 17.20 -34.06 -13.54
CA LYS A 533 15.95 -33.26 -13.73
C LYS A 533 16.10 -32.02 -14.65
N VAL A 534 17.33 -31.76 -15.08
CA VAL A 534 17.62 -30.65 -15.97
C VAL A 534 17.27 -31.18 -17.36
N VAL A 535 16.35 -30.51 -18.06
CA VAL A 535 15.87 -31.00 -19.35
C VAL A 535 16.86 -30.81 -20.52
N ARG A 536 17.67 -29.75 -20.51
CA ARG A 536 18.59 -29.41 -21.59
C ARG A 536 19.87 -30.12 -21.25
N PRO A 537 20.23 -31.16 -22.04
CA PRO A 537 21.40 -31.96 -21.65
C PRO A 537 22.74 -31.18 -21.62
N TYR A 538 22.92 -30.13 -22.45
CA TYR A 538 24.18 -29.41 -22.42
C TYR A 538 24.42 -28.75 -21.05
N ILE A 539 23.33 -28.44 -20.31
CA ILE A 539 23.56 -27.77 -19.04
C ILE A 539 24.19 -28.80 -18.07
N ARG A 540 23.68 -30.03 -18.12
CA ARG A 540 24.21 -31.15 -17.25
C ARG A 540 25.71 -31.36 -17.60
N GLU A 541 25.99 -31.29 -18.90
CA GLU A 541 27.36 -31.50 -19.37
C GLU A 541 28.30 -30.41 -18.83
N ARG A 542 27.79 -29.18 -18.86
CA ARG A 542 28.60 -28.04 -18.44
C ARG A 542 28.83 -28.13 -16.93
N VAL A 543 27.81 -28.60 -16.18
CA VAL A 543 28.01 -28.77 -14.74
C VAL A 543 29.07 -29.89 -14.44
N VAL A 544 28.98 -31.03 -15.13
CA VAL A 544 30.01 -32.09 -14.95
C VAL A 544 31.43 -31.51 -15.28
N ASP A 545 31.53 -30.67 -16.32
CA ASP A 545 32.84 -29.98 -16.58
C ASP A 545 33.34 -29.16 -15.39
N GLN A 546 32.43 -28.45 -14.73
CA GLN A 546 32.83 -27.73 -13.49
C GLN A 546 33.31 -28.67 -12.42
N LEU A 547 32.59 -29.77 -12.26
CA LEU A 547 32.98 -30.68 -11.22
C LEU A 547 34.39 -31.26 -11.51
N ALA A 548 34.75 -31.45 -12.80
CA ALA A 548 36.04 -32.00 -13.17
C ALA A 548 37.17 -31.05 -12.71
N HIS A 549 36.81 -29.77 -12.47
CA HIS A 549 37.82 -28.78 -11.98
C HIS A 549 37.93 -28.81 -10.48
N ILE A 550 37.03 -29.55 -9.82
CA ILE A 550 37.03 -29.68 -8.33
C ILE A 550 37.73 -30.98 -7.90
N ASP A 551 37.20 -32.11 -8.39
CA ASP A 551 37.69 -33.45 -8.02
C ASP A 551 37.29 -34.40 -9.13
N LEU A 552 38.24 -35.13 -9.70
CA LEU A 552 37.94 -36.06 -10.81
C LEU A 552 37.08 -37.26 -10.34
N THR A 553 37.24 -37.74 -9.11
CA THR A 553 36.44 -38.85 -8.65
C THR A 553 34.96 -38.45 -8.51
N LEU A 554 34.71 -37.30 -7.88
CA LEU A 554 33.37 -36.70 -7.87
C LEU A 554 32.80 -36.60 -9.31
N ALA A 555 33.58 -36.04 -10.23
CA ALA A 555 33.10 -35.72 -11.54
C ALA A 555 32.76 -37.01 -12.27
N GLN A 556 33.61 -38.04 -12.11
CA GLN A 556 33.34 -39.33 -12.73
C GLN A 556 32.12 -40.00 -12.21
N ALA A 557 31.93 -39.99 -10.89
CA ALA A 557 30.79 -40.67 -10.27
C ALA A 557 29.47 -39.99 -10.69
N VAL A 558 29.49 -38.65 -10.79
CA VAL A 558 28.26 -37.92 -11.28
C VAL A 558 28.05 -38.25 -12.77
N ALA A 559 29.13 -38.16 -13.56
CA ALA A 559 29.06 -38.42 -15.02
C ALA A 559 28.46 -39.79 -15.42
N LYS A 560 28.88 -40.82 -14.70
CA LYS A 560 28.43 -42.20 -14.87
C LYS A 560 26.95 -42.27 -14.62
N ASN A 561 26.45 -41.64 -13.54
CA ASN A 561 24.99 -41.67 -13.33
C ASN A 561 24.21 -40.92 -14.44
N LEU A 562 24.90 -40.08 -15.23
CA LEU A 562 24.22 -39.25 -16.22
C LEU A 562 24.43 -39.81 -17.62
N GLY A 563 25.19 -40.91 -17.67
CA GLY A 563 25.57 -41.55 -18.96
C GLY A 563 26.49 -40.64 -19.80
N ILE A 564 27.29 -39.84 -19.10
CA ILE A 564 28.27 -38.93 -19.71
C ILE A 564 29.66 -39.55 -19.47
N GLU A 565 30.53 -39.31 -20.42
CA GLU A 565 31.88 -39.82 -20.37
C GLU A 565 32.76 -38.61 -20.46
N LEU A 566 33.67 -38.50 -19.50
CA LEU A 566 34.62 -37.42 -19.44
C LEU A 566 35.57 -37.50 -20.62
N THR A 567 35.88 -36.38 -21.26
CA THR A 567 36.93 -36.36 -22.30
C THR A 567 38.33 -36.52 -21.72
N ASP A 568 39.31 -36.75 -22.59
CA ASP A 568 40.69 -36.83 -22.09
C ASP A 568 41.10 -35.53 -21.47
N ASP A 569 40.66 -34.44 -22.06
CA ASP A 569 41.01 -33.13 -21.53
C ASP A 569 40.47 -32.93 -20.13
N GLN A 570 39.23 -33.41 -19.90
CA GLN A 570 38.63 -33.26 -18.59
C GLN A 570 39.38 -34.10 -17.60
N LEU A 571 39.76 -35.29 -18.03
CA LEU A 571 40.52 -36.21 -17.20
C LEU A 571 41.88 -35.61 -16.83
N ASN A 572 42.38 -34.66 -17.60
CA ASN A 572 43.67 -34.05 -17.30
C ASN A 572 43.64 -32.70 -16.64
N ILE A 573 42.49 -32.27 -16.17
CA ILE A 573 42.45 -31.02 -15.46
C ILE A 573 43.18 -31.13 -14.13
N THR A 574 44.09 -30.20 -13.85
CA THR A 574 44.89 -30.20 -12.61
C THR A 574 43.94 -29.79 -11.49
N PRO A 575 43.88 -30.54 -10.38
CA PRO A 575 43.10 -30.21 -9.19
C PRO A 575 43.56 -28.87 -8.66
N PRO A 576 42.61 -28.07 -8.12
CA PRO A 576 42.99 -26.83 -7.49
C PRO A 576 43.95 -27.07 -6.29
N PRO A 577 44.70 -26.03 -5.90
CA PRO A 577 45.57 -26.06 -4.73
C PRO A 577 44.82 -26.34 -3.45
N ASP A 578 45.51 -26.96 -2.48
CA ASP A 578 45.05 -27.05 -1.10
C ASP A 578 44.80 -25.67 -0.54
N VAL A 579 43.94 -25.58 0.47
CA VAL A 579 43.66 -24.30 1.13
C VAL A 579 44.67 -24.05 2.24
N ASN A 580 45.66 -23.19 1.98
CA ASN A 580 46.69 -22.91 2.99
C ASN A 580 47.27 -24.20 3.59
N GLY A 581 47.59 -25.16 2.71
CA GLY A 581 48.19 -26.44 3.11
C GLY A 581 47.23 -27.51 3.65
N LEU A 582 45.92 -27.23 3.70
CA LEU A 582 44.94 -28.20 4.24
C LEU A 582 44.48 -29.18 3.19
N LYS A 583 44.49 -30.46 3.55
CA LYS A 583 43.96 -31.50 2.66
C LYS A 583 42.59 -31.93 3.15
N LYS A 584 42.20 -31.38 4.29
CA LYS A 584 40.92 -31.69 4.86
C LYS A 584 40.77 -30.93 6.13
N ASP A 585 39.50 -30.70 6.48
CA ASP A 585 39.19 -30.09 7.77
C ASP A 585 37.92 -30.79 8.30
N PRO A 586 38.04 -31.63 9.31
CA PRO A 586 36.87 -32.47 9.65
C PRO A 586 35.73 -31.67 10.23
N SER A 587 35.96 -30.40 10.63
CA SER A 587 34.83 -29.60 11.13
C SER A 587 33.84 -29.31 10.01
N LEU A 588 34.19 -29.65 8.77
CA LEU A 588 33.27 -29.40 7.63
C LEU A 588 32.28 -30.53 7.42
N SER A 589 32.56 -31.71 8.07
CA SER A 589 31.70 -32.88 7.89
C SER A 589 30.64 -32.85 8.98
N LEU A 590 29.43 -33.30 8.68
CA LEU A 590 28.39 -33.40 9.75
C LEU A 590 28.71 -34.51 10.74
N TYR A 591 29.46 -35.52 10.33
CA TYR A 591 29.45 -36.72 11.13
C TYR A 591 30.87 -37.24 11.49
N ALA A 592 31.92 -36.69 10.87
CA ALA A 592 33.29 -37.33 11.07
C ALA A 592 33.63 -37.30 12.52
N ILE A 593 33.24 -36.25 13.22
CA ILE A 593 33.48 -36.24 14.65
C ILE A 593 32.15 -36.37 15.43
N PRO A 594 31.96 -37.49 16.16
CA PRO A 594 30.73 -37.74 16.93
C PRO A 594 30.38 -36.53 17.81
N ASP A 595 29.11 -36.10 17.78
CA ASP A 595 28.59 -35.05 18.66
C ASP A 595 27.11 -35.38 18.88
N GLY A 596 26.78 -36.67 18.81
CA GLY A 596 25.44 -37.17 19.17
C GLY A 596 24.80 -36.67 20.47
N ASP A 597 23.48 -36.45 20.41
CA ASP A 597 22.73 -36.12 21.65
C ASP A 597 21.29 -36.60 21.43
N VAL A 598 20.88 -37.65 22.14
CA VAL A 598 19.59 -38.26 21.85
C VAL A 598 18.42 -37.48 22.50
N LYS A 599 18.67 -36.52 23.41
CA LYS A 599 17.51 -35.94 24.13
C LYS A 599 16.63 -35.17 23.11
N GLY A 600 15.35 -35.46 23.15
CA GLY A 600 14.39 -34.77 22.24
C GLY A 600 14.18 -35.51 20.97
N ARG A 601 14.94 -36.58 20.74
CA ARG A 601 14.63 -37.43 19.59
C ARG A 601 13.37 -38.29 19.89
N VAL A 602 12.91 -39.05 18.92
CA VAL A 602 11.59 -39.71 19.10
C VAL A 602 11.64 -41.07 18.44
N VAL A 603 11.00 -42.05 19.09
CA VAL A 603 11.01 -43.40 18.61
C VAL A 603 9.52 -43.80 18.27
N ALA A 604 9.31 -44.59 17.23
CA ALA A 604 8.01 -45.22 17.03
C ALA A 604 8.06 -46.59 17.74
N ILE A 605 6.99 -46.90 18.47
CA ILE A 605 6.78 -48.20 19.13
C ILE A 605 5.53 -48.82 18.45
N LEU A 606 5.73 -49.92 17.71
CA LEU A 606 4.66 -50.57 16.94
C LEU A 606 3.92 -51.50 17.88
N LEU A 607 2.71 -51.13 18.23
CA LEU A 607 1.91 -51.98 19.14
C LEU A 607 1.31 -53.19 18.43
N ASN A 608 0.87 -54.14 19.27
CA ASN A 608 -0.02 -55.23 18.90
C ASN A 608 -1.17 -55.25 19.97
N ASP A 609 -2.24 -56.00 19.69
CA ASP A 609 -3.38 -56.05 20.59
C ASP A 609 -3.20 -56.76 21.93
N GLU A 610 -2.01 -57.28 22.20
CA GLU A 610 -1.71 -57.90 23.48
C GLU A 610 -0.25 -57.68 23.87
N VAL A 611 0.14 -56.42 23.98
CA VAL A 611 1.54 -56.05 24.22
C VAL A 611 2.12 -56.72 25.48
N ARG A 612 3.37 -57.17 25.39
CA ARG A 612 4.03 -57.74 26.58
C ARG A 612 4.45 -56.53 27.40
N SER A 613 3.69 -56.26 28.47
CA SER A 613 3.85 -55.03 29.26
C SER A 613 5.24 -54.89 29.89
N ALA A 614 5.87 -56.03 30.18
CA ALA A 614 7.21 -56.04 30.73
C ALA A 614 8.17 -55.46 29.70
N ASP A 615 8.06 -55.82 28.43
CA ASP A 615 8.86 -55.11 27.39
C ASP A 615 8.62 -53.61 27.37
N LEU A 616 7.33 -53.21 27.34
CA LEU A 616 7.03 -51.76 27.14
C LEU A 616 7.57 -50.98 28.34
N LEU A 617 7.38 -51.54 29.53
CA LEU A 617 7.91 -50.95 30.73
C LEU A 617 9.42 -50.66 30.62
N ALA A 618 10.19 -51.61 30.12
CA ALA A 618 11.64 -51.44 30.07
C ALA A 618 12.01 -50.44 28.98
N ILE A 619 11.29 -50.49 27.87
CA ILE A 619 11.54 -49.53 26.77
C ILE A 619 11.33 -48.12 27.30
N LEU A 620 10.14 -47.90 27.90
CA LEU A 620 9.78 -46.52 28.23
C LEU A 620 10.66 -45.94 29.35
N LYS A 621 11.04 -46.79 30.31
CA LYS A 621 11.91 -46.36 31.36
C LYS A 621 13.24 -45.89 30.81
N ALA A 622 13.83 -46.63 29.87
CA ALA A 622 15.17 -46.33 29.38
C ALA A 622 15.11 -45.15 28.46
N LEU A 623 14.08 -45.08 27.62
CA LEU A 623 13.86 -43.83 26.80
C LEU A 623 13.73 -42.56 27.71
N LYS A 624 12.87 -42.64 28.72
CA LYS A 624 12.67 -41.51 29.66
C LYS A 624 13.98 -41.06 30.33
N ALA A 625 14.81 -42.00 30.78
CA ALA A 625 16.11 -41.68 31.35
C ALA A 625 17.02 -40.85 30.40
N LYS A 626 16.82 -40.96 29.10
CA LYS A 626 17.71 -40.19 28.20
C LYS A 626 16.95 -39.07 27.48
N GLY A 627 15.71 -38.82 27.89
CA GLY A 627 14.89 -37.72 27.33
C GLY A 627 14.42 -37.97 25.90
N VAL A 628 14.34 -39.26 25.54
CA VAL A 628 13.89 -39.62 24.20
C VAL A 628 12.39 -39.89 24.21
N HIS A 629 11.63 -39.28 23.26
CA HIS A 629 10.22 -39.44 23.26
C HIS A 629 9.77 -40.70 22.51
N ALA A 630 8.52 -41.10 22.75
CA ALA A 630 7.90 -42.26 22.09
C ALA A 630 6.56 -41.94 21.49
N LYS A 631 6.21 -42.53 20.34
CA LYS A 631 4.82 -42.47 19.84
C LYS A 631 4.32 -43.92 19.70
N LEU A 632 3.13 -44.17 20.22
CA LEU A 632 2.63 -45.57 20.22
C LEU A 632 1.75 -45.68 18.99
N LEU A 633 2.08 -46.63 18.12
CA LEU A 633 1.44 -46.76 16.81
C LEU A 633 0.64 -48.05 16.66
N TYR A 634 -0.46 -48.01 15.94
CA TYR A 634 -1.19 -49.28 15.73
C TYR A 634 -1.87 -49.27 14.38
N SER A 635 -2.68 -50.28 14.09
CA SER A 635 -3.38 -50.38 12.82
C SER A 635 -4.70 -49.60 12.78
N ARG A 636 -5.15 -49.04 13.92
CA ARG A 636 -6.36 -48.21 14.03
C ARG A 636 -6.09 -47.28 15.23
N MET A 637 -6.96 -46.29 15.47
CA MET A 637 -6.88 -45.40 16.62
C MET A 637 -7.65 -45.98 17.79
N GLY A 638 -7.69 -45.27 18.91
CA GLY A 638 -8.40 -45.75 20.09
C GLY A 638 -7.40 -46.28 21.09
N GLU A 639 -7.66 -47.48 21.61
CA GLU A 639 -6.84 -48.11 22.65
C GLU A 639 -6.60 -49.58 22.34
N VAL A 640 -5.49 -50.11 22.88
CA VAL A 640 -5.33 -51.56 22.96
C VAL A 640 -5.00 -51.82 24.42
N THR A 641 -5.16 -53.07 24.84
CA THR A 641 -4.93 -53.38 26.24
C THR A 641 -3.78 -54.35 26.31
N ALA A 642 -2.82 -54.08 27.20
CA ALA A 642 -1.61 -54.94 27.22
C ALA A 642 -1.94 -56.26 28.02
N ASP A 643 -0.95 -57.13 28.10
CA ASP A 643 -1.10 -58.42 28.83
C ASP A 643 -1.49 -58.26 30.30
N ASP A 644 -1.14 -57.14 30.91
CA ASP A 644 -1.42 -57.00 32.31
C ASP A 644 -2.63 -56.08 32.59
N GLY A 645 -3.43 -55.76 31.56
CA GLY A 645 -4.54 -54.85 31.79
C GLY A 645 -4.32 -53.36 31.48
N THR A 646 -3.06 -52.98 31.22
CA THR A 646 -2.71 -51.58 31.00
C THR A 646 -3.38 -51.16 29.72
N VAL A 647 -4.15 -50.08 29.78
CA VAL A 647 -4.84 -49.55 28.57
C VAL A 647 -3.81 -48.57 27.88
N LEU A 648 -3.45 -48.89 26.64
CA LEU A 648 -2.50 -48.09 25.84
C LEU A 648 -3.19 -47.19 24.80
N PRO A 649 -3.13 -45.85 24.97
CA PRO A 649 -3.81 -45.02 23.91
C PRO A 649 -2.90 -44.97 22.67
N ILE A 650 -3.47 -44.91 21.46
CA ILE A 650 -2.74 -45.03 20.25
C ILE A 650 -2.57 -43.61 19.71
N ALA A 651 -1.33 -43.22 19.46
CA ALA A 651 -1.12 -41.84 19.00
C ALA A 651 -1.50 -41.65 17.55
N ALA A 652 -1.23 -42.65 16.75
CA ALA A 652 -1.40 -42.56 15.27
C ALA A 652 -1.40 -43.98 14.68
N THR A 653 -1.90 -44.12 13.47
CA THR A 653 -1.78 -45.41 12.77
C THR A 653 -0.41 -45.57 12.11
N PHE A 654 -0.06 -46.78 11.70
CA PHE A 654 1.19 -46.98 10.98
C PHE A 654 1.35 -46.03 9.79
N ALA A 655 0.30 -45.94 8.99
CA ALA A 655 0.26 -44.99 7.84
C ALA A 655 0.20 -43.51 8.24
N GLY A 656 -0.45 -43.21 9.36
CA GLY A 656 -0.67 -41.84 9.80
C GLY A 656 0.59 -41.16 10.36
N ALA A 657 1.54 -41.94 10.89
CA ALA A 657 2.79 -41.35 11.40
C ALA A 657 3.91 -42.24 10.92
N PRO A 658 4.30 -42.07 9.65
CA PRO A 658 5.34 -42.90 9.07
C PRO A 658 6.72 -42.82 9.69
N SER A 659 7.54 -43.80 9.39
CA SER A 659 8.90 -43.96 9.96
C SER A 659 9.74 -42.69 9.65
N LEU A 660 9.34 -41.97 8.59
CA LEU A 660 10.03 -40.68 8.22
C LEU A 660 10.06 -39.70 9.41
N THR A 661 9.07 -39.79 10.29
CA THR A 661 8.84 -38.79 11.36
C THR A 661 9.52 -39.20 12.68
N VAL A 662 10.22 -40.32 12.66
CA VAL A 662 10.92 -40.79 13.89
C VAL A 662 12.42 -41.09 13.64
N ASP A 663 13.18 -41.33 14.74
CA ASP A 663 14.61 -41.54 14.65
C ASP A 663 14.98 -43.01 14.71
N ALA A 664 13.99 -43.82 15.10
CA ALA A 664 14.24 -45.26 15.41
C ALA A 664 12.93 -45.92 15.61
N VAL A 665 12.92 -47.26 15.47
CA VAL A 665 11.66 -48.03 15.63
C VAL A 665 11.88 -49.18 16.56
N ILE A 666 10.94 -49.39 17.44
CA ILE A 666 11.00 -50.46 18.46
C ILE A 666 9.73 -51.30 18.32
N VAL A 667 9.83 -52.64 18.33
CA VAL A 667 8.65 -53.54 18.25
C VAL A 667 8.71 -54.48 19.44
N PRO A 668 7.81 -54.26 20.41
CA PRO A 668 7.87 -55.07 21.63
C PRO A 668 7.24 -56.40 21.32
N CYS A 669 7.45 -57.37 22.22
CA CYS A 669 6.76 -58.65 22.03
C CYS A 669 5.26 -58.58 22.41
N GLY A 670 4.61 -59.75 22.45
CA GLY A 670 3.18 -59.79 22.64
C GLY A 670 2.52 -60.72 21.64
N ASN A 671 1.33 -60.33 21.17
CA ASN A 671 0.63 -61.05 20.08
C ASN A 671 1.12 -60.55 18.72
N ILE A 672 2.31 -60.98 18.35
CA ILE A 672 2.95 -60.49 17.08
C ILE A 672 2.10 -60.93 15.88
N ALA A 673 1.46 -62.08 16.00
CA ALA A 673 0.51 -62.53 14.93
C ALA A 673 -0.50 -61.48 14.49
N ASP A 674 -0.85 -60.58 15.40
CA ASP A 674 -1.80 -59.54 15.09
C ASP A 674 -1.26 -58.58 14.01
N ILE A 675 0.02 -58.30 14.06
CA ILE A 675 0.63 -57.34 13.12
C ILE A 675 1.56 -57.97 12.07
N ALA A 676 1.89 -59.26 12.26
CA ALA A 676 2.90 -59.94 11.45
C ALA A 676 2.71 -59.83 9.96
N ASP A 677 1.48 -59.96 9.48
CA ASP A 677 1.21 -59.87 8.03
C ASP A 677 0.55 -58.51 7.69
N ASN A 678 0.62 -57.54 8.60
CA ASN A 678 0.05 -56.24 8.30
C ASN A 678 1.00 -55.55 7.29
N GLY A 679 0.51 -55.18 6.10
CA GLY A 679 1.37 -54.52 5.09
C GLY A 679 2.03 -53.23 5.56
N ASP A 680 1.26 -52.38 6.25
CA ASP A 680 1.80 -51.11 6.70
C ASP A 680 2.83 -51.30 7.82
N ALA A 681 2.63 -52.27 8.72
CA ALA A 681 3.61 -52.53 9.77
C ALA A 681 4.90 -53.02 9.17
N ASN A 682 4.79 -53.89 8.19
CA ASN A 682 5.99 -54.37 7.52
C ASN A 682 6.65 -53.26 6.72
N TYR A 683 5.87 -52.46 6.01
CA TYR A 683 6.48 -51.44 5.20
C TYR A 683 7.18 -50.41 6.13
N TYR A 684 6.60 -50.16 7.30
CA TYR A 684 7.20 -49.25 8.31
C TYR A 684 8.69 -49.56 8.62
N LEU A 685 8.94 -50.84 8.93
CA LEU A 685 10.33 -51.33 9.05
C LEU A 685 11.15 -51.26 7.77
N MET A 686 10.54 -51.50 6.60
CA MET A 686 11.31 -51.37 5.34
C MET A 686 11.79 -49.95 5.08
N GLU A 687 10.89 -48.99 5.31
CA GLU A 687 11.24 -47.60 5.06
C GLU A 687 12.29 -47.12 6.07
N ALA A 688 12.12 -47.48 7.35
CA ALA A 688 13.12 -47.20 8.41
C ALA A 688 14.44 -47.85 8.11
N TYR A 689 14.41 -49.09 7.61
CA TYR A 689 15.64 -49.79 7.30
C TYR A 689 16.36 -49.04 6.17
N LYS A 690 15.65 -48.79 5.07
CA LYS A 690 16.16 -48.05 3.89
C LYS A 690 16.84 -46.74 4.30
N HIS A 691 16.20 -46.01 5.22
CA HIS A 691 16.68 -44.71 5.68
C HIS A 691 17.67 -44.75 6.79
N LEU A 692 18.19 -45.96 7.08
CA LEU A 692 19.41 -46.17 7.92
C LEU A 692 19.11 -45.92 9.40
N LYS A 693 17.85 -46.13 9.78
CA LYS A 693 17.49 -45.85 11.17
C LYS A 693 17.67 -47.13 11.94
N PRO A 694 18.04 -46.98 13.20
CA PRO A 694 18.07 -48.17 14.10
C PRO A 694 16.69 -48.79 14.32
N ILE A 695 16.65 -50.12 14.48
CA ILE A 695 15.44 -50.84 14.64
C ILE A 695 15.75 -51.83 15.74
N ALA A 696 14.88 -51.91 16.71
CA ALA A 696 15.00 -52.86 17.81
C ALA A 696 13.77 -53.81 17.86
N LEU A 697 14.01 -55.14 17.92
CA LEU A 697 12.89 -56.16 17.86
C LEU A 697 13.03 -57.10 19.05
N ALA A 698 12.01 -57.18 19.90
CA ALA A 698 12.06 -57.98 21.12
C ALA A 698 11.24 -59.22 20.97
N GLY A 699 11.72 -60.36 21.51
CA GLY A 699 10.85 -61.58 21.55
C GLY A 699 10.43 -61.98 20.16
N ASP A 700 9.15 -62.30 19.98
CA ASP A 700 8.64 -62.74 18.71
C ASP A 700 8.65 -61.63 17.66
N ALA A 701 8.93 -60.38 18.08
CA ALA A 701 9.01 -59.29 17.05
C ALA A 701 10.16 -59.63 16.11
N ARG A 702 11.02 -60.53 16.55
CA ARG A 702 12.17 -60.93 15.72
C ARG A 702 11.74 -61.61 14.40
N LYS A 703 10.50 -62.07 14.30
CA LYS A 703 9.99 -62.64 13.05
C LYS A 703 10.07 -61.58 11.89
N PHE A 704 10.04 -60.29 12.26
CA PHE A 704 10.13 -59.21 11.23
C PHE A 704 11.51 -59.11 10.60
N LYS A 705 12.52 -59.77 11.15
CA LYS A 705 13.85 -59.76 10.52
C LYS A 705 13.72 -60.22 9.08
N ALA A 706 12.75 -61.09 8.79
CA ALA A 706 12.59 -61.64 7.44
C ALA A 706 12.18 -60.57 6.48
N THR A 707 11.35 -59.60 6.93
CA THR A 707 10.93 -58.53 5.97
C THR A 707 12.12 -57.67 5.49
N ILE A 708 13.12 -57.55 6.34
CA ILE A 708 14.27 -56.72 6.00
C ILE A 708 15.55 -57.53 5.77
N LYS A 709 15.41 -58.84 5.53
CA LYS A 709 16.45 -59.76 5.01
C LYS A 709 17.62 -59.81 5.96
N ILE A 710 17.36 -59.89 7.24
CA ILE A 710 18.55 -59.98 8.11
C ILE A 710 18.86 -61.43 8.61
N ALA A 711 20.14 -61.82 8.50
CA ALA A 711 20.60 -63.18 8.80
C ALA A 711 20.35 -63.50 10.30
N ASP A 712 20.31 -64.78 10.68
CA ASP A 712 20.08 -65.13 12.08
C ASP A 712 21.11 -64.53 12.99
N GLN A 713 22.35 -64.48 12.52
CA GLN A 713 23.44 -63.93 13.35
C GLN A 713 23.23 -62.45 13.69
N GLY A 714 22.35 -61.76 12.92
CA GLY A 714 21.99 -60.39 13.21
C GLY A 714 22.90 -59.45 12.43
N GLU A 715 22.79 -58.15 12.71
CA GLU A 715 23.45 -57.13 11.89
C GLU A 715 23.60 -55.88 12.73
N GLU A 716 24.76 -55.23 12.65
CA GLU A 716 24.96 -53.95 13.32
C GLU A 716 23.85 -53.06 12.77
N GLY A 717 23.10 -52.51 13.70
CA GLY A 717 22.05 -51.53 13.41
C GLY A 717 20.69 -52.11 13.73
N ILE A 718 20.64 -53.45 13.96
CA ILE A 718 19.41 -54.14 14.34
C ILE A 718 19.56 -54.70 15.73
N VAL A 719 18.80 -54.17 16.68
CA VAL A 719 18.95 -54.67 18.05
C VAL A 719 17.94 -55.76 18.24
N GLU A 720 18.38 -56.90 18.81
CA GLU A 720 17.44 -58.03 18.99
C GLU A 720 17.76 -58.80 20.31
N ALA A 721 16.72 -59.32 20.95
CA ALA A 721 16.94 -60.14 22.17
C ALA A 721 15.65 -60.81 22.49
N ASP A 722 15.65 -61.73 23.46
CA ASP A 722 14.40 -62.40 23.85
C ASP A 722 13.46 -61.42 24.52
N SER A 723 13.99 -60.51 25.29
CA SER A 723 13.16 -59.42 25.80
C SER A 723 13.88 -58.08 25.76
N ALA A 724 13.09 -57.01 26.02
CA ALA A 724 13.62 -55.66 26.00
C ALA A 724 14.11 -55.34 27.38
N ASP A 725 15.35 -55.65 27.65
CA ASP A 725 15.94 -55.42 28.99
C ASP A 725 16.85 -54.18 28.97
N GLY A 726 17.66 -54.11 30.02
CA GLY A 726 18.66 -53.08 30.19
C GLY A 726 19.62 -53.09 29.02
N SER A 727 20.18 -54.25 28.74
CA SER A 727 21.19 -54.30 27.70
C SER A 727 20.60 -53.91 26.31
N PHE A 728 19.43 -54.45 25.98
CA PHE A 728 18.70 -54.19 24.72
C PHE A 728 18.53 -52.69 24.52
N MET A 729 18.05 -51.98 25.56
CA MET A 729 17.84 -50.50 25.37
C MET A 729 19.14 -49.72 25.29
N ASP A 730 20.18 -50.14 26.02
CA ASP A 730 21.49 -49.48 25.90
C ASP A 730 22.03 -49.54 24.49
N GLU A 731 21.91 -50.72 23.88
CA GLU A 731 22.41 -50.88 22.53
C GLU A 731 21.64 -49.96 21.60
N LEU A 732 20.32 -49.92 21.77
CA LEU A 732 19.47 -49.06 20.86
C LEU A 732 19.84 -47.60 21.05
N LEU A 733 19.90 -47.18 22.32
CA LEU A 733 20.31 -45.83 22.66
C LEU A 733 21.71 -45.43 22.12
N THR A 734 22.68 -46.34 22.13
CA THR A 734 23.97 -46.10 21.55
C THR A 734 23.89 -45.88 20.03
N LEU A 735 23.15 -46.76 19.33
CA LEU A 735 22.88 -46.56 17.93
C LEU A 735 22.23 -45.17 17.72
N MET A 736 21.24 -44.82 18.52
CA MET A 736 20.57 -43.49 18.29
C MET A 736 21.53 -42.32 18.44
N ALA A 737 22.48 -42.47 19.35
CA ALA A 737 23.49 -41.42 19.58
C ALA A 737 24.39 -41.23 18.36
N ALA A 738 24.47 -42.24 17.47
CA ALA A 738 25.23 -42.17 16.27
C ALA A 738 24.35 -41.80 15.05
N HIS A 739 23.08 -41.48 15.35
CA HIS A 739 22.11 -40.93 14.40
C HIS A 739 21.62 -41.92 13.36
N ARG A 740 22.48 -42.40 12.44
CA ARG A 740 22.04 -43.34 11.42
C ARG A 740 23.11 -44.47 11.33
N VAL A 741 22.74 -45.55 10.67
CA VAL A 741 23.58 -46.71 10.49
C VAL A 741 24.17 -46.74 9.07
N TRP A 742 25.25 -45.98 8.95
CA TRP A 742 25.88 -45.76 7.68
C TRP A 742 26.36 -47.05 7.09
N SER A 743 26.77 -48.00 7.95
CA SER A 743 27.33 -49.25 7.46
C SER A 743 26.29 -50.08 6.69
N ARG A 744 25.00 -49.76 6.83
CA ARG A 744 23.94 -50.49 6.14
C ARG A 744 23.76 -50.01 4.71
N ILE A 745 24.43 -48.90 4.32
CA ILE A 745 24.20 -48.36 2.98
C ILE A 745 24.29 -49.42 1.87
N PRO A 746 25.37 -50.26 1.85
CA PRO A 746 25.46 -51.24 0.74
C PRO A 746 24.26 -52.19 0.68
N LYS A 747 23.66 -52.48 1.82
CA LYS A 747 22.53 -53.41 1.90
C LYS A 747 21.14 -52.88 1.53
N ILE A 748 20.94 -51.55 1.46
CA ILE A 748 19.63 -50.95 1.07
C ILE A 748 19.23 -50.85 -0.43
N ASP A 749 20.19 -50.80 -1.36
CA ASP A 749 19.90 -50.96 -2.83
C ASP A 749 19.08 -52.20 -3.20
N LYS A 750 19.14 -53.21 -2.35
CA LYS A 750 18.46 -54.45 -2.57
C LYS A 750 16.98 -54.18 -2.40
N ILE A 751 16.62 -53.57 -1.28
CA ILE A 751 15.24 -53.72 -0.84
C ILE A 751 14.23 -52.81 -1.60
N PRO A 752 13.08 -53.42 -1.94
CA PRO A 752 12.08 -52.68 -2.67
C PRO A 752 11.24 -51.82 -1.69
N ALA A 753 11.69 -50.58 -1.46
CA ALA A 753 11.01 -49.66 -0.53
C ALA A 753 11.24 -48.22 -0.95
N SER B 28 -30.10 15.51 -25.17
CA SER B 28 -28.94 16.45 -25.36
C SER B 28 -28.90 17.70 -24.43
N LEU B 29 -27.79 17.85 -23.70
CA LEU B 29 -27.68 18.89 -22.65
C LEU B 29 -26.80 20.08 -23.04
N ALA B 30 -25.96 19.89 -24.05
CA ALA B 30 -25.09 20.99 -24.52
C ALA B 30 -25.93 22.14 -25.12
N PRO B 31 -25.40 23.38 -25.08
CA PRO B 31 -26.15 24.45 -25.78
C PRO B 31 -26.17 24.21 -27.29
N GLU B 32 -27.38 24.32 -27.86
CA GLU B 32 -27.63 24.39 -29.31
C GLU B 32 -26.52 25.10 -30.12
N ASP B 33 -26.11 26.30 -29.68
CA ASP B 33 -25.08 27.11 -30.36
C ASP B 33 -23.62 26.58 -30.20
N GLY B 34 -23.44 25.50 -29.42
CA GLY B 34 -22.12 24.87 -29.28
C GLY B 34 -21.12 25.68 -28.48
N SER B 35 -21.59 26.63 -27.68
CA SER B 35 -20.68 27.49 -26.91
C SER B 35 -20.12 26.79 -25.65
N HIS B 36 -20.46 25.52 -25.48
CA HIS B 36 -19.87 24.72 -24.38
C HIS B 36 -18.41 24.30 -24.67
N ARG B 37 -18.01 24.31 -25.96
CA ARG B 37 -16.75 23.65 -26.40
C ARG B 37 -15.71 24.75 -26.78
N PRO B 38 -14.54 24.81 -26.13
CA PRO B 38 -13.59 25.85 -26.62
C PRO B 38 -13.03 25.54 -27.99
N ALA B 39 -12.73 26.58 -28.75
CA ALA B 39 -12.14 26.37 -30.11
C ALA B 39 -10.74 25.77 -29.97
N ALA B 40 -10.42 24.89 -30.93
CA ALA B 40 -9.16 24.20 -30.97
C ALA B 40 -8.09 24.99 -31.78
N GLU B 41 -7.83 26.20 -31.29
CA GLU B 41 -6.93 27.19 -31.88
C GLU B 41 -6.45 28.04 -30.67
N PRO B 42 -5.25 28.64 -30.79
CA PRO B 42 -4.78 29.47 -29.69
C PRO B 42 -5.69 30.65 -29.45
N THR B 43 -5.98 30.94 -28.20
CA THR B 43 -6.88 32.04 -27.85
C THR B 43 -6.36 32.69 -26.55
N PRO B 44 -6.53 34.02 -26.42
CA PRO B 44 -6.06 34.81 -25.26
C PRO B 44 -6.69 34.35 -23.94
N PRO B 45 -6.03 34.65 -22.79
CA PRO B 45 -6.58 34.21 -21.53
C PRO B 45 -8.00 34.77 -21.37
N GLY B 46 -8.94 33.91 -20.95
CA GLY B 46 -10.33 34.33 -20.67
C GLY B 46 -11.24 34.36 -21.89
N ALA B 47 -10.71 34.08 -23.09
CA ALA B 47 -11.54 34.14 -24.30
C ALA B 47 -12.39 32.86 -24.48
N GLN B 48 -11.92 31.72 -23.94
CA GLN B 48 -12.59 30.40 -24.09
C GLN B 48 -12.40 29.69 -22.75
N PRO B 49 -13.32 28.74 -22.46
CA PRO B 49 -13.05 27.85 -21.34
C PRO B 49 -11.77 27.08 -21.67
N THR B 50 -10.97 26.84 -20.64
CA THR B 50 -9.74 26.04 -20.83
C THR B 50 -10.14 24.57 -21.00
N ALA B 51 -9.21 23.78 -21.59
CA ALA B 51 -9.53 22.41 -22.05
C ALA B 51 -8.32 21.50 -21.91
N PRO B 52 -8.54 20.15 -21.85
CA PRO B 52 -7.45 19.16 -21.93
C PRO B 52 -6.60 19.47 -23.18
N GLY B 53 -5.31 19.29 -23.03
CA GLY B 53 -4.35 19.80 -24.09
C GLY B 53 -4.54 19.12 -25.44
N SER B 54 -4.91 17.81 -25.45
CA SER B 54 -5.01 17.13 -26.74
C SER B 54 -6.30 17.61 -27.49
N LEU B 55 -7.22 18.21 -26.73
CA LEU B 55 -8.48 18.73 -27.33
C LEU B 55 -8.25 20.17 -27.76
N LYS B 56 -7.46 20.93 -26.96
CA LYS B 56 -7.20 22.36 -27.29
C LYS B 56 -6.27 22.48 -28.52
N ALA B 57 -5.30 21.58 -28.56
CA ALA B 57 -4.16 21.66 -29.49
C ALA B 57 -3.81 20.25 -30.04
N PRO B 58 -4.74 19.69 -30.82
CA PRO B 58 -4.63 18.30 -31.24
C PRO B 58 -3.48 18.06 -32.18
N ASP B 59 -3.04 19.11 -32.89
CA ASP B 59 -1.94 18.92 -33.85
C ASP B 59 -0.64 19.41 -33.27
N THR B 60 -0.60 19.72 -31.96
CA THR B 60 0.69 19.87 -31.32
C THR B 60 1.17 18.48 -30.96
N ARG B 61 2.25 18.05 -31.61
CA ARG B 61 2.84 16.72 -31.39
C ARG B 61 4.33 16.70 -31.01
N ASN B 62 4.75 15.63 -30.33
CA ASN B 62 6.15 15.30 -30.17
C ASN B 62 6.10 13.79 -29.91
N GLU B 63 7.24 13.14 -29.99
CA GLU B 63 7.33 11.70 -29.88
C GLU B 63 6.68 11.19 -28.55
N LYS B 64 6.82 11.94 -27.45
CA LYS B 64 6.30 11.45 -26.16
C LYS B 64 4.76 11.59 -26.19
N LEU B 65 4.26 12.74 -26.63
CA LEU B 65 2.79 12.93 -26.70
C LEU B 65 2.22 11.90 -27.63
N ASN B 66 2.89 11.59 -28.74
CA ASN B 66 2.34 10.55 -29.62
C ASN B 66 2.33 9.15 -28.92
N SER B 67 3.40 8.84 -28.22
CA SER B 67 3.49 7.54 -27.51
C SER B 67 2.41 7.36 -26.43
N LEU B 68 1.81 8.46 -25.93
CA LEU B 68 0.72 8.36 -24.96
C LEU B 68 -0.62 8.02 -25.56
N GLU B 69 -0.68 7.95 -26.87
CA GLU B 69 -1.97 7.73 -27.56
C GLU B 69 -2.57 6.39 -27.16
N ASP B 70 -1.77 5.39 -26.81
CA ASP B 70 -2.26 4.03 -26.42
C ASP B 70 -3.11 4.05 -25.12
N VAL B 71 -2.88 5.04 -24.27
CA VAL B 71 -3.63 5.17 -23.04
C VAL B 71 -4.62 6.33 -23.00
N ARG B 72 -4.62 7.24 -23.97
CA ARG B 72 -5.68 8.25 -23.98
C ARG B 72 -7.05 7.66 -24.25
N LYS B 73 -8.05 8.10 -23.50
CA LYS B 73 -9.36 7.58 -23.71
C LYS B 73 -10.27 8.78 -23.98
N GLY B 74 -11.10 8.67 -24.99
CA GLY B 74 -12.08 9.68 -25.36
C GLY B 74 -13.39 9.47 -24.62
N SER B 75 -14.49 9.95 -25.16
CA SER B 75 -15.75 9.85 -24.40
C SER B 75 -16.98 10.07 -25.32
N GLU B 76 -16.87 10.95 -26.31
CA GLU B 76 -18.01 11.27 -27.16
C GLU B 76 -18.49 10.11 -27.90
N ASN B 77 -19.81 9.95 -27.83
CA ASN B 77 -20.54 8.90 -28.49
C ASN B 77 -20.35 7.53 -27.86
N TYR B 78 -19.72 7.42 -26.68
CA TYR B 78 -19.53 6.12 -26.08
C TYR B 78 -20.57 5.97 -24.97
N ALA B 79 -20.96 4.72 -24.73
CA ALA B 79 -21.88 4.37 -23.68
C ALA B 79 -21.14 4.42 -22.31
N LEU B 80 -21.88 4.79 -21.29
CA LEU B 80 -21.40 4.79 -19.90
C LEU B 80 -21.31 3.35 -19.39
N THR B 81 -20.12 2.95 -18.90
CA THR B 81 -20.00 1.54 -18.43
C THR B 81 -19.39 1.38 -17.05
N THR B 82 -19.53 0.18 -16.49
CA THR B 82 -18.65 -0.17 -15.39
C THR B 82 -17.20 -0.27 -15.90
N ASN B 83 -16.26 -0.44 -14.98
CA ASN B 83 -14.88 -0.69 -15.38
C ASN B 83 -14.69 -2.03 -16.08
N GLN B 84 -15.61 -2.96 -15.83
CA GLN B 84 -15.67 -4.25 -16.51
C GLN B 84 -16.37 -4.19 -17.87
N GLY B 85 -16.80 -3.02 -18.32
CA GLY B 85 -17.42 -2.89 -19.69
C GLY B 85 -18.89 -3.13 -19.76
N VAL B 86 -19.55 -3.21 -18.62
CA VAL B 86 -20.99 -3.38 -18.60
C VAL B 86 -21.75 -2.02 -18.65
N ARG B 87 -22.69 -1.94 -19.58
CA ARG B 87 -23.41 -0.69 -19.83
C ARG B 87 -24.37 -0.42 -18.73
N ILE B 88 -24.32 0.83 -18.26
CA ILE B 88 -25.16 1.26 -17.16
C ILE B 88 -26.45 1.82 -17.73
N ALA B 89 -27.59 1.38 -17.19
CA ALA B 89 -28.84 1.95 -17.60
C ALA B 89 -29.24 3.21 -16.81
N ASP B 90 -29.13 3.15 -15.48
CA ASP B 90 -29.54 4.24 -14.62
C ASP B 90 -28.42 4.63 -13.66
N ASP B 91 -27.71 5.70 -14.02
CA ASP B 91 -26.61 6.18 -13.21
C ASP B 91 -27.06 7.26 -12.16
N GLN B 92 -28.35 7.24 -11.76
CA GLN B 92 -28.89 8.25 -10.89
C GLN B 92 -29.36 7.61 -9.62
N ASN B 93 -29.39 6.27 -9.56
CA ASN B 93 -29.94 5.59 -8.39
C ASN B 93 -29.19 4.35 -7.97
N SER B 94 -29.15 4.15 -6.64
CA SER B 94 -28.82 2.84 -6.03
C SER B 94 -29.95 1.84 -6.17
N LEU B 95 -29.60 0.55 -6.11
CA LEU B 95 -30.60 -0.54 -6.14
C LEU B 95 -31.16 -0.70 -4.71
N ARG B 96 -32.48 -0.67 -4.59
CA ARG B 96 -33.13 -0.73 -3.27
C ARG B 96 -34.36 -1.58 -3.34
N ALA B 97 -34.69 -2.18 -2.19
CA ALA B 97 -35.97 -2.93 -2.10
C ALA B 97 -37.15 -1.98 -1.84
N GLY B 98 -37.82 -1.61 -2.91
CA GLY B 98 -38.83 -0.49 -2.91
C GLY B 98 -38.13 0.84 -3.12
N SER B 99 -38.82 1.84 -3.73
CA SER B 99 -38.18 3.06 -4.11
C SER B 99 -37.89 3.96 -2.84
N ARG B 100 -38.38 3.50 -1.67
CA ARG B 100 -38.04 4.11 -0.35
C ARG B 100 -37.37 3.09 0.55
N GLY B 101 -36.81 2.07 -0.04
CA GLY B 101 -36.29 0.94 0.73
C GLY B 101 -34.77 1.02 0.95
N PRO B 102 -34.27 0.02 1.68
CA PRO B 102 -32.85 -0.02 1.89
C PRO B 102 -32.06 -0.41 0.63
N THR B 103 -30.81 0.07 0.57
CA THR B 103 -29.86 -0.26 -0.52
C THR B 103 -29.40 -1.67 -0.37
N LEU B 104 -29.36 -2.36 -1.53
CA LEU B 104 -28.99 -3.79 -1.58
C LEU B 104 -27.50 -4.02 -1.79
N LEU B 105 -26.96 -5.04 -1.08
CA LEU B 105 -25.57 -5.39 -1.24
C LEU B 105 -25.22 -5.81 -2.66
N GLU B 106 -26.21 -6.32 -3.42
CA GLU B 106 -25.91 -6.82 -4.72
C GLU B 106 -25.75 -5.67 -5.76
N ASP B 107 -25.85 -4.41 -5.32
CA ASP B 107 -25.65 -3.28 -6.26
C ASP B 107 -24.14 -3.13 -6.57
N PHE B 108 -23.70 -3.89 -7.56
CA PHE B 108 -22.27 -3.88 -7.89
C PHE B 108 -21.89 -2.61 -8.67
N ILE B 109 -22.84 -2.01 -9.34
CA ILE B 109 -22.62 -0.81 -10.09
C ILE B 109 -22.31 0.32 -9.10
N LEU B 110 -23.17 0.50 -8.07
CA LEU B 110 -22.91 1.49 -7.06
C LEU B 110 -21.54 1.17 -6.36
N ARG B 111 -21.30 -0.09 -5.93
CA ARG B 111 -20.11 -0.34 -5.11
C ARG B 111 -18.86 -0.12 -5.95
N GLU B 112 -18.88 -0.43 -7.26
CA GLU B 112 -17.62 -0.21 -8.01
C GLU B 112 -17.35 1.29 -8.10
N LYS B 113 -18.43 2.06 -8.41
CA LYS B 113 -18.30 3.53 -8.60
C LYS B 113 -17.84 4.20 -7.27
N ILE B 114 -18.41 3.74 -6.15
CA ILE B 114 -18.00 4.33 -4.81
C ILE B 114 -16.64 3.79 -4.36
N THR B 115 -16.35 2.51 -4.64
CA THR B 115 -14.99 2.00 -4.35
C THR B 115 -13.93 2.83 -5.09
N HIS B 116 -14.15 3.12 -6.38
CA HIS B 116 -13.11 3.80 -7.12
C HIS B 116 -12.93 5.21 -6.51
N PHE B 117 -14.05 5.89 -6.26
CA PHE B 117 -14.04 7.21 -5.66
C PHE B 117 -13.27 7.14 -4.31
N ASP B 118 -13.59 6.13 -3.48
CA ASP B 118 -13.02 6.01 -2.13
C ASP B 118 -11.53 5.86 -2.13
N HIS B 119 -10.97 5.48 -3.27
CA HIS B 119 -9.57 5.21 -3.37
C HIS B 119 -8.85 6.11 -4.36
N GLU B 120 -9.44 7.27 -4.66
CA GLU B 120 -8.82 8.17 -5.64
C GLU B 120 -7.49 8.73 -5.25
N ARG B 121 -7.27 8.99 -3.97
CA ARG B 121 -6.07 9.75 -3.61
C ARG B 121 -4.88 8.87 -3.36
N ILE B 122 -3.70 9.42 -3.69
CA ILE B 122 -2.40 8.81 -3.44
C ILE B 122 -1.63 9.80 -2.55
N PRO B 123 -0.55 9.33 -1.87
CA PRO B 123 0.15 10.28 -0.99
C PRO B 123 0.70 11.43 -1.84
N GLU B 124 0.63 12.66 -1.35
CA GLU B 124 1.34 13.73 -2.15
C GLU B 124 2.84 13.69 -1.99
N ARG B 125 3.56 14.42 -2.86
CA ARG B 125 5.04 14.44 -2.66
C ARG B 125 5.43 14.98 -1.25
N ILE B 126 6.47 14.40 -0.63
CA ILE B 126 6.97 14.86 0.72
C ILE B 126 7.31 16.34 0.70
N VAL B 127 8.03 16.79 -0.34
CA VAL B 127 8.26 18.23 -0.60
C VAL B 127 7.89 18.49 -2.07
N HIS B 128 7.67 19.78 -2.44
CA HIS B 128 7.21 20.16 -3.77
C HIS B 128 5.87 19.48 -4.14
N ALA B 129 5.01 19.29 -3.16
CA ALA B 129 3.68 18.71 -3.43
C ALA B 129 2.80 19.62 -4.30
N ARG B 130 3.05 20.94 -4.27
CA ARG B 130 2.26 21.88 -5.09
C ARG B 130 3.03 22.14 -6.37
N GLY B 131 2.44 21.81 -7.47
CA GLY B 131 3.16 22.00 -8.76
C GLY B 131 2.27 21.91 -10.03
N SER B 132 2.83 22.48 -11.12
CA SER B 132 2.06 22.73 -12.36
C SER B 132 3.01 22.38 -13.49
N ALA B 133 2.48 21.64 -14.46
CA ALA B 133 3.31 20.90 -15.40
C ALA B 133 2.82 21.06 -16.84
N ALA B 134 3.73 20.96 -17.81
CA ALA B 134 3.37 21.03 -19.22
C ALA B 134 4.33 20.21 -20.03
N HIS B 135 3.89 19.78 -21.20
CA HIS B 135 4.69 19.09 -22.22
C HIS B 135 5.43 20.09 -23.14
N GLY B 136 6.58 19.67 -23.64
CA GLY B 136 7.24 20.56 -24.66
C GLY B 136 8.34 19.81 -25.35
N TYR B 137 9.37 20.55 -25.82
CA TYR B 137 10.50 19.88 -26.53
C TYR B 137 11.74 20.75 -26.31
N PHE B 138 12.87 20.10 -26.44
CA PHE B 138 14.17 20.74 -26.32
C PHE B 138 14.96 20.46 -27.57
N GLN B 139 15.84 21.44 -27.97
CA GLN B 139 16.70 21.20 -29.13
C GLN B 139 17.99 21.93 -28.85
N PRO B 140 19.15 21.31 -29.09
CA PRO B 140 20.43 22.08 -28.89
C PRO B 140 20.68 23.13 -29.97
N TYR B 141 21.59 24.08 -29.65
CA TYR B 141 21.97 25.09 -30.69
C TYR B 141 23.09 24.54 -31.58
N LYS B 142 23.80 23.55 -31.09
CA LYS B 142 24.96 22.96 -31.82
C LYS B 142 25.35 21.61 -31.15
N SER B 143 26.13 20.80 -31.87
CA SER B 143 26.65 19.56 -31.26
C SER B 143 27.58 19.88 -30.11
N LEU B 144 27.35 19.21 -28.97
CA LEU B 144 28.27 19.34 -27.82
C LEU B 144 29.21 18.13 -27.69
N SER B 145 29.41 17.39 -28.77
CA SER B 145 30.17 16.13 -28.66
C SER B 145 31.62 16.33 -28.23
N ASP B 146 32.17 17.55 -28.35
CA ASP B 146 33.54 17.76 -27.87
C ASP B 146 33.63 17.68 -26.35
N ILE B 147 32.54 18.00 -25.66
CA ILE B 147 32.52 18.00 -24.19
C ILE B 147 31.59 16.94 -23.55
N THR B 148 30.61 16.41 -24.31
CA THR B 148 29.79 15.31 -23.74
C THR B 148 29.32 14.39 -24.83
N LYS B 149 29.24 13.12 -24.51
CA LYS B 149 28.67 12.12 -25.39
C LYS B 149 27.12 11.89 -25.19
N ALA B 150 26.48 12.77 -24.43
CA ALA B 150 25.04 12.64 -24.18
C ALA B 150 24.33 12.73 -25.55
N ASP B 151 23.53 11.71 -25.90
CA ASP B 151 23.03 11.64 -27.24
C ASP B 151 22.08 12.85 -27.46
N PHE B 152 21.34 13.30 -26.46
CA PHE B 152 20.39 14.40 -26.67
C PHE B 152 21.06 15.75 -26.99
N LEU B 153 22.37 15.84 -26.75
CA LEU B 153 23.17 17.07 -27.02
C LEU B 153 24.10 16.89 -28.18
N SER B 154 23.90 15.86 -29.01
CA SER B 154 24.88 15.54 -30.06
C SER B 154 24.72 16.27 -31.37
N ASP B 155 23.54 16.81 -31.60
CA ASP B 155 23.18 17.32 -32.93
C ASP B 155 22.08 18.37 -32.76
N PRO B 156 22.20 19.58 -33.39
CA PRO B 156 21.10 20.54 -33.27
C PRO B 156 19.78 20.01 -33.89
N ASN B 157 19.84 19.00 -34.79
CA ASN B 157 18.54 18.54 -35.30
C ASN B 157 17.90 17.48 -34.39
N LYS B 158 18.55 17.12 -33.31
CA LYS B 158 17.95 16.28 -32.27
C LYS B 158 16.89 16.96 -31.36
N ILE B 159 15.64 16.54 -31.56
CA ILE B 159 14.50 17.10 -30.80
C ILE B 159 14.12 16.12 -29.69
N THR B 160 14.16 16.62 -28.45
CA THR B 160 13.94 15.71 -27.26
C THR B 160 12.65 16.21 -26.66
N PRO B 161 11.61 15.34 -26.62
CA PRO B 161 10.40 15.73 -25.86
C PRO B 161 10.78 15.94 -24.40
N VAL B 162 10.10 16.87 -23.73
CA VAL B 162 10.29 17.11 -22.28
C VAL B 162 8.90 17.08 -21.63
N PHE B 163 8.88 16.84 -20.31
CA PHE B 163 7.72 17.17 -19.48
C PHE B 163 8.34 17.90 -18.31
N VAL B 164 7.81 19.09 -18.02
CA VAL B 164 8.37 19.98 -16.98
C VAL B 164 7.36 20.26 -15.90
N ARG B 165 7.76 20.16 -14.63
CA ARG B 165 6.81 20.46 -13.53
C ARG B 165 7.53 21.55 -12.74
N PHE B 166 6.86 22.67 -12.55
CA PHE B 166 7.32 23.73 -11.68
C PHE B 166 6.62 23.59 -10.34
N SER B 167 7.20 24.08 -9.26
CA SER B 167 6.56 23.78 -8.00
C SER B 167 6.95 24.77 -6.92
N THR B 168 6.20 24.85 -5.79
CA THR B 168 6.74 25.41 -4.54
C THR B 168 7.40 24.23 -3.77
N VAL B 169 7.79 24.44 -2.52
CA VAL B 169 8.52 23.42 -1.73
C VAL B 169 7.68 22.98 -0.52
N GLN B 170 7.29 23.97 0.28
CA GLN B 170 6.75 23.64 1.57
C GLN B 170 5.26 23.14 1.55
N GLY B 171 4.40 23.82 0.83
CA GLY B 171 2.96 23.63 1.05
C GLY B 171 2.49 22.34 0.45
N GLY B 172 1.30 21.92 0.89
CA GLY B 172 0.68 20.72 0.35
C GLY B 172 0.17 20.92 -1.10
N ALA B 173 -0.39 19.87 -1.71
CA ALA B 173 -0.81 19.97 -3.10
C ALA B 173 -1.99 20.95 -3.28
N GLY B 174 -2.70 21.23 -2.17
CA GLY B 174 -3.83 22.17 -2.19
C GLY B 174 -3.47 23.53 -1.61
N SER B 175 -2.16 23.82 -1.56
CA SER B 175 -1.69 25.12 -1.03
C SER B 175 -1.68 26.18 -2.15
N ALA B 176 -1.35 27.43 -1.78
CA ALA B 176 -1.44 28.54 -2.75
C ALA B 176 -0.16 28.68 -3.56
N ASP B 177 -0.27 29.35 -4.71
CA ASP B 177 0.84 29.39 -5.61
C ASP B 177 1.83 30.52 -5.28
N THR B 178 1.29 31.71 -4.98
CA THR B 178 2.14 32.97 -4.92
C THR B 178 2.61 33.18 -3.49
N VAL B 179 3.04 32.09 -2.83
CA VAL B 179 3.68 32.14 -1.48
C VAL B 179 5.13 32.68 -1.59
N ARG B 180 5.74 33.12 -0.49
CA ARG B 180 7.22 33.27 -0.51
C ARG B 180 7.90 31.95 -0.17
N ASP B 181 8.64 31.41 -1.13
CA ASP B 181 9.20 30.07 -0.99
C ASP B 181 10.23 29.94 -2.09
N ILE B 182 11.03 28.89 -2.05
CA ILE B 182 11.80 28.46 -3.20
C ILE B 182 10.83 27.84 -4.21
N ARG B 183 11.16 27.90 -5.50
CA ARG B 183 10.39 27.12 -6.49
C ARG B 183 11.23 26.01 -7.06
N GLY B 184 10.59 24.86 -7.30
CA GLY B 184 11.23 23.79 -8.11
C GLY B 184 11.04 23.95 -9.60
N PHE B 185 11.90 23.32 -10.38
CA PHE B 185 11.94 23.45 -11.83
C PHE B 185 12.59 22.12 -12.29
N ALA B 186 11.72 21.14 -12.57
CA ALA B 186 12.09 19.78 -12.86
C ALA B 186 11.72 19.44 -14.32
N THR B 187 12.73 18.94 -15.05
CA THR B 187 12.55 18.62 -16.51
C THR B 187 12.91 17.22 -16.80
N LYS B 188 11.95 16.48 -17.40
CA LYS B 188 12.19 15.08 -17.80
C LYS B 188 12.43 15.16 -19.28
N PHE B 189 13.62 14.71 -19.71
CA PHE B 189 14.09 14.66 -21.11
C PHE B 189 13.95 13.25 -21.52
N TYR B 190 13.07 13.00 -22.43
CA TYR B 190 12.92 11.63 -22.95
C TYR B 190 13.88 11.38 -24.11
N THR B 191 15.09 11.01 -23.74
CA THR B 191 16.17 10.82 -24.75
C THR B 191 16.17 9.45 -25.45
N GLU B 192 16.92 9.35 -26.54
CA GLU B 192 17.07 8.09 -27.23
C GLU B 192 17.96 7.13 -26.44
N GLU B 193 18.65 7.62 -25.40
CA GLU B 193 19.51 6.73 -24.58
C GLU B 193 19.13 6.71 -23.12
N GLY B 194 17.86 7.04 -22.86
CA GLY B 194 17.31 6.97 -21.48
C GLY B 194 16.68 8.29 -21.08
N ILE B 195 15.90 8.24 -20.02
CA ILE B 195 15.35 9.44 -19.33
C ILE B 195 16.45 10.12 -18.57
N PHE B 196 16.60 11.43 -18.86
CA PHE B 196 17.47 12.27 -17.98
C PHE B 196 16.50 13.22 -17.27
N ASP B 197 16.45 13.19 -15.94
CA ASP B 197 15.73 14.22 -15.21
C ASP B 197 16.70 15.27 -14.66
N LEU B 198 16.42 16.54 -15.01
CA LEU B 198 17.25 17.63 -14.46
C LEU B 198 16.32 18.27 -13.46
N VAL B 199 16.57 18.01 -12.18
CA VAL B 199 15.68 18.34 -11.09
C VAL B 199 16.23 19.52 -10.31
N GLY B 200 15.85 20.74 -10.72
CA GLY B 200 16.46 21.95 -10.22
C GLY B 200 15.48 22.79 -9.39
N ASN B 201 16.02 23.92 -8.91
CA ASN B 201 15.18 24.95 -8.27
C ASN B 201 15.36 26.28 -8.99
N ASN B 202 14.67 27.32 -8.52
CA ASN B 202 14.86 28.66 -9.09
C ASN B 202 15.89 29.60 -8.41
N THR B 203 16.71 29.04 -7.51
CA THR B 203 17.85 29.78 -6.95
C THR B 203 19.07 28.88 -7.13
N PRO B 204 20.30 29.46 -7.11
CA PRO B 204 21.44 28.64 -7.56
C PRO B 204 22.13 27.84 -6.41
N ILE B 205 21.58 27.92 -5.20
CA ILE B 205 22.14 27.15 -4.08
C ILE B 205 21.00 26.56 -3.35
N PHE B 206 21.36 25.65 -2.46
CA PHE B 206 20.40 25.17 -1.47
C PHE B 206 20.64 25.68 -0.03
N PHE B 207 19.70 25.38 0.88
CA PHE B 207 19.80 25.83 2.25
C PHE B 207 20.87 25.09 3.06
N ILE B 208 21.13 23.83 2.71
CA ILE B 208 21.97 22.95 3.50
C ILE B 208 23.02 22.25 2.68
N GLN B 209 24.04 21.78 3.38
CA GLN B 209 25.21 21.15 2.83
C GLN B 209 25.15 19.66 2.63
N ASP B 210 24.60 18.94 3.61
CA ASP B 210 24.62 17.48 3.56
C ASP B 210 23.24 16.88 3.70
N ALA B 211 22.95 15.93 2.82
CA ALA B 211 21.63 15.27 2.74
C ALA B 211 21.14 14.80 4.09
N HIS B 212 22.03 14.37 4.97
CA HIS B 212 21.62 13.81 6.28
C HIS B 212 20.80 14.81 7.09
N LYS B 213 20.98 16.11 6.80
CA LYS B 213 20.16 17.08 7.48
C LYS B 213 18.86 17.46 6.76
N PHE B 214 18.58 16.95 5.54
CA PHE B 214 17.35 17.39 4.87
C PHE B 214 16.04 17.21 5.68
N PRO B 215 15.86 16.05 6.40
CA PRO B 215 14.56 15.88 7.17
C PRO B 215 14.53 16.94 8.31
N ASP B 216 15.69 17.32 8.85
CA ASP B 216 15.70 18.36 9.93
C ASP B 216 15.28 19.71 9.32
N PHE B 217 15.95 20.12 8.24
CA PHE B 217 15.61 21.38 7.60
C PHE B 217 14.11 21.36 7.18
N VAL B 218 13.71 20.29 6.45
CA VAL B 218 12.33 20.24 5.92
C VAL B 218 11.31 20.27 7.10
N HIS B 219 11.56 19.52 8.17
CA HIS B 219 10.64 19.55 9.28
C HIS B 219 10.59 20.97 9.87
N ALA B 220 11.73 21.64 9.91
CA ALA B 220 11.75 23.01 10.46
C ALA B 220 10.89 23.97 9.56
N VAL B 221 10.89 23.78 8.24
CA VAL B 221 10.21 24.75 7.42
C VAL B 221 8.74 24.41 7.28
N LYS B 222 8.45 23.14 7.42
CA LYS B 222 7.10 22.61 7.21
C LYS B 222 6.15 23.07 8.36
N PRO B 223 4.81 22.84 8.28
CA PRO B 223 3.94 23.25 9.40
C PRO B 223 4.35 22.54 10.65
N GLU B 224 4.27 23.25 11.76
CA GLU B 224 4.86 22.71 13.01
C GLU B 224 4.00 21.59 13.55
N PRO B 225 4.64 20.60 14.24
CA PRO B 225 4.00 19.28 14.34
C PRO B 225 2.82 19.19 15.31
N HIS B 226 2.76 20.11 16.30
CA HIS B 226 1.63 20.02 17.24
C HIS B 226 0.31 20.35 16.56
N TRP B 227 0.29 21.41 15.76
CA TRP B 227 -1.04 21.95 15.26
C TRP B 227 -1.11 22.12 13.72
N ALA B 228 -0.04 21.67 13.06
CA ALA B 228 0.13 21.77 11.55
C ALA B 228 -0.25 23.15 11.00
N ILE B 229 0.41 24.19 11.58
CA ILE B 229 0.40 25.54 11.03
C ILE B 229 1.86 25.99 10.98
N PRO B 230 2.25 26.75 9.97
CA PRO B 230 1.47 27.37 8.93
C PRO B 230 1.64 26.74 7.58
N GLN B 231 0.63 26.88 6.73
CA GLN B 231 0.69 26.30 5.39
C GLN B 231 1.38 27.25 4.39
N GLY B 232 2.34 26.76 3.62
CA GLY B 232 2.90 27.57 2.51
C GLY B 232 3.65 28.81 3.00
N GLN B 233 4.16 28.79 4.24
CA GLN B 233 4.78 29.95 4.87
C GLN B 233 6.00 29.56 5.65
N ILE B 234 7.12 30.29 5.47
CA ILE B 234 8.37 30.04 6.21
C ILE B 234 8.36 30.93 7.48
N ALA B 235 7.35 31.84 7.57
CA ALA B 235 7.32 32.83 8.68
C ALA B 235 6.82 32.17 9.96
N HIS B 236 7.68 31.34 10.56
CA HIS B 236 7.33 30.75 11.81
C HIS B 236 8.55 30.37 12.59
N ASP B 237 8.36 30.17 13.89
CA ASP B 237 9.48 30.02 14.79
C ASP B 237 10.44 28.88 14.38
N THR B 238 9.96 27.70 14.02
CA THR B 238 10.88 26.57 13.87
C THR B 238 11.80 26.79 12.66
N PHE B 239 11.28 27.40 11.59
CA PHE B 239 12.16 27.73 10.46
C PHE B 239 13.32 28.66 10.87
N TRP B 240 12.97 29.76 11.49
CA TRP B 240 13.96 30.74 11.94
C TRP B 240 14.82 30.23 13.09
N ASP B 241 14.31 29.31 13.89
CA ASP B 241 15.15 28.65 14.92
C ASP B 241 16.27 27.91 14.20
N TYR B 242 15.90 27.08 13.21
CA TYR B 242 16.87 26.29 12.48
C TYR B 242 17.87 27.22 11.79
N VAL B 243 17.38 28.23 11.03
CA VAL B 243 18.30 29.15 10.34
C VAL B 243 19.35 29.75 11.30
N SER B 244 18.86 30.30 12.43
CA SER B 244 19.71 30.93 13.39
C SER B 244 20.78 30.04 13.96
N LEU B 245 20.51 28.73 13.98
CA LEU B 245 21.46 27.70 14.49
C LEU B 245 22.35 27.05 13.43
N GLN B 246 22.11 27.36 12.18
CA GLN B 246 22.75 26.70 11.01
C GLN B 246 23.05 27.77 9.98
N PRO B 247 24.14 28.54 10.20
CA PRO B 247 24.51 29.61 9.28
C PRO B 247 24.68 29.21 7.82
N GLU B 248 24.93 27.93 7.55
CA GLU B 248 25.02 27.49 6.14
C GLU B 248 23.73 27.83 5.35
N THR B 249 22.62 27.98 6.08
CA THR B 249 21.33 28.36 5.41
C THR B 249 21.27 29.79 4.87
N LEU B 250 22.16 30.68 5.34
CA LEU B 250 21.90 32.10 5.20
C LEU B 250 21.89 32.53 3.74
N HIS B 251 22.66 31.82 2.92
CA HIS B 251 22.70 32.23 1.55
C HIS B 251 21.34 31.99 0.88
N ASN B 252 20.79 30.76 0.93
CA ASN B 252 19.49 30.60 0.29
C ASN B 252 18.41 31.41 1.06
N VAL B 253 18.59 31.66 2.37
CA VAL B 253 17.61 32.46 3.08
C VAL B 253 17.63 33.88 2.47
N MET B 254 18.84 34.42 2.13
CA MET B 254 18.84 35.71 1.39
C MET B 254 18.00 35.71 0.13
N TRP B 255 18.22 34.69 -0.72
CA TRP B 255 17.42 34.54 -1.92
C TRP B 255 15.93 34.48 -1.61
N ALA B 256 15.52 33.66 -0.64
CA ALA B 256 14.07 33.56 -0.35
C ALA B 256 13.51 34.86 0.20
N MET B 257 14.33 35.67 0.93
CA MET B 257 13.86 36.96 1.43
C MET B 257 13.76 38.07 0.37
N SER B 258 14.54 37.97 -0.66
CA SER B 258 14.39 38.79 -1.84
C SER B 258 13.14 38.48 -2.66
N ASP B 259 12.90 39.33 -3.63
CA ASP B 259 11.74 39.11 -4.50
C ASP B 259 11.90 37.86 -5.34
N ARG B 260 13.10 37.27 -5.31
CA ARG B 260 13.26 35.91 -5.89
C ARG B 260 12.19 34.95 -5.36
N GLY B 261 11.81 35.13 -4.09
CA GLY B 261 10.93 34.22 -3.36
C GLY B 261 9.47 34.31 -3.86
N ILE B 262 9.16 35.30 -4.70
CA ILE B 262 7.75 35.57 -5.12
C ILE B 262 7.69 35.87 -6.59
N PRO B 263 8.01 34.88 -7.44
CA PRO B 263 7.93 35.16 -8.88
C PRO B 263 6.55 35.57 -9.42
N ARG B 264 6.60 36.40 -10.45
CA ARG B 264 5.44 36.80 -11.18
C ARG B 264 4.77 35.60 -11.87
N SER B 265 5.62 34.66 -12.31
CA SER B 265 5.20 33.57 -13.22
C SER B 265 6.34 32.53 -13.22
N TYR B 266 6.03 31.26 -13.34
CA TYR B 266 7.09 30.28 -13.66
C TYR B 266 7.79 30.62 -14.99
N ARG B 267 7.17 31.45 -15.82
CA ARG B 267 7.87 31.82 -17.06
C ARG B 267 8.93 32.90 -16.89
N THR B 268 8.85 33.58 -15.76
CA THR B 268 9.71 34.72 -15.50
C THR B 268 10.62 34.50 -14.27
N MET B 269 11.14 33.28 -14.12
CA MET B 269 12.16 32.97 -13.10
C MET B 269 13.26 32.13 -13.75
N GLU B 270 14.42 32.20 -13.15
CA GLU B 270 15.54 31.32 -13.54
C GLU B 270 15.42 29.93 -12.97
N GLY B 271 16.18 29.00 -13.56
CA GLY B 271 16.33 27.64 -12.98
C GLY B 271 17.76 27.30 -12.90
N PHE B 272 18.05 26.38 -11.96
CA PHE B 272 19.43 25.97 -11.68
C PHE B 272 19.43 24.51 -11.26
N GLY B 273 20.44 23.76 -11.70
CA GLY B 273 20.67 22.38 -11.16
C GLY B 273 21.24 22.39 -9.76
N ILE B 274 21.81 23.54 -9.40
CA ILE B 274 22.51 23.76 -8.09
C ILE B 274 23.82 22.98 -7.96
N HIS B 275 23.81 21.64 -8.03
CA HIS B 275 25.07 20.91 -7.92
C HIS B 275 26.02 20.99 -9.09
N THR B 276 27.32 20.94 -8.76
CA THR B 276 28.27 20.59 -9.77
C THR B 276 28.08 19.14 -10.18
N PHE B 277 27.85 18.91 -11.47
CA PHE B 277 27.87 17.57 -12.06
C PHE B 277 29.07 17.41 -12.98
N ARG B 278 29.14 16.31 -13.75
CA ARG B 278 30.15 16.11 -14.76
C ARG B 278 29.52 15.90 -16.13
N LEU B 279 30.12 16.53 -17.14
CA LEU B 279 29.95 16.04 -18.48
C LEU B 279 31.13 15.10 -18.79
N ILE B 280 30.87 14.08 -19.61
CA ILE B 280 31.91 13.08 -19.97
C ILE B 280 31.86 12.92 -21.47
N ASN B 281 33.01 13.08 -22.13
CA ASN B 281 33.01 12.98 -23.59
C ASN B 281 33.47 11.61 -24.08
N ALA B 282 33.58 11.44 -25.37
CA ALA B 282 33.84 10.13 -25.94
C ALA B 282 35.22 9.70 -25.55
N GLU B 283 36.14 10.64 -25.45
CA GLU B 283 37.47 10.31 -24.82
C GLU B 283 37.56 9.93 -23.39
N GLY B 284 36.47 10.07 -22.62
CA GLY B 284 36.50 9.79 -21.20
C GLY B 284 36.90 11.02 -20.37
N LYS B 285 37.09 12.17 -21.00
CA LYS B 285 37.47 13.39 -20.26
C LYS B 285 36.25 13.96 -19.55
N ALA B 286 36.43 14.33 -18.27
CA ALA B 286 35.37 14.88 -17.43
C ALA B 286 35.52 16.42 -17.31
N THR B 287 34.44 17.14 -17.58
CA THR B 287 34.34 18.57 -17.34
C THR B 287 33.32 18.78 -16.22
N PHE B 288 33.62 19.61 -15.23
CA PHE B 288 32.61 20.00 -14.24
C PHE B 288 31.60 20.94 -14.87
N VAL B 289 30.32 20.74 -14.51
CA VAL B 289 29.26 21.58 -15.10
C VAL B 289 28.23 22.00 -14.01
N ARG B 290 27.74 23.22 -14.09
CA ARG B 290 26.51 23.55 -13.43
C ARG B 290 25.49 23.93 -14.45
N PHE B 291 24.25 23.47 -14.25
CA PHE B 291 23.16 23.74 -15.18
C PHE B 291 22.35 24.95 -14.83
N HIS B 292 21.85 25.66 -15.88
CA HIS B 292 21.03 26.86 -15.74
C HIS B 292 19.93 26.83 -16.75
N TRP B 293 18.80 27.43 -16.39
CA TRP B 293 17.78 27.75 -17.35
C TRP B 293 17.56 29.25 -17.26
N LYS B 294 17.52 29.93 -18.42
CA LYS B 294 17.41 31.36 -18.52
C LYS B 294 16.06 31.59 -19.23
N PRO B 295 15.13 32.32 -18.62
CA PRO B 295 13.75 32.50 -19.11
C PRO B 295 13.80 33.47 -20.25
N LEU B 296 13.33 33.08 -21.39
CA LEU B 296 13.32 34.07 -22.49
C LEU B 296 12.29 35.20 -22.36
N ALA B 297 11.33 35.03 -21.46
CA ALA B 297 10.40 36.06 -21.11
C ALA B 297 11.03 37.03 -20.06
N GLY B 298 12.29 36.82 -19.63
CA GLY B 298 12.91 37.75 -18.70
C GLY B 298 12.59 37.36 -17.24
N LYS B 299 13.19 38.08 -16.28
CA LYS B 299 13.01 37.78 -14.85
C LYS B 299 12.02 38.79 -14.31
N ALA B 300 11.06 38.33 -13.51
CA ALA B 300 10.08 39.25 -12.95
C ALA B 300 9.43 38.67 -11.71
N SER B 301 9.27 39.49 -10.64
CA SER B 301 8.63 39.04 -9.41
C SER B 301 7.58 40.01 -8.96
N LEU B 302 6.67 39.49 -8.13
CA LEU B 302 5.67 40.29 -7.48
C LEU B 302 6.38 41.10 -6.39
N VAL B 303 5.62 41.94 -5.69
CA VAL B 303 5.99 42.51 -4.37
C VAL B 303 5.19 41.76 -3.30
N TRP B 304 5.70 41.81 -2.07
CA TRP B 304 5.17 41.00 -0.98
C TRP B 304 3.69 41.16 -0.68
N ASP B 305 3.24 42.42 -0.53
CA ASP B 305 1.84 42.64 -0.23
C ASP B 305 0.95 42.02 -1.33
N GLU B 306 1.39 42.16 -2.59
CA GLU B 306 0.60 41.70 -3.78
C GLU B 306 0.57 40.18 -3.81
N ALA B 307 1.73 39.58 -3.59
CA ALA B 307 1.81 38.11 -3.54
C ALA B 307 0.95 37.50 -2.40
N GLN B 308 1.05 38.04 -1.19
CA GLN B 308 0.29 37.54 -0.08
C GLN B 308 -1.20 37.71 -0.33
N LYS B 309 -1.61 38.89 -0.76
CA LYS B 309 -3.03 39.08 -1.07
C LYS B 309 -3.49 38.14 -2.22
N LEU B 310 -2.61 37.91 -3.19
CA LEU B 310 -2.92 37.03 -4.32
C LEU B 310 -3.14 35.53 -3.91
N THR B 311 -2.55 35.11 -2.79
CA THR B 311 -2.84 33.74 -2.31
C THR B 311 -4.30 33.62 -1.87
N GLY B 312 -4.89 34.72 -1.43
CA GLY B 312 -6.34 34.79 -1.13
C GLY B 312 -7.20 35.02 -2.35
N ARG B 313 -6.86 35.99 -3.21
CA ARG B 313 -7.74 36.24 -4.34
C ARG B 313 -7.68 35.14 -5.40
N ASP B 314 -6.52 34.51 -5.60
CA ASP B 314 -6.44 33.42 -6.61
C ASP B 314 -5.28 32.51 -6.21
N PRO B 315 -5.53 31.52 -5.33
CA PRO B 315 -4.40 30.66 -4.90
C PRO B 315 -3.87 29.78 -6.04
N ASP B 316 -4.58 29.79 -7.17
CA ASP B 316 -4.12 29.05 -8.35
C ASP B 316 -3.49 29.89 -9.42
N PHE B 317 -3.06 31.12 -9.06
CA PHE B 317 -2.56 32.13 -10.05
C PHE B 317 -1.44 31.63 -10.98
N HIS B 318 -0.41 30.94 -10.43
CA HIS B 318 0.69 30.50 -11.29
C HIS B 318 0.28 29.33 -12.16
N ARG B 319 -0.44 28.38 -11.56
CA ARG B 319 -0.97 27.24 -12.34
C ARG B 319 -1.88 27.74 -13.50
N ARG B 320 -2.74 28.70 -13.21
CA ARG B 320 -3.63 29.28 -14.21
C ARG B 320 -2.85 29.93 -15.33
N GLU B 321 -1.84 30.71 -14.95
CA GLU B 321 -1.22 31.58 -15.91
C GLU B 321 -0.29 30.80 -16.81
N LEU B 322 0.35 29.73 -16.27
CA LEU B 322 1.09 28.76 -17.10
C LEU B 322 0.14 28.08 -18.13
N TRP B 323 -0.98 27.52 -17.65
CA TRP B 323 -1.92 26.85 -18.52
C TRP B 323 -2.41 27.79 -19.64
N GLU B 324 -2.75 29.02 -19.22
CA GLU B 324 -3.34 29.98 -20.16
C GLU B 324 -2.30 30.54 -21.14
N ALA B 325 -1.02 30.71 -20.72
CA ALA B 325 0.07 31.16 -21.63
C ALA B 325 0.19 30.13 -22.74
N ILE B 326 0.15 28.86 -22.35
CA ILE B 326 0.30 27.80 -23.37
C ILE B 326 -0.88 27.75 -24.32
N GLU B 327 -2.08 27.88 -23.77
CA GLU B 327 -3.32 27.97 -24.59
C GLU B 327 -3.33 29.11 -25.57
N ALA B 328 -2.68 30.23 -25.20
CA ALA B 328 -2.67 31.46 -25.98
C ALA B 328 -1.57 31.43 -27.02
N GLY B 329 -0.68 30.44 -26.97
CA GLY B 329 0.57 30.47 -27.72
C GLY B 329 1.74 31.29 -27.18
N ASP B 330 1.64 31.72 -25.91
CA ASP B 330 2.75 32.39 -25.21
C ASP B 330 3.62 31.32 -24.61
N PHE B 331 4.11 30.38 -25.44
CA PHE B 331 4.85 29.23 -24.89
C PHE B 331 5.99 29.60 -23.98
N PRO B 332 6.05 29.03 -22.75
CA PRO B 332 7.20 29.24 -21.88
C PRO B 332 8.47 28.80 -22.61
N GLU B 333 9.46 29.70 -22.78
CA GLU B 333 10.72 29.30 -23.42
C GLU B 333 11.89 29.60 -22.46
N TYR B 334 12.84 28.67 -22.39
CA TYR B 334 14.05 28.80 -21.58
C TYR B 334 15.26 28.30 -22.35
N GLU B 335 16.39 28.96 -22.12
CA GLU B 335 17.63 28.57 -22.74
C GLU B 335 18.39 27.76 -21.70
N LEU B 336 18.83 26.56 -22.10
CA LEU B 336 19.66 25.71 -21.23
C LEU B 336 21.07 26.31 -21.30
N GLY B 337 21.71 26.45 -20.14
CA GLY B 337 23.06 27.04 -20.11
C GLY B 337 23.93 26.20 -19.22
N PHE B 338 25.23 26.09 -19.59
CA PHE B 338 26.18 25.36 -18.79
C PHE B 338 27.32 26.31 -18.29
N GLN B 339 27.58 26.31 -16.98
CA GLN B 339 28.88 26.86 -16.47
C GLN B 339 29.85 25.69 -16.51
N LEU B 340 31.00 25.80 -17.20
CA LEU B 340 31.93 24.66 -17.41
C LEU B 340 33.28 25.00 -16.80
N ILE B 341 33.74 24.10 -15.93
CA ILE B 341 35.00 24.25 -15.17
C ILE B 341 35.87 23.05 -15.49
N PRO B 342 37.09 23.28 -16.00
CA PRO B 342 37.95 22.12 -16.29
C PRO B 342 38.26 21.36 -14.99
N GLU B 343 38.65 20.09 -15.10
CA GLU B 343 38.93 19.31 -13.91
C GLU B 343 40.12 19.87 -13.14
N GLU B 344 41.12 20.39 -13.86
CA GLU B 344 42.29 20.96 -13.17
C GLU B 344 41.93 22.25 -12.45
N ASP B 345 40.74 22.80 -12.67
CA ASP B 345 40.41 24.01 -11.99
C ASP B 345 39.58 23.83 -10.71
N GLU B 346 39.49 22.58 -10.21
CA GLU B 346 38.64 22.22 -9.06
C GLU B 346 38.89 23.14 -7.89
N PHE B 347 40.16 23.45 -7.65
CA PHE B 347 40.52 24.23 -6.43
C PHE B 347 40.87 25.67 -6.70
N LYS B 348 40.43 26.19 -7.83
CA LYS B 348 40.79 27.58 -8.15
C LYS B 348 39.93 28.68 -7.52
N PHE B 349 38.83 28.34 -6.86
CA PHE B 349 38.01 29.39 -6.28
C PHE B 349 38.15 29.44 -4.76
N ASP B 350 37.63 30.47 -4.11
CA ASP B 350 37.81 30.46 -2.64
C ASP B 350 36.63 29.80 -1.95
N PHE B 351 35.78 29.11 -2.71
CA PHE B 351 34.70 28.28 -2.13
C PHE B 351 34.88 26.90 -2.81
N ASP B 352 34.25 25.87 -2.23
CA ASP B 352 34.32 24.53 -2.77
C ASP B 352 33.25 24.29 -3.86
N LEU B 353 33.65 23.76 -5.02
CA LEU B 353 32.66 23.51 -6.10
C LEU B 353 31.60 22.49 -5.71
N LEU B 354 31.92 21.63 -4.74
CA LEU B 354 31.02 20.57 -4.28
C LEU B 354 30.09 21.07 -3.20
N ASP B 355 30.15 22.37 -2.85
CA ASP B 355 29.35 22.91 -1.73
C ASP B 355 28.11 23.56 -2.28
N PRO B 356 26.95 22.91 -2.09
CA PRO B 356 25.71 23.40 -2.81
C PRO B 356 25.11 24.65 -2.11
N THR B 357 25.74 25.22 -1.06
CA THR B 357 25.36 26.50 -0.55
C THR B 357 26.17 27.66 -1.22
N LYS B 358 27.02 27.33 -2.20
CA LYS B 358 27.91 28.31 -2.87
C LYS B 358 27.42 28.38 -4.28
N LEU B 359 27.34 29.59 -4.84
CA LEU B 359 27.06 29.75 -6.30
C LEU B 359 28.38 29.98 -7.04
N ILE B 360 28.37 29.74 -8.35
CA ILE B 360 29.52 30.12 -9.19
C ILE B 360 29.17 31.45 -9.84
N PRO B 361 29.85 32.55 -9.47
CA PRO B 361 29.40 33.84 -10.08
C PRO B 361 29.64 33.81 -11.57
N GLU B 362 28.68 34.30 -12.37
CA GLU B 362 28.80 34.25 -13.84
C GLU B 362 29.90 35.21 -14.24
N GLU B 363 30.27 36.18 -13.39
CA GLU B 363 31.50 37.01 -13.73
C GLU B 363 32.76 36.17 -13.76
N LEU B 364 32.79 35.08 -12.98
CA LEU B 364 33.95 34.21 -12.96
C LEU B 364 33.87 33.10 -14.03
N VAL B 365 32.69 32.48 -14.20
CA VAL B 365 32.55 31.36 -15.13
C VAL B 365 31.29 31.63 -15.90
N PRO B 366 31.41 32.07 -17.15
CA PRO B 366 30.18 32.47 -17.83
C PRO B 366 29.28 31.28 -18.16
N VAL B 367 27.99 31.55 -18.31
CA VAL B 367 27.01 30.55 -18.76
C VAL B 367 27.06 30.44 -20.27
N GLN B 368 27.48 29.27 -20.79
CA GLN B 368 27.43 28.95 -22.19
C GLN B 368 25.98 28.55 -22.56
N ARG B 369 25.44 29.23 -23.55
CA ARG B 369 24.08 29.00 -24.02
C ARG B 369 24.10 27.79 -24.94
N VAL B 370 23.34 26.75 -24.57
CA VAL B 370 23.49 25.45 -25.21
C VAL B 370 22.24 24.94 -25.98
N GLY B 371 21.03 25.39 -25.61
CA GLY B 371 19.86 24.96 -26.34
C GLY B 371 18.64 25.69 -25.87
N LYS B 372 17.52 25.34 -26.44
CA LYS B 372 16.28 26.02 -26.06
C LYS B 372 15.17 25.00 -25.82
N MET B 373 14.37 25.21 -24.77
CA MET B 373 13.26 24.31 -24.45
C MET B 373 12.00 25.17 -24.60
N VAL B 374 10.93 24.63 -25.25
CA VAL B 374 9.66 25.32 -25.49
C VAL B 374 8.57 24.43 -24.85
N LEU B 375 7.76 24.99 -23.98
CA LEU B 375 6.65 24.23 -23.37
C LEU B 375 5.42 24.60 -24.15
N ASN B 376 4.84 23.68 -24.91
CA ASN B 376 3.81 24.06 -25.85
C ASN B 376 2.55 23.23 -25.74
N ARG B 377 2.37 22.40 -24.70
CA ARG B 377 1.10 21.67 -24.62
C ARG B 377 0.77 21.29 -23.19
N ASN B 378 -0.43 21.65 -22.75
CA ASN B 378 -0.87 21.25 -21.44
C ASN B 378 -1.26 19.79 -21.37
N PRO B 379 -1.31 19.23 -20.14
CA PRO B 379 -1.70 17.83 -20.09
C PRO B 379 -3.18 17.66 -20.45
N ASP B 380 -3.60 16.43 -20.55
CA ASP B 380 -5.01 16.09 -20.58
C ASP B 380 -5.63 15.91 -19.23
N ASN B 381 -4.91 15.21 -18.36
CA ASN B 381 -5.49 14.84 -17.10
C ASN B 381 -4.44 15.14 -16.03
N PHE B 382 -4.74 16.13 -15.19
CA PHE B 382 -3.74 16.59 -14.21
C PHE B 382 -3.23 15.46 -13.32
N PHE B 383 -4.13 14.61 -12.81
CA PHE B 383 -3.69 13.56 -11.91
C PHE B 383 -2.80 12.57 -12.62
N ALA B 384 -3.26 12.07 -13.76
CA ALA B 384 -2.55 10.94 -14.39
C ALA B 384 -1.18 11.41 -14.88
N GLU B 385 -1.06 12.66 -15.41
CA GLU B 385 0.25 13.12 -15.99
C GLU B 385 1.10 13.98 -15.03
N ASN B 386 0.46 14.89 -14.27
CA ASN B 386 1.26 15.76 -13.35
C ASN B 386 1.36 15.05 -12.00
N GLU B 387 0.26 14.76 -11.33
CA GLU B 387 0.40 14.18 -9.97
C GLU B 387 1.30 12.91 -9.97
N GLN B 388 1.15 12.03 -10.95
CA GLN B 388 1.89 10.78 -11.00
C GLN B 388 3.27 10.84 -11.60
N ALA B 389 3.67 12.00 -12.17
CA ALA B 389 5.06 12.13 -12.72
C ALA B 389 6.07 11.91 -11.62
N ALA B 390 7.19 11.22 -11.95
CA ALA B 390 8.25 11.02 -10.95
C ALA B 390 9.58 11.49 -11.52
N PHE B 391 10.14 12.53 -10.95
CA PHE B 391 11.43 13.04 -11.42
C PHE B 391 12.47 12.61 -10.40
N HIS B 392 13.71 12.36 -10.86
CA HIS B 392 14.76 12.01 -9.89
C HIS B 392 16.12 12.36 -10.44
N PRO B 393 16.96 13.09 -9.66
CA PRO B 393 18.21 13.56 -10.25
C PRO B 393 19.21 12.42 -10.59
N GLY B 394 19.04 11.23 -9.99
CA GLY B 394 19.89 10.12 -10.34
C GLY B 394 19.54 9.53 -11.69
N HIS B 395 18.47 10.04 -12.35
CA HIS B 395 18.13 9.55 -13.74
C HIS B 395 19.01 10.31 -14.72
N ILE B 396 20.26 9.86 -14.86
CA ILE B 396 21.17 10.46 -15.82
C ILE B 396 21.40 9.47 -16.99
N VAL B 397 22.19 9.91 -17.96
CA VAL B 397 22.44 9.06 -19.16
C VAL B 397 23.93 9.12 -19.47
N PRO B 398 24.41 8.19 -20.30
CA PRO B 398 25.86 8.22 -20.59
C PRO B 398 26.24 9.57 -21.19
N GLY B 399 27.39 10.11 -20.75
CA GLY B 399 27.76 11.45 -21.13
C GLY B 399 27.58 12.45 -19.95
N LEU B 400 26.94 12.02 -18.87
CA LEU B 400 26.72 12.85 -17.64
C LEU B 400 27.21 11.99 -16.48
N ASP B 401 27.69 12.59 -15.39
CA ASP B 401 28.00 11.82 -14.22
C ASP B 401 27.82 12.75 -13.00
N PHE B 402 27.92 12.21 -11.79
CA PHE B 402 27.75 12.91 -10.52
C PHE B 402 29.04 13.51 -10.01
N THR B 403 28.97 14.21 -8.89
CA THR B 403 30.18 14.53 -8.12
C THR B 403 29.91 14.10 -6.71
N ASN B 404 30.91 14.28 -5.85
CA ASN B 404 30.75 14.05 -4.43
C ASN B 404 30.00 15.09 -3.59
N ASP B 405 29.33 16.05 -4.21
CA ASP B 405 28.51 17.01 -3.50
C ASP B 405 27.63 16.20 -2.54
N PRO B 406 27.80 16.44 -1.19
CA PRO B 406 27.19 15.50 -0.19
C PRO B 406 25.67 15.72 -0.07
N LEU B 407 25.15 16.83 -0.63
CA LEU B 407 23.68 16.95 -0.74
C LEU B 407 23.14 16.10 -1.93
N LEU B 408 23.77 16.28 -3.10
CA LEU B 408 23.40 15.46 -4.27
C LEU B 408 23.54 13.99 -3.93
N GLN B 409 24.66 13.60 -3.30
CA GLN B 409 24.92 12.20 -3.00
C GLN B 409 23.71 11.54 -2.29
N GLY B 410 23.14 12.21 -1.30
CA GLY B 410 22.02 11.59 -0.58
C GLY B 410 20.71 11.72 -1.33
N ARG B 411 20.56 12.77 -2.15
CA ARG B 411 19.37 12.82 -3.04
C ARG B 411 19.25 11.55 -3.80
N LEU B 412 20.38 11.02 -4.26
CA LEU B 412 20.36 9.85 -5.19
C LEU B 412 19.59 8.70 -4.50
N PHE B 413 19.68 8.59 -3.17
CA PHE B 413 18.94 7.53 -2.49
C PHE B 413 17.43 7.86 -2.45
N SER B 414 17.11 9.12 -2.13
CA SER B 414 15.75 9.49 -1.76
C SER B 414 14.73 9.35 -2.88
N TYR B 415 15.06 9.79 -4.10
CA TYR B 415 14.05 9.92 -5.09
C TYR B 415 13.59 8.51 -5.56
N THR B 416 14.41 7.43 -5.52
CA THR B 416 13.88 6.10 -5.91
C THR B 416 13.04 5.52 -4.69
N ASP B 417 13.55 5.73 -3.48
CA ASP B 417 12.85 5.26 -2.29
C ASP B 417 11.44 5.84 -2.18
N THR B 418 11.32 7.16 -2.31
CA THR B 418 10.01 7.81 -2.02
C THR B 418 8.90 7.29 -2.97
N GLN B 419 9.29 6.85 -4.18
CA GLN B 419 8.30 6.48 -5.22
C GLN B 419 7.63 5.16 -4.86
N ILE B 420 8.30 4.38 -4.00
CA ILE B 420 7.75 3.12 -3.66
C ILE B 420 6.43 3.21 -2.91
N SER B 421 6.26 4.19 -2.03
CA SER B 421 4.95 4.37 -1.37
C SER B 421 4.13 5.38 -2.17
N ARG B 422 4.78 6.47 -2.64
CA ARG B 422 3.96 7.49 -3.35
C ARG B 422 3.20 6.97 -4.56
N LEU B 423 3.89 6.15 -5.35
CA LEU B 423 3.32 5.57 -6.60
C LEU B 423 3.05 4.09 -6.54
N GLY B 424 3.09 3.53 -5.35
CA GLY B 424 2.46 2.22 -5.12
C GLY B 424 3.41 1.02 -5.34
N GLY B 425 4.66 1.26 -5.74
CA GLY B 425 5.60 0.13 -5.95
C GLY B 425 6.65 0.45 -6.99
N PRO B 426 7.38 -0.59 -7.39
CA PRO B 426 8.60 -0.40 -8.16
C PRO B 426 8.38 -0.33 -9.68
N ASN B 427 7.13 -0.43 -10.11
CA ASN B 427 6.78 -0.29 -11.54
C ASN B 427 6.30 1.10 -11.90
N PHE B 428 6.71 2.11 -11.13
CA PHE B 428 6.32 3.45 -11.43
C PHE B 428 6.80 3.99 -12.82
N HIS B 429 7.84 3.37 -13.38
CA HIS B 429 8.30 3.74 -14.71
C HIS B 429 7.32 3.24 -15.77
N GLU B 430 6.36 2.34 -15.43
CA GLU B 430 5.34 1.90 -16.38
C GLU B 430 4.10 2.85 -16.40
N ILE B 431 4.01 3.73 -15.41
CA ILE B 431 2.94 4.71 -15.44
C ILE B 431 3.19 5.61 -16.70
N PRO B 432 2.19 5.79 -17.57
CA PRO B 432 2.45 6.35 -18.88
C PRO B 432 3.35 7.53 -18.89
N ILE B 433 3.09 8.54 -18.06
CA ILE B 433 3.91 9.81 -18.21
C ILE B 433 5.38 9.48 -17.96
N ASN B 434 5.66 8.47 -17.15
CA ASN B 434 7.05 8.20 -16.80
C ASN B 434 7.76 7.27 -17.73
N ARG B 435 7.08 6.71 -18.72
CA ARG B 435 7.71 5.69 -19.55
C ARG B 435 8.81 6.31 -20.40
N PRO B 436 9.96 5.66 -20.53
CA PRO B 436 10.93 6.08 -21.56
C PRO B 436 10.30 5.88 -22.96
N THR B 437 10.78 6.69 -23.91
CA THR B 437 10.30 6.50 -25.25
C THR B 437 11.31 5.64 -26.06
N CYS B 438 12.50 5.40 -25.49
CA CYS B 438 13.52 4.56 -26.10
C CYS B 438 13.29 3.13 -25.54
N PRO B 439 13.98 2.16 -26.09
CA PRO B 439 13.80 0.80 -25.56
C PRO B 439 14.23 0.59 -24.14
N TYR B 440 13.57 -0.37 -23.50
CA TYR B 440 14.02 -0.77 -22.16
C TYR B 440 13.72 -2.24 -21.97
N HIS B 441 14.75 -3.00 -21.64
CA HIS B 441 14.65 -4.45 -21.48
C HIS B 441 15.60 -4.86 -20.36
N ASN B 442 15.17 -5.72 -19.46
CA ASN B 442 16.09 -6.23 -18.46
C ASN B 442 15.45 -7.47 -17.78
N PHE B 443 16.04 -7.87 -16.68
CA PHE B 443 15.62 -9.10 -16.06
C PHE B 443 14.75 -8.90 -14.82
N GLN B 444 14.33 -7.67 -14.59
CA GLN B 444 13.49 -7.34 -13.41
C GLN B 444 12.07 -7.83 -13.71
N ARG B 445 11.43 -8.39 -12.70
CA ARG B 445 10.06 -8.92 -12.93
C ARG B 445 9.17 -8.59 -11.73
N ASP B 446 7.89 -8.80 -11.98
CA ASP B 446 6.77 -8.66 -10.96
C ASP B 446 6.68 -7.27 -10.30
N GLY B 447 6.30 -7.23 -9.03
CA GLY B 447 5.97 -5.96 -8.32
C GLY B 447 4.54 -5.61 -8.54
N MET B 448 3.97 -4.84 -7.59
CA MET B 448 2.61 -4.41 -7.77
C MET B 448 2.34 -3.69 -9.11
N HIS B 449 1.17 -4.00 -9.65
CA HIS B 449 0.64 -3.49 -10.90
C HIS B 449 1.68 -3.50 -12.03
N ARG B 450 2.19 -4.68 -12.22
CA ARG B 450 3.12 -4.92 -13.34
C ARG B 450 2.33 -4.89 -14.65
N MET B 451 2.68 -4.01 -15.58
CA MET B 451 2.09 -3.90 -16.87
C MET B 451 2.79 -4.79 -17.94
N GLY B 452 4.12 -4.69 -18.02
CA GLY B 452 4.86 -5.46 -19.04
C GLY B 452 4.80 -6.93 -18.81
N ILE B 453 4.50 -7.65 -19.88
CA ILE B 453 4.41 -9.09 -19.81
C ILE B 453 5.67 -9.59 -20.61
N ASP B 454 6.65 -10.03 -19.84
CA ASP B 454 7.93 -10.51 -20.37
C ASP B 454 7.81 -11.85 -20.99
N THR B 455 8.30 -11.97 -22.23
CA THR B 455 8.29 -13.27 -22.89
C THR B 455 9.65 -14.00 -22.77
N ASN B 456 10.67 -13.33 -22.25
CA ASN B 456 11.97 -13.90 -22.19
C ASN B 456 11.89 -15.18 -21.33
N PRO B 457 12.40 -16.30 -21.88
CA PRO B 457 12.53 -17.54 -21.12
C PRO B 457 13.39 -17.29 -19.88
N ALA B 458 14.36 -16.43 -20.00
CA ALA B 458 15.26 -16.15 -18.89
C ALA B 458 14.83 -14.92 -18.12
N ASN B 459 14.92 -15.00 -16.77
CA ASN B 459 14.78 -13.83 -15.93
C ASN B 459 16.09 -13.51 -15.10
N TYR B 460 17.21 -14.00 -15.62
CA TYR B 460 18.47 -13.83 -14.94
C TYR B 460 19.54 -13.73 -16.04
N GLU B 461 20.67 -13.18 -15.69
CA GLU B 461 21.88 -13.34 -16.52
C GLU B 461 23.06 -13.57 -15.57
N PRO B 462 24.09 -14.29 -16.01
CA PRO B 462 24.19 -14.80 -17.38
C PRO B 462 23.22 -15.98 -17.62
N ASN B 463 22.71 -16.11 -18.85
CA ASN B 463 21.82 -17.22 -19.17
C ASN B 463 22.26 -17.79 -20.50
N SER B 464 22.03 -19.05 -20.66
CA SER B 464 22.20 -19.69 -22.01
C SER B 464 20.89 -19.84 -22.71
N ILE B 465 19.79 -19.92 -21.93
CA ILE B 465 18.50 -20.36 -22.47
C ILE B 465 17.86 -19.30 -23.38
N ASN B 466 18.29 -18.04 -23.25
CA ASN B 466 17.91 -16.99 -24.23
C ASN B 466 19.19 -16.38 -24.86
N ASP B 467 20.24 -17.21 -25.02
CA ASP B 467 21.53 -16.71 -25.55
C ASP B 467 22.00 -15.40 -24.88
N ASN B 468 21.74 -15.32 -23.59
CA ASN B 468 22.11 -14.20 -22.71
C ASN B 468 21.44 -12.78 -22.97
N TRP B 469 20.40 -12.78 -23.82
CA TRP B 469 19.65 -11.52 -24.11
C TRP B 469 18.65 -11.20 -23.01
N PRO B 470 18.44 -9.91 -22.73
CA PRO B 470 19.18 -8.76 -23.29
C PRO B 470 20.56 -8.65 -22.72
N ARG B 471 21.48 -8.09 -23.54
CA ARG B 471 22.92 -8.21 -23.24
C ARG B 471 23.48 -6.85 -22.79
N GLU B 472 24.46 -6.89 -21.90
CA GLU B 472 25.30 -5.74 -21.58
C GLU B 472 25.90 -5.11 -22.84
N THR B 473 26.23 -3.83 -22.69
CA THR B 473 26.86 -3.08 -23.83
C THR B 473 28.08 -2.32 -23.31
N PRO B 474 29.26 -2.50 -23.97
CA PRO B 474 30.41 -1.77 -23.45
C PRO B 474 30.19 -0.25 -23.58
N PRO B 475 30.83 0.56 -22.69
CA PRO B 475 30.70 2.00 -22.96
C PRO B 475 31.39 2.36 -24.26
N GLY B 476 30.92 3.43 -24.88
CA GLY B 476 31.64 4.03 -26.02
C GLY B 476 31.03 5.34 -26.45
N PRO B 477 31.33 5.80 -27.69
CA PRO B 477 30.97 7.18 -28.08
C PRO B 477 29.49 7.44 -28.28
N LYS B 478 28.73 6.39 -28.58
CA LYS B 478 27.33 6.54 -28.95
C LYS B 478 26.68 5.17 -28.67
N ARG B 479 25.48 5.19 -28.05
CA ARG B 479 24.70 3.94 -27.81
C ARG B 479 25.48 2.95 -26.97
N GLY B 480 26.40 3.42 -26.12
CA GLY B 480 27.12 2.45 -25.22
C GLY B 480 26.55 2.38 -23.84
N GLY B 481 27.01 1.40 -23.09
CA GLY B 481 26.51 1.21 -21.71
C GLY B 481 27.08 2.27 -20.81
N PHE B 482 26.41 2.51 -19.68
CA PHE B 482 26.85 3.46 -18.70
C PHE B 482 28.04 2.96 -17.87
N GLU B 483 29.10 3.78 -17.84
CA GLU B 483 30.27 3.47 -16.96
C GLU B 483 30.58 4.71 -16.16
N SER B 484 30.73 4.58 -14.84
CA SER B 484 31.07 5.71 -14.02
C SER B 484 32.50 6.25 -14.36
N TYR B 485 32.61 7.57 -14.36
CA TYR B 485 33.94 8.23 -14.38
C TYR B 485 34.79 7.79 -13.19
N GLN B 486 36.02 7.34 -13.49
CA GLN B 486 36.82 6.65 -12.49
C GLN B 486 37.57 7.58 -11.57
N GLU B 487 36.81 8.44 -10.87
CA GLU B 487 37.38 9.38 -9.94
C GLU B 487 38.13 8.66 -8.81
N ARG B 488 39.25 9.27 -8.40
CA ARG B 488 40.05 8.71 -7.33
C ARG B 488 39.42 9.06 -6.00
N VAL B 489 39.29 8.07 -5.14
CA VAL B 489 38.73 8.28 -3.80
C VAL B 489 39.79 7.94 -2.81
N GLU B 490 40.15 8.82 -1.85
CA GLU B 490 41.19 8.51 -0.89
C GLU B 490 40.76 9.17 0.41
N GLY B 491 40.51 8.39 1.47
CA GLY B 491 40.31 9.04 2.80
C GLY B 491 39.76 7.96 3.69
N ASN B 492 39.54 8.25 4.96
CA ASN B 492 38.96 7.27 5.85
C ASN B 492 37.47 7.45 5.89
N LYS B 493 36.80 6.39 6.32
CA LYS B 493 35.35 6.37 6.50
C LYS B 493 35.01 7.30 7.62
N VAL B 494 34.43 8.48 7.29
CA VAL B 494 34.15 9.48 8.29
C VAL B 494 32.80 10.13 8.05
N ARG B 495 32.15 10.48 9.19
CA ARG B 495 30.96 11.38 9.15
C ARG B 495 31.49 12.79 9.56
N GLU B 496 31.97 13.53 8.59
CA GLU B 496 32.68 14.77 8.85
C GLU B 496 32.39 15.73 7.70
N ARG B 497 32.14 16.99 8.04
CA ARG B 497 31.87 18.04 7.03
C ARG B 497 33.25 18.50 6.55
N SER B 498 33.39 18.72 5.24
CA SER B 498 34.69 19.26 4.72
C SER B 498 34.95 20.63 5.29
N PRO B 499 36.17 20.86 5.82
CA PRO B 499 36.54 22.20 6.32
C PRO B 499 36.27 23.29 5.25
N SER B 500 36.55 22.94 4.00
CA SER B 500 36.30 23.85 2.91
C SER B 500 34.84 24.34 2.81
N PHE B 501 33.89 23.63 3.43
CA PHE B 501 32.47 24.05 3.42
C PHE B 501 32.16 25.04 4.58
N GLY B 502 33.09 25.21 5.51
CA GLY B 502 32.78 26.03 6.67
C GLY B 502 32.90 27.52 6.49
N GLU B 503 32.26 28.11 5.46
CA GLU B 503 32.25 29.55 5.31
C GLU B 503 30.84 29.89 4.85
N TYR B 504 30.20 30.80 5.57
CA TYR B 504 28.72 30.99 5.48
C TYR B 504 28.21 32.36 5.06
N TYR B 505 29.07 33.39 5.04
CA TYR B 505 28.64 34.79 4.95
C TYR B 505 29.06 35.48 3.68
N SER B 506 30.15 35.03 3.04
CA SER B 506 30.60 35.76 1.88
C SER B 506 29.68 35.68 0.66
N HIS B 507 29.00 34.54 0.47
CA HIS B 507 28.02 34.47 -0.64
C HIS B 507 26.77 35.28 -0.39
N PRO B 508 26.22 35.25 0.87
CA PRO B 508 25.07 36.11 1.23
C PRO B 508 25.43 37.56 0.95
N ARG B 509 26.68 37.93 1.33
CA ARG B 509 27.13 39.27 1.14
C ARG B 509 27.22 39.61 -0.34
N LEU B 510 27.85 38.73 -1.13
CA LEU B 510 27.95 38.98 -2.58
C LEU B 510 26.55 39.14 -3.15
N PHE B 511 25.63 38.28 -2.67
CA PHE B 511 24.25 38.45 -3.19
C PHE B 511 23.69 39.84 -2.81
N TRP B 512 23.80 40.20 -1.54
CA TRP B 512 23.24 41.45 -1.07
C TRP B 512 23.74 42.63 -1.90
N LEU B 513 25.04 42.69 -2.11
CA LEU B 513 25.67 43.86 -2.77
C LEU B 513 25.39 43.92 -4.27
N SER B 514 24.83 42.84 -4.84
CA SER B 514 24.57 42.76 -6.30
C SER B 514 23.14 43.22 -6.58
N GLN B 515 22.37 43.49 -5.53
CA GLN B 515 20.95 43.85 -5.70
C GLN B 515 20.84 45.36 -5.93
N THR B 516 19.80 45.82 -6.63
CA THR B 516 19.53 47.27 -6.73
C THR B 516 19.09 47.80 -5.35
N PRO B 517 19.04 49.14 -5.19
CA PRO B 517 18.64 49.66 -3.86
C PRO B 517 17.19 49.28 -3.49
N PHE B 518 16.29 49.19 -4.46
CA PHE B 518 14.89 48.74 -4.18
C PHE B 518 14.81 47.27 -3.92
N GLU B 519 15.62 46.48 -4.63
CA GLU B 519 15.73 45.05 -4.24
C GLU B 519 16.28 44.85 -2.84
N GLN B 520 17.25 45.67 -2.40
CA GLN B 520 17.69 45.63 -1.00
C GLN B 520 16.61 46.03 0.00
N ARG B 521 15.84 47.07 -0.30
CA ARG B 521 14.72 47.45 0.57
C ARG B 521 13.77 46.28 0.69
N HIS B 522 13.48 45.61 -0.42
CA HIS B 522 12.52 44.46 -0.32
C HIS B 522 13.04 43.26 0.51
N ILE B 523 14.35 43.02 0.43
CA ILE B 523 15.00 42.04 1.32
C ILE B 523 14.88 42.44 2.78
N VAL B 524 15.13 43.71 3.08
CA VAL B 524 15.03 44.17 4.48
C VAL B 524 13.60 43.97 4.95
N ASP B 525 12.66 44.38 4.11
CA ASP B 525 11.24 44.22 4.41
C ASP B 525 10.85 42.77 4.64
N GLY B 526 11.33 41.88 3.76
CA GLY B 526 11.03 40.46 3.94
C GLY B 526 11.58 39.95 5.25
N PHE B 527 12.84 40.21 5.55
CA PHE B 527 13.31 39.75 6.88
C PHE B 527 12.48 40.36 8.03
N SER B 528 12.15 41.67 7.94
CA SER B 528 11.43 42.33 9.02
C SER B 528 10.06 41.73 9.24
N PHE B 529 9.31 41.58 8.15
CA PHE B 529 7.98 40.94 8.24
C PHE B 529 8.08 39.53 8.84
N GLU B 530 8.97 38.69 8.26
CA GLU B 530 9.13 37.31 8.67
C GLU B 530 9.39 37.20 10.17
N LEU B 531 10.36 37.99 10.65
CA LEU B 531 10.84 37.81 12.00
C LEU B 531 9.81 38.41 12.98
N SER B 532 8.96 39.32 12.48
CA SER B 532 7.83 39.82 13.29
C SER B 532 6.87 38.74 13.69
N LYS B 533 6.85 37.66 12.89
CA LYS B 533 5.89 36.53 13.06
C LYS B 533 6.54 35.47 13.92
N VAL B 534 7.81 35.64 14.28
CA VAL B 534 8.48 34.71 15.21
C VAL B 534 8.11 35.09 16.69
N VAL B 535 7.46 34.18 17.38
CA VAL B 535 6.86 34.50 18.69
C VAL B 535 7.94 34.58 19.77
N ARG B 536 9.01 33.77 19.64
CA ARG B 536 10.08 33.78 20.62
C ARG B 536 11.13 34.84 20.29
N PRO B 537 11.18 35.96 21.06
CA PRO B 537 12.01 37.07 20.60
C PRO B 537 13.52 36.75 20.52
N TYR B 538 14.03 35.81 21.35
CA TYR B 538 15.44 35.51 21.26
C TYR B 538 15.78 34.97 19.85
N ILE B 539 14.82 34.37 19.18
CA ILE B 539 15.18 33.76 17.89
C ILE B 539 15.38 34.94 16.94
N ARG B 540 14.54 35.98 17.09
CA ARG B 540 14.69 37.13 16.15
C ARG B 540 16.04 37.74 16.36
N GLU B 541 16.45 37.84 17.62
CA GLU B 541 17.73 38.50 17.94
C GLU B 541 18.91 37.71 17.34
N ARG B 542 18.81 36.37 17.37
CA ARG B 542 19.91 35.48 16.91
C ARG B 542 20.05 35.58 15.40
N VAL B 543 18.91 35.79 14.74
CA VAL B 543 18.92 36.05 13.29
C VAL B 543 19.57 37.39 12.98
N VAL B 544 19.17 38.45 13.71
CA VAL B 544 19.85 39.72 13.57
C VAL B 544 21.36 39.57 13.78
N ASP B 545 21.79 38.84 14.81
CA ASP B 545 23.21 38.56 14.97
C ASP B 545 23.87 38.01 13.67
N GLN B 546 23.22 37.04 13.04
CA GLN B 546 23.67 36.48 11.77
C GLN B 546 23.76 37.54 10.66
N LEU B 547 22.75 38.41 10.56
CA LEU B 547 22.76 39.42 9.52
C LEU B 547 23.94 40.37 9.76
N ALA B 548 24.27 40.63 11.02
CA ALA B 548 25.43 41.48 11.29
C ALA B 548 26.75 40.85 10.80
N HIS B 549 26.75 39.53 10.54
CA HIS B 549 27.91 38.88 9.97
C HIS B 549 27.97 38.97 8.46
N ILE B 550 26.88 39.42 7.87
CA ILE B 550 26.75 39.56 6.42
C ILE B 550 26.97 41.00 6.02
N ASP B 551 26.24 41.90 6.68
CA ASP B 551 26.28 43.29 6.28
C ASP B 551 25.60 44.07 7.35
N LEU B 552 26.33 45.05 7.87
CA LEU B 552 25.90 45.95 8.91
C LEU B 552 24.65 46.81 8.54
N THR B 553 24.61 47.31 7.30
CA THR B 553 23.47 48.17 6.86
C THR B 553 22.15 47.34 6.91
N LEU B 554 22.17 46.18 6.24
CA LEU B 554 21.09 45.17 6.34
C LEU B 554 20.70 44.83 7.81
N ALA B 555 21.67 44.47 8.62
CA ALA B 555 21.41 44.11 10.03
C ALA B 555 20.77 45.30 10.75
N GLN B 556 21.28 46.52 10.56
CA GLN B 556 20.68 47.68 11.24
C GLN B 556 19.25 47.98 10.79
N ALA B 557 18.98 47.83 9.49
CA ALA B 557 17.68 48.20 8.95
C ALA B 557 16.65 47.14 9.42
N VAL B 558 17.04 45.88 9.48
CA VAL B 558 16.11 44.85 10.01
C VAL B 558 15.89 45.07 11.50
N ALA B 559 16.99 45.24 12.23
CA ALA B 559 16.92 45.52 13.65
C ALA B 559 15.98 46.69 14.04
N LYS B 560 16.05 47.77 13.27
CA LYS B 560 15.25 48.98 13.53
C LYS B 560 13.79 48.57 13.48
N ASN B 561 13.42 47.78 12.47
CA ASN B 561 12.04 47.33 12.34
C ASN B 561 11.58 46.38 13.41
N LEU B 562 12.51 45.73 14.12
CA LEU B 562 12.11 44.77 15.11
C LEU B 562 12.22 45.43 16.47
N GLY B 563 12.72 46.64 16.52
CA GLY B 563 12.93 47.28 17.86
C GLY B 563 14.08 46.66 18.63
N ILE B 564 15.11 46.25 17.92
CA ILE B 564 16.33 45.67 18.47
C ILE B 564 17.43 46.70 18.23
N GLU B 565 18.40 46.78 19.13
CA GLU B 565 19.53 47.67 19.04
C GLU B 565 20.79 46.85 18.88
N LEU B 566 21.61 47.11 17.88
CA LEU B 566 22.84 46.34 17.73
C LEU B 566 23.79 46.62 18.90
N THR B 567 24.48 45.61 19.42
CA THR B 567 25.57 45.85 20.37
C THR B 567 26.78 46.50 19.68
N ASP B 568 27.74 46.98 20.49
CA ASP B 568 29.06 47.41 20.00
C ASP B 568 29.77 46.33 19.24
N ASP B 569 29.88 45.17 19.88
CA ASP B 569 30.35 43.93 19.24
C ASP B 569 29.75 43.72 17.84
N GLN B 570 28.41 43.73 17.75
CA GLN B 570 27.76 43.49 16.47
C GLN B 570 28.18 44.59 15.52
N LEU B 571 28.34 45.83 16.00
CA LEU B 571 28.63 46.93 15.12
C LEU B 571 30.04 46.77 14.57
N ASN B 572 30.87 45.98 15.25
CA ASN B 572 32.30 45.81 14.89
C ASN B 572 32.69 44.51 14.19
N ILE B 573 31.73 43.65 13.81
CA ILE B 573 32.06 42.41 13.13
C ILE B 573 32.61 42.79 11.76
N THR B 574 33.79 42.27 11.41
CA THR B 574 34.42 42.52 10.14
C THR B 574 33.55 41.81 9.07
N PRO B 575 33.21 42.49 7.94
CA PRO B 575 32.50 41.90 6.79
C PRO B 575 33.28 40.70 6.25
N PRO B 576 32.57 39.72 5.64
CA PRO B 576 33.31 38.59 5.10
C PRO B 576 34.06 39.05 3.80
N PRO B 577 35.01 38.24 3.36
CA PRO B 577 35.74 38.66 2.19
C PRO B 577 34.92 38.61 0.89
N ASP B 578 35.39 39.32 -0.10
CA ASP B 578 34.85 39.23 -1.41
C ASP B 578 34.96 37.81 -1.94
N VAL B 579 34.26 37.54 -3.03
CA VAL B 579 34.37 36.24 -3.62
C VAL B 579 35.31 36.32 -4.79
N ASN B 580 36.52 35.75 -4.65
CA ASN B 580 37.50 35.83 -5.71
C ASN B 580 37.64 37.25 -6.28
N GLY B 581 37.70 38.24 -5.38
CA GLY B 581 37.93 39.63 -5.83
C GLY B 581 36.67 40.31 -6.36
N LEU B 582 35.52 39.61 -6.31
CA LEU B 582 34.27 40.22 -6.71
C LEU B 582 33.57 40.91 -5.56
N LYS B 583 33.14 42.14 -5.75
CA LYS B 583 32.26 42.78 -4.75
C LYS B 583 30.84 43.00 -5.32
N LYS B 584 30.53 42.34 -6.44
CA LYS B 584 29.15 42.20 -6.91
C LYS B 584 29.17 41.52 -8.26
N ASP B 585 28.00 40.98 -8.60
CA ASP B 585 27.80 40.40 -9.88
C ASP B 585 26.36 40.71 -10.29
N PRO B 586 26.16 41.54 -11.35
CA PRO B 586 24.80 42.04 -11.62
C PRO B 586 23.84 40.94 -12.08
N SER B 587 24.41 39.82 -12.56
CA SER B 587 23.63 38.65 -12.97
C SER B 587 22.82 38.07 -11.79
N LEU B 588 23.13 38.48 -10.55
CA LEU B 588 22.40 37.98 -9.32
C LEU B 588 21.11 38.79 -9.00
N SER B 589 21.01 39.96 -9.61
CA SER B 589 19.83 40.81 -9.52
C SER B 589 18.75 40.37 -10.49
N LEU B 590 17.48 40.54 -10.13
CA LEU B 590 16.42 40.34 -11.09
C LEU B 590 16.39 41.47 -12.11
N TYR B 591 16.71 42.67 -11.63
CA TYR B 591 16.36 43.85 -12.41
C TYR B 591 17.54 44.73 -12.81
N ALA B 592 18.70 44.56 -12.22
CA ALA B 592 19.85 45.44 -12.56
C ALA B 592 20.08 45.58 -14.07
N ILE B 593 20.12 44.49 -14.79
CA ILE B 593 20.20 44.52 -16.26
C ILE B 593 18.81 44.25 -16.86
N PRO B 594 18.23 45.22 -17.58
CA PRO B 594 16.88 45.11 -18.16
C PRO B 594 16.76 43.86 -19.00
N ASP B 595 15.71 43.05 -18.80
CA ASP B 595 15.43 41.98 -19.79
C ASP B 595 13.93 41.78 -20.05
N GLY B 596 13.17 42.85 -19.78
CA GLY B 596 11.71 42.86 -19.93
C GLY B 596 11.22 42.43 -21.29
N ASP B 597 10.22 41.53 -21.30
CA ASP B 597 9.47 41.12 -22.53
C ASP B 597 7.98 41.29 -22.20
N VAL B 598 7.23 42.09 -22.96
CA VAL B 598 5.85 42.32 -22.52
C VAL B 598 4.87 41.24 -23.07
N LYS B 599 5.33 40.43 -24.04
CA LYS B 599 4.43 39.41 -24.68
C LYS B 599 3.89 38.48 -23.59
N GLY B 600 2.58 38.25 -23.59
CA GLY B 600 1.92 37.38 -22.59
C GLY B 600 1.53 38.07 -21.28
N ARG B 601 1.94 39.32 -21.04
CA ARG B 601 1.47 40.09 -19.90
C ARG B 601 0.04 40.52 -20.19
N VAL B 602 -0.58 41.12 -19.19
CA VAL B 602 -2.00 41.38 -19.21
C VAL B 602 -2.27 42.74 -18.54
N VAL B 603 -3.23 43.45 -19.15
CA VAL B 603 -3.67 44.77 -18.72
C VAL B 603 -5.15 44.76 -18.34
N ALA B 604 -5.51 45.35 -17.21
CA ALA B 604 -6.96 45.61 -16.96
C ALA B 604 -7.35 46.91 -17.62
N ILE B 605 -8.49 46.94 -18.29
CA ILE B 605 -9.09 48.17 -18.86
C ILE B 605 -10.37 48.37 -18.09
N LEU B 606 -10.44 49.45 -17.34
CA LEU B 606 -11.63 49.71 -16.56
C LEU B 606 -12.70 50.46 -17.41
N LEU B 607 -13.81 49.77 -17.70
CA LEU B 607 -14.89 50.31 -18.56
C LEU B 607 -15.85 51.22 -17.79
N ASN B 608 -16.69 51.93 -18.58
CA ASN B 608 -17.78 52.77 -18.09
C ASN B 608 -18.98 52.54 -19.04
N ASP B 609 -20.14 53.07 -18.69
CA ASP B 609 -21.30 52.69 -19.50
C ASP B 609 -21.38 53.51 -20.81
N GLU B 610 -20.44 54.42 -21.04
CA GLU B 610 -20.28 54.99 -22.42
C GLU B 610 -18.82 55.29 -22.88
N VAL B 611 -18.05 54.23 -23.05
CA VAL B 611 -16.63 54.37 -23.38
C VAL B 611 -16.38 55.13 -24.70
N ARG B 612 -15.35 55.99 -24.69
CA ARG B 612 -14.82 56.57 -25.92
C ARG B 612 -14.23 55.47 -26.83
N SER B 613 -15.03 54.91 -27.76
CA SER B 613 -14.54 53.86 -28.68
C SER B 613 -13.15 54.06 -29.23
N ALA B 614 -12.85 55.30 -29.66
CA ALA B 614 -11.55 55.69 -30.21
C ALA B 614 -10.36 55.39 -29.28
N ASP B 615 -10.52 55.61 -27.98
CA ASP B 615 -9.47 55.23 -27.01
C ASP B 615 -9.31 53.68 -27.03
N LEU B 616 -10.43 52.96 -27.00
CA LEU B 616 -10.40 51.48 -26.93
C LEU B 616 -9.75 50.89 -28.16
N LEU B 617 -10.14 51.37 -29.37
CA LEU B 617 -9.53 50.85 -30.60
C LEU B 617 -8.04 51.05 -30.52
N ALA B 618 -7.62 52.24 -30.08
CA ALA B 618 -6.19 52.57 -30.08
C ALA B 618 -5.40 51.69 -29.06
N ILE B 619 -5.99 51.52 -27.89
CA ILE B 619 -5.39 50.69 -26.84
C ILE B 619 -5.21 49.23 -27.29
N LEU B 620 -6.29 48.61 -27.75
CA LEU B 620 -6.30 47.21 -28.10
C LEU B 620 -5.39 46.97 -29.28
N LYS B 621 -5.41 47.87 -30.26
CA LYS B 621 -4.53 47.69 -31.38
C LYS B 621 -3.06 47.64 -30.94
N ALA B 622 -2.66 48.56 -30.05
CA ALA B 622 -1.27 48.72 -29.67
C ALA B 622 -0.83 47.51 -28.78
N LEU B 623 -1.77 47.05 -27.96
CA LEU B 623 -1.54 45.87 -27.09
C LEU B 623 -1.36 44.64 -27.97
N LYS B 624 -2.31 44.43 -28.86
CA LYS B 624 -2.22 43.34 -29.85
C LYS B 624 -0.87 43.27 -30.58
N ALA B 625 -0.40 44.39 -31.10
CA ALA B 625 0.88 44.48 -31.74
C ALA B 625 2.05 44.00 -30.87
N LYS B 626 1.90 44.08 -29.56
CA LYS B 626 2.98 43.61 -28.69
C LYS B 626 2.64 42.25 -28.02
N GLY B 627 1.49 41.64 -28.35
CA GLY B 627 1.16 40.36 -27.72
C GLY B 627 0.78 40.48 -26.26
N VAL B 628 0.36 41.68 -25.90
CA VAL B 628 -0.11 41.94 -24.52
C VAL B 628 -1.61 41.67 -24.51
N HIS B 629 -2.14 40.94 -23.51
CA HIS B 629 -3.58 40.67 -23.45
C HIS B 629 -4.29 41.69 -22.65
N ALA B 630 -5.62 41.71 -22.78
CA ALA B 630 -6.43 42.61 -21.99
C ALA B 630 -7.66 41.95 -21.39
N LYS B 631 -8.12 42.52 -20.29
CA LYS B 631 -9.36 42.09 -19.70
C LYS B 631 -10.26 43.34 -19.45
N LEU B 632 -11.51 43.26 -19.90
CA LEU B 632 -12.42 44.42 -19.84
C LEU B 632 -13.21 44.31 -18.56
N LEU B 633 -13.11 45.30 -17.69
CA LEU B 633 -13.72 45.17 -16.36
C LEU B 633 -14.86 46.21 -16.14
N TYR B 634 -15.87 45.84 -15.37
CA TYR B 634 -16.95 46.77 -15.04
C TYR B 634 -17.57 46.50 -13.65
N SER B 635 -18.70 47.13 -13.33
CA SER B 635 -19.26 47.03 -11.98
C SER B 635 -20.22 45.86 -11.89
N ARG B 636 -20.50 45.22 -13.02
CA ARG B 636 -21.41 44.10 -13.14
C ARG B 636 -20.93 43.31 -14.37
N MET B 637 -21.46 42.11 -14.54
CA MET B 637 -21.22 41.34 -15.79
C MET B 637 -22.18 41.74 -16.94
N GLY B 638 -22.07 41.11 -18.09
CA GLY B 638 -23.00 41.48 -19.19
C GLY B 638 -22.25 42.25 -20.25
N GLU B 639 -22.84 43.34 -20.72
CA GLU B 639 -22.12 44.10 -21.74
C GLU B 639 -22.35 45.61 -21.44
N VAL B 640 -21.49 46.48 -21.97
CA VAL B 640 -21.81 47.88 -22.04
C VAL B 640 -21.75 48.23 -23.53
N THR B 641 -22.30 49.41 -23.87
CA THR B 641 -22.28 49.91 -25.24
C THR B 641 -21.49 51.20 -25.28
N ALA B 642 -20.55 51.30 -26.22
CA ALA B 642 -19.65 52.45 -26.34
C ALA B 642 -20.37 53.55 -27.08
N ASP B 643 -19.73 54.73 -27.16
CA ASP B 643 -20.33 55.93 -27.77
C ASP B 643 -20.76 55.74 -29.23
N ASP B 644 -20.10 54.87 -29.97
CA ASP B 644 -20.49 54.66 -31.37
C ASP B 644 -21.41 53.44 -31.55
N GLY B 645 -21.87 52.91 -30.42
CA GLY B 645 -22.75 51.76 -30.45
C GLY B 645 -22.05 50.41 -30.36
N THR B 646 -20.72 50.37 -30.39
CA THR B 646 -19.96 49.08 -30.27
C THR B 646 -20.30 48.41 -28.92
N VAL B 647 -20.73 47.15 -28.99
CA VAL B 647 -21.12 46.39 -27.80
C VAL B 647 -19.82 45.80 -27.28
N LEU B 648 -19.52 46.05 -26.00
CA LEU B 648 -18.28 45.58 -25.33
C LEU B 648 -18.61 44.55 -24.25
N PRO B 649 -18.23 43.30 -24.49
CA PRO B 649 -18.49 42.29 -23.46
C PRO B 649 -17.53 42.48 -22.29
N ILE B 650 -18.07 42.34 -21.08
CA ILE B 650 -17.33 42.44 -19.83
C ILE B 650 -16.79 41.08 -19.39
N ALA B 651 -15.50 41.02 -19.06
CA ALA B 651 -14.87 39.76 -18.66
C ALA B 651 -15.13 39.47 -17.18
N ALA B 652 -15.04 40.50 -16.34
CA ALA B 652 -15.15 40.31 -14.86
C ALA B 652 -15.46 41.63 -14.24
N THR B 653 -15.82 41.65 -12.98
CA THR B 653 -16.07 42.91 -12.32
C THR B 653 -14.78 43.46 -11.74
N PHE B 654 -14.81 44.68 -11.23
CA PHE B 654 -13.66 45.19 -10.48
C PHE B 654 -13.17 44.28 -9.36
N ALA B 655 -14.11 43.75 -8.54
CA ALA B 655 -13.79 42.97 -7.34
C ALA B 655 -13.45 41.56 -7.78
N GLY B 656 -13.99 41.18 -8.94
CA GLY B 656 -13.89 39.85 -9.48
C GLY B 656 -12.56 39.48 -10.07
N ALA B 657 -11.89 40.48 -10.65
CA ALA B 657 -10.56 40.26 -11.21
C ALA B 657 -9.64 41.40 -10.74
N PRO B 658 -9.25 41.39 -9.45
CA PRO B 658 -8.41 42.46 -8.82
C PRO B 658 -7.15 42.86 -9.57
N SER B 659 -6.63 44.06 -9.30
CA SER B 659 -5.37 44.49 -9.92
C SER B 659 -4.20 43.52 -9.68
N LEU B 660 -4.26 42.75 -8.57
CA LEU B 660 -3.25 41.71 -8.29
C LEU B 660 -2.98 40.85 -9.52
N THR B 661 -4.02 40.67 -10.35
CA THR B 661 -3.98 39.72 -11.46
C THR B 661 -3.51 40.30 -12.76
N VAL B 662 -3.16 41.58 -12.74
CA VAL B 662 -2.66 42.19 -14.02
C VAL B 662 -1.34 42.87 -13.88
N ASP B 663 -0.75 43.29 -15.00
CA ASP B 663 0.56 43.94 -15.02
C ASP B 663 0.47 45.49 -15.12
N ALA B 664 -0.70 46.00 -15.52
CA ALA B 664 -0.93 47.44 -15.76
C ALA B 664 -2.45 47.64 -15.84
N VAL B 665 -2.85 48.90 -15.68
CA VAL B 665 -4.25 49.30 -15.69
C VAL B 665 -4.33 50.51 -16.60
N ILE B 666 -5.22 50.39 -17.59
CA ILE B 666 -5.59 51.48 -18.47
C ILE B 666 -7.05 51.88 -18.25
N VAL B 667 -7.33 53.21 -18.21
CA VAL B 667 -8.71 53.70 -18.07
C VAL B 667 -8.96 54.63 -19.25
N PRO B 668 -9.79 54.18 -20.21
CA PRO B 668 -10.17 55.04 -21.36
C PRO B 668 -11.17 56.17 -20.92
N CYS B 669 -11.42 57.14 -21.80
CA CYS B 669 -12.46 58.16 -21.53
C CYS B 669 -13.89 57.64 -21.81
N GLY B 670 -14.87 58.54 -21.66
CA GLY B 670 -16.26 58.24 -21.95
C GLY B 670 -17.03 58.82 -20.80
N ASN B 671 -18.03 58.10 -20.32
CA ASN B 671 -18.80 58.53 -19.16
C ASN B 671 -18.13 58.24 -17.77
N ILE B 672 -17.13 59.02 -17.42
CA ILE B 672 -16.32 58.73 -16.23
C ILE B 672 -17.11 58.87 -14.92
N ALA B 673 -18.21 59.64 -14.96
CA ALA B 673 -19.08 59.89 -13.79
C ALA B 673 -19.74 58.60 -13.40
N ASP B 674 -19.80 57.67 -14.35
CA ASP B 674 -20.42 56.39 -14.14
C ASP B 674 -19.60 55.64 -13.09
N ILE B 675 -18.27 55.81 -13.11
CA ILE B 675 -17.35 55.00 -12.25
C ILE B 675 -16.58 55.84 -11.22
N ALA B 676 -16.59 57.16 -11.41
CA ALA B 676 -15.85 58.10 -10.59
C ALA B 676 -16.09 57.96 -9.10
N ASP B 677 -17.29 57.56 -8.70
CA ASP B 677 -17.59 57.35 -7.28
C ASP B 677 -17.64 55.88 -6.86
N ASN B 678 -17.23 54.99 -7.75
CA ASN B 678 -17.30 53.57 -7.47
C ASN B 678 -16.09 53.23 -6.56
N GLY B 679 -16.35 52.76 -5.35
CA GLY B 679 -15.30 52.42 -4.36
C GLY B 679 -14.32 51.39 -4.95
N ASP B 680 -14.89 50.35 -5.56
CA ASP B 680 -14.10 49.27 -6.17
C ASP B 680 -13.20 49.78 -7.34
N ALA B 681 -13.71 50.72 -8.15
CA ALA B 681 -12.91 51.26 -9.25
C ALA B 681 -11.76 52.09 -8.74
N ASN B 682 -12.03 52.88 -7.68
CA ASN B 682 -11.01 53.70 -7.07
C ASN B 682 -9.97 52.81 -6.47
N TYR B 683 -10.46 51.80 -5.74
CA TYR B 683 -9.54 50.92 -5.02
C TYR B 683 -8.62 50.14 -5.98
N TYR B 684 -9.17 49.75 -7.14
CA TYR B 684 -8.42 49.05 -8.18
C TYR B 684 -7.14 49.82 -8.52
N LEU B 685 -7.33 51.12 -8.76
CA LEU B 685 -6.23 51.99 -9.09
C LEU B 685 -5.26 52.21 -7.89
N MET B 686 -5.83 52.34 -6.68
CA MET B 686 -5.01 52.39 -5.43
C MET B 686 -4.14 51.14 -5.15
N GLU B 687 -4.76 49.98 -5.33
CA GLU B 687 -4.03 48.73 -5.24
C GLU B 687 -2.89 48.59 -6.31
N ALA B 688 -3.20 48.83 -7.60
CA ALA B 688 -2.23 48.80 -8.69
C ALA B 688 -1.08 49.80 -8.40
N TYR B 689 -1.44 50.99 -7.90
CA TYR B 689 -0.47 52.04 -7.64
C TYR B 689 0.47 51.62 -6.52
N LYS B 690 -0.09 51.18 -5.37
CA LYS B 690 0.71 50.65 -4.23
C LYS B 690 1.72 49.56 -4.71
N HIS B 691 1.30 48.69 -5.60
CA HIS B 691 2.12 47.55 -6.10
C HIS B 691 2.96 47.92 -7.29
N LEU B 692 3.08 49.22 -7.57
CA LEU B 692 4.12 49.79 -8.47
C LEU B 692 3.81 49.49 -9.91
N LYS B 693 2.55 49.21 -10.23
CA LYS B 693 2.20 48.88 -11.61
C LYS B 693 1.96 50.13 -12.45
N PRO B 694 2.30 50.04 -13.73
CA PRO B 694 1.97 51.18 -14.63
C PRO B 694 0.46 51.44 -14.73
N ILE B 695 0.04 52.72 -14.79
CA ILE B 695 -1.37 53.08 -14.87
C ILE B 695 -1.45 54.14 -15.97
N ALA B 696 -2.48 54.03 -16.81
CA ALA B 696 -2.58 54.98 -17.91
C ALA B 696 -4.00 55.51 -17.93
N LEU B 697 -4.11 56.83 -18.09
CA LEU B 697 -5.40 57.52 -17.87
C LEU B 697 -5.56 58.48 -19.06
N ALA B 698 -6.67 58.30 -19.77
CA ALA B 698 -7.00 59.11 -20.97
C ALA B 698 -8.20 60.03 -20.79
N GLY B 699 -8.08 61.28 -21.28
CA GLY B 699 -9.21 62.22 -21.23
C GLY B 699 -9.67 62.41 -19.80
N ASP B 700 -10.96 62.20 -19.58
CA ASP B 700 -11.55 62.49 -18.27
C ASP B 700 -11.18 61.41 -17.22
N ALA B 701 -10.56 60.32 -17.70
CA ALA B 701 -10.02 59.32 -16.72
C ALA B 701 -8.98 59.97 -15.83
N ARG B 702 -8.40 61.06 -16.29
CA ARG B 702 -7.45 61.76 -15.47
C ARG B 702 -8.13 62.30 -14.20
N LYS B 703 -9.47 62.30 -14.11
CA LYS B 703 -10.13 62.65 -12.82
C LYS B 703 -9.71 61.70 -11.69
N PHE B 704 -9.24 60.50 -12.05
CA PHE B 704 -8.82 59.51 -11.06
C PHE B 704 -7.45 59.82 -10.46
N LYS B 705 -6.69 60.77 -11.04
CA LYS B 705 -5.43 61.21 -10.42
C LYS B 705 -5.60 61.59 -8.96
N ALA B 706 -6.80 62.04 -8.58
CA ALA B 706 -7.02 62.47 -7.22
C ALA B 706 -7.03 61.33 -6.23
N THR B 707 -7.40 60.12 -6.67
CA THR B 707 -7.53 59.00 -5.71
C THR B 707 -6.16 58.48 -5.34
N ILE B 708 -5.20 58.63 -6.25
CA ILE B 708 -3.82 58.17 -6.06
C ILE B 708 -2.84 59.33 -5.78
N LYS B 709 -3.40 60.48 -5.46
CA LYS B 709 -2.63 61.70 -5.14
C LYS B 709 -1.58 62.16 -6.15
N ILE B 710 -1.88 62.11 -7.45
CA ILE B 710 -0.92 62.56 -8.45
C ILE B 710 -0.96 64.10 -8.68
N ALA B 711 0.18 64.77 -8.51
CA ALA B 711 0.32 66.19 -8.90
C ALA B 711 -0.22 66.47 -10.31
N ASP B 712 -0.64 67.72 -10.53
CA ASP B 712 -1.21 68.15 -11.82
C ASP B 712 -0.27 67.95 -12.98
N GLN B 713 1.03 68.17 -12.77
CA GLN B 713 1.97 68.06 -13.89
C GLN B 713 2.44 66.62 -14.06
N GLY B 714 1.74 65.69 -13.42
CA GLY B 714 2.00 64.27 -13.58
C GLY B 714 3.11 63.71 -12.72
N GLU B 715 3.46 62.45 -12.98
CA GLU B 715 4.60 61.78 -12.30
C GLU B 715 5.08 60.59 -13.16
N GLU B 716 6.38 60.29 -13.11
CA GLU B 716 6.95 59.14 -13.80
C GLU B 716 6.20 57.81 -13.44
N GLY B 717 5.66 57.11 -14.44
CA GLY B 717 4.88 55.89 -14.18
C GLY B 717 3.37 56.04 -14.21
N ILE B 718 2.90 57.30 -14.32
CA ILE B 718 1.48 57.55 -14.69
C ILE B 718 1.45 58.13 -16.11
N VAL B 719 0.77 57.43 -17.01
CA VAL B 719 0.68 57.90 -18.38
C VAL B 719 -0.64 58.63 -18.53
N GLU B 720 -0.58 59.87 -19.01
CA GLU B 720 -1.82 60.63 -19.14
C GLU B 720 -1.70 61.46 -20.42
N ALA B 721 -2.82 61.55 -21.12
CA ALA B 721 -2.93 62.44 -22.29
C ALA B 721 -4.41 62.71 -22.53
N ASP B 722 -4.72 63.71 -23.37
CA ASP B 722 -6.10 63.97 -23.78
C ASP B 722 -6.82 62.75 -24.32
N SER B 723 -6.15 61.97 -25.16
CA SER B 723 -6.75 60.74 -25.65
C SER B 723 -5.69 59.67 -25.73
N ALA B 724 -6.09 58.46 -26.11
CA ALA B 724 -5.17 57.31 -26.20
C ALA B 724 -4.34 57.13 -27.50
N ASP B 725 -3.98 58.20 -28.20
CA ASP B 725 -3.01 58.17 -29.33
C ASP B 725 -1.80 57.16 -29.26
N GLY B 726 -0.90 57.31 -30.23
CA GLY B 726 0.24 56.39 -30.43
C GLY B 726 1.32 56.59 -29.39
N SER B 727 1.59 57.87 -29.09
CA SER B 727 2.52 58.21 -28.00
C SER B 727 2.02 57.67 -26.61
N PHE B 728 0.73 57.84 -26.27
CA PHE B 728 0.16 57.33 -25.00
C PHE B 728 0.41 55.82 -24.92
N MET B 729 0.14 55.07 -25.99
CA MET B 729 0.39 53.61 -25.88
C MET B 729 1.87 53.20 -25.80
N ASP B 730 2.72 53.85 -26.60
CA ASP B 730 4.17 53.61 -26.56
C ASP B 730 4.77 53.81 -25.18
N GLU B 731 4.28 54.84 -24.48
CA GLU B 731 4.78 55.21 -23.16
C GLU B 731 4.39 54.09 -22.19
N LEU B 732 3.10 53.74 -22.22
CA LEU B 732 2.56 52.64 -21.38
C LEU B 732 3.33 51.32 -21.53
N LEU B 733 3.50 50.88 -22.78
CA LEU B 733 4.27 49.68 -23.12
C LEU B 733 5.77 49.77 -22.78
N THR B 734 6.39 50.96 -22.92
CA THR B 734 7.76 51.14 -22.36
C THR B 734 7.77 50.93 -20.83
N LEU B 735 6.77 51.47 -20.13
CA LEU B 735 6.73 51.15 -18.70
C LEU B 735 6.60 49.64 -18.42
N MET B 736 5.81 48.95 -19.25
CA MET B 736 5.50 47.54 -18.96
C MET B 736 6.75 46.74 -19.18
N ALA B 737 7.62 47.21 -20.09
CA ALA B 737 8.89 46.48 -20.41
C ALA B 737 9.82 46.58 -19.22
N ALA B 738 9.63 47.60 -18.37
CA ALA B 738 10.40 47.77 -17.14
C ALA B 738 9.69 47.16 -15.95
N HIS B 739 8.55 46.51 -16.21
CA HIS B 739 7.85 45.65 -15.22
C HIS B 739 7.12 46.43 -14.17
N ARG B 740 7.88 47.11 -13.28
CA ARG B 740 7.29 47.93 -12.22
C ARG B 740 8.00 49.32 -12.12
N VAL B 741 7.33 50.24 -11.46
CA VAL B 741 7.83 51.60 -11.33
C VAL B 741 8.50 51.79 -9.99
N TRP B 742 9.74 51.37 -9.90
CA TRP B 742 10.41 51.31 -8.61
C TRP B 742 10.51 52.69 -8.00
N SER B 743 10.58 53.71 -8.87
CA SER B 743 10.79 55.09 -8.37
C SER B 743 9.63 55.51 -7.49
N ARG B 744 8.52 54.80 -7.60
CA ARG B 744 7.29 55.15 -6.88
C ARG B 744 7.31 54.78 -5.40
N ILE B 745 8.27 53.94 -5.04
CA ILE B 745 8.26 53.33 -3.75
C ILE B 745 8.14 54.33 -2.58
N PRO B 746 8.95 55.42 -2.58
CA PRO B 746 8.75 56.29 -1.40
C PRO B 746 7.35 56.95 -1.37
N LYS B 747 6.62 56.96 -2.47
CA LYS B 747 5.28 57.60 -2.46
C LYS B 747 4.18 56.67 -1.90
N ILE B 748 4.38 55.35 -1.91
CA ILE B 748 3.27 54.45 -1.54
C ILE B 748 2.96 54.38 -0.03
N ASP B 749 3.91 54.78 0.82
CA ASP B 749 3.72 54.81 2.30
C ASP B 749 2.50 55.62 2.74
N LYS B 750 2.18 56.63 1.95
CA LYS B 750 1.14 57.60 2.21
C LYS B 750 -0.25 57.07 1.88
N ILE B 751 -0.31 56.16 0.91
CA ILE B 751 -1.57 55.68 0.36
C ILE B 751 -2.23 54.66 1.28
N PRO B 752 -3.48 54.94 1.69
CA PRO B 752 -4.11 53.89 2.52
C PRO B 752 -4.69 52.88 1.56
N ALA B 753 -3.96 51.79 1.30
CA ALA B 753 -4.45 50.70 0.44
C ALA B 753 -3.78 49.39 0.88
N SER C 28 23.70 23.36 25.74
CA SER C 28 22.45 24.20 25.76
C SER C 28 22.19 25.30 24.68
N LEU C 29 21.21 25.05 23.82
CA LEU C 29 20.73 26.06 22.84
C LEU C 29 19.57 26.93 23.33
N ALA C 30 18.85 26.50 24.36
CA ALA C 30 17.71 27.25 24.89
C ALA C 30 18.25 28.52 25.52
N PRO C 31 17.51 29.62 25.44
CA PRO C 31 17.98 30.83 26.21
C PRO C 31 17.96 30.63 27.74
N GLU C 32 18.92 31.27 28.40
CA GLU C 32 19.12 31.20 29.84
C GLU C 32 17.84 31.56 30.65
N ASP C 33 17.03 32.47 30.12
CA ASP C 33 15.82 32.89 30.83
C ASP C 33 14.58 32.02 30.62
N GLY C 34 14.69 30.92 29.87
CA GLY C 34 13.59 29.97 29.73
C GLY C 34 12.44 30.48 28.87
N SER C 35 12.64 31.54 28.09
CA SER C 35 11.56 32.12 27.27
C SER C 35 11.22 31.31 25.97
N HIS C 36 11.89 30.18 25.79
CA HIS C 36 11.59 29.25 24.71
C HIS C 36 10.43 28.37 25.13
N ARG C 37 10.12 28.29 26.44
CA ARG C 37 9.12 27.31 26.87
C ARG C 37 7.75 27.92 27.22
N PRO C 38 6.66 27.60 26.52
CA PRO C 38 5.37 28.24 26.90
C PRO C 38 4.91 27.85 28.29
N ALA C 39 4.29 28.80 29.00
CA ALA C 39 3.75 28.55 30.33
C ALA C 39 2.67 27.44 30.26
N ALA C 40 2.77 26.44 31.15
CA ALA C 40 1.84 25.33 31.25
C ALA C 40 0.61 25.76 32.03
N GLU C 41 -0.12 26.75 31.51
CA GLU C 41 -1.32 27.31 32.17
C GLU C 41 -2.07 28.11 31.09
N PRO C 42 -3.35 28.33 31.25
CA PRO C 42 -4.19 29.09 30.30
C PRO C 42 -3.64 30.48 30.04
N THR C 43 -3.49 30.87 28.78
CA THR C 43 -2.92 32.17 28.42
C THR C 43 -3.67 32.63 27.18
N PRO C 44 -3.87 33.93 27.01
CA PRO C 44 -4.65 34.45 25.89
C PRO C 44 -3.89 34.39 24.54
N PRO C 45 -4.62 34.44 23.39
CA PRO C 45 -3.94 34.23 22.14
C PRO C 45 -2.82 35.20 21.99
N GLY C 46 -1.67 34.73 21.49
CA GLY C 46 -0.50 35.63 21.30
C GLY C 46 0.46 35.78 22.48
N ALA C 47 0.02 35.39 23.65
CA ALA C 47 0.78 35.64 24.85
C ALA C 47 1.96 34.68 24.95
N GLN C 48 1.85 33.45 24.40
CA GLN C 48 2.94 32.49 24.54
C GLN C 48 3.03 31.78 23.22
N PRO C 49 4.17 31.10 22.94
CA PRO C 49 4.07 30.23 21.74
C PRO C 49 3.08 29.08 22.10
N THR C 50 2.38 28.56 21.09
CA THR C 50 1.51 27.41 21.25
C THR C 50 2.33 26.15 21.42
N ALA C 51 1.71 25.13 21.99
CA ALA C 51 2.44 23.94 22.41
C ALA C 51 1.55 22.68 22.23
N PRO C 52 2.15 21.47 22.14
CA PRO C 52 1.38 20.19 22.25
C PRO C 52 0.51 20.19 23.50
N GLY C 53 -0.68 19.63 23.39
CA GLY C 53 -1.68 19.81 24.45
C GLY C 53 -1.29 19.18 25.77
N SER C 54 -0.57 18.04 25.77
CA SER C 54 -0.26 17.39 27.11
C SER C 54 0.85 18.21 27.89
N LEU C 55 1.59 19.06 27.15
CA LEU C 55 2.62 19.96 27.70
C LEU C 55 1.95 21.25 28.10
N LYS C 56 0.97 21.74 27.30
CA LYS C 56 0.30 23.03 27.66
C LYS C 56 -0.58 22.89 28.88
N ALA C 57 -1.29 21.77 28.95
CA ALA C 57 -2.37 21.58 29.91
C ALA C 57 -2.24 20.19 30.45
N PRO C 58 -1.12 19.92 31.18
CA PRO C 58 -0.90 18.54 31.67
C PRO C 58 -2.02 18.13 32.61
N ASP C 59 -2.64 19.09 33.26
CA ASP C 59 -3.61 18.71 34.28
C ASP C 59 -5.03 18.35 33.73
N THR C 60 -5.28 18.61 32.44
CA THR C 60 -6.54 18.23 31.81
C THR C 60 -6.50 16.75 31.48
N ARG C 61 -7.56 16.02 31.80
CA ARG C 61 -7.60 14.59 31.58
C ARG C 61 -8.98 14.11 31.23
N ASN C 62 -9.03 12.98 30.52
CA ASN C 62 -10.26 12.22 30.44
C ASN C 62 -9.87 10.79 30.11
N GLU C 63 -10.84 9.88 30.04
CA GLU C 63 -10.54 8.46 29.89
C GLU C 63 -9.75 8.15 28.60
N LYS C 64 -10.08 8.83 27.50
CA LYS C 64 -9.39 8.55 26.24
C LYS C 64 -7.97 9.12 26.34
N LEU C 65 -7.84 10.34 26.84
CA LEU C 65 -6.47 10.93 26.93
C LEU C 65 -5.61 10.07 27.83
N ASN C 66 -6.16 9.54 28.92
CA ASN C 66 -5.37 8.70 29.79
C ASN C 66 -4.92 7.42 29.05
N SER C 67 -5.83 6.85 28.23
CA SER C 67 -5.49 5.58 27.56
C SER C 67 -4.49 5.76 26.43
N LEU C 68 -4.22 6.98 26.00
CA LEU C 68 -3.19 7.24 24.98
C LEU C 68 -1.82 7.30 25.61
N GLU C 69 -1.75 7.29 26.95
CA GLU C 69 -0.46 7.48 27.63
C GLU C 69 0.62 6.45 27.22
N ASP C 70 0.21 5.22 26.97
CA ASP C 70 1.14 4.14 26.57
C ASP C 70 1.84 4.36 25.22
N VAL C 71 1.26 5.20 24.34
CA VAL C 71 1.97 5.55 23.17
C VAL C 71 2.60 6.92 23.17
N ARG C 72 2.33 7.78 24.17
CA ARG C 72 3.01 9.07 24.12
C ARG C 72 4.52 8.98 24.31
N LYS C 73 5.25 9.79 23.57
CA LYS C 73 6.72 9.74 23.75
C LYS C 73 7.21 11.11 24.07
N GLY C 74 8.04 11.20 25.11
CA GLY C 74 8.75 12.43 25.48
C GLY C 74 10.01 12.68 24.69
N SER C 75 10.95 13.36 25.30
CA SER C 75 12.13 13.77 24.56
C SER C 75 13.19 14.37 25.49
N GLU C 76 12.79 15.17 26.48
CA GLU C 76 13.78 15.80 27.38
C GLU C 76 14.65 14.79 28.06
N ASN C 77 15.94 15.08 28.07
CA ASN C 77 16.95 14.24 28.68
C ASN C 77 17.29 12.90 28.04
N TYR C 78 16.69 12.61 26.88
CA TYR C 78 16.92 11.34 26.19
C TYR C 78 17.94 11.49 25.13
N ALA C 79 18.74 10.45 24.92
CA ALA C 79 19.63 10.37 23.76
C ALA C 79 18.92 10.26 22.40
N LEU C 80 19.51 10.85 21.36
CA LEU C 80 19.00 10.72 19.98
C LEU C 80 19.39 9.31 19.44
N THR C 81 18.40 8.57 18.99
CA THR C 81 18.69 7.26 18.50
C THR C 81 18.16 6.95 17.13
N THR C 82 18.62 5.83 16.56
CA THR C 82 17.84 5.21 15.41
C THR C 82 16.49 4.73 15.94
N ASN C 83 15.60 4.35 15.04
CA ASN C 83 14.41 3.66 15.48
C ASN C 83 14.69 2.25 16.09
N GLN C 84 15.87 1.70 15.89
CA GLN C 84 16.30 0.40 16.53
C GLN C 84 16.88 0.65 17.92
N GLY C 85 16.99 1.93 18.36
CA GLY C 85 17.45 2.19 19.69
C GLY C 85 18.94 2.40 19.77
N VAL C 86 19.62 2.53 18.62
CA VAL C 86 21.10 2.82 18.61
C VAL C 86 21.39 4.30 18.71
N ARG C 87 22.23 4.68 19.68
CA ARG C 87 22.53 6.09 19.88
C ARG C 87 23.35 6.64 18.71
N ILE C 88 23.01 7.84 18.28
CA ILE C 88 23.65 8.52 17.14
C ILE C 88 24.68 9.48 17.72
N ALA C 89 25.90 9.44 17.15
CA ALA C 89 26.98 10.33 17.62
C ALA C 89 26.95 11.63 16.81
N ASP C 90 26.85 11.53 15.49
CA ASP C 90 26.91 12.70 14.66
C ASP C 90 25.69 12.78 13.73
N ASP C 91 24.75 13.64 14.05
CA ASP C 91 23.51 13.69 13.25
C ASP C 91 23.60 14.87 12.27
N GLN C 92 24.84 15.31 11.96
CA GLN C 92 25.10 16.46 11.03
C GLN C 92 25.67 16.01 9.70
N ASN C 93 26.11 14.76 9.60
CA ASN C 93 26.85 14.32 8.38
C ASN C 93 26.54 12.88 7.96
N SER C 94 26.57 12.69 6.66
CA SER C 94 26.63 11.37 6.07
C SER C 94 28.01 10.73 6.23
N LEU C 95 28.07 9.40 6.13
CA LEU C 95 29.33 8.62 6.16
C LEU C 95 29.89 8.63 4.74
N ARG C 96 31.13 9.17 4.59
CA ARG C 96 31.73 9.25 3.26
C ARG C 96 33.19 8.78 3.33
N ALA C 97 33.70 8.44 2.15
CA ALA C 97 35.13 8.04 2.10
C ALA C 97 35.99 9.29 1.86
N GLY C 98 36.44 9.87 2.99
CA GLY C 98 37.09 11.18 3.03
C GLY C 98 36.06 12.26 3.18
N SER C 99 36.44 13.41 3.76
CA SER C 99 35.43 14.37 4.16
C SER C 99 34.92 15.14 2.95
N ARG C 100 35.55 14.94 1.78
CA ARG C 100 34.99 15.44 0.52
C ARG C 100 34.64 14.30 -0.41
N GLY C 101 34.43 13.10 0.16
CA GLY C 101 34.25 11.90 -0.65
C GLY C 101 32.81 11.48 -0.87
N PRO C 102 32.66 10.37 -1.61
CA PRO C 102 31.32 9.89 -1.86
C PRO C 102 30.67 9.31 -0.63
N THR C 103 29.33 9.40 -0.55
CA THR C 103 28.56 8.80 0.59
C THR C 103 28.54 7.31 0.39
N LEU C 104 28.63 6.58 1.53
CA LEU C 104 28.78 5.11 1.47
C LEU C 104 27.41 4.46 1.74
N LEU C 105 27.19 3.35 1.07
CA LEU C 105 25.90 2.62 1.14
C LEU C 105 25.74 2.03 2.56
N GLU C 106 26.86 1.74 3.24
CA GLU C 106 26.81 1.21 4.62
C GLU C 106 26.32 2.25 5.65
N ASP C 107 25.97 3.46 5.21
CA ASP C 107 25.47 4.44 6.19
C ASP C 107 23.97 4.15 6.47
N PHE C 108 23.77 3.25 7.45
CA PHE C 108 22.40 2.87 7.81
C PHE C 108 21.67 3.96 8.59
N ILE C 109 22.40 4.88 9.25
CA ILE C 109 21.76 5.89 10.08
C ILE C 109 21.15 6.91 9.12
N LEU C 110 21.94 7.32 8.10
CA LEU C 110 21.45 8.21 7.02
C LEU C 110 20.22 7.51 6.35
N ARG C 111 20.38 6.27 5.91
CA ARG C 111 19.30 5.67 5.11
C ARG C 111 18.07 5.47 5.96
N GLU C 112 18.19 5.12 7.26
CA GLU C 112 16.89 4.99 8.03
C GLU C 112 16.18 6.34 8.15
N LYS C 113 16.95 7.41 8.36
CA LYS C 113 16.37 8.72 8.64
C LYS C 113 15.71 9.23 7.35
N ILE C 114 16.39 9.01 6.23
CA ILE C 114 15.87 9.50 4.94
C ILE C 114 14.72 8.62 4.45
N THR C 115 14.83 7.32 4.68
CA THR C 115 13.68 6.39 4.43
C THR C 115 12.46 6.85 5.21
N HIS C 116 12.57 7.16 6.51
CA HIS C 116 11.35 7.51 7.22
C HIS C 116 10.75 8.82 6.64
N PHE C 117 11.61 9.79 6.42
CA PHE C 117 11.21 11.01 5.80
C PHE C 117 10.51 10.77 4.45
N ASP C 118 11.15 9.96 3.61
CA ASP C 118 10.62 9.70 2.26
C ASP C 118 9.22 9.09 2.27
N HIS C 119 8.82 8.49 3.40
CA HIS C 119 7.49 7.78 3.45
C HIS C 119 6.54 8.40 4.46
N GLU C 120 6.77 9.67 4.75
CA GLU C 120 5.95 10.39 5.76
C GLU C 120 4.51 10.53 5.39
N ARG C 121 4.22 10.68 4.11
CA ARG C 121 2.84 11.04 3.76
C ARG C 121 1.91 9.85 3.54
N ILE C 122 0.63 10.05 3.89
CA ILE C 122 -0.42 9.11 3.58
C ILE C 122 -1.48 9.86 2.74
N PRO C 123 -2.32 9.12 1.97
CA PRO C 123 -3.33 9.80 1.17
C PRO C 123 -4.15 10.71 2.08
N GLU C 124 -4.48 11.90 1.59
CA GLU C 124 -5.44 12.71 2.36
C GLU C 124 -6.86 12.15 2.17
N ARG C 125 -7.74 12.64 2.99
CA ARG C 125 -9.19 12.21 2.86
C ARG C 125 -9.73 12.61 1.49
N ILE C 126 -10.58 11.75 0.88
CA ILE C 126 -11.10 12.06 -0.48
C ILE C 126 -11.88 13.38 -0.43
N VAL C 127 -12.58 13.61 0.67
CA VAL C 127 -13.37 14.85 0.91
C VAL C 127 -13.13 15.16 2.38
N HIS C 128 -13.29 16.42 2.73
CA HIS C 128 -12.99 16.95 4.10
C HIS C 128 -11.52 16.74 4.43
N ALA C 129 -10.65 16.77 3.43
CA ALA C 129 -9.17 16.66 3.67
C ALA C 129 -8.61 17.75 4.62
N ARG C 130 -9.21 18.92 4.61
CA ARG C 130 -8.78 20.05 5.48
C ARG C 130 -9.64 20.10 6.76
N GLY C 131 -9.04 19.88 7.91
CA GLY C 131 -9.80 19.82 9.16
C GLY C 131 -8.89 20.05 10.37
N SER C 132 -9.53 20.43 11.49
CA SER C 132 -8.82 20.80 12.73
C SER C 132 -9.55 20.16 13.88
N ALA C 133 -8.83 19.57 14.83
CA ALA C 133 -9.50 18.64 15.79
C ALA C 133 -9.06 18.95 17.22
N ALA C 134 -9.93 18.62 18.18
CA ALA C 134 -9.56 18.71 19.60
C ALA C 134 -10.18 17.59 20.38
N HIS C 135 -9.59 17.24 21.54
CA HIS C 135 -10.20 16.37 22.59
C HIS C 135 -11.17 17.09 23.49
N GLY C 136 -12.14 16.38 24.03
CA GLY C 136 -13.10 17.00 24.95
C GLY C 136 -13.93 15.94 25.65
N TYR C 137 -15.05 16.39 26.21
CA TYR C 137 -15.93 15.40 26.83
C TYR C 137 -17.40 15.79 26.68
N PHE C 138 -18.29 14.81 26.89
CA PHE C 138 -19.73 15.02 26.69
C PHE C 138 -20.41 14.45 27.92
N GLN C 139 -21.53 15.07 28.28
CA GLN C 139 -22.30 14.61 29.40
C GLN C 139 -23.80 14.92 29.10
N PRO C 140 -24.71 13.97 29.40
CA PRO C 140 -26.11 14.32 29.10
C PRO C 140 -26.71 15.02 30.32
N TYR C 141 -27.70 15.85 30.06
CA TYR C 141 -28.33 16.57 31.19
C TYR C 141 -29.17 15.64 32.05
N LYS C 142 -29.72 14.61 31.45
CA LYS C 142 -30.57 13.63 32.15
C LYS C 142 -30.57 12.31 31.40
N SER C 143 -31.01 11.26 32.07
CA SER C 143 -31.11 9.95 31.42
C SER C 143 -32.17 9.95 30.37
N LEU C 144 -31.83 9.38 29.21
CA LEU C 144 -32.78 9.37 28.09
C LEU C 144 -33.29 7.92 27.91
N SER C 145 -33.22 7.12 28.98
CA SER C 145 -33.61 5.70 28.86
C SER C 145 -35.08 5.47 28.37
N ASP C 146 -35.99 6.45 28.54
CA ASP C 146 -37.36 6.23 28.02
C ASP C 146 -37.37 6.19 26.49
N ILE C 147 -36.41 6.84 25.82
CA ILE C 147 -36.39 6.87 24.40
C ILE C 147 -35.19 6.16 23.74
N THR C 148 -34.14 5.89 24.49
CA THR C 148 -33.02 5.15 23.88
C THR C 148 -32.26 4.34 24.93
N LYS C 149 -31.81 3.16 24.59
CA LYS C 149 -30.96 2.40 25.49
C LYS C 149 -29.47 2.65 25.31
N ALA C 150 -29.12 3.67 24.55
CA ALA C 150 -27.71 3.99 24.34
C ALA C 150 -27.07 4.33 25.65
N ASP C 151 -26.01 3.61 26.01
CA ASP C 151 -25.42 3.80 27.33
C ASP C 151 -24.88 5.19 27.61
N PHE C 152 -24.32 5.88 26.60
CA PHE C 152 -23.70 7.13 26.85
C PHE C 152 -24.75 8.19 27.19
N LEU C 153 -26.03 7.85 26.89
CA LEU C 153 -27.14 8.77 27.23
C LEU C 153 -27.93 8.31 28.43
N SER C 154 -27.38 7.41 29.25
CA SER C 154 -28.27 6.78 30.24
C SER C 154 -28.20 7.41 31.62
N ASP C 155 -27.21 8.28 31.85
CA ASP C 155 -26.91 8.71 33.23
C ASP C 155 -26.30 10.10 33.15
N PRO C 156 -26.91 11.08 33.84
CA PRO C 156 -26.27 12.39 33.76
C PRO C 156 -24.86 12.48 34.35
N ASN C 157 -24.48 11.51 35.18
CA ASN C 157 -23.12 11.43 35.69
C ASN C 157 -22.13 10.72 34.76
N LYS C 158 -22.61 10.10 33.67
CA LYS C 158 -21.72 9.33 32.77
C LYS C 158 -21.04 10.35 31.82
N ILE C 159 -19.74 10.48 31.98
CA ILE C 159 -19.04 11.37 31.09
C ILE C 159 -18.33 10.54 29.99
N THR C 160 -18.48 10.99 28.72
CA THR C 160 -17.99 10.24 27.56
C THR C 160 -16.92 11.09 26.92
N PRO C 161 -15.68 10.59 26.80
CA PRO C 161 -14.65 11.39 26.07
C PRO C 161 -15.04 11.53 24.63
N VAL C 162 -14.63 12.63 24.02
CA VAL C 162 -14.86 12.78 22.62
C VAL C 162 -13.60 13.24 21.93
N PHE C 163 -13.59 13.01 20.60
CA PHE C 163 -12.57 13.67 19.75
C PHE C 163 -13.37 14.23 18.56
N VAL C 164 -13.12 15.50 18.22
CA VAL C 164 -13.95 16.23 17.26
C VAL C 164 -13.09 16.80 16.21
N ARG C 165 -13.47 16.62 14.94
CA ARG C 165 -12.70 17.19 13.87
C ARG C 165 -13.67 18.05 13.05
N PHE C 166 -13.25 19.30 12.86
CA PHE C 166 -14.06 20.23 12.03
C PHE C 166 -13.28 20.34 10.73
N SER C 167 -13.96 20.65 9.63
CA SER C 167 -13.32 20.52 8.32
C SER C 167 -14.05 21.39 7.29
N THR C 168 -13.41 21.66 6.15
CA THR C 168 -14.13 22.13 4.95
C THR C 168 -14.39 20.81 4.17
N VAL C 169 -14.85 20.89 2.94
CA VAL C 169 -15.21 19.69 2.17
C VAL C 169 -14.28 19.57 0.94
N GLN C 170 -14.18 20.66 0.14
CA GLN C 170 -13.58 20.57 -1.22
C GLN C 170 -12.03 20.53 -1.19
N GLY C 171 -11.35 21.44 -0.46
CA GLY C 171 -9.95 21.60 -0.64
C GLY C 171 -9.09 20.50 -0.06
N GLY C 172 -7.84 20.48 -0.50
CA GLY C 172 -6.82 19.55 0.06
C GLY C 172 -6.48 19.87 1.50
N ALA C 173 -5.67 18.98 2.12
CA ALA C 173 -5.23 19.21 3.48
C ALA C 173 -4.42 20.49 3.63
N GLY C 174 -3.82 20.99 2.56
CA GLY C 174 -3.05 22.22 2.62
C GLY C 174 -3.79 23.42 2.03
N SER C 175 -5.11 23.29 1.87
CA SER C 175 -5.94 24.41 1.41
C SER C 175 -6.32 25.36 2.59
N ALA C 176 -7.00 26.44 2.27
CA ALA C 176 -7.23 27.51 3.24
C ALA C 176 -8.52 27.30 4.07
N ASP C 177 -8.55 27.89 5.27
CA ASP C 177 -9.71 27.64 6.18
C ASP C 177 -10.97 28.46 5.79
N THR C 178 -10.77 29.77 5.48
CA THR C 178 -11.95 30.69 5.44
C THR C 178 -12.55 30.76 4.03
N VAL C 179 -12.64 29.60 3.37
CA VAL C 179 -13.30 29.46 2.07
C VAL C 179 -14.81 29.53 2.18
N ARG C 180 -15.47 29.79 1.05
CA ARG C 180 -16.93 29.51 1.00
C ARG C 180 -17.14 28.07 0.62
N ASP C 181 -17.68 27.33 1.58
CA ASP C 181 -17.87 25.87 1.42
C ASP C 181 -18.78 25.40 2.58
N ILE C 182 -19.20 24.15 2.49
CA ILE C 182 -19.82 23.50 3.63
C ILE C 182 -18.69 23.22 4.67
N ARG C 183 -19.04 23.17 5.97
CA ARG C 183 -18.13 22.60 6.94
C ARG C 183 -18.55 21.28 7.52
N GLY C 184 -17.58 20.38 7.75
CA GLY C 184 -17.87 19.17 8.51
C GLY C 184 -17.70 19.36 10.02
N PHE C 185 -18.46 18.56 10.77
CA PHE C 185 -18.43 18.57 12.20
C PHE C 185 -18.63 17.15 12.66
N ALA C 186 -17.51 16.48 12.91
CA ALA C 186 -17.51 15.08 13.19
C ALA C 186 -17.07 14.84 14.65
N THR C 187 -17.84 14.02 15.35
CA THR C 187 -17.56 13.69 16.75
C THR C 187 -17.47 12.18 16.97
N LYS C 188 -16.36 11.77 17.55
CA LYS C 188 -16.13 10.40 17.99
C LYS C 188 -16.44 10.35 19.48
N PHE C 189 -17.44 9.56 19.84
CA PHE C 189 -17.81 9.34 21.25
C PHE C 189 -17.25 7.98 21.66
N TYR C 190 -16.32 7.99 22.59
CA TYR C 190 -15.70 6.73 23.09
C TYR C 190 -16.59 6.22 24.22
N THR C 191 -17.70 5.52 23.84
CA THR C 191 -18.65 5.00 24.87
C THR C 191 -18.25 3.67 25.47
N GLU C 192 -18.91 3.34 26.56
CA GLU C 192 -18.70 2.07 27.25
C GLU C 192 -19.27 0.87 26.49
N GLU C 193 -20.07 1.16 25.47
CA GLU C 193 -20.63 0.11 24.61
C GLU C 193 -20.22 0.28 23.16
N GLY C 194 -19.09 0.94 22.92
CA GLY C 194 -18.62 1.08 21.55
C GLY C 194 -18.41 2.50 21.15
N ILE C 195 -17.70 2.63 20.04
CA ILE C 195 -17.46 3.94 19.44
C ILE C 195 -18.68 4.31 18.66
N PHE C 196 -19.22 5.46 19.02
CA PHE C 196 -20.26 6.10 18.17
C PHE C 196 -19.61 7.32 17.49
N ASP C 197 -19.71 7.38 16.15
CA ASP C 197 -19.23 8.54 15.40
C ASP C 197 -20.46 9.29 14.89
N LEU C 198 -20.63 10.53 15.31
CA LEU C 198 -21.68 11.36 14.74
C LEU C 198 -21.06 12.25 13.70
N VAL C 199 -21.30 11.92 12.42
CA VAL C 199 -20.48 12.58 11.40
C VAL C 199 -21.36 13.56 10.62
N GLY C 200 -21.35 14.84 11.01
CA GLY C 200 -22.29 15.81 10.44
C GLY C 200 -21.63 16.97 9.74
N ASN C 201 -22.46 17.92 9.26
CA ASN C 201 -22.03 19.16 8.62
C ASN C 201 -22.65 20.32 9.34
N ASN C 202 -22.36 21.56 8.87
CA ASN C 202 -22.87 22.74 9.51
C ASN C 202 -24.13 23.33 8.86
N THR C 203 -24.76 22.54 7.97
CA THR C 203 -26.05 22.87 7.32
C THR C 203 -26.92 21.62 7.47
N PRO C 204 -28.25 21.81 7.54
CA PRO C 204 -29.12 20.73 7.95
C PRO C 204 -29.51 19.79 6.82
N ILE C 205 -29.02 20.05 5.63
CA ILE C 205 -29.30 19.15 4.49
C ILE C 205 -28.08 18.96 3.70
N PHE C 206 -28.13 18.00 2.77
CA PHE C 206 -27.03 17.88 1.83
C PHE C 206 -27.47 18.25 0.43
N PHE C 207 -26.49 18.30 -0.52
CA PHE C 207 -26.75 18.68 -1.92
C PHE C 207 -27.47 17.62 -2.72
N ILE C 208 -27.37 16.34 -2.34
CA ILE C 208 -27.86 15.30 -3.22
C ILE C 208 -28.68 14.30 -2.44
N GLN C 209 -29.55 13.55 -3.13
CA GLN C 209 -30.46 12.54 -2.53
C GLN C 209 -29.94 11.13 -2.44
N ASP C 210 -29.17 10.66 -3.42
CA ASP C 210 -28.78 9.23 -3.41
C ASP C 210 -27.26 9.13 -3.47
N ALA C 211 -26.67 8.29 -2.60
CA ALA C 211 -25.22 8.10 -2.58
C ALA C 211 -24.58 7.80 -3.92
N HIS C 212 -25.34 7.15 -4.81
CA HIS C 212 -24.79 6.77 -6.11
C HIS C 212 -24.30 7.96 -6.89
N LYS C 213 -24.80 9.15 -6.54
CA LYS C 213 -24.39 10.36 -7.22
C LYS C 213 -23.26 11.13 -6.52
N PHE C 214 -22.84 10.64 -5.34
CA PHE C 214 -21.77 11.35 -4.65
C PHE C 214 -20.51 11.58 -5.53
N PRO C 215 -20.03 10.56 -6.29
CA PRO C 215 -18.78 10.83 -7.02
C PRO C 215 -19.02 11.88 -8.13
N ASP C 216 -20.20 11.90 -8.74
CA ASP C 216 -20.55 12.93 -9.71
C ASP C 216 -20.58 14.31 -9.06
N PHE C 217 -21.27 14.47 -7.95
CA PHE C 217 -21.36 15.77 -7.29
C PHE C 217 -19.94 16.23 -6.85
N VAL C 218 -19.23 15.36 -6.13
CA VAL C 218 -17.90 15.68 -5.64
C VAL C 218 -16.94 15.95 -6.76
N HIS C 219 -16.97 15.19 -7.86
CA HIS C 219 -16.08 15.59 -9.00
C HIS C 219 -16.45 16.93 -9.55
N ALA C 220 -17.73 17.22 -9.59
CA ALA C 220 -18.14 18.58 -10.04
C ALA C 220 -17.65 19.76 -9.14
N VAL C 221 -17.62 19.58 -7.81
CA VAL C 221 -17.24 20.67 -6.93
C VAL C 221 -15.71 20.78 -6.83
N LYS C 222 -15.04 19.64 -6.96
CA LYS C 222 -13.58 19.48 -6.89
C LYS C 222 -12.85 20.22 -8.04
N PRO C 223 -11.53 20.39 -7.90
CA PRO C 223 -10.81 21.11 -8.96
C PRO C 223 -11.02 20.35 -10.27
N GLU C 224 -11.17 21.07 -11.40
CA GLU C 224 -11.51 20.43 -12.65
C GLU C 224 -10.35 19.59 -13.19
N PRO C 225 -10.63 18.46 -13.83
CA PRO C 225 -9.66 17.39 -13.94
C PRO C 225 -8.53 17.70 -14.94
N HIS C 226 -8.73 18.63 -15.87
CA HIS C 226 -7.62 18.86 -16.82
C HIS C 226 -6.49 19.57 -16.12
N TRP C 227 -6.80 20.61 -15.36
CA TRP C 227 -5.74 21.51 -14.85
C TRP C 227 -5.74 21.59 -13.34
N ALA C 228 -6.67 20.86 -12.66
CA ALA C 228 -6.74 20.89 -11.19
C ALA C 228 -6.81 22.33 -10.63
N ILE C 229 -7.73 23.07 -11.19
CA ILE C 229 -8.17 24.36 -10.66
C ILE C 229 -9.70 24.34 -10.56
N PRO C 230 -10.30 24.98 -9.52
CA PRO C 230 -9.71 25.83 -8.45
C PRO C 230 -9.69 25.13 -7.16
N GLN C 231 -8.82 25.61 -6.27
CA GLN C 231 -8.68 24.98 -4.93
C GLN C 231 -9.57 25.69 -3.92
N GLY C 232 -10.32 24.92 -3.15
CA GLY C 232 -11.06 25.46 -2.02
C GLY C 232 -12.17 26.38 -2.48
N GLN C 233 -12.65 26.21 -3.70
CA GLN C 233 -13.62 27.16 -4.33
C GLN C 233 -14.69 26.46 -5.13
N ILE C 234 -15.97 26.85 -4.95
CA ILE C 234 -17.09 26.23 -5.68
C ILE C 234 -17.40 27.08 -6.94
N ALA C 235 -16.68 28.19 -7.10
CA ALA C 235 -16.92 29.22 -8.18
C ALA C 235 -16.26 28.82 -9.46
N HIS C 236 -16.80 27.79 -10.10
CA HIS C 236 -16.27 27.35 -11.35
C HIS C 236 -17.34 26.61 -12.11
N ASP C 237 -17.13 26.51 -13.43
CA ASP C 237 -18.07 25.94 -14.36
C ASP C 237 -18.68 24.60 -13.98
N THR C 238 -17.86 23.63 -13.52
CA THR C 238 -18.45 22.29 -13.49
C THR C 238 -19.42 22.19 -12.29
N PHE C 239 -19.14 22.90 -11.18
CA PHE C 239 -20.03 22.89 -10.03
C PHE C 239 -21.36 23.44 -10.47
N TRP C 240 -21.31 24.64 -11.07
CA TRP C 240 -22.62 25.27 -11.48
C TRP C 240 -23.32 24.55 -12.65
N ASP C 241 -22.59 23.83 -13.51
CA ASP C 241 -23.16 22.99 -14.52
C ASP C 241 -23.99 21.90 -13.80
N TYR C 242 -23.37 21.20 -12.80
CA TYR C 242 -24.06 20.14 -12.08
C TYR C 242 -25.30 20.63 -11.40
N VAL C 243 -25.18 21.71 -10.62
CA VAL C 243 -26.33 22.35 -9.93
C VAL C 243 -27.46 22.69 -10.91
N SER C 244 -27.12 23.36 -12.02
CA SER C 244 -28.16 23.70 -13.01
C SER C 244 -28.94 22.53 -13.57
N LEU C 245 -28.33 21.31 -13.56
CA LEU C 245 -28.92 20.13 -14.21
C LEU C 245 -29.54 19.22 -13.11
N GLN C 246 -29.30 19.59 -11.83
CA GLN C 246 -29.72 18.76 -10.67
C GLN C 246 -30.35 19.65 -9.58
N PRO C 247 -31.63 20.09 -9.77
CA PRO C 247 -32.28 21.03 -8.87
C PRO C 247 -32.37 20.51 -7.44
N GLU C 248 -32.25 19.21 -7.17
CA GLU C 248 -32.18 18.73 -5.75
C GLU C 248 -31.09 19.48 -4.98
N THR C 249 -30.04 19.87 -5.71
CA THR C 249 -28.93 20.60 -5.07
C THR C 249 -29.27 21.97 -4.55
N LEU C 250 -30.40 22.60 -4.95
CA LEU C 250 -30.52 24.07 -4.74
C LEU C 250 -30.65 24.40 -3.30
N HIS C 251 -31.21 23.48 -2.51
CA HIS C 251 -31.38 23.77 -1.09
C HIS C 251 -30.04 23.99 -0.41
N ASN C 252 -29.11 23.00 -0.48
CA ASN C 252 -27.85 23.25 0.16
C ASN C 252 -27.05 24.37 -0.53
N VAL C 253 -27.26 24.54 -1.82
CA VAL C 253 -26.59 25.67 -2.49
C VAL C 253 -27.03 27.04 -1.88
N MET C 254 -28.30 27.16 -1.52
CA MET C 254 -28.76 28.42 -0.90
C MET C 254 -27.98 28.65 0.37
N TRP C 255 -27.84 27.55 1.14
CA TRP C 255 -27.08 27.66 2.39
C TRP C 255 -25.63 28.07 2.14
N ALA C 256 -25.01 27.44 1.14
CA ALA C 256 -23.64 27.69 0.87
C ALA C 256 -23.49 29.14 0.34
N MET C 257 -24.45 29.66 -0.44
CA MET C 257 -24.34 31.02 -0.88
C MET C 257 -24.58 32.06 0.20
N SER C 258 -25.27 31.67 1.28
CA SER C 258 -25.49 32.58 2.42
C SER C 258 -24.19 32.71 3.23
N ASP C 259 -24.23 33.51 4.28
CA ASP C 259 -23.04 33.72 5.05
C ASP C 259 -22.76 32.45 5.87
N ARG C 260 -23.71 31.49 5.93
CA ARG C 260 -23.40 30.16 6.49
C ARG C 260 -22.16 29.57 5.86
N GLY C 261 -21.96 29.90 4.58
CA GLY C 261 -20.76 29.35 3.85
C GLY C 261 -19.40 29.87 4.34
N ILE C 262 -19.42 30.87 5.23
CA ILE C 262 -18.16 31.53 5.66
C ILE C 262 -18.18 31.81 7.15
N PRO C 263 -18.21 30.75 7.98
CA PRO C 263 -18.25 30.96 9.45
C PRO C 263 -17.06 31.75 9.99
N ARG C 264 -17.33 32.41 11.11
CA ARG C 264 -16.33 33.23 11.76
C ARG C 264 -15.34 32.31 12.45
N SER C 265 -15.82 31.16 12.90
CA SER C 265 -15.04 30.26 13.76
C SER C 265 -15.78 28.91 13.77
N TYR C 266 -15.09 27.80 13.99
CA TYR C 266 -15.81 26.55 14.22
C TYR C 266 -16.65 26.62 15.45
N ARG C 267 -16.32 27.53 16.39
CA ARG C 267 -17.08 27.71 17.62
C ARG C 267 -18.42 28.41 17.44
N THR C 268 -18.63 29.08 16.30
CA THR C 268 -19.81 29.92 16.07
C THR C 268 -20.59 29.42 14.81
N MET C 269 -20.73 28.08 14.67
CA MET C 269 -21.54 27.53 13.55
C MET C 269 -22.38 26.42 14.16
N GLU C 270 -23.51 26.12 13.49
CA GLU C 270 -24.33 25.01 13.92
C GLU C 270 -23.78 23.63 13.37
N GLY C 271 -24.16 22.53 14.01
CA GLY C 271 -23.91 21.21 13.49
C GLY C 271 -25.22 20.44 13.34
N PHE C 272 -25.24 19.55 12.37
CA PHE C 272 -26.39 18.71 12.04
C PHE C 272 -25.93 17.34 11.60
N GLY C 273 -26.64 16.29 12.00
CA GLY C 273 -26.41 14.98 11.40
C GLY C 273 -26.99 14.80 10.03
N ILE C 274 -27.86 15.75 9.64
CA ILE C 274 -28.63 15.75 8.38
C ILE C 274 -29.65 14.60 8.34
N HIS C 275 -29.19 13.35 8.35
CA HIS C 275 -30.16 12.25 8.17
C HIS C 275 -31.13 12.05 9.34
N THR C 276 -32.34 11.62 9.05
CA THR C 276 -33.14 10.95 10.05
C THR C 276 -32.49 9.60 10.44
N PHE C 277 -32.19 9.40 11.74
CA PHE C 277 -31.74 8.14 12.27
C PHE C 277 -32.86 7.58 13.16
N ARG C 278 -32.57 6.52 13.92
CA ARG C 278 -33.54 6.06 14.91
C ARG C 278 -32.94 5.93 16.26
N LEU C 279 -33.75 6.26 17.27
CA LEU C 279 -33.45 5.86 18.65
C LEU C 279 -34.29 4.62 18.95
N ILE C 280 -33.70 3.67 19.67
CA ILE C 280 -34.34 2.42 20.05
C ILE C 280 -34.26 2.29 21.55
N ASN C 281 -35.43 2.27 22.22
CA ASN C 281 -35.40 2.05 23.66
C ASN C 281 -35.42 0.56 24.07
N ALA C 282 -35.30 0.30 25.37
CA ALA C 282 -35.26 -1.06 25.92
C ALA C 282 -36.50 -1.87 25.57
N GLU C 283 -37.64 -1.22 25.47
CA GLU C 283 -38.94 -1.84 24.97
C GLU C 283 -38.94 -2.20 23.49
N GLY C 284 -37.99 -1.66 22.71
CA GLY C 284 -37.93 -1.98 21.30
C GLY C 284 -38.61 -0.92 20.47
N LYS C 285 -39.05 0.18 21.08
CA LYS C 285 -39.77 1.20 20.34
C LYS C 285 -38.77 2.10 19.62
N ALA C 286 -39.05 2.36 18.35
CA ALA C 286 -38.19 3.21 17.50
C ALA C 286 -38.76 4.61 17.46
N THR C 287 -37.89 5.64 17.59
CA THR C 287 -38.35 6.98 17.46
C THR C 287 -37.45 7.59 16.39
N PHE C 288 -38.01 8.31 15.41
CA PHE C 288 -37.12 8.96 14.41
C PHE C 288 -36.38 10.11 15.07
N VAL C 289 -35.12 10.37 14.65
CA VAL C 289 -34.34 11.47 15.29
C VAL C 289 -33.47 12.17 14.25
N ARG C 290 -33.39 13.50 14.33
CA ARG C 290 -32.31 14.20 13.67
C ARG C 290 -31.49 14.94 14.73
N PHE C 291 -30.18 14.85 14.57
CA PHE C 291 -29.22 15.37 15.53
C PHE C 291 -28.80 16.80 15.22
N HIS C 292 -28.63 17.58 16.30
CA HIS C 292 -28.20 18.97 16.21
C HIS C 292 -27.09 19.28 17.21
N TRP C 293 -26.22 20.20 16.84
CA TRP C 293 -25.33 20.81 17.80
C TRP C 293 -25.63 22.27 17.77
N LYS C 294 -25.78 22.86 18.97
CA LYS C 294 -26.08 24.29 19.12
C LYS C 294 -24.77 24.90 19.66
N PRO C 295 -24.19 25.92 18.98
CA PRO C 295 -22.98 26.55 19.49
C PRO C 295 -23.30 27.44 20.69
N LEU C 296 -22.75 27.13 21.86
CA LEU C 296 -23.05 28.01 23.04
C LEU C 296 -22.35 29.38 22.95
N ALA C 297 -21.33 29.53 22.09
CA ALA C 297 -20.80 30.84 21.71
C ALA C 297 -21.64 31.57 20.65
N GLY C 298 -22.78 31.01 20.22
CA GLY C 298 -23.67 31.68 19.26
C GLY C 298 -23.28 31.46 17.79
N LYS C 299 -24.07 32.05 16.89
CA LYS C 299 -23.86 31.86 15.44
C LYS C 299 -23.23 33.13 14.91
N ALA C 300 -22.15 33.02 14.15
CA ALA C 300 -21.44 34.22 13.59
C ALA C 300 -20.63 33.83 12.39
N SER C 301 -20.77 34.65 11.33
CA SER C 301 -20.08 34.43 10.07
C SER C 301 -19.35 35.69 9.63
N LEU C 302 -18.35 35.50 8.80
CA LEU C 302 -17.59 36.57 8.12
C LEU C 302 -18.47 37.15 7.02
N VAL C 303 -17.94 38.18 6.35
CA VAL C 303 -18.50 38.60 5.07
C VAL C 303 -17.52 38.18 3.98
N TRP C 304 -18.04 38.03 2.76
CA TRP C 304 -17.29 37.43 1.66
C TRP C 304 -15.92 38.06 1.35
N ASP C 305 -15.87 39.40 1.24
CA ASP C 305 -14.59 40.05 0.90
C ASP C 305 -13.53 39.75 1.97
N GLU C 306 -14.00 39.75 3.24
CA GLU C 306 -13.19 39.46 4.42
C GLU C 306 -12.70 38.06 4.39
N ALA C 307 -13.61 37.12 4.10
CA ALA C 307 -13.27 35.72 4.10
C ALA C 307 -12.28 35.41 3.00
N GLN C 308 -12.50 35.94 1.82
CA GLN C 308 -11.62 35.70 0.67
C GLN C 308 -10.24 36.28 0.96
N LYS C 309 -10.18 37.54 1.39
CA LYS C 309 -8.89 38.14 1.69
C LYS C 309 -8.17 37.38 2.83
N LEU C 310 -8.94 36.90 3.83
CA LEU C 310 -8.35 36.18 4.96
C LEU C 310 -7.68 34.83 4.52
N THR C 311 -8.18 34.19 3.45
CA THR C 311 -7.48 32.94 2.90
C THR C 311 -6.07 33.26 2.44
N GLY C 312 -5.81 34.51 2.04
CA GLY C 312 -4.46 35.00 1.75
C GLY C 312 -3.70 35.45 3.00
N ARG C 313 -4.29 36.30 3.87
CA ARG C 313 -3.55 36.82 5.03
C ARG C 313 -3.27 35.76 6.11
N ASP C 314 -4.16 34.77 6.27
CA ASP C 314 -3.96 33.70 7.25
C ASP C 314 -4.77 32.49 6.81
N PRO C 315 -4.22 31.66 5.87
CA PRO C 315 -5.03 30.52 5.42
C PRO C 315 -5.31 29.52 6.57
N ASP C 316 -4.69 29.70 7.74
CA ASP C 316 -4.89 28.79 8.88
C ASP C 316 -5.72 29.41 9.98
N PHE C 317 -6.55 30.39 9.62
CA PHE C 317 -7.23 31.18 10.66
C PHE C 317 -8.16 30.34 11.57
N HIS C 318 -8.96 29.44 11.00
CA HIS C 318 -9.88 28.66 11.85
C HIS C 318 -9.10 27.64 12.69
N ARG C 319 -8.09 26.98 12.10
CA ARG C 319 -7.29 26.03 12.86
C ARG C 319 -6.59 26.72 14.08
N ARG C 320 -6.06 27.92 13.79
CA ARG C 320 -5.40 28.73 14.76
C ARG C 320 -6.38 29.16 15.85
N GLU C 321 -7.58 29.60 15.43
CA GLU C 321 -8.53 30.20 16.36
C GLU C 321 -9.03 29.12 17.36
N LEU C 322 -9.30 27.90 16.84
CA LEU C 322 -9.70 26.76 17.65
C LEU C 322 -8.58 26.39 18.63
N TRP C 323 -7.37 26.30 18.15
CA TRP C 323 -6.26 25.87 19.04
C TRP C 323 -6.01 26.90 20.15
N GLU C 324 -6.02 28.16 19.75
CA GLU C 324 -5.83 29.29 20.69
C GLU C 324 -6.98 29.47 21.69
N ALA C 325 -8.20 29.18 21.31
CA ALA C 325 -9.34 29.29 22.28
C ALA C 325 -9.15 28.26 23.36
N ILE C 326 -8.75 27.05 22.95
CA ILE C 326 -8.53 25.95 23.89
C ILE C 326 -7.36 26.30 24.84
N GLU C 327 -6.30 26.89 24.29
CA GLU C 327 -5.12 27.27 25.10
C GLU C 327 -5.48 28.36 26.10
N ALA C 328 -6.46 29.21 25.71
CA ALA C 328 -6.90 30.33 26.55
C ALA C 328 -7.95 29.95 27.59
N GLY C 329 -8.52 28.75 27.48
CA GLY C 329 -9.65 28.33 28.29
C GLY C 329 -11.00 28.83 27.77
N ASP C 330 -11.05 29.35 26.56
CA ASP C 330 -12.26 29.67 25.85
C ASP C 330 -12.79 28.38 25.20
N PHE C 331 -13.01 27.34 26.00
CA PHE C 331 -13.33 26.05 25.41
C PHE C 331 -14.57 26.08 24.51
N PRO C 332 -14.45 25.59 23.26
CA PRO C 332 -15.63 25.38 22.36
C PRO C 332 -16.67 24.55 23.11
N GLU C 333 -17.88 25.08 23.25
CA GLU C 333 -18.94 24.32 23.87
C GLU C 333 -20.11 24.19 22.88
N TYR C 334 -20.80 23.04 22.87
CA TYR C 334 -21.95 22.80 22.01
C TYR C 334 -22.97 22.00 22.77
N GLU C 335 -24.24 22.28 22.51
CA GLU C 335 -25.31 21.50 23.08
C GLU C 335 -25.90 20.50 22.02
N LEU C 336 -25.81 19.22 22.37
CA LEU C 336 -26.42 18.18 21.57
C LEU C 336 -27.93 18.34 21.75
N GLY C 337 -28.65 18.28 20.63
CA GLY C 337 -30.11 18.33 20.63
C GLY C 337 -30.70 17.34 19.67
N PHE C 338 -31.93 16.86 19.96
CA PHE C 338 -32.62 15.93 19.08
C PHE C 338 -33.96 16.50 18.57
N GLN C 339 -34.27 16.41 17.27
CA GLN C 339 -35.69 16.58 16.81
C GLN C 339 -36.22 15.17 16.80
N LEU C 340 -37.34 14.98 17.50
CA LEU C 340 -37.89 13.63 17.66
C LEU C 340 -39.23 13.52 17.03
N ILE C 341 -39.39 12.53 16.17
CA ILE C 341 -40.68 12.29 15.50
C ILE C 341 -41.17 10.86 15.77
N PRO C 342 -42.39 10.67 16.31
CA PRO C 342 -42.86 9.31 16.49
C PRO C 342 -43.02 8.53 15.17
N GLU C 343 -42.87 7.21 15.25
CA GLU C 343 -42.93 6.37 14.07
C GLU C 343 -44.22 6.64 13.30
N GLU C 344 -45.30 6.85 14.05
CA GLU C 344 -46.58 6.99 13.39
C GLU C 344 -46.72 8.31 12.64
N ASP C 345 -45.77 9.23 12.80
CA ASP C 345 -45.84 10.52 12.13
C ASP C 345 -44.95 10.58 10.90
N GLU C 346 -44.40 9.44 10.46
CA GLU C 346 -43.51 9.40 9.32
C GLU C 346 -44.05 10.21 8.13
N PHE C 347 -45.35 10.06 7.87
CA PHE C 347 -45.92 10.74 6.71
C PHE C 347 -46.65 12.02 6.99
N LYS C 348 -46.40 12.64 8.12
CA LYS C 348 -47.25 13.80 8.45
C LYS C 348 -46.84 15.14 7.83
N PHE C 349 -45.78 15.17 7.03
CA PHE C 349 -45.17 16.45 6.57
C PHE C 349 -45.30 16.47 5.09
N ASP C 350 -45.05 17.61 4.49
CA ASP C 350 -45.13 17.85 3.05
C ASP C 350 -43.91 17.29 2.34
N PHE C 351 -42.89 16.90 3.11
CA PHE C 351 -41.64 16.39 2.53
C PHE C 351 -41.39 15.00 3.15
N ASP C 352 -40.49 14.25 2.53
CA ASP C 352 -40.11 12.94 3.07
C ASP C 352 -39.03 13.03 4.15
N LEU C 353 -39.22 12.35 5.27
CA LEU C 353 -38.27 12.43 6.35
C LEU C 353 -36.96 11.78 5.95
N LEU C 354 -37.00 10.87 4.96
CA LEU C 354 -35.77 10.16 4.48
C LEU C 354 -35.00 10.93 3.42
N ASP C 355 -35.45 12.13 3.10
CA ASP C 355 -34.87 12.94 1.99
C ASP C 355 -33.91 13.94 2.58
N PRO C 356 -32.61 13.72 2.33
CA PRO C 356 -31.58 14.50 3.05
C PRO C 356 -31.41 15.91 2.40
N THR C 357 -32.23 16.24 1.38
CA THR C 357 -32.21 17.59 0.83
C THR C 357 -33.33 18.44 1.51
N LYS C 358 -34.08 17.80 2.43
CA LYS C 358 -35.16 18.52 3.18
C LYS C 358 -34.75 18.72 4.63
N LEU C 359 -35.10 19.86 5.20
CA LEU C 359 -34.83 20.07 6.60
C LEU C 359 -36.14 19.91 7.36
N ILE C 360 -36.06 19.68 8.67
CA ILE C 360 -37.28 19.59 9.50
C ILE C 360 -37.33 20.93 10.22
N PRO C 361 -38.31 21.79 9.83
CA PRO C 361 -38.30 23.13 10.47
C PRO C 361 -38.49 23.04 11.97
N GLU C 362 -37.69 23.79 12.75
CA GLU C 362 -37.85 23.78 14.18
C GLU C 362 -39.20 24.26 14.64
N GLU C 363 -39.86 25.13 13.82
CA GLU C 363 -41.23 25.54 14.18
C GLU C 363 -42.19 24.36 14.22
N LEU C 364 -41.94 23.30 13.42
CA LEU C 364 -42.80 22.09 13.41
C LEU C 364 -42.37 20.99 14.42
N VAL C 365 -41.06 20.80 14.54
CA VAL C 365 -40.47 19.79 15.52
C VAL C 365 -39.33 20.41 16.27
N PRO C 366 -39.54 20.76 17.55
CA PRO C 366 -38.53 21.53 18.23
C PRO C 366 -37.34 20.65 18.53
N VAL C 367 -36.19 21.30 18.71
CA VAL C 367 -34.99 20.62 19.15
C VAL C 367 -35.07 20.45 20.68
N GLN C 368 -35.01 19.23 21.13
CA GLN C 368 -35.00 18.92 22.54
C GLN C 368 -33.52 18.87 23.02
N ARG C 369 -33.19 19.58 24.09
CA ARG C 369 -31.79 19.64 24.55
C ARG C 369 -31.41 18.26 25.13
N VAL C 370 -30.22 17.80 24.84
CA VAL C 370 -29.82 16.44 25.27
C VAL C 370 -28.60 16.49 26.20
N GLY C 371 -27.61 17.33 25.88
CA GLY C 371 -26.37 17.28 26.66
C GLY C 371 -25.37 18.29 26.20
N LYS C 372 -24.24 18.34 26.93
CA LYS C 372 -23.23 19.36 26.61
C LYS C 372 -21.91 18.70 26.24
N MET C 373 -21.24 19.25 25.23
CA MET C 373 -19.91 18.81 24.83
C MET C 373 -18.99 19.99 24.99
N VAL C 374 -17.82 19.74 25.58
CA VAL C 374 -16.78 20.75 25.86
C VAL C 374 -15.48 20.26 25.29
N LEU C 375 -14.83 21.05 24.42
CA LEU C 375 -13.54 20.67 23.83
C LEU C 375 -12.46 21.41 24.63
N ASN C 376 -11.67 20.68 25.40
CA ASN C 376 -10.77 21.34 26.33
C ASN C 376 -9.29 20.90 26.23
N ARG C 377 -8.91 20.11 25.18
CA ARG C 377 -7.47 19.81 25.05
C ARG C 377 -7.08 19.67 23.58
N ASN C 378 -6.04 20.38 23.13
CA ASN C 378 -5.50 20.17 21.81
C ASN C 378 -4.73 18.82 21.76
N PRO C 379 -4.58 18.26 20.54
CA PRO C 379 -3.66 17.13 20.39
C PRO C 379 -2.22 17.41 20.76
N ASP C 380 -1.44 16.32 20.87
CA ASP C 380 0.02 16.40 20.94
C ASP C 380 0.65 16.42 19.57
N ASN C 381 0.17 15.61 18.64
CA ASN C 381 0.82 15.54 17.34
C ASN C 381 -0.31 15.53 16.32
N PHE C 382 -0.35 16.50 15.40
CA PHE C 382 -1.48 16.69 14.51
C PHE C 382 -1.60 15.47 13.57
N PHE C 383 -0.47 15.05 13.01
CA PHE C 383 -0.54 13.87 12.16
C PHE C 383 -1.11 12.64 12.88
N ALA C 384 -0.51 12.26 13.99
CA ALA C 384 -0.84 11.01 14.65
C ALA C 384 -2.31 10.98 15.13
N GLU C 385 -2.81 12.11 15.68
CA GLU C 385 -4.18 12.17 16.21
C GLU C 385 -5.24 12.71 15.27
N ASN C 386 -4.90 13.75 14.50
CA ASN C 386 -5.84 14.39 13.61
C ASN C 386 -5.81 13.72 12.28
N GLU C 387 -4.67 13.75 11.59
CA GLU C 387 -4.69 13.23 10.27
C GLU C 387 -5.10 11.76 10.19
N GLN C 388 -4.68 10.99 11.17
CA GLN C 388 -5.01 9.56 11.15
C GLN C 388 -6.39 9.19 11.72
N ALA C 389 -7.11 10.14 12.36
CA ALA C 389 -8.48 9.80 12.94
C ALA C 389 -9.36 9.34 11.78
N ALA C 390 -10.16 8.36 12.07
CA ALA C 390 -11.15 7.84 11.12
C ALA C 390 -12.54 7.87 11.72
N PHE C 391 -13.42 8.72 11.18
CA PHE C 391 -14.86 8.81 11.68
C PHE C 391 -15.76 8.11 10.62
N HIS C 392 -16.85 7.49 11.03
CA HIS C 392 -17.68 6.82 10.03
C HIS C 392 -19.08 6.72 10.64
N PRO C 393 -20.11 7.25 9.96
CA PRO C 393 -21.48 7.26 10.50
C PRO C 393 -22.10 5.84 10.69
N GLY C 394 -21.52 4.81 10.08
CA GLY C 394 -21.95 3.46 10.40
C GLY C 394 -21.51 3.00 11.78
N HIS C 395 -20.61 3.74 12.47
CA HIS C 395 -20.20 3.38 13.81
C HIS C 395 -21.24 3.83 14.78
N ILE C 396 -22.26 3.00 14.92
CA ILE C 396 -23.32 3.28 15.89
C ILE C 396 -23.29 2.28 17.03
N VAL C 397 -24.16 2.45 18.05
CA VAL C 397 -24.12 1.60 19.28
C VAL C 397 -25.54 1.14 19.60
N PRO C 398 -25.72 0.04 20.39
CA PRO C 398 -27.09 -0.36 20.70
C PRO C 398 -27.86 0.87 21.22
N GLY C 399 -29.10 1.04 20.80
CA GLY C 399 -29.90 2.17 21.23
C GLY C 399 -30.01 3.22 20.09
N LEU C 400 -29.27 3.00 19.01
CA LEU C 400 -29.35 3.83 17.77
C LEU C 400 -29.57 2.85 16.62
N ASP C 401 -30.10 3.33 15.49
CA ASP C 401 -30.18 2.49 14.29
C ASP C 401 -30.33 3.43 13.10
N PHE C 402 -30.26 2.90 11.88
CA PHE C 402 -30.36 3.69 10.67
C PHE C 402 -31.83 3.86 10.19
N THR C 403 -32.01 4.56 9.09
CA THR C 403 -33.22 4.50 8.26
C THR C 403 -32.78 4.28 6.81
N ASN C 404 -33.79 4.33 5.91
CA ASN C 404 -33.60 4.07 4.50
C ASN C 404 -33.21 5.30 3.68
N ASP C 405 -32.84 6.38 4.34
CA ASP C 405 -32.34 7.54 3.62
C ASP C 405 -31.25 7.05 2.69
N PRO C 406 -31.42 7.26 1.39
CA PRO C 406 -30.58 6.53 0.39
C PRO C 406 -29.23 7.20 0.21
N LEU C 407 -29.02 8.38 0.82
CA LEU C 407 -27.65 8.95 0.91
C LEU C 407 -26.91 8.32 2.12
N LEU C 408 -27.53 8.30 3.30
CA LEU C 408 -26.99 7.57 4.47
C LEU C 408 -26.66 6.14 4.07
N GLN C 409 -27.60 5.46 3.37
CA GLN C 409 -27.41 4.03 3.07
C GLN C 409 -26.07 3.81 2.37
N GLY C 410 -25.77 4.62 1.34
CA GLY C 410 -24.47 4.48 0.67
C GLY C 410 -23.27 4.95 1.46
N ARG C 411 -23.44 5.97 2.32
CA ARG C 411 -22.34 6.33 3.24
C ARG C 411 -21.87 5.12 3.96
N LEU C 412 -22.80 4.23 4.35
CA LEU C 412 -22.35 3.13 5.24
C LEU C 412 -21.31 2.26 4.58
N PHE C 413 -21.39 2.13 3.26
CA PHE C 413 -20.38 1.37 2.55
C PHE C 413 -18.97 2.14 2.52
N SER C 414 -19.04 3.43 2.25
CA SER C 414 -17.88 4.26 1.86
C SER C 414 -16.88 4.35 3.00
N TYR C 415 -17.34 4.61 4.20
CA TYR C 415 -16.40 5.02 5.19
C TYR C 415 -15.51 3.84 5.65
N THR C 416 -16.00 2.60 5.65
CA THR C 416 -15.09 1.49 5.96
C THR C 416 -14.13 1.24 4.78
N ASP C 417 -14.65 1.37 3.57
CA ASP C 417 -13.87 1.11 2.38
C ASP C 417 -12.64 2.07 2.22
N THR C 418 -12.93 3.35 2.29
CA THR C 418 -11.90 4.38 2.01
C THR C 418 -10.68 4.25 2.99
N GLN C 419 -10.95 3.80 4.24
CA GLN C 419 -9.91 3.60 5.25
C GLN C 419 -8.88 2.54 4.89
N ILE C 420 -9.25 1.56 4.07
CA ILE C 420 -8.28 0.54 3.65
C ILE C 420 -7.07 1.08 2.91
N SER C 421 -7.25 2.10 2.09
CA SER C 421 -6.10 2.77 1.43
C SER C 421 -5.58 3.95 2.25
N ARG C 422 -6.46 4.82 2.78
CA ARG C 422 -6.02 5.98 3.51
C ARG C 422 -5.11 5.67 4.72
N LEU C 423 -5.53 4.66 5.48
CA LEU C 423 -4.84 4.23 6.68
C LEU C 423 -4.14 2.87 6.56
N GLY C 424 -4.05 2.31 5.36
CA GLY C 424 -3.03 1.26 5.12
C GLY C 424 -3.55 -0.12 5.33
N GLY C 425 -4.82 -0.25 5.76
CA GLY C 425 -5.36 -1.62 5.92
C GLY C 425 -6.48 -1.70 6.94
N PRO C 426 -6.86 -2.95 7.30
CA PRO C 426 -8.06 -3.23 8.09
C PRO C 426 -7.88 -3.03 9.58
N ASN C 427 -6.65 -2.78 10.00
CA ASN C 427 -6.35 -2.54 11.44
C ASN C 427 -6.34 -1.10 11.79
N PHE C 428 -7.09 -0.27 11.05
CA PHE C 428 -7.04 1.12 11.42
C PHE C 428 -7.61 1.48 12.80
N HIS C 429 -8.45 0.61 13.38
CA HIS C 429 -8.97 0.85 14.69
C HIS C 429 -7.88 0.64 15.76
N GLU C 430 -6.72 0.08 15.40
CA GLU C 430 -5.57 -0.06 16.35
C GLU C 430 -4.68 1.20 16.36
N ILE C 431 -4.90 2.11 15.43
CA ILE C 431 -4.18 3.40 15.48
C ILE C 431 -4.68 4.10 16.75
N PRO C 432 -3.77 4.59 17.62
CA PRO C 432 -4.19 4.94 18.97
C PRO C 432 -5.45 5.83 19.02
N ILE C 433 -5.49 6.91 18.23
CA ILE C 433 -6.64 7.80 18.34
C ILE C 433 -7.97 7.08 18.06
N ASN C 434 -7.93 6.02 17.25
CA ASN C 434 -9.20 5.37 16.86
C ASN C 434 -9.63 4.29 17.82
N ARG C 435 -8.76 3.92 18.72
CA ARG C 435 -9.07 2.78 19.58
C ARG C 435 -10.25 3.04 20.53
N PRO C 436 -11.15 2.04 20.66
CA PRO C 436 -12.23 2.10 21.71
C PRO C 436 -11.52 2.11 23.05
N THR C 437 -12.15 2.74 24.03
CA THR C 437 -11.70 2.66 25.40
C THR C 437 -12.42 1.51 26.07
N CYS C 438 -13.47 0.98 25.46
CA CYS C 438 -14.20 -0.15 26.03
C CYS C 438 -13.57 -1.46 25.49
N PRO C 439 -13.93 -2.61 26.09
CA PRO C 439 -13.33 -3.84 25.52
C PRO C 439 -13.71 -4.13 24.07
N TYR C 440 -12.76 -4.81 23.41
CA TYR C 440 -13.12 -5.32 22.11
C TYR C 440 -12.39 -6.64 21.85
N HIS C 441 -13.13 -7.69 21.51
CA HIS C 441 -12.61 -9.05 21.29
C HIS C 441 -13.36 -9.70 20.19
N ASN C 442 -12.65 -10.33 19.24
CA ASN C 442 -13.35 -11.07 18.23
C ASN C 442 -12.41 -12.07 17.51
N PHE C 443 -12.83 -12.62 16.39
CA PHE C 443 -12.12 -13.75 15.80
C PHE C 443 -11.36 -13.25 14.58
N GLN C 444 -11.40 -11.95 14.38
CA GLN C 444 -10.67 -11.33 13.27
C GLN C 444 -9.13 -11.36 13.47
N ARG C 445 -8.35 -11.59 12.39
CA ARG C 445 -6.90 -11.82 12.63
C ARG C 445 -6.14 -11.14 11.54
N ASP C 446 -4.87 -10.87 11.82
CA ASP C 446 -3.86 -10.48 10.79
C ASP C 446 -4.18 -9.17 10.13
N GLY C 447 -3.75 -9.02 8.86
CA GLY C 447 -3.85 -7.72 8.17
C GLY C 447 -2.59 -6.92 8.39
N MET C 448 -2.35 -5.96 7.50
CA MET C 448 -1.14 -5.15 7.59
C MET C 448 -1.10 -4.34 8.90
N HIS C 449 0.12 -4.20 9.42
CA HIS C 449 0.25 -3.36 10.64
CA HIS C 449 0.47 -3.58 10.70
C HIS C 449 -0.51 -3.95 11.84
N ARG C 450 -0.64 -5.24 11.97
CA ARG C 450 -1.39 -5.80 13.10
C ARG C 450 -0.66 -5.60 14.42
N MET C 451 -1.35 -4.92 15.37
CA MET C 451 -0.78 -4.68 16.70
C MET C 451 -1.21 -5.76 17.68
N GLY C 452 -2.51 -6.07 17.71
CA GLY C 452 -2.99 -6.96 18.81
C GLY C 452 -2.43 -8.35 18.56
N ILE C 453 -1.96 -8.99 19.64
CA ILE C 453 -1.47 -10.35 19.61
C ILE C 453 -2.47 -11.26 20.35
N ASP C 454 -3.27 -11.94 19.56
CA ASP C 454 -4.37 -12.75 20.12
C ASP C 454 -3.86 -14.06 20.68
N THR C 455 -4.24 -14.33 21.91
CA THR C 455 -3.83 -15.60 22.55
C THR C 455 -4.94 -16.66 22.45
N ASN C 456 -6.14 -16.25 22.01
CA ASN C 456 -7.26 -17.25 21.90
C ASN C 456 -6.77 -18.50 21.07
N PRO C 457 -6.83 -19.74 21.63
CA PRO C 457 -6.60 -20.97 20.83
C PRO C 457 -7.49 -20.98 19.57
N ALA C 458 -8.66 -20.36 19.66
CA ALA C 458 -9.58 -20.29 18.50
C ALA C 458 -9.53 -19.01 17.68
N ASN C 459 -9.62 -19.11 16.38
CA ASN C 459 -9.89 -17.90 15.56
C ASN C 459 -11.18 -18.02 14.75
N TYR C 460 -12.11 -18.75 15.32
CA TYR C 460 -13.39 -19.00 14.62
C TYR C 460 -14.43 -19.25 15.70
N GLU C 461 -15.67 -19.06 15.32
CA GLU C 461 -16.77 -19.61 16.12
C GLU C 461 -17.88 -20.16 15.20
N PRO C 462 -18.64 -21.14 15.71
CA PRO C 462 -18.54 -21.71 17.03
C PRO C 462 -17.27 -22.53 17.21
N ASN C 463 -16.69 -22.46 18.42
CA ASN C 463 -15.58 -23.34 18.74
C ASN C 463 -15.80 -24.07 20.06
N SER C 464 -15.20 -25.22 20.20
CA SER C 464 -15.23 -25.90 21.55
C SER C 464 -13.89 -25.68 22.27
N ILE C 465 -12.82 -25.37 21.52
CA ILE C 465 -11.44 -25.48 22.05
C ILE C 465 -11.10 -24.27 22.94
N ASN C 466 -11.95 -23.25 22.85
CA ASN C 466 -11.89 -22.15 23.85
C ASN C 466 -13.26 -21.92 24.49
N ASP C 467 -14.08 -23.00 24.55
CA ASP C 467 -15.43 -22.90 25.14
C ASP C 467 -16.23 -21.75 24.55
N ASN C 468 -16.01 -21.59 23.24
CA ASN C 468 -16.72 -20.65 22.40
C ASN C 468 -16.57 -19.12 22.75
N TRP C 469 -15.50 -18.75 23.47
CA TRP C 469 -15.21 -17.34 23.83
C TRP C 469 -14.36 -16.75 22.73
N PRO C 470 -14.55 -15.44 22.46
CA PRO C 470 -15.58 -14.53 23.06
C PRO C 470 -16.99 -14.84 22.52
N ARG C 471 -17.99 -14.65 23.37
CA ARG C 471 -19.33 -15.16 23.05
C ARG C 471 -20.26 -14.06 22.65
N GLU C 472 -21.16 -14.42 21.76
CA GLU C 472 -22.28 -13.53 21.36
C GLU C 472 -23.10 -13.12 22.55
N THR C 473 -23.75 -11.98 22.46
CA THR C 473 -24.52 -11.48 23.62
C THR C 473 -25.93 -11.09 23.19
N PRO C 474 -26.99 -11.72 23.77
CA PRO C 474 -28.34 -11.31 23.34
C PRO C 474 -28.59 -9.77 23.53
N PRO C 475 -29.49 -9.17 22.71
CA PRO C 475 -29.92 -7.79 22.96
C PRO C 475 -30.63 -7.72 24.28
N GLY C 476 -30.59 -6.54 24.86
CA GLY C 476 -31.21 -6.32 26.16
C GLY C 476 -31.14 -4.88 26.54
N PRO C 477 -31.68 -4.53 27.72
CA PRO C 477 -31.79 -3.09 28.06
C PRO C 477 -30.46 -2.32 28.22
N LYS C 478 -29.43 -3.02 28.71
CA LYS C 478 -28.09 -2.48 28.87
C LYS C 478 -27.06 -3.55 28.55
N ARG C 479 -25.93 -3.13 28.00
CA ARG C 479 -24.79 -4.05 27.81
C ARG C 479 -25.22 -5.25 26.93
N GLY C 480 -26.23 -5.07 26.08
CA GLY C 480 -26.68 -6.13 25.16
C GLY C 480 -26.00 -6.07 23.80
N GLY C 481 -26.13 -7.16 23.05
CA GLY C 481 -25.71 -7.28 21.61
C GLY C 481 -26.55 -6.35 20.75
N PHE C 482 -25.95 -5.89 19.67
CA PHE C 482 -26.66 -5.12 18.68
C PHE C 482 -27.63 -5.98 17.81
N GLU C 483 -28.88 -5.50 17.75
CA GLU C 483 -29.87 -6.13 16.88
C GLU C 483 -30.54 -5.02 16.08
N SER C 484 -30.70 -5.18 14.78
CA SER C 484 -31.32 -4.09 14.01
C SER C 484 -32.82 -4.04 14.31
N TYR C 485 -33.39 -2.83 14.25
CA TYR C 485 -34.84 -2.73 14.42
C TYR C 485 -35.52 -3.43 13.22
N GLN C 486 -36.59 -4.19 13.47
CA GLN C 486 -37.15 -5.07 12.43
C GLN C 486 -38.17 -4.31 11.56
N GLU C 487 -37.67 -3.28 10.86
CA GLU C 487 -38.45 -2.47 9.97
C GLU C 487 -38.96 -3.31 8.77
N ARG C 488 -40.20 -3.05 8.37
CA ARG C 488 -40.87 -3.75 7.30
C ARG C 488 -40.30 -3.22 6.02
N VAL C 489 -39.93 -4.12 5.10
CA VAL C 489 -39.40 -3.77 3.81
C VAL C 489 -40.39 -4.44 2.85
N GLU C 490 -40.83 -3.69 1.88
CA GLU C 490 -41.67 -4.24 0.87
C GLU C 490 -41.56 -3.45 -0.44
N GLY C 491 -41.22 -4.13 -1.54
CA GLY C 491 -41.17 -3.52 -2.81
C GLY C 491 -40.32 -4.35 -3.75
N ASN C 492 -40.21 -3.96 -5.03
CA ASN C 492 -39.34 -4.72 -5.96
C ASN C 492 -37.92 -4.20 -5.90
N LYS C 493 -36.98 -4.99 -6.43
CA LYS C 493 -35.57 -4.58 -6.51
C LYS C 493 -35.53 -3.52 -7.65
N VAL C 494 -35.42 -2.25 -7.29
CA VAL C 494 -35.42 -1.11 -8.28
C VAL C 494 -34.23 -0.10 -8.07
N ARG C 495 -33.84 0.52 -9.17
CA ARG C 495 -32.97 1.70 -9.16
C ARG C 495 -33.95 2.84 -9.54
N GLU C 496 -34.61 3.36 -8.50
CA GLU C 496 -35.63 4.35 -8.70
C GLU C 496 -35.63 5.34 -7.58
N ARG C 497 -35.79 6.63 -7.92
CA ARG C 497 -35.94 7.67 -6.89
C ARG C 497 -37.35 7.66 -6.39
N SER C 498 -37.53 7.79 -5.08
CA SER C 498 -38.89 7.90 -4.58
C SER C 498 -39.60 9.15 -5.13
N PRO C 499 -40.87 8.96 -5.56
CA PRO C 499 -41.46 10.20 -6.13
C PRO C 499 -41.64 11.29 -5.07
N SER C 500 -41.76 10.88 -3.80
CA SER C 500 -41.77 11.79 -2.68
C SER C 500 -40.55 12.73 -2.52
N PHE C 501 -39.46 12.43 -3.21
CA PHE C 501 -38.26 13.20 -3.15
C PHE C 501 -38.25 14.24 -4.28
N GLY C 502 -39.17 14.17 -5.23
CA GLY C 502 -39.03 14.95 -6.46
C GLY C 502 -39.66 16.33 -6.25
N GLU C 503 -39.31 17.05 -5.20
CA GLU C 503 -39.76 18.46 -5.04
C GLU C 503 -38.50 19.22 -4.63
N TYR C 504 -38.16 20.29 -5.32
CA TYR C 504 -36.79 20.88 -5.19
C TYR C 504 -36.70 22.37 -4.69
N TYR C 505 -37.85 23.06 -4.69
CA TYR C 505 -37.88 24.52 -4.55
C TYR C 505 -38.48 25.06 -3.26
N SER C 506 -39.35 24.29 -2.59
CA SER C 506 -40.06 24.83 -1.41
C SER C 506 -39.13 25.04 -0.21
N HIS C 507 -38.14 24.17 -0.05
CA HIS C 507 -37.20 24.37 1.06
C HIS C 507 -36.20 25.50 0.76
N PRO C 508 -35.63 25.56 -0.44
CA PRO C 508 -34.82 26.78 -0.74
C PRO C 508 -35.64 28.12 -0.50
N ARG C 509 -36.93 28.10 -0.90
CA ARG C 509 -37.84 29.25 -0.60
C ARG C 509 -38.02 29.54 0.88
N LEU C 510 -38.28 28.52 1.69
CA LEU C 510 -38.42 28.76 3.13
C LEU C 510 -37.13 29.32 3.69
N PHE C 511 -36.00 28.78 3.22
CA PHE C 511 -34.72 29.29 3.73
C PHE C 511 -34.56 30.81 3.41
N TRP C 512 -34.76 31.16 2.14
CA TRP C 512 -34.65 32.54 1.67
C TRP C 512 -35.52 33.52 2.43
N LEU C 513 -36.76 33.12 2.69
CA LEU C 513 -37.75 34.03 3.33
C LEU C 513 -37.46 34.13 4.80
N SER C 514 -36.71 33.15 5.33
CA SER C 514 -36.35 33.15 6.74
C SER C 514 -35.17 34.07 7.12
N GLN C 515 -34.54 34.64 6.11
CA GLN C 515 -33.27 35.40 6.21
C GLN C 515 -33.64 36.87 6.37
N THR C 516 -32.84 37.64 7.10
CA THR C 516 -33.05 39.08 7.28
C THR C 516 -32.76 39.71 5.91
N PRO C 517 -33.13 40.98 5.69
CA PRO C 517 -32.86 41.64 4.42
C PRO C 517 -31.37 41.71 4.14
N PHE C 518 -30.53 41.91 5.16
CA PHE C 518 -29.09 41.96 4.89
C PHE C 518 -28.54 40.57 4.55
N GLU C 519 -29.10 39.51 5.15
CA GLU C 519 -28.66 38.15 4.82
C GLU C 519 -29.10 37.79 3.43
N GLN C 520 -30.25 38.35 3.00
CA GLN C 520 -30.72 38.12 1.65
C GLN C 520 -29.76 38.80 0.67
N ARG C 521 -29.32 40.02 1.02
CA ARG C 521 -28.41 40.80 0.13
C ARG C 521 -27.10 40.00 -0.04
N HIS C 522 -26.63 39.45 1.07
CA HIS C 522 -25.40 38.63 1.00
C HIS C 522 -25.56 37.36 0.21
N ILE C 523 -26.71 36.69 0.32
CA ILE C 523 -27.05 35.63 -0.68
C ILE C 523 -27.03 36.04 -2.14
N VAL C 524 -27.77 37.10 -2.49
CA VAL C 524 -27.67 37.64 -3.84
C VAL C 524 -26.21 37.85 -4.26
N ASP C 525 -25.43 38.52 -3.41
CA ASP C 525 -24.06 38.83 -3.76
C ASP C 525 -23.26 37.56 -3.91
N GLY C 526 -23.57 36.52 -3.10
CA GLY C 526 -22.81 35.21 -3.25
C GLY C 526 -23.08 34.59 -4.62
N PHE C 527 -24.36 34.39 -4.99
CA PHE C 527 -24.65 33.85 -6.32
C PHE C 527 -24.06 34.72 -7.43
N SER C 528 -24.18 36.02 -7.27
CA SER C 528 -23.69 36.94 -8.34
C SER C 528 -22.18 36.86 -8.58
N PHE C 529 -21.43 36.81 -7.49
CA PHE C 529 -20.00 36.74 -7.58
C PHE C 529 -19.61 35.36 -8.13
N GLU C 530 -20.24 34.28 -7.63
CA GLU C 530 -19.93 32.94 -8.13
C GLU C 530 -20.23 32.79 -9.62
N LEU C 531 -21.40 33.23 -10.05
CA LEU C 531 -21.80 33.05 -11.45
C LEU C 531 -20.94 33.90 -12.34
N SER C 532 -20.39 35.00 -11.82
CA SER C 532 -19.45 35.79 -12.68
C SER C 532 -18.22 35.02 -13.06
N LYS C 533 -17.77 34.11 -12.19
CA LYS C 533 -16.60 33.22 -12.44
C LYS C 533 -16.92 32.01 -13.36
N VAL C 534 -18.19 31.80 -13.73
CA VAL C 534 -18.52 30.75 -14.69
C VAL C 534 -18.29 31.25 -16.11
N VAL C 535 -17.37 30.58 -16.81
CA VAL C 535 -16.96 31.06 -18.15
C VAL C 535 -18.06 30.93 -19.20
N ARG C 536 -18.88 29.87 -19.12
CA ARG C 536 -19.80 29.55 -20.23
C ARG C 536 -21.11 30.25 -19.83
N PRO C 537 -21.49 31.32 -20.54
CA PRO C 537 -22.63 32.09 -20.07
C PRO C 537 -23.94 31.27 -19.92
N TYR C 538 -24.16 30.28 -20.75
CA TYR C 538 -25.44 29.54 -20.70
C TYR C 538 -25.60 28.88 -19.33
N ILE C 539 -24.47 28.53 -18.70
CA ILE C 539 -24.62 27.89 -17.37
C ILE C 539 -25.23 28.91 -16.36
N ARG C 540 -24.76 30.17 -16.42
CA ARG C 540 -25.28 31.27 -15.58
C ARG C 540 -26.78 31.44 -15.82
N GLU C 541 -27.16 31.44 -17.09
CA GLU C 541 -28.57 31.61 -17.45
C GLU C 541 -29.41 30.48 -16.91
N ARG C 542 -28.89 29.25 -16.99
CA ARG C 542 -29.63 28.08 -16.49
C ARG C 542 -29.81 28.10 -14.96
N VAL C 543 -28.82 28.65 -14.26
CA VAL C 543 -28.90 28.74 -12.81
C VAL C 543 -29.89 29.86 -12.45
N VAL C 544 -29.81 31.01 -13.17
CA VAL C 544 -30.83 32.06 -13.01
C VAL C 544 -32.27 31.50 -13.21
N ASP C 545 -32.47 30.65 -14.22
CA ASP C 545 -33.78 30.06 -14.38
C ASP C 545 -34.21 29.23 -13.17
N GLN C 546 -33.25 28.47 -12.61
CA GLN C 546 -33.59 27.74 -11.39
C GLN C 546 -33.96 28.66 -10.28
N LEU C 547 -33.22 29.74 -10.13
CA LEU C 547 -33.56 30.69 -9.06
C LEU C 547 -35.00 31.30 -9.25
N ALA C 548 -35.39 31.51 -10.51
CA ALA C 548 -36.75 32.02 -10.80
C ALA C 548 -37.83 31.04 -10.27
N HIS C 549 -37.50 29.75 -10.10
CA HIS C 549 -38.48 28.78 -9.55
C HIS C 549 -38.55 28.85 -8.03
N ILE C 550 -37.62 29.57 -7.43
CA ILE C 550 -37.54 29.66 -5.96
C ILE C 550 -38.14 30.98 -5.49
N ASP C 551 -37.56 32.09 -5.94
CA ASP C 551 -38.13 33.40 -5.61
C ASP C 551 -37.77 34.41 -6.68
N LEU C 552 -38.78 35.07 -7.25
CA LEU C 552 -38.55 36.04 -8.32
C LEU C 552 -37.58 37.23 -7.96
N THR C 553 -37.74 37.76 -6.75
CA THR C 553 -36.90 38.88 -6.26
C THR C 553 -35.44 38.48 -6.23
N LEU C 554 -35.18 37.30 -5.63
CA LEU C 554 -33.83 36.72 -5.62
C LEU C 554 -33.37 36.60 -7.08
N ALA C 555 -34.23 36.07 -7.95
CA ALA C 555 -33.77 35.79 -9.30
C ALA C 555 -33.48 37.04 -10.14
N GLN C 556 -34.34 38.07 -10.08
CA GLN C 556 -33.99 39.30 -10.75
C GLN C 556 -32.78 40.03 -10.20
N ALA C 557 -32.58 40.04 -8.89
CA ALA C 557 -31.42 40.75 -8.32
C ALA C 557 -30.10 40.05 -8.80
N VAL C 558 -30.12 38.74 -8.93
CA VAL C 558 -28.91 38.05 -9.46
C VAL C 558 -28.75 38.32 -10.96
N ALA C 559 -29.84 38.12 -11.73
CA ALA C 559 -29.85 38.43 -13.19
C ALA C 559 -29.24 39.78 -13.48
N LYS C 560 -29.62 40.75 -12.69
CA LYS C 560 -29.26 42.15 -12.93
C LYS C 560 -27.74 42.29 -12.81
N ASN C 561 -27.21 41.69 -11.75
CA ASN C 561 -25.76 41.66 -11.54
C ASN C 561 -25.02 40.92 -12.62
N LEU C 562 -25.75 40.09 -13.39
CA LEU C 562 -25.13 39.31 -14.49
C LEU C 562 -25.42 39.85 -15.86
N GLY C 563 -26.19 40.93 -15.92
CA GLY C 563 -26.64 41.48 -17.24
C GLY C 563 -27.55 40.53 -17.97
N ILE C 564 -28.37 39.78 -17.24
CA ILE C 564 -29.36 38.82 -17.83
C ILE C 564 -30.76 39.41 -17.56
N GLU C 565 -31.66 39.28 -18.54
CA GLU C 565 -33.04 39.76 -18.35
C GLU C 565 -33.94 38.57 -18.31
N LEU C 566 -34.76 38.46 -17.27
CA LEU C 566 -35.72 37.36 -17.21
C LEU C 566 -36.70 37.42 -18.39
N THR C 567 -37.08 36.27 -18.97
CA THR C 567 -38.14 36.24 -20.02
C THR C 567 -39.51 36.47 -19.38
N ASP C 568 -40.57 36.59 -20.18
CA ASP C 568 -41.91 36.73 -19.60
C ASP C 568 -42.34 35.49 -18.87
N ASP C 569 -42.03 34.35 -19.50
CA ASP C 569 -42.25 33.05 -18.86
C ASP C 569 -41.58 32.98 -17.47
N GLN C 570 -40.28 33.32 -17.39
CA GLN C 570 -39.61 33.28 -16.08
C GLN C 570 -40.27 34.19 -15.09
N LEU C 571 -40.73 35.35 -15.56
CA LEU C 571 -41.42 36.30 -14.68
C LEU C 571 -42.72 35.75 -14.06
N ASN C 572 -43.26 34.72 -14.68
CA ASN C 572 -44.59 34.21 -14.32
C ASN C 572 -44.61 32.84 -13.62
N ILE C 573 -43.44 32.30 -13.34
CA ILE C 573 -43.37 31.03 -12.60
C ILE C 573 -44.01 31.19 -11.24
N THR C 574 -44.98 30.34 -10.94
CA THR C 574 -45.64 30.35 -9.63
C THR C 574 -44.61 29.91 -8.62
N PRO C 575 -44.50 30.63 -7.51
CA PRO C 575 -43.56 30.11 -6.52
C PRO C 575 -44.02 28.78 -5.88
N PRO C 576 -43.06 28.00 -5.39
CA PRO C 576 -43.38 26.77 -4.73
C PRO C 576 -44.24 27.02 -3.48
N PRO C 577 -44.96 26.01 -2.99
CA PRO C 577 -45.83 26.16 -1.79
C PRO C 577 -45.06 26.30 -0.48
N ASP C 578 -45.67 26.84 0.54
CA ASP C 578 -44.89 26.90 1.76
C ASP C 578 -44.74 25.52 2.35
N VAL C 579 -43.97 25.39 3.41
CA VAL C 579 -43.73 24.03 3.93
C VAL C 579 -44.66 23.80 5.10
N ASN C 580 -45.66 22.91 4.99
CA ASN C 580 -46.61 22.71 6.10
C ASN C 580 -47.08 23.97 6.72
N GLY C 581 -47.43 24.91 5.84
CA GLY C 581 -48.09 26.16 6.29
C GLY C 581 -47.12 27.23 6.74
N LEU C 582 -45.80 26.92 6.75
CA LEU C 582 -44.79 27.92 7.13
C LEU C 582 -44.35 28.87 6.03
N LYS C 583 -44.48 30.16 6.33
CA LYS C 583 -44.01 31.26 5.49
C LYS C 583 -42.57 31.65 5.87
N LYS C 584 -42.06 31.14 6.99
CA LYS C 584 -40.68 31.40 7.38
C LYS C 584 -40.42 30.65 8.67
N ASP C 585 -39.13 30.50 8.99
CA ASP C 585 -38.73 29.93 10.28
C ASP C 585 -37.46 30.65 10.71
N PRO C 586 -37.53 31.49 11.77
CA PRO C 586 -36.36 32.35 12.01
C PRO C 586 -35.15 31.58 12.55
N SER C 587 -35.35 30.33 13.00
CA SER C 587 -34.24 29.47 13.44
C SER C 587 -33.26 29.23 12.25
N LEU C 588 -33.71 29.50 11.00
CA LEU C 588 -32.87 29.28 9.76
C LEU C 588 -31.90 30.44 9.51
N SER C 589 -32.12 31.54 10.21
CA SER C 589 -31.30 32.74 10.01
C SER C 589 -30.14 32.71 10.97
N LEU C 590 -29.01 33.29 10.57
CA LEU C 590 -27.92 33.39 11.52
C LEU C 590 -28.21 34.47 12.56
N TYR C 591 -28.87 35.54 12.12
CA TYR C 591 -28.86 36.78 12.92
C TYR C 591 -30.21 37.27 13.35
N ALA C 592 -31.28 36.72 12.80
CA ALA C 592 -32.66 37.23 13.12
C ALA C 592 -32.92 37.33 14.61
N ILE C 593 -32.59 36.27 15.33
CA ILE C 593 -32.71 36.20 16.79
C ILE C 593 -31.30 36.31 17.40
N PRO C 594 -30.97 37.46 18.05
CA PRO C 594 -29.56 37.68 18.45
C PRO C 594 -29.18 36.55 19.41
N ASP C 595 -27.94 36.07 19.32
CA ASP C 595 -27.43 35.08 20.31
C ASP C 595 -25.91 35.24 20.47
N GLY C 596 -25.47 36.48 20.28
CA GLY C 596 -24.09 36.91 20.47
C GLY C 596 -23.47 36.68 21.84
N ASP C 597 -22.14 36.50 21.84
CA ASP C 597 -21.37 36.17 23.04
C ASP C 597 -20.00 36.76 22.68
N VAL C 598 -19.52 37.75 23.45
CA VAL C 598 -18.21 38.35 23.17
C VAL C 598 -16.98 37.56 23.72
N LYS C 599 -17.20 36.57 24.57
CA LYS C 599 -16.09 35.87 25.24
C LYS C 599 -15.26 35.18 24.20
N GLY C 600 -13.97 35.46 24.17
CA GLY C 600 -13.11 34.85 23.17
C GLY C 600 -12.91 35.59 21.86
N ARG C 601 -13.69 36.65 21.61
CA ARG C 601 -13.46 37.54 20.46
C ARG C 601 -12.22 38.36 20.74
N VAL C 602 -11.79 39.16 19.79
CA VAL C 602 -10.49 39.86 19.86
C VAL C 602 -10.62 41.24 19.28
N VAL C 603 -9.94 42.19 19.95
CA VAL C 603 -9.93 43.58 19.53
C VAL C 603 -8.50 43.97 19.13
N ALA C 604 -8.35 44.67 18.00
CA ALA C 604 -7.10 45.32 17.64
C ALA C 604 -7.12 46.67 18.33
N ILE C 605 -6.00 47.01 18.98
CA ILE C 605 -5.75 48.31 19.61
C ILE C 605 -4.59 48.96 18.88
N LEU C 606 -4.92 50.00 18.12
CA LEU C 606 -3.91 50.70 17.35
C LEU C 606 -3.17 51.79 18.21
N LEU C 607 -1.89 51.51 18.53
CA LEU C 607 -1.03 52.35 19.42
C LEU C 607 -0.36 53.42 18.62
N ASN C 608 0.15 54.42 19.34
CA ASN C 608 0.98 55.47 18.76
C ASN C 608 2.13 55.64 19.72
N ASP C 609 3.09 56.51 19.40
CA ASP C 609 4.36 56.59 20.19
C ASP C 609 4.23 57.24 21.59
N GLU C 610 3.10 57.90 21.83
CA GLU C 610 2.86 58.32 23.20
C GLU C 610 1.39 58.17 23.60
N VAL C 611 0.94 56.91 23.73
CA VAL C 611 -0.44 56.59 24.16
C VAL C 611 -0.92 57.23 25.47
N ARG C 612 -2.17 57.68 25.49
CA ARG C 612 -2.76 58.18 26.72
C ARG C 612 -3.04 56.96 27.58
N SER C 613 -2.23 56.72 28.59
CA SER C 613 -2.38 55.52 29.43
C SER C 613 -3.73 55.28 30.09
N ALA C 614 -4.45 56.33 30.49
CA ALA C 614 -5.75 56.15 31.13
C ALA C 614 -6.81 55.60 30.19
N ASP C 615 -6.73 55.96 28.91
CA ASP C 615 -7.50 55.28 27.82
C ASP C 615 -7.20 53.77 27.79
N LEU C 616 -5.93 53.41 27.66
CA LEU C 616 -5.57 51.98 27.57
C LEU C 616 -5.95 51.18 28.80
N LEU C 617 -5.71 51.71 30.00
CA LEU C 617 -6.12 51.05 31.23
C LEU C 617 -7.61 50.79 31.22
N ALA C 618 -8.40 51.77 30.78
CA ALA C 618 -9.84 51.60 30.87
C ALA C 618 -10.34 50.57 29.84
N ILE C 619 -9.75 50.65 28.64
CA ILE C 619 -10.03 49.70 27.49
C ILE C 619 -9.79 48.26 27.95
N LEU C 620 -8.57 47.98 28.40
CA LEU C 620 -8.19 46.62 28.79
C LEU C 620 -8.96 46.13 30.01
N LYS C 621 -9.27 47.03 30.96
CA LYS C 621 -9.96 46.55 32.14
C LYS C 621 -11.35 46.08 31.72
N ALA C 622 -11.97 46.81 30.80
CA ALA C 622 -13.34 46.49 30.37
C ALA C 622 -13.31 45.21 29.48
N LEU C 623 -12.28 45.09 28.66
CA LEU C 623 -12.12 43.89 27.81
C LEU C 623 -11.91 42.64 28.65
N LYS C 624 -10.94 42.71 29.56
CA LYS C 624 -10.73 41.63 30.53
C LYS C 624 -12.01 41.18 31.24
N ALA C 625 -12.85 42.12 31.72
CA ALA C 625 -14.05 41.72 32.50
C ALA C 625 -15.06 40.91 31.67
N LYS C 626 -14.96 40.98 30.34
CA LYS C 626 -15.86 40.23 29.46
C LYS C 626 -15.13 39.11 28.69
N GLY C 627 -13.84 38.91 28.98
CA GLY C 627 -13.08 37.78 28.39
C GLY C 627 -12.82 38.00 26.90
N VAL C 628 -12.84 39.28 26.52
CA VAL C 628 -12.47 39.71 25.16
C VAL C 628 -10.94 39.91 25.10
N HIS C 629 -10.26 39.33 24.08
CA HIS C 629 -8.81 39.54 23.94
C HIS C 629 -8.41 40.77 23.20
N ALA C 630 -7.15 41.15 23.32
CA ALA C 630 -6.63 42.35 22.68
C ALA C 630 -5.33 42.08 21.94
N LYS C 631 -5.07 42.83 20.90
CA LYS C 631 -3.71 42.84 20.41
C LYS C 631 -3.26 44.24 20.10
N LEU C 632 -2.07 44.55 20.56
CA LEU C 632 -1.55 45.89 20.59
C LEU C 632 -0.71 45.98 19.32
N LEU C 633 -1.15 46.81 18.38
CA LEU C 633 -0.50 46.91 17.09
C LEU C 633 0.22 48.25 16.90
N TYR C 634 1.31 48.24 16.16
CA TYR C 634 1.99 49.50 15.86
C TYR C 634 2.67 49.42 14.49
N SER C 635 3.61 50.32 14.19
CA SER C 635 4.14 50.39 12.83
C SER C 635 5.44 49.56 12.72
N ARG C 636 5.91 49.10 13.88
CA ARG C 636 7.11 48.27 13.97
C ARG C 636 6.98 47.38 15.15
N MET C 637 7.85 46.41 15.27
CA MET C 637 7.82 45.57 16.45
C MET C 637 8.59 46.25 17.57
N GLY C 638 8.62 45.64 18.75
CA GLY C 638 9.32 46.21 19.89
C GLY C 638 8.38 46.73 20.96
N GLU C 639 8.59 47.98 21.36
CA GLU C 639 7.82 48.59 22.45
C GLU C 639 7.56 50.04 22.13
N VAL C 640 6.55 50.62 22.78
CA VAL C 640 6.34 52.05 22.82
C VAL C 640 6.12 52.41 24.28
N THR C 641 6.33 53.67 24.62
CA THR C 641 6.17 54.09 26.00
C THR C 641 5.04 55.10 26.09
N ALA C 642 4.14 54.85 27.04
CA ALA C 642 2.95 55.67 27.24
C ALA C 642 3.28 57.05 27.88
N ASP C 643 2.27 57.92 27.90
CA ASP C 643 2.38 59.26 28.51
C ASP C 643 2.93 59.23 29.95
N ASP C 644 2.51 58.23 30.73
CA ASP C 644 2.93 58.13 32.13
C ASP C 644 4.15 57.23 32.29
N GLY C 645 4.81 56.90 31.18
CA GLY C 645 6.02 56.07 31.20
C GLY C 645 5.83 54.56 31.11
N THR C 646 4.59 54.06 31.17
CA THR C 646 4.37 52.61 30.98
C THR C 646 4.88 52.15 29.61
N VAL C 647 5.61 51.05 29.64
CA VAL C 647 6.17 50.42 28.46
C VAL C 647 5.08 49.52 27.92
N LEU C 648 4.76 49.69 26.63
CA LEU C 648 3.77 48.85 25.94
C LEU C 648 4.38 47.90 24.91
N PRO C 649 4.31 46.57 25.17
CA PRO C 649 4.85 45.62 24.18
C PRO C 649 3.95 45.53 22.93
N ILE C 650 4.54 45.59 21.75
CA ILE C 650 3.76 45.47 20.51
C ILE C 650 3.60 44.01 20.08
N ALA C 651 2.38 43.59 19.69
CA ALA C 651 2.15 42.21 19.29
C ALA C 651 2.50 41.99 17.82
N ALA C 652 2.13 42.95 16.96
CA ALA C 652 2.25 42.80 15.49
C ALA C 652 2.28 44.20 14.87
N THR C 653 2.67 44.34 13.60
CA THR C 653 2.53 45.62 12.88
C THR C 653 1.11 45.74 12.32
N PHE C 654 0.70 46.93 11.91
CA PHE C 654 -0.62 47.04 11.24
C PHE C 654 -0.79 46.01 10.11
N ALA C 655 0.26 45.84 9.30
CA ALA C 655 0.19 45.03 8.05
C ALA C 655 0.32 43.58 8.44
N GLY C 656 1.06 43.35 9.52
CA GLY C 656 1.22 41.98 10.05
C GLY C 656 0.05 41.29 10.72
N ALA C 657 -0.87 42.08 11.32
CA ALA C 657 -2.07 41.45 11.92
C ALA C 657 -3.29 42.26 11.51
N PRO C 658 -3.78 42.04 10.25
CA PRO C 658 -4.78 42.89 9.58
C PRO C 658 -6.12 42.84 10.30
N SER C 659 -7.01 43.80 9.99
CA SER C 659 -8.30 43.88 10.72
C SER C 659 -9.16 42.64 10.45
N LEU C 660 -8.84 41.91 9.35
CA LEU C 660 -9.50 40.70 9.02
C LEU C 660 -9.53 39.72 10.21
N THR C 661 -8.49 39.78 11.05
CA THR C 661 -8.24 38.79 12.08
C THR C 661 -8.87 39.20 13.42
N VAL C 662 -9.55 40.35 13.47
CA VAL C 662 -10.12 40.79 14.74
C VAL C 662 -11.62 41.08 14.57
N ASP C 663 -12.29 41.27 15.69
CA ASP C 663 -13.70 41.53 15.66
C ASP C 663 -14.08 43.02 15.80
N ALA C 664 -13.12 43.85 16.26
CA ALA C 664 -13.36 45.29 16.52
C ALA C 664 -12.02 46.01 16.49
N VAL C 665 -12.06 47.34 16.34
CA VAL C 665 -10.84 48.10 16.41
C VAL C 665 -11.12 49.27 17.30
N ILE C 666 -10.19 49.47 18.23
CA ILE C 666 -10.18 50.58 19.19
C ILE C 666 -8.87 51.38 19.06
N VAL C 667 -8.98 52.72 18.96
CA VAL C 667 -7.84 53.57 18.82
C VAL C 667 -7.80 54.55 20.00
N PRO C 668 -6.83 54.39 20.92
CA PRO C 668 -6.83 55.31 22.12
C PRO C 668 -6.21 56.63 21.72
N CYS C 669 -6.29 57.67 22.57
CA CYS C 669 -5.64 58.97 22.29
C CYS C 669 -4.09 58.90 22.50
N GLY C 670 -3.43 60.07 22.46
CA GLY C 670 -2.01 60.20 22.68
C GLY C 670 -1.46 61.02 21.54
N ASN C 671 -0.34 60.60 20.98
CA ASN C 671 0.23 61.34 19.86
C ASN C 671 -0.31 60.87 18.51
N ILE C 672 -1.52 61.30 18.18
CA ILE C 672 -2.22 60.74 17.00
C ILE C 672 -1.49 61.09 15.71
N ALA C 673 -0.78 62.23 15.74
CA ALA C 673 0.00 62.73 14.61
C ALA C 673 1.01 61.69 14.25
N ASP C 674 1.39 60.83 15.20
CA ASP C 674 2.39 59.80 14.93
C ASP C 674 1.93 58.82 13.81
N ILE C 675 0.64 58.49 13.83
CA ILE C 675 0.06 57.43 12.94
C ILE C 675 -0.95 57.98 11.93
N ALA C 676 -1.33 59.26 12.08
CA ALA C 676 -2.41 59.91 11.31
C ALA C 676 -2.26 59.91 9.81
N ASP C 677 -1.03 59.98 9.31
CA ASP C 677 -0.81 59.83 7.86
C ASP C 677 -0.08 58.55 7.57
N ASN C 678 -0.14 57.60 8.51
CA ASN C 678 0.30 56.23 8.23
C ASN C 678 -0.74 55.53 7.30
N GLY C 679 -0.34 55.23 6.06
CA GLY C 679 -1.20 54.49 5.09
C GLY C 679 -1.81 53.20 5.68
N ASP C 680 -0.98 52.42 6.34
CA ASP C 680 -1.43 51.15 6.95
C ASP C 680 -2.42 51.33 8.10
N ALA C 681 -2.14 52.27 8.98
CA ALA C 681 -3.04 52.53 10.08
C ALA C 681 -4.42 53.03 9.59
N ASN C 682 -4.42 53.98 8.65
CA ASN C 682 -5.64 54.37 7.96
C ASN C 682 -6.35 53.21 7.25
N TYR C 683 -5.59 52.40 6.49
CA TYR C 683 -6.23 51.34 5.78
C TYR C 683 -6.82 50.32 6.75
N TYR C 684 -6.16 50.12 7.90
CA TYR C 684 -6.69 49.29 8.97
C TYR C 684 -8.16 49.63 9.32
N LEU C 685 -8.45 50.92 9.53
CA LEU C 685 -9.81 51.37 9.90
C LEU C 685 -10.76 51.24 8.72
N MET C 686 -10.26 51.48 7.49
CA MET C 686 -11.06 51.33 6.28
C MET C 686 -11.53 49.90 5.99
N GLU C 687 -10.61 48.95 6.10
CA GLU C 687 -10.91 47.50 5.91
C GLU C 687 -11.94 47.10 6.97
N ALA C 688 -11.70 47.50 8.22
CA ALA C 688 -12.54 47.09 9.33
C ALA C 688 -13.97 47.71 9.16
N TYR C 689 -14.00 48.97 8.69
CA TYR C 689 -15.27 49.68 8.45
C TYR C 689 -16.07 48.98 7.36
N LYS C 690 -15.38 48.69 6.26
CA LYS C 690 -15.97 47.99 5.11
C LYS C 690 -16.64 46.66 5.50
N HIS C 691 -15.97 45.93 6.38
CA HIS C 691 -16.42 44.62 6.82
C HIS C 691 -17.37 44.68 7.98
N LEU C 692 -17.87 45.88 8.29
CA LEU C 692 -18.98 46.08 9.19
C LEU C 692 -18.59 45.85 10.69
N LYS C 693 -17.33 46.05 11.02
CA LYS C 693 -16.90 45.78 12.42
C LYS C 693 -17.12 47.04 13.25
N PRO C 694 -17.41 46.85 14.56
CA PRO C 694 -17.35 48.02 15.47
C PRO C 694 -15.96 48.66 15.47
N ILE C 695 -15.95 50.00 15.37
CA ILE C 695 -14.75 50.80 15.56
C ILE C 695 -14.97 51.83 16.71
N ALA C 696 -13.98 51.96 17.59
CA ALA C 696 -14.04 52.95 18.71
C ALA C 696 -12.83 53.89 18.75
N LEU C 697 -13.15 55.18 18.86
CA LEU C 697 -12.12 56.22 18.71
C LEU C 697 -12.18 57.18 19.90
N ALA C 698 -11.07 57.37 20.59
CA ALA C 698 -11.04 58.20 21.82
C ALA C 698 -10.19 59.46 21.62
N GLY C 699 -10.72 60.61 22.10
CA GLY C 699 -10.07 61.91 21.97
C GLY C 699 -9.57 62.22 20.55
N ASP C 700 -8.28 62.50 20.44
CA ASP C 700 -7.70 62.86 19.16
C ASP C 700 -7.76 61.74 18.10
N ALA C 701 -7.93 60.48 18.53
CA ALA C 701 -8.13 59.38 17.52
C ALA C 701 -9.37 59.61 16.67
N ARG C 702 -10.24 60.49 17.17
CA ARG C 702 -11.38 60.94 16.41
C ARG C 702 -11.07 61.58 15.08
N LYS C 703 -9.81 61.98 14.89
CA LYS C 703 -9.34 62.57 13.61
C LYS C 703 -9.52 61.56 12.46
N PHE C 704 -9.51 60.27 12.83
CA PHE C 704 -9.62 59.17 11.85
C PHE C 704 -11.02 59.03 11.25
N LYS C 705 -11.99 59.81 11.77
CA LYS C 705 -13.32 59.92 11.17
C LYS C 705 -13.26 60.34 9.71
N ALA C 706 -12.37 61.27 9.39
CA ALA C 706 -12.22 61.71 8.00
C ALA C 706 -11.86 60.53 7.08
N THR C 707 -11.01 59.62 7.51
CA THR C 707 -10.63 58.51 6.61
C THR C 707 -11.79 57.57 6.22
N ILE C 708 -12.76 57.39 7.10
CA ILE C 708 -13.92 56.51 6.84
C ILE C 708 -15.20 57.34 6.60
N LYS C 709 -14.99 58.64 6.43
CA LYS C 709 -16.05 59.58 6.10
C LYS C 709 -17.19 59.62 7.11
N ILE C 710 -16.90 59.62 8.39
CA ILE C 710 -17.97 59.66 9.40
C ILE C 710 -18.32 61.14 9.57
N ALA C 711 -19.62 61.46 9.61
CA ALA C 711 -20.06 62.84 9.80
C ALA C 711 -19.58 63.34 11.17
N ASP C 712 -19.58 64.66 11.34
CA ASP C 712 -19.09 65.23 12.58
C ASP C 712 -19.90 64.74 13.77
N GLN C 713 -21.20 64.55 13.60
CA GLN C 713 -22.01 64.07 14.70
C GLN C 713 -22.00 62.55 14.85
N GLY C 714 -21.27 61.86 13.95
CA GLY C 714 -21.06 60.41 14.07
C GLY C 714 -22.17 59.56 13.46
N GLU C 715 -22.03 58.24 13.61
CA GLU C 715 -23.05 57.32 13.11
C GLU C 715 -23.01 56.06 13.93
N GLU C 716 -24.14 55.37 13.97
CA GLU C 716 -24.33 54.15 14.74
C GLU C 716 -23.27 53.10 14.29
N GLY C 717 -22.49 52.56 15.22
CA GLY C 717 -21.44 51.60 14.88
C GLY C 717 -20.03 52.17 14.91
N ILE C 718 -19.92 53.48 15.12
CA ILE C 718 -18.62 54.09 15.41
C ILE C 718 -18.79 54.63 16.83
N VAL C 719 -18.01 54.16 17.80
CA VAL C 719 -18.09 54.69 19.16
C VAL C 719 -17.07 55.82 19.28
N GLU C 720 -17.49 56.95 19.88
CA GLU C 720 -16.54 58.04 19.99
C GLU C 720 -16.76 58.88 21.24
N ALA C 721 -15.66 59.35 21.82
CA ALA C 721 -15.70 60.19 23.06
C ALA C 721 -14.37 60.92 23.35
N ASP C 722 -14.39 61.81 24.36
CA ASP C 722 -13.20 62.56 24.73
C ASP C 722 -12.15 61.60 25.31
N SER C 723 -12.65 60.57 25.98
CA SER C 723 -11.79 59.55 26.54
C SER C 723 -12.53 58.19 26.57
N ALA C 724 -11.77 57.13 26.87
CA ALA C 724 -12.29 55.75 26.99
C ALA C 724 -12.80 55.29 28.40
N ASP C 725 -13.97 55.77 28.83
CA ASP C 725 -14.69 55.30 30.05
C ASP C 725 -15.58 54.00 29.72
N GLY C 726 -16.67 53.57 30.39
CA GLY C 726 -17.53 54.26 31.33
C GLY C 726 -18.07 55.57 30.80
N SER C 727 -18.79 55.62 29.66
CA SER C 727 -19.52 54.51 29.01
C SER C 727 -19.06 54.07 27.58
N PHE C 728 -17.86 54.51 27.20
CA PHE C 728 -17.28 54.27 25.88
C PHE C 728 -17.17 52.75 25.69
N MET C 729 -16.70 52.02 26.70
CA MET C 729 -16.50 50.55 26.53
C MET C 729 -17.81 49.76 26.56
N ASP C 730 -18.82 50.22 27.32
CA ASP C 730 -20.08 49.45 27.31
C ASP C 730 -20.69 49.54 25.94
N GLU C 731 -20.55 50.70 25.28
CA GLU C 731 -21.12 50.86 23.93
C GLU C 731 -20.36 50.03 22.97
N LEU C 732 -19.02 49.98 23.13
CA LEU C 732 -18.27 49.16 22.19
C LEU C 732 -18.60 47.69 22.39
N LEU C 733 -18.61 47.24 23.64
CA LEU C 733 -18.94 45.86 23.92
C LEU C 733 -20.41 45.45 23.54
N THR C 734 -21.34 46.38 23.67
CA THR C 734 -22.69 46.17 23.13
C THR C 734 -22.66 46.01 21.58
N LEU C 735 -21.91 46.83 20.86
CA LEU C 735 -21.80 46.59 19.41
C LEU C 735 -21.24 45.18 19.11
N MET C 736 -20.20 44.76 19.87
CA MET C 736 -19.53 43.45 19.67
C MET C 736 -20.51 42.27 19.90
N ALA C 737 -21.42 42.44 20.86
CA ALA C 737 -22.41 41.38 21.18
C ALA C 737 -23.35 41.17 19.98
N ALA C 738 -23.49 42.22 19.17
CA ALA C 738 -24.30 42.14 17.96
C ALA C 738 -23.46 41.78 16.73
N HIS C 739 -22.19 41.45 16.98
CA HIS C 739 -21.28 40.94 15.94
C HIS C 739 -20.85 41.92 14.82
N ARG C 740 -21.79 42.39 13.99
CA ARG C 740 -21.45 43.34 12.91
C ARG C 740 -22.53 44.42 12.78
N VAL C 741 -22.17 45.51 12.12
CA VAL C 741 -23.02 46.67 12.08
C VAL C 741 -23.70 46.64 10.72
N TRP C 742 -24.79 45.86 10.65
CA TRP C 742 -25.52 45.61 9.39
C TRP C 742 -26.07 46.89 8.78
N SER C 743 -26.50 47.81 9.64
CA SER C 743 -27.03 49.09 9.14
C SER C 743 -25.99 49.94 8.38
N ARG C 744 -24.70 49.55 8.47
CA ARG C 744 -23.62 50.26 7.80
C ARG C 744 -23.52 49.91 6.31
N ILE C 745 -24.20 48.84 5.92
CA ILE C 745 -24.00 48.27 4.60
C ILE C 745 -24.18 49.26 3.44
N PRO C 746 -25.25 50.09 3.45
CA PRO C 746 -25.38 50.96 2.27
C PRO C 746 -24.28 52.02 2.18
N LYS C 747 -23.59 52.25 3.30
CA LYS C 747 -22.50 53.22 3.35
C LYS C 747 -21.16 52.70 2.84
N ILE C 748 -20.99 51.37 2.81
CA ILE C 748 -19.66 50.83 2.49
C ILE C 748 -19.20 50.99 1.04
N ASP C 749 -20.11 50.93 0.08
CA ASP C 749 -19.80 51.12 -1.36
C ASP C 749 -19.03 52.38 -1.69
N LYS C 750 -19.18 53.41 -0.85
CA LYS C 750 -18.52 54.70 -1.01
C LYS C 750 -17.01 54.62 -0.86
N ILE C 751 -16.54 53.66 -0.07
CA ILE C 751 -15.15 53.75 0.37
C ILE C 751 -14.25 52.87 -0.47
N PRO C 752 -13.15 53.45 -1.00
CA PRO C 752 -12.19 52.64 -1.75
C PRO C 752 -11.37 51.81 -0.76
N ALA C 753 -11.84 50.59 -0.47
CA ALA C 753 -11.13 49.66 0.43
C ALA C 753 -11.37 48.21 0.00
N SER D 28 29.62 -17.05 -27.22
CA SER D 28 28.14 -17.06 -26.91
C SER D 28 27.77 -18.22 -25.98
N LEU D 29 26.72 -17.98 -25.17
CA LEU D 29 26.37 -18.94 -24.13
C LEU D 29 25.36 -20.03 -24.58
N ALA D 30 24.49 -19.73 -25.56
CA ALA D 30 23.58 -20.77 -26.13
C ALA D 30 24.45 -21.84 -26.84
N PRO D 31 24.10 -23.15 -26.71
CA PRO D 31 24.80 -24.24 -27.43
C PRO D 31 24.68 -24.00 -28.93
N GLU D 32 25.74 -24.30 -29.68
CA GLU D 32 25.70 -24.02 -31.11
C GLU D 32 24.63 -24.83 -31.85
N ASP D 33 24.19 -25.97 -31.31
CA ASP D 33 23.20 -26.84 -31.98
C ASP D 33 21.77 -26.35 -31.77
N GLY D 34 21.58 -25.28 -30.97
CA GLY D 34 20.24 -24.69 -30.76
C GLY D 34 19.30 -25.52 -29.92
N SER D 35 19.86 -26.39 -29.08
CA SER D 35 19.05 -27.32 -28.25
C SER D 35 18.57 -26.68 -26.92
N HIS D 36 18.77 -25.39 -26.81
CA HIS D 36 18.41 -24.66 -25.61
C HIS D 36 16.97 -24.17 -25.73
N ARG D 37 16.44 -24.21 -26.95
CA ARG D 37 15.21 -23.54 -27.40
C ARG D 37 14.21 -24.60 -27.90
N PRO D 38 13.10 -24.72 -27.23
CA PRO D 38 12.02 -25.65 -27.61
C PRO D 38 11.48 -25.34 -28.98
N ALA D 39 11.11 -26.36 -29.77
CA ALA D 39 10.44 -26.16 -31.02
C ALA D 39 9.03 -25.50 -30.83
N ALA D 40 8.69 -24.56 -31.72
CA ALA D 40 7.42 -23.87 -31.69
C ALA D 40 6.36 -24.75 -32.42
N GLU D 41 6.14 -25.98 -31.92
CA GLU D 41 5.18 -26.91 -32.50
C GLU D 41 4.76 -27.79 -31.33
N PRO D 42 3.59 -28.43 -31.37
CA PRO D 42 3.15 -29.27 -30.23
C PRO D 42 4.11 -30.42 -29.99
N THR D 43 4.43 -30.74 -28.74
CA THR D 43 5.35 -31.81 -28.51
C THR D 43 4.85 -32.47 -27.20
N PRO D 44 5.20 -33.70 -26.96
CA PRO D 44 4.65 -34.43 -25.80
C PRO D 44 5.35 -34.06 -24.52
N PRO D 45 4.70 -34.33 -23.35
CA PRO D 45 5.38 -34.03 -22.10
C PRO D 45 6.80 -34.58 -22.01
N GLY D 46 7.74 -33.74 -21.58
CA GLY D 46 9.12 -34.17 -21.44
C GLY D 46 9.98 -34.14 -22.69
N ALA D 47 9.40 -33.96 -23.88
CA ALA D 47 10.22 -34.00 -25.11
C ALA D 47 11.08 -32.73 -25.26
N GLN D 48 10.61 -31.59 -24.74
CA GLN D 48 11.26 -30.30 -24.98
C GLN D 48 11.16 -29.54 -23.67
N PRO D 49 12.08 -28.61 -23.42
CA PRO D 49 11.86 -27.75 -22.25
C PRO D 49 10.56 -26.94 -22.46
N THR D 50 9.84 -26.59 -21.40
CA THR D 50 8.60 -25.82 -21.54
C THR D 50 8.96 -24.34 -21.78
N ALA D 51 8.00 -23.59 -22.32
CA ALA D 51 8.24 -22.18 -22.69
C ALA D 51 7.02 -21.27 -22.49
N PRO D 52 7.22 -19.94 -22.44
CA PRO D 52 6.07 -18.99 -22.52
C PRO D 52 5.17 -19.30 -23.71
N GLY D 53 3.86 -19.27 -23.47
CA GLY D 53 2.90 -19.60 -24.55
C GLY D 53 3.13 -18.90 -25.89
N SER D 54 3.50 -17.63 -25.90
CA SER D 54 3.58 -16.94 -27.16
C SER D 54 4.86 -17.38 -27.95
N LEU D 55 5.84 -17.99 -27.27
CA LEU D 55 7.01 -18.56 -27.96
C LEU D 55 6.77 -20.00 -28.39
N LYS D 56 6.07 -20.76 -27.53
CA LYS D 56 5.72 -22.10 -27.85
C LYS D 56 4.68 -22.20 -28.99
N ALA D 57 3.65 -21.34 -29.00
CA ALA D 57 2.53 -21.52 -29.94
C ALA D 57 2.18 -20.12 -30.45
N PRO D 58 3.13 -19.48 -31.19
CA PRO D 58 2.89 -18.13 -31.63
C PRO D 58 1.64 -18.01 -32.51
N ASP D 59 1.24 -19.06 -33.21
CA ASP D 59 0.11 -18.97 -34.14
C ASP D 59 -1.25 -19.26 -33.47
N THR D 60 -1.26 -19.63 -32.20
CA THR D 60 -2.52 -19.84 -31.50
C THR D 60 -2.96 -18.45 -31.01
N ARG D 61 -4.06 -17.91 -31.56
CA ARG D 61 -4.55 -16.55 -31.26
C ARG D 61 -5.97 -16.51 -30.78
N ASN D 62 -6.33 -15.45 -30.08
CA ASN D 62 -7.72 -15.09 -29.89
C ASN D 62 -7.74 -13.58 -29.63
N GLU D 63 -8.89 -12.97 -29.60
CA GLU D 63 -8.97 -11.52 -29.43
C GLU D 63 -8.31 -10.97 -28.15
N LYS D 64 -8.43 -11.70 -27.04
CA LYS D 64 -7.75 -11.28 -25.83
C LYS D 64 -6.24 -11.41 -25.94
N LEU D 65 -5.76 -12.53 -26.51
CA LEU D 65 -4.30 -12.72 -26.59
C LEU D 65 -3.74 -11.63 -27.48
N ASN D 66 -4.48 -11.29 -28.56
CA ASN D 66 -3.99 -10.28 -29.52
C ASN D 66 -3.90 -8.91 -28.81
N SER D 67 -4.89 -8.65 -27.94
CA SER D 67 -5.07 -7.34 -27.27
C SER D 67 -4.00 -7.11 -26.23
N LEU D 68 -3.31 -8.18 -25.85
CA LEU D 68 -2.16 -8.10 -24.92
C LEU D 68 -0.90 -7.78 -25.62
N GLU D 69 -0.93 -7.67 -26.97
CA GLU D 69 0.34 -7.38 -27.67
C GLU D 69 1.00 -6.04 -27.29
N ASP D 70 0.22 -5.03 -26.92
CA ASP D 70 0.69 -3.70 -26.53
C ASP D 70 1.58 -3.76 -25.28
N VAL D 71 1.40 -4.79 -24.45
CA VAL D 71 2.29 -4.89 -23.31
C VAL D 71 3.29 -6.07 -23.32
N ARG D 72 3.22 -6.98 -24.28
CA ARG D 72 4.24 -8.04 -24.35
C ARG D 72 5.60 -7.46 -24.67
N LYS D 73 6.63 -7.91 -23.97
CA LYS D 73 7.98 -7.36 -24.19
C LYS D 73 8.89 -8.52 -24.55
N GLY D 74 9.64 -8.40 -25.65
CA GLY D 74 10.60 -9.40 -26.01
C GLY D 74 11.94 -9.16 -25.35
N SER D 75 13.02 -9.61 -26.00
CA SER D 75 14.35 -9.61 -25.32
C SER D 75 15.51 -9.87 -26.29
N GLU D 76 15.32 -10.77 -27.24
CA GLU D 76 16.41 -11.13 -28.13
C GLU D 76 16.88 -9.92 -28.92
N ASN D 77 18.19 -9.79 -29.07
CA ASN D 77 18.77 -8.70 -29.83
C ASN D 77 18.70 -7.34 -29.15
N TYR D 78 18.09 -7.24 -27.96
CA TYR D 78 18.01 -5.96 -27.23
C TYR D 78 19.11 -5.84 -26.20
N ALA D 79 19.55 -4.59 -26.05
CA ALA D 79 20.46 -4.12 -25.01
C ALA D 79 19.81 -4.19 -23.60
N LEU D 80 20.59 -4.63 -22.59
CA LEU D 80 20.14 -4.62 -21.16
C LEU D 80 20.14 -3.20 -20.67
N THR D 81 19.05 -2.79 -20.00
CA THR D 81 18.93 -1.36 -19.57
C THR D 81 18.36 -1.27 -18.21
N THR D 82 18.48 -0.08 -17.66
CA THR D 82 17.68 0.23 -16.44
C THR D 82 16.22 0.36 -16.90
N ASN D 83 15.34 0.52 -15.94
CA ASN D 83 13.90 0.77 -16.23
C ASN D 83 13.71 2.13 -16.89
N GLN D 84 14.71 3.01 -16.74
CA GLN D 84 14.70 4.31 -17.37
C GLN D 84 15.31 4.32 -18.80
N GLY D 85 15.64 3.12 -19.35
CA GLY D 85 16.18 2.94 -20.73
C GLY D 85 17.68 3.24 -20.86
N VAL D 86 18.41 3.29 -19.76
CA VAL D 86 19.87 3.50 -19.83
C VAL D 86 20.63 2.16 -19.98
N ARG D 87 21.40 2.00 -21.06
CA ARG D 87 22.16 0.76 -21.26
C ARG D 87 23.15 0.53 -20.14
N ILE D 88 23.18 -0.72 -19.69
CA ILE D 88 24.09 -1.11 -18.62
C ILE D 88 25.33 -1.77 -19.26
N ALA D 89 26.53 -1.33 -18.82
CA ALA D 89 27.80 -1.90 -19.30
C ALA D 89 28.23 -3.10 -18.47
N ASP D 90 28.14 -3.01 -17.16
CA ASP D 90 28.61 -4.10 -16.34
C ASP D 90 27.53 -4.48 -15.32
N ASP D 91 26.80 -5.53 -15.64
CA ASP D 91 25.74 -6.00 -14.73
C ASP D 91 26.27 -7.12 -13.75
N GLN D 92 27.57 -7.15 -13.56
CA GLN D 92 28.16 -8.14 -12.67
C GLN D 92 28.66 -7.53 -11.37
N ASN D 93 28.72 -6.19 -11.23
CA ASN D 93 29.40 -5.58 -10.12
C ASN D 93 28.66 -4.31 -9.64
N SER D 94 28.73 -4.07 -8.32
CA SER D 94 28.39 -2.75 -7.75
C SER D 94 29.57 -1.79 -7.97
N LEU D 95 29.22 -0.50 -7.91
CA LEU D 95 30.17 0.58 -7.91
C LEU D 95 30.80 0.68 -6.52
N ARG D 96 32.13 0.59 -6.46
CA ARG D 96 32.83 0.73 -5.22
C ARG D 96 34.07 1.61 -5.34
N ALA D 97 34.50 2.16 -4.20
CA ALA D 97 35.81 2.93 -4.16
C ALA D 97 36.99 1.90 -4.03
N GLY D 98 37.55 1.51 -5.16
CA GLY D 98 38.53 0.47 -5.22
C GLY D 98 37.81 -0.87 -5.43
N SER D 99 38.49 -1.80 -6.10
CA SER D 99 37.86 -3.08 -6.36
C SER D 99 37.59 -3.99 -5.13
N ARG D 100 38.15 -3.63 -3.97
CA ARG D 100 37.83 -4.22 -2.68
C ARG D 100 37.26 -3.17 -1.77
N GLY D 101 36.69 -2.11 -2.28
CA GLY D 101 36.26 -1.08 -1.36
C GLY D 101 34.74 -1.07 -1.12
N PRO D 102 34.24 -0.03 -0.43
CA PRO D 102 32.85 0.02 -0.07
C PRO D 102 31.96 0.36 -1.25
N THR D 103 30.72 -0.15 -1.21
CA THR D 103 29.76 0.18 -2.28
C THR D 103 29.34 1.65 -2.12
N LEU D 104 29.20 2.34 -3.26
CA LEU D 104 28.87 3.77 -3.16
C LEU D 104 27.36 4.00 -3.40
N LEU D 105 26.81 4.96 -2.65
CA LEU D 105 25.37 5.30 -2.73
C LEU D 105 24.94 5.79 -4.11
N GLU D 106 25.89 6.36 -4.87
CA GLU D 106 25.61 6.84 -6.22
C GLU D 106 25.37 5.70 -7.24
N ASP D 107 25.49 4.44 -6.80
CA ASP D 107 25.29 3.33 -7.76
C ASP D 107 23.74 3.15 -7.97
N PHE D 108 23.21 3.93 -8.89
CA PHE D 108 21.75 3.97 -9.09
C PHE D 108 21.30 2.73 -9.89
N ILE D 109 22.24 2.06 -10.58
CA ILE D 109 21.94 0.86 -11.33
C ILE D 109 21.69 -0.29 -10.41
N LEU D 110 22.57 -0.45 -9.43
CA LEU D 110 22.46 -1.43 -8.33
C LEU D 110 21.14 -1.10 -7.59
N ARG D 111 20.96 0.15 -7.17
CA ARG D 111 19.77 0.40 -6.35
C ARG D 111 18.47 0.19 -7.09
N GLU D 112 18.38 0.54 -8.37
CA GLU D 112 17.12 0.25 -9.05
C GLU D 112 16.88 -1.26 -9.11
N LYS D 113 17.93 -2.02 -9.47
CA LYS D 113 17.77 -3.46 -9.68
C LYS D 113 17.37 -4.09 -8.36
N ILE D 114 18.08 -3.75 -7.26
CA ILE D 114 17.73 -4.30 -5.91
C ILE D 114 16.34 -3.80 -5.44
N THR D 115 15.96 -2.55 -5.77
CA THR D 115 14.67 -2.03 -5.24
C THR D 115 13.57 -2.81 -5.90
N HIS D 116 13.71 -3.01 -7.20
CA HIS D 116 12.63 -3.75 -7.87
C HIS D 116 12.48 -5.19 -7.31
N PHE D 117 13.60 -5.82 -7.07
CA PHE D 117 13.68 -7.17 -6.52
C PHE D 117 13.02 -7.15 -5.18
N ASP D 118 13.36 -6.15 -4.38
CA ASP D 118 12.89 -6.05 -3.00
C ASP D 118 11.38 -5.87 -2.88
N HIS D 119 10.72 -5.46 -3.98
CA HIS D 119 9.29 -5.20 -3.92
C HIS D 119 8.54 -6.08 -4.88
N GLU D 120 9.09 -7.23 -5.26
CA GLU D 120 8.40 -8.07 -6.27
C GLU D 120 7.08 -8.67 -5.84
N ARG D 121 6.94 -8.92 -4.52
CA ARG D 121 5.82 -9.71 -4.02
C ARG D 121 4.61 -8.83 -3.70
N ILE D 122 3.44 -9.43 -3.98
CA ILE D 122 2.18 -8.84 -3.61
C ILE D 122 1.43 -9.82 -2.73
N PRO D 123 0.40 -9.33 -2.01
CA PRO D 123 -0.24 -10.33 -1.07
C PRO D 123 -0.87 -11.47 -1.92
N GLU D 124 -0.78 -12.72 -1.46
CA GLU D 124 -1.47 -13.78 -2.20
C GLU D 124 -2.97 -13.70 -1.92
N ARG D 125 -3.76 -14.40 -2.70
CA ARG D 125 -5.26 -14.43 -2.52
C ARG D 125 -5.59 -14.94 -1.13
N ILE D 126 -6.56 -14.37 -0.45
CA ILE D 126 -6.89 -14.88 0.89
C ILE D 126 -7.18 -16.37 0.86
N VAL D 127 -7.97 -16.81 -0.13
CA VAL D 127 -8.22 -18.25 -0.28
C VAL D 127 -7.96 -18.50 -1.78
N HIS D 128 -7.74 -19.77 -2.13
CA HIS D 128 -7.39 -20.15 -3.54
C HIS D 128 -6.12 -19.47 -3.94
N ALA D 129 -5.26 -19.21 -2.94
CA ALA D 129 -3.88 -18.72 -3.27
C ALA D 129 -3.06 -19.61 -4.26
N ARG D 130 -3.29 -20.92 -4.28
CA ARG D 130 -2.50 -21.85 -5.15
C ARG D 130 -3.35 -22.12 -6.40
N GLY D 131 -2.89 -21.65 -7.57
CA GLY D 131 -3.68 -22.01 -8.80
C GLY D 131 -2.90 -21.86 -10.09
N SER D 132 -3.48 -22.47 -11.14
CA SER D 132 -2.77 -22.66 -12.40
C SER D 132 -3.76 -22.27 -13.47
N ALA D 133 -3.27 -21.48 -14.45
CA ALA D 133 -4.16 -20.77 -15.36
C ALA D 133 -3.80 -20.93 -16.82
N ALA D 134 -4.77 -20.74 -17.69
CA ALA D 134 -4.48 -20.81 -19.12
C ALA D 134 -5.50 -20.03 -19.94
N HIS D 135 -5.11 -19.62 -21.15
CA HIS D 135 -6.00 -18.93 -22.09
C HIS D 135 -6.77 -19.90 -22.97
N GLY D 136 -7.94 -19.48 -23.46
CA GLY D 136 -8.63 -20.36 -24.37
C GLY D 136 -9.82 -19.63 -24.98
N TYR D 137 -10.84 -20.38 -25.43
CA TYR D 137 -12.00 -19.74 -26.10
C TYR D 137 -13.28 -20.58 -25.87
N PHE D 138 -14.44 -19.92 -25.96
CA PHE D 138 -15.71 -20.57 -25.67
C PHE D 138 -16.61 -20.25 -26.85
N GLN D 139 -17.52 -21.17 -27.15
CA GLN D 139 -18.46 -20.94 -28.26
C GLN D 139 -19.75 -21.67 -27.83
N PRO D 140 -20.93 -21.06 -28.00
CA PRO D 140 -22.13 -21.80 -27.72
C PRO D 140 -22.54 -22.71 -28.88
N TYR D 141 -23.22 -23.80 -28.56
CA TYR D 141 -23.64 -24.69 -29.62
C TYR D 141 -24.79 -24.10 -30.41
N LYS D 142 -25.65 -23.34 -29.76
CA LYS D 142 -26.74 -22.69 -30.49
C LYS D 142 -27.11 -21.41 -29.74
N SER D 143 -27.82 -20.50 -30.40
CA SER D 143 -28.29 -19.30 -29.74
C SER D 143 -29.22 -19.63 -28.56
N LEU D 144 -29.03 -18.95 -27.41
CA LEU D 144 -29.91 -19.13 -26.24
C LEU D 144 -30.80 -17.92 -26.03
N SER D 145 -31.06 -17.15 -27.11
CA SER D 145 -31.89 -15.93 -27.09
C SER D 145 -33.25 -16.14 -26.41
N ASP D 146 -33.80 -17.34 -26.52
CA ASP D 146 -35.13 -17.55 -25.92
C ASP D 146 -35.05 -17.51 -24.43
N ILE D 147 -33.91 -17.80 -23.79
CA ILE D 147 -33.85 -17.80 -22.32
C ILE D 147 -32.93 -16.71 -21.73
N THR D 148 -32.04 -16.19 -22.55
CA THR D 148 -31.15 -15.15 -22.04
C THR D 148 -30.76 -14.19 -23.16
N LYS D 149 -30.62 -12.95 -22.77
CA LYS D 149 -30.16 -11.97 -23.71
C LYS D 149 -28.64 -11.79 -23.61
N ALA D 150 -27.94 -12.63 -22.80
CA ALA D 150 -26.47 -12.50 -22.75
C ALA D 150 -25.85 -12.59 -24.16
N ASP D 151 -25.08 -11.54 -24.56
CA ASP D 151 -24.56 -11.52 -25.93
C ASP D 151 -23.63 -12.74 -26.19
N PHE D 152 -22.82 -13.13 -25.21
CA PHE D 152 -21.90 -14.24 -25.51
C PHE D 152 -22.58 -15.61 -25.79
N LEU D 153 -23.88 -15.70 -25.51
CA LEU D 153 -24.64 -16.96 -25.69
C LEU D 153 -25.64 -16.81 -26.84
N SER D 154 -25.48 -15.76 -27.66
CA SER D 154 -26.56 -15.34 -28.58
C SER D 154 -26.42 -15.97 -29.96
N ASP D 155 -25.25 -16.52 -30.26
CA ASP D 155 -24.89 -16.87 -31.65
C ASP D 155 -23.81 -17.99 -31.60
N PRO D 156 -24.08 -19.16 -32.22
CA PRO D 156 -23.07 -20.22 -32.25
C PRO D 156 -21.76 -19.81 -32.94
N ASN D 157 -21.75 -18.73 -33.75
CA ASN D 157 -20.53 -18.34 -34.44
C ASN D 157 -19.78 -17.27 -33.67
N LYS D 158 -20.34 -16.87 -32.54
CA LYS D 158 -19.64 -15.97 -31.64
C LYS D 158 -18.65 -16.64 -30.65
N ILE D 159 -17.38 -16.28 -30.83
CA ILE D 159 -16.28 -16.86 -30.08
C ILE D 159 -15.94 -15.85 -29.01
N THR D 160 -15.87 -16.32 -27.77
CA THR D 160 -15.54 -15.46 -26.63
C THR D 160 -14.22 -15.95 -26.08
N PRO D 161 -13.19 -15.08 -26.02
CA PRO D 161 -11.95 -15.53 -25.38
C PRO D 161 -12.21 -15.77 -23.91
N VAL D 162 -11.45 -16.73 -23.31
CA VAL D 162 -11.54 -16.92 -21.88
C VAL D 162 -10.14 -16.93 -21.23
N PHE D 163 -10.05 -16.68 -19.92
CA PHE D 163 -8.80 -17.03 -19.17
C PHE D 163 -9.38 -17.79 -17.99
N VAL D 164 -8.84 -18.97 -17.70
CA VAL D 164 -9.28 -19.87 -16.63
C VAL D 164 -8.21 -20.11 -15.65
N ARG D 165 -8.59 -20.00 -14.37
CA ARG D 165 -7.69 -20.36 -13.30
C ARG D 165 -8.28 -21.51 -12.47
N PHE D 166 -7.51 -22.60 -12.30
CA PHE D 166 -7.92 -23.66 -11.42
C PHE D 166 -7.14 -23.53 -10.12
N SER D 167 -7.67 -24.03 -9.02
CA SER D 167 -6.95 -23.74 -7.76
C SER D 167 -7.30 -24.72 -6.70
N THR D 168 -6.49 -24.77 -5.63
CA THR D 168 -6.95 -25.37 -4.38
C THR D 168 -7.58 -24.26 -3.57
N VAL D 169 -7.88 -24.52 -2.29
CA VAL D 169 -8.58 -23.50 -1.46
C VAL D 169 -7.71 -23.07 -0.27
N GLN D 170 -7.16 -24.00 0.52
CA GLN D 170 -6.64 -23.66 1.81
C GLN D 170 -5.17 -23.18 1.71
N GLY D 171 -4.36 -23.84 0.89
CA GLY D 171 -2.88 -23.67 0.97
C GLY D 171 -2.39 -22.35 0.34
N GLY D 172 -1.22 -21.94 0.75
CA GLY D 172 -0.62 -20.72 0.11
C GLY D 172 -0.19 -20.93 -1.34
N ALA D 173 0.23 -19.83 -2.00
CA ALA D 173 0.68 -19.89 -3.43
C ALA D 173 1.80 -20.91 -3.62
N GLY D 174 2.54 -21.23 -2.52
CA GLY D 174 3.72 -22.14 -2.63
C GLY D 174 3.40 -23.49 -2.01
N SER D 175 2.08 -23.76 -1.78
CA SER D 175 1.59 -25.09 -1.28
C SER D 175 1.49 -26.10 -2.42
N ALA D 176 1.20 -27.38 -2.08
CA ALA D 176 1.30 -28.48 -3.04
C ALA D 176 -0.04 -28.63 -3.81
N ASP D 177 0.04 -29.24 -5.00
CA ASP D 177 -1.20 -29.34 -5.81
C ASP D 177 -2.12 -30.48 -5.41
N THR D 178 -1.55 -31.67 -5.17
CA THR D 178 -2.42 -32.92 -5.10
C THR D 178 -2.84 -33.18 -3.64
N VAL D 179 -3.16 -32.11 -2.92
CA VAL D 179 -3.74 -32.18 -1.55
C VAL D 179 -5.23 -32.63 -1.58
N ARG D 180 -5.77 -33.01 -0.45
CA ARG D 180 -7.22 -33.23 -0.29
C ARG D 180 -7.85 -31.89 0.06
N ASP D 181 -8.66 -31.36 -0.85
CA ASP D 181 -9.27 -30.02 -0.64
C ASP D 181 -10.31 -29.90 -1.74
N ILE D 182 -11.11 -28.86 -1.72
CA ILE D 182 -11.97 -28.53 -2.83
C ILE D 182 -11.02 -27.88 -3.87
N ARG D 183 -11.40 -27.88 -5.15
CA ARG D 183 -10.70 -27.06 -6.12
C ARG D 183 -11.59 -25.93 -6.64
N GLY D 184 -10.96 -24.79 -6.93
CA GLY D 184 -11.65 -23.67 -7.64
C GLY D 184 -11.54 -23.89 -9.13
N PHE D 185 -12.50 -23.31 -9.88
CA PHE D 185 -12.52 -23.36 -11.31
C PHE D 185 -13.17 -22.04 -11.74
N ALA D 186 -12.34 -21.10 -12.13
CA ALA D 186 -12.75 -19.71 -12.34
C ALA D 186 -12.52 -19.39 -13.80
N THR D 187 -13.52 -18.79 -14.47
CA THR D 187 -13.46 -18.53 -15.96
C THR D 187 -13.85 -17.09 -16.14
N LYS D 188 -12.94 -16.38 -16.81
CA LYS D 188 -13.16 -14.99 -17.14
C LYS D 188 -13.50 -14.98 -18.64
N PHE D 189 -14.77 -14.72 -18.94
CA PHE D 189 -15.25 -14.57 -20.34
C PHE D 189 -15.14 -13.11 -20.76
N TYR D 190 -14.36 -12.84 -21.80
CA TYR D 190 -14.19 -11.49 -22.27
C TYR D 190 -15.26 -11.20 -23.34
N THR D 191 -16.46 -10.80 -22.88
CA THR D 191 -17.59 -10.71 -23.82
C THR D 191 -17.63 -9.32 -24.44
N GLU D 192 -18.44 -9.22 -25.47
CA GLU D 192 -18.63 -7.96 -26.19
C GLU D 192 -19.50 -6.96 -25.40
N GLU D 193 -20.14 -7.41 -24.34
CA GLU D 193 -20.88 -6.53 -23.46
C GLU D 193 -20.40 -6.54 -22.04
N GLY D 194 -19.12 -6.87 -21.82
CA GLY D 194 -18.54 -6.83 -20.46
C GLY D 194 -17.86 -8.13 -20.09
N ILE D 195 -17.06 -8.04 -19.05
CA ILE D 195 -16.40 -9.24 -18.52
C ILE D 195 -17.47 -9.98 -17.74
N PHE D 196 -17.62 -11.29 -18.01
CA PHE D 196 -18.41 -12.14 -17.12
C PHE D 196 -17.48 -13.14 -16.40
N ASP D 197 -17.43 -13.14 -15.06
CA ASP D 197 -16.61 -14.15 -14.39
C ASP D 197 -17.52 -15.21 -13.79
N LEU D 198 -17.34 -16.46 -14.22
CA LEU D 198 -18.02 -17.55 -13.58
C LEU D 198 -17.02 -18.18 -12.61
N VAL D 199 -17.26 -17.94 -11.31
CA VAL D 199 -16.27 -18.29 -10.32
C VAL D 199 -16.78 -19.49 -9.53
N GLY D 200 -16.36 -20.69 -9.97
CA GLY D 200 -16.98 -21.94 -9.53
C GLY D 200 -16.00 -22.76 -8.74
N ASN D 201 -16.49 -23.85 -8.17
CA ASN D 201 -15.63 -24.91 -7.57
C ASN D 201 -15.86 -26.28 -8.27
N ASN D 202 -15.14 -27.31 -7.83
CA ASN D 202 -15.30 -28.68 -8.45
C ASN D 202 -16.31 -29.59 -7.73
N THR D 203 -17.09 -29.03 -6.81
CA THR D 203 -18.22 -29.77 -6.19
C THR D 203 -19.43 -28.84 -6.25
N PRO D 204 -20.68 -29.39 -6.26
CA PRO D 204 -21.87 -28.60 -6.54
C PRO D 204 -22.49 -27.85 -5.36
N ILE D 205 -21.86 -27.96 -4.18
CA ILE D 205 -22.33 -27.22 -3.04
C ILE D 205 -21.13 -26.62 -2.29
N PHE D 206 -21.41 -25.72 -1.34
CA PHE D 206 -20.36 -25.20 -0.51
C PHE D 206 -20.56 -25.68 0.91
N PHE D 207 -19.59 -25.38 1.80
CA PHE D 207 -19.65 -25.89 3.18
C PHE D 207 -20.65 -25.14 4.05
N ILE D 208 -20.94 -23.88 3.76
CA ILE D 208 -21.71 -23.04 4.65
C ILE D 208 -22.80 -22.27 3.92
N GLN D 209 -23.77 -21.79 4.69
CA GLN D 209 -25.03 -21.19 4.17
C GLN D 209 -24.99 -19.70 3.96
N ASP D 210 -24.37 -18.98 4.90
CA ASP D 210 -24.41 -17.53 4.91
C ASP D 210 -22.96 -16.99 4.98
N ALA D 211 -22.72 -16.03 4.05
CA ALA D 211 -21.40 -15.37 3.91
C ALA D 211 -20.83 -14.80 5.23
N HIS D 212 -21.69 -14.39 6.15
CA HIS D 212 -21.23 -13.89 7.42
C HIS D 212 -20.33 -14.88 8.17
N LYS D 213 -20.48 -16.17 7.85
CA LYS D 213 -19.64 -17.22 8.51
C LYS D 213 -18.41 -17.58 7.72
N PHE D 214 -18.18 -16.95 6.54
CA PHE D 214 -17.06 -17.36 5.74
C PHE D 214 -15.70 -17.17 6.49
N PRO D 215 -15.50 -16.02 7.19
CA PRO D 215 -14.20 -15.98 7.90
C PRO D 215 -14.13 -17.04 9.00
N ASP D 216 -15.23 -17.44 9.66
CA ASP D 216 -15.16 -18.50 10.70
C ASP D 216 -14.74 -19.78 10.00
N PHE D 217 -15.50 -20.17 8.94
CA PHE D 217 -15.15 -21.39 8.27
C PHE D 217 -13.70 -21.41 7.72
N VAL D 218 -13.35 -20.34 7.01
CA VAL D 218 -11.97 -20.27 6.52
C VAL D 218 -10.88 -20.30 7.60
N HIS D 219 -11.12 -19.59 8.69
CA HIS D 219 -10.14 -19.65 9.76
C HIS D 219 -10.01 -21.05 10.32
N ALA D 220 -11.14 -21.78 10.38
CA ALA D 220 -11.12 -23.15 10.91
C ALA D 220 -10.36 -24.12 10.01
N VAL D 221 -10.52 -23.97 8.70
CA VAL D 221 -9.75 -24.80 7.78
C VAL D 221 -8.31 -24.41 7.57
N LYS D 222 -8.00 -23.14 7.64
CA LYS D 222 -6.65 -22.64 7.39
C LYS D 222 -5.70 -23.08 8.50
N PRO D 223 -4.37 -22.84 8.34
CA PRO D 223 -3.44 -23.26 9.39
C PRO D 223 -3.79 -22.60 10.73
N GLU D 224 -3.61 -23.32 11.82
CA GLU D 224 -4.05 -22.83 13.13
C GLU D 224 -3.18 -21.71 13.59
N PRO D 225 -3.77 -20.72 14.30
CA PRO D 225 -3.18 -19.38 14.39
C PRO D 225 -1.95 -19.30 15.28
N HIS D 226 -1.78 -20.21 16.26
CA HIS D 226 -0.62 -20.07 17.13
C HIS D 226 0.61 -20.42 16.35
N TRP D 227 0.60 -21.52 15.56
CA TRP D 227 1.83 -22.07 14.96
C TRP D 227 1.87 -22.15 13.45
N ALA D 228 0.76 -21.81 12.82
CA ALA D 228 0.59 -21.85 11.37
C ALA D 228 0.85 -23.25 10.77
N ILE D 229 0.15 -24.25 11.33
CA ILE D 229 0.22 -25.64 10.83
C ILE D 229 -1.26 -26.06 10.87
N PRO D 230 -1.74 -26.89 9.94
CA PRO D 230 -1.02 -27.51 8.82
C PRO D 230 -1.26 -26.80 7.49
N GLN D 231 -0.25 -26.89 6.60
CA GLN D 231 -0.42 -26.29 5.26
C GLN D 231 -1.15 -27.25 4.27
N GLY D 232 -2.15 -26.77 3.52
CA GLY D 232 -2.72 -27.58 2.39
C GLY D 232 -3.47 -28.78 2.92
N GLN D 233 -3.96 -28.72 4.14
CA GLN D 233 -4.57 -29.90 4.82
C GLN D 233 -5.77 -29.54 5.71
N ILE D 234 -6.85 -30.32 5.60
CA ILE D 234 -8.02 -30.01 6.43
C ILE D 234 -7.99 -30.95 7.66
N ALA D 235 -7.00 -31.85 7.67
CA ALA D 235 -6.94 -32.89 8.72
C ALA D 235 -6.35 -32.25 9.98
N HIS D 236 -7.17 -31.45 10.66
CA HIS D 236 -6.68 -30.91 11.92
C HIS D 236 -7.84 -30.52 12.76
N ASP D 237 -7.54 -30.29 14.04
CA ASP D 237 -8.57 -30.14 15.05
C ASP D 237 -9.62 -29.04 14.73
N THR D 238 -9.18 -27.87 14.30
CA THR D 238 -10.12 -26.75 14.23
C THR D 238 -11.13 -26.93 13.13
N PHE D 239 -10.69 -27.56 12.04
CA PHE D 239 -11.58 -27.80 10.94
C PHE D 239 -12.70 -28.76 11.40
N TRP D 240 -12.29 -29.88 12.01
CA TRP D 240 -13.27 -30.85 12.46
C TRP D 240 -14.08 -30.36 13.66
N ASP D 241 -13.54 -29.43 14.46
CA ASP D 241 -14.32 -28.80 15.53
C ASP D 241 -15.46 -28.04 14.90
N TYR D 242 -15.15 -27.20 13.93
CA TYR D 242 -16.19 -26.41 13.31
C TYR D 242 -17.24 -27.33 12.67
N VAL D 243 -16.78 -28.30 11.86
CA VAL D 243 -17.68 -29.25 11.19
C VAL D 243 -18.65 -29.89 12.19
N SER D 244 -18.10 -30.26 13.34
CA SER D 244 -18.87 -31.02 14.34
C SER D 244 -19.98 -30.16 14.97
N LEU D 245 -19.76 -28.85 14.94
CA LEU D 245 -20.62 -27.79 15.51
C LEU D 245 -21.55 -27.15 14.52
N GLN D 246 -21.31 -27.42 13.23
CA GLN D 246 -22.05 -26.75 12.14
C GLN D 246 -22.44 -27.82 11.11
N PRO D 247 -23.50 -28.59 11.39
CA PRO D 247 -23.79 -29.72 10.47
C PRO D 247 -24.15 -29.33 9.03
N GLU D 248 -24.51 -28.05 8.78
CA GLU D 248 -24.62 -27.60 7.40
C GLU D 248 -23.43 -27.95 6.54
N THR D 249 -22.22 -28.02 7.17
CA THR D 249 -20.98 -28.35 6.43
C THR D 249 -20.94 -29.78 5.88
N LEU D 250 -21.82 -30.65 6.37
CA LEU D 250 -21.51 -32.09 6.17
C LEU D 250 -21.64 -32.52 4.76
N HIS D 251 -22.54 -31.88 4.00
CA HIS D 251 -22.60 -32.25 2.60
C HIS D 251 -21.27 -32.04 1.84
N ASN D 252 -20.70 -30.85 1.91
CA ASN D 252 -19.46 -30.62 1.14
C ASN D 252 -18.28 -31.41 1.81
N VAL D 253 -18.37 -31.64 3.12
CA VAL D 253 -17.38 -32.53 3.82
C VAL D 253 -17.39 -33.95 3.17
N MET D 254 -18.60 -34.51 2.94
CA MET D 254 -18.72 -35.78 2.19
C MET D 254 -17.99 -35.76 0.90
N TRP D 255 -18.25 -34.73 0.10
CA TRP D 255 -17.50 -34.65 -1.17
C TRP D 255 -15.97 -34.57 -0.97
N ALA D 256 -15.53 -33.79 0.00
CA ALA D 256 -14.08 -33.64 0.20
C ALA D 256 -13.45 -34.97 0.62
N MET D 257 -14.19 -35.77 1.42
CA MET D 257 -13.66 -37.04 1.93
C MET D 257 -13.67 -38.11 0.86
N SER D 258 -14.47 -37.89 -0.18
CA SER D 258 -14.44 -38.87 -1.30
C SER D 258 -13.22 -38.58 -2.15
N ASP D 259 -13.07 -39.38 -3.22
CA ASP D 259 -11.96 -39.15 -4.11
C ASP D 259 -12.18 -37.89 -4.91
N ARG D 260 -13.36 -37.26 -4.82
CA ARG D 260 -13.47 -35.93 -5.41
C ARG D 260 -12.40 -34.96 -4.88
N GLY D 261 -11.98 -35.21 -3.65
CA GLY D 261 -11.06 -34.30 -3.00
C GLY D 261 -9.64 -34.33 -3.53
N ILE D 262 -9.35 -35.30 -4.41
CA ILE D 262 -7.98 -35.58 -4.88
C ILE D 262 -8.05 -35.89 -6.39
N PRO D 263 -8.42 -34.88 -7.22
CA PRO D 263 -8.42 -35.08 -8.71
C PRO D 263 -7.13 -35.49 -9.36
N ARG D 264 -7.22 -36.29 -10.43
CA ARG D 264 -6.02 -36.74 -11.17
C ARG D 264 -5.41 -35.54 -11.92
N SER D 265 -6.29 -34.63 -12.34
CA SER D 265 -5.90 -33.48 -13.20
C SER D 265 -7.00 -32.44 -13.12
N TYR D 266 -6.70 -31.16 -13.34
CA TYR D 266 -7.77 -30.21 -13.49
C TYR D 266 -8.63 -30.51 -14.76
N ARG D 267 -8.07 -31.27 -15.71
CA ARG D 267 -8.83 -31.71 -16.89
C ARG D 267 -9.86 -32.80 -16.59
N THR D 268 -9.76 -33.45 -15.42
CA THR D 268 -10.60 -34.64 -15.16
C THR D 268 -11.44 -34.41 -13.90
N MET D 269 -11.92 -33.17 -13.72
CA MET D 269 -12.90 -32.92 -12.64
C MET D 269 -14.07 -32.12 -13.18
N GLU D 270 -15.21 -32.12 -12.45
CA GLU D 270 -16.36 -31.28 -12.85
C GLU D 270 -16.18 -29.90 -12.28
N GLY D 271 -16.94 -28.98 -12.82
CA GLY D 271 -17.06 -27.62 -12.31
C GLY D 271 -18.52 -27.28 -12.03
N PHE D 272 -18.75 -26.36 -11.09
CA PHE D 272 -20.10 -25.94 -10.79
C PHE D 272 -20.10 -24.49 -10.29
N GLY D 273 -21.11 -23.70 -10.66
CA GLY D 273 -21.21 -22.37 -10.08
C GLY D 273 -21.79 -22.36 -8.69
N ILE D 274 -22.31 -23.53 -8.27
CA ILE D 274 -22.91 -23.75 -6.89
C ILE D 274 -24.24 -22.98 -6.72
N HIS D 275 -24.21 -21.68 -6.81
CA HIS D 275 -25.46 -20.89 -6.58
C HIS D 275 -26.45 -20.98 -7.69
N THR D 276 -27.72 -20.88 -7.28
CA THR D 276 -28.75 -20.55 -8.27
C THR D 276 -28.60 -19.07 -8.66
N PHE D 277 -28.45 -18.84 -9.96
CA PHE D 277 -28.51 -17.50 -10.58
C PHE D 277 -29.74 -17.36 -11.44
N ARG D 278 -29.83 -16.25 -12.16
CA ARG D 278 -30.99 -16.06 -13.07
C ARG D 278 -30.47 -15.80 -14.48
N LEU D 279 -31.16 -16.35 -15.46
CA LEU D 279 -31.05 -15.87 -16.82
C LEU D 279 -32.26 -14.96 -17.10
N ILE D 280 -32.01 -13.88 -17.83
CA ILE D 280 -33.10 -12.93 -18.13
C ILE D 280 -33.16 -12.81 -19.64
N ASN D 281 -34.33 -13.06 -20.23
CA ASN D 281 -34.38 -12.92 -21.71
C ASN D 281 -34.85 -11.51 -22.12
N ALA D 282 -34.92 -11.24 -23.44
CA ALA D 282 -35.31 -9.92 -23.93
C ALA D 282 -36.72 -9.55 -23.50
N GLU D 283 -37.59 -10.51 -23.23
CA GLU D 283 -38.96 -10.21 -22.80
C GLU D 283 -39.05 -9.95 -21.33
N GLY D 284 -37.96 -10.14 -20.60
CA GLY D 284 -37.94 -9.83 -19.19
C GLY D 284 -38.24 -11.06 -18.36
N LYS D 285 -38.37 -12.23 -18.99
CA LYS D 285 -38.61 -13.43 -18.17
C LYS D 285 -37.32 -13.89 -17.47
N ALA D 286 -37.43 -14.20 -16.16
CA ALA D 286 -36.34 -14.76 -15.33
C ALA D 286 -36.44 -16.32 -15.26
N THR D 287 -35.36 -17.01 -15.59
CA THR D 287 -35.30 -18.42 -15.39
C THR D 287 -34.23 -18.75 -14.37
N PHE D 288 -34.49 -19.61 -13.40
CA PHE D 288 -33.42 -19.92 -12.44
C PHE D 288 -32.43 -20.84 -13.14
N VAL D 289 -31.10 -20.64 -12.89
CA VAL D 289 -30.05 -21.49 -13.53
C VAL D 289 -28.93 -21.88 -12.50
N ARG D 290 -28.45 -23.09 -12.61
CA ARG D 290 -27.20 -23.44 -11.98
C ARG D 290 -26.25 -23.89 -13.09
N PHE D 291 -25.00 -23.40 -13.00
CA PHE D 291 -24.01 -23.65 -14.02
C PHE D 291 -23.15 -24.91 -13.72
N HIS D 292 -22.81 -25.61 -14.79
CA HIS D 292 -21.95 -26.81 -14.79
C HIS D 292 -20.86 -26.75 -15.82
N TRP D 293 -19.72 -27.33 -15.48
CA TRP D 293 -18.76 -27.74 -16.51
C TRP D 293 -18.57 -29.18 -16.46
N LYS D 294 -18.68 -29.82 -17.66
CA LYS D 294 -18.43 -31.27 -17.80
C LYS D 294 -17.07 -31.42 -18.45
N PRO D 295 -16.17 -32.23 -17.84
CA PRO D 295 -14.83 -32.43 -18.43
C PRO D 295 -14.92 -33.38 -19.62
N LEU D 296 -14.57 -32.93 -20.82
CA LEU D 296 -14.57 -33.89 -21.97
C LEU D 296 -13.50 -35.00 -21.89
N ALA D 297 -12.54 -34.85 -21.00
CA ALA D 297 -11.55 -35.88 -20.76
C ALA D 297 -12.09 -36.89 -19.74
N GLY D 298 -13.30 -36.70 -19.20
CA GLY D 298 -13.83 -37.62 -18.16
C GLY D 298 -13.50 -37.24 -16.73
N LYS D 299 -14.13 -37.95 -15.77
CA LYS D 299 -13.88 -37.69 -14.36
C LYS D 299 -12.84 -38.75 -13.90
N ALA D 300 -11.85 -38.32 -13.14
CA ALA D 300 -10.79 -39.22 -12.67
C ALA D 300 -10.15 -38.57 -11.43
N SER D 301 -9.88 -39.41 -10.42
CA SER D 301 -9.22 -39.00 -9.22
C SER D 301 -8.08 -39.97 -8.88
N LEU D 302 -7.16 -39.45 -8.08
CA LEU D 302 -6.12 -40.23 -7.44
C LEU D 302 -6.71 -41.09 -6.30
N VAL D 303 -5.84 -41.91 -5.68
CA VAL D 303 -6.15 -42.51 -4.35
C VAL D 303 -5.34 -41.80 -3.30
N TRP D 304 -5.81 -41.81 -2.07
CA TRP D 304 -5.20 -40.99 -1.04
C TRP D 304 -3.68 -41.17 -0.80
N ASP D 305 -3.23 -42.41 -0.59
CA ASP D 305 -1.81 -42.61 -0.39
C ASP D 305 -0.92 -42.04 -1.52
N GLU D 306 -1.41 -42.16 -2.75
CA GLU D 306 -0.78 -41.64 -3.94
C GLU D 306 -0.75 -40.11 -3.95
N ALA D 307 -1.92 -39.50 -3.75
CA ALA D 307 -2.03 -38.09 -3.66
C ALA D 307 -1.07 -37.48 -2.57
N GLN D 308 -1.10 -38.03 -1.37
CA GLN D 308 -0.28 -37.49 -0.28
C GLN D 308 1.20 -37.67 -0.64
N LYS D 309 1.59 -38.81 -1.17
CA LYS D 309 2.99 -39.02 -1.47
C LYS D 309 3.37 -38.13 -2.65
N LEU D 310 2.45 -37.97 -3.61
CA LEU D 310 2.72 -37.06 -4.75
C LEU D 310 2.93 -35.59 -4.34
N THR D 311 2.32 -35.14 -3.27
CA THR D 311 2.60 -33.73 -2.83
C THR D 311 4.10 -33.59 -2.46
N GLY D 312 4.77 -34.68 -2.11
CA GLY D 312 6.23 -34.66 -1.90
C GLY D 312 7.07 -34.89 -3.18
N ARG D 313 6.72 -35.89 -3.98
CA ARG D 313 7.58 -36.23 -5.09
C ARG D 313 7.43 -35.14 -6.13
N ASP D 314 6.22 -34.51 -6.22
CA ASP D 314 6.02 -33.37 -7.19
C ASP D 314 4.86 -32.48 -6.75
N PRO D 315 5.15 -31.55 -5.85
CA PRO D 315 4.09 -30.62 -5.42
C PRO D 315 3.49 -29.76 -6.51
N ASP D 316 4.10 -29.75 -7.70
CA ASP D 316 3.62 -28.97 -8.86
C ASP D 316 2.96 -29.83 -9.91
N PHE D 317 2.52 -31.04 -9.49
CA PHE D 317 2.02 -32.01 -10.47
C PHE D 317 0.85 -31.48 -11.31
N HIS D 318 -0.14 -30.80 -10.68
CA HIS D 318 -1.34 -30.34 -11.47
C HIS D 318 -0.99 -29.20 -12.37
N ARG D 319 -0.18 -28.25 -11.86
CA ARG D 319 0.27 -27.06 -12.64
C ARG D 319 1.05 -27.57 -13.86
N ARG D 320 1.96 -28.53 -13.62
CA ARG D 320 2.84 -29.13 -14.63
C ARG D 320 2.01 -29.82 -15.72
N GLU D 321 1.09 -30.68 -15.26
CA GLU D 321 0.27 -31.48 -16.13
C GLU D 321 -0.63 -30.64 -17.03
N LEU D 322 -1.19 -29.54 -16.48
CA LEU D 322 -2.02 -28.67 -17.29
C LEU D 322 -1.17 -27.99 -18.41
N TRP D 323 -0.03 -27.43 -17.97
CA TRP D 323 0.89 -26.71 -18.84
C TRP D 323 1.35 -27.65 -19.96
N GLU D 324 1.73 -28.87 -19.58
CA GLU D 324 2.21 -29.87 -20.60
C GLU D 324 1.12 -30.40 -21.50
N ALA D 325 -0.09 -30.53 -21.02
CA ALA D 325 -1.18 -30.98 -21.88
C ALA D 325 -1.38 -29.93 -22.95
N ILE D 326 -1.36 -28.66 -22.55
CA ILE D 326 -1.56 -27.58 -23.59
C ILE D 326 -0.40 -27.56 -24.60
N GLU D 327 0.80 -27.72 -24.12
CA GLU D 327 1.96 -27.79 -25.01
C GLU D 327 1.88 -28.95 -25.98
N ALA D 328 1.27 -30.06 -25.54
CA ALA D 328 1.15 -31.30 -26.36
C ALA D 328 -0.01 -31.24 -27.31
N GLY D 329 -0.91 -30.26 -27.20
CA GLY D 329 -2.13 -30.26 -28.05
C GLY D 329 -3.25 -31.02 -27.33
N ASP D 330 -2.98 -31.56 -26.17
CA ASP D 330 -4.12 -32.17 -25.41
C ASP D 330 -4.93 -31.07 -24.71
N PHE D 331 -5.56 -30.22 -25.48
CA PHE D 331 -6.25 -29.08 -24.86
C PHE D 331 -7.28 -29.50 -23.86
N PRO D 332 -7.23 -28.98 -22.62
CA PRO D 332 -8.41 -29.15 -21.73
C PRO D 332 -9.74 -28.63 -22.43
N GLU D 333 -10.77 -29.48 -22.50
CA GLU D 333 -12.02 -29.08 -23.01
C GLU D 333 -13.10 -29.39 -21.97
N TYR D 334 -14.08 -28.48 -21.91
CA TYR D 334 -15.21 -28.56 -20.98
C TYR D 334 -16.45 -28.11 -21.69
N GLU D 335 -17.55 -28.79 -21.33
CA GLU D 335 -18.81 -28.38 -21.88
C GLU D 335 -19.59 -27.65 -20.78
N LEU D 336 -19.98 -26.43 -21.05
CA LEU D 336 -20.85 -25.62 -20.16
C LEU D 336 -22.28 -26.19 -20.28
N GLY D 337 -22.91 -26.37 -19.15
CA GLY D 337 -24.30 -26.83 -19.14
C GLY D 337 -25.07 -26.05 -18.06
N PHE D 338 -26.39 -26.03 -18.21
CA PHE D 338 -27.24 -25.25 -17.34
C PHE D 338 -28.32 -26.22 -16.81
N GLN D 339 -28.51 -26.22 -15.50
CA GLN D 339 -29.77 -26.74 -14.93
C GLN D 339 -30.75 -25.56 -14.85
N LEU D 340 -31.90 -25.71 -15.53
CA LEU D 340 -32.84 -24.60 -15.71
C LEU D 340 -34.12 -24.88 -14.92
N ILE D 341 -34.54 -23.96 -14.11
CA ILE D 341 -35.75 -24.24 -13.30
C ILE D 341 -36.68 -23.01 -13.47
N PRO D 342 -37.92 -23.24 -13.91
CA PRO D 342 -38.80 -22.06 -14.13
C PRO D 342 -39.12 -21.40 -12.82
N GLU D 343 -39.38 -20.13 -12.90
CA GLU D 343 -39.72 -19.35 -11.75
C GLU D 343 -40.82 -19.95 -10.87
N GLU D 344 -41.86 -20.51 -11.50
CA GLU D 344 -43.04 -21.17 -10.84
C GLU D 344 -42.66 -22.39 -10.04
N ASP D 345 -41.47 -22.95 -10.29
CA ASP D 345 -41.08 -24.18 -9.64
C ASP D 345 -40.15 -23.89 -8.46
N GLU D 346 -40.01 -22.62 -8.06
CA GLU D 346 -39.05 -22.24 -6.97
C GLU D 346 -39.20 -23.17 -5.78
N PHE D 347 -40.45 -23.55 -5.46
CA PHE D 347 -40.72 -24.14 -4.15
C PHE D 347 -41.06 -25.64 -4.27
N LYS D 348 -40.78 -26.25 -5.42
CA LYS D 348 -41.23 -27.64 -5.70
C LYS D 348 -40.26 -28.72 -5.23
N PHE D 349 -39.16 -28.35 -4.59
CA PHE D 349 -38.18 -29.37 -4.12
C PHE D 349 -38.17 -29.44 -2.58
N ASP D 350 -37.56 -30.50 -2.03
CA ASP D 350 -37.53 -30.72 -0.58
C ASP D 350 -36.51 -29.80 0.05
N PHE D 351 -35.71 -29.22 -0.81
CA PHE D 351 -34.60 -28.30 -0.39
C PHE D 351 -34.87 -26.92 -0.96
N ASP D 352 -34.26 -25.92 -0.32
CA ASP D 352 -34.38 -24.57 -0.86
C ASP D 352 -33.39 -24.34 -2.06
N LEU D 353 -33.87 -23.80 -3.19
CA LEU D 353 -32.93 -23.51 -4.33
C LEU D 353 -31.83 -22.49 -4.00
N LEU D 354 -32.10 -21.62 -3.03
CA LEU D 354 -31.11 -20.60 -2.65
C LEU D 354 -30.16 -21.09 -1.59
N ASP D 355 -30.28 -22.35 -1.19
CA ASP D 355 -29.37 -22.89 -0.16
C ASP D 355 -28.14 -23.55 -0.84
N PRO D 356 -26.95 -22.93 -0.76
CA PRO D 356 -25.75 -23.40 -1.44
C PRO D 356 -25.17 -24.67 -0.79
N THR D 357 -25.79 -25.20 0.26
CA THR D 357 -25.38 -26.49 0.83
C THR D 357 -26.14 -27.69 0.17
N LYS D 358 -27.05 -27.36 -0.77
CA LYS D 358 -27.97 -28.34 -1.37
C LYS D 358 -27.62 -28.42 -2.84
N LEU D 359 -27.58 -29.62 -3.40
CA LEU D 359 -27.36 -29.71 -4.84
C LEU D 359 -28.71 -29.95 -5.49
N ILE D 360 -28.79 -29.73 -6.83
CA ILE D 360 -30.00 -30.06 -7.56
C ILE D 360 -29.69 -31.38 -8.29
N PRO D 361 -30.36 -32.48 -7.87
CA PRO D 361 -29.97 -33.77 -8.54
C PRO D 361 -30.31 -33.74 -10.02
N GLU D 362 -29.42 -34.27 -10.85
CA GLU D 362 -29.60 -34.20 -12.28
C GLU D 362 -30.76 -35.14 -12.65
N GLU D 363 -31.07 -36.11 -11.79
CA GLU D 363 -32.29 -36.95 -12.04
C GLU D 363 -33.56 -36.13 -12.01
N LEU D 364 -33.56 -35.03 -11.24
CA LEU D 364 -34.72 -34.14 -11.10
C LEU D 364 -34.68 -33.05 -12.17
N VAL D 365 -33.48 -32.50 -12.41
CA VAL D 365 -33.32 -31.42 -13.34
C VAL D 365 -32.10 -31.67 -14.19
N PRO D 366 -32.28 -32.10 -15.43
CA PRO D 366 -31.12 -32.43 -16.25
C PRO D 366 -30.25 -31.20 -16.61
N VAL D 367 -28.98 -31.45 -16.88
CA VAL D 367 -28.10 -30.43 -17.40
C VAL D 367 -28.33 -30.31 -18.91
N GLN D 368 -28.71 -29.13 -19.39
CA GLN D 368 -28.78 -28.87 -20.82
C GLN D 368 -27.44 -28.36 -21.31
N ARG D 369 -26.93 -28.99 -22.36
CA ARG D 369 -25.64 -28.66 -22.92
C ARG D 369 -25.73 -27.30 -23.59
N VAL D 370 -24.73 -26.44 -23.36
CA VAL D 370 -24.85 -25.06 -23.82
C VAL D 370 -23.68 -24.68 -24.74
N GLY D 371 -22.45 -25.12 -24.44
CA GLY D 371 -21.37 -24.74 -25.38
C GLY D 371 -20.07 -25.34 -24.91
N LYS D 372 -19.01 -25.08 -25.67
CA LYS D 372 -17.77 -25.76 -25.39
C LYS D 372 -16.63 -24.74 -25.12
N MET D 373 -15.83 -24.99 -24.09
CA MET D 373 -14.62 -24.18 -23.80
C MET D 373 -13.38 -25.06 -24.07
N VAL D 374 -12.39 -24.51 -24.81
CA VAL D 374 -11.07 -25.13 -25.12
C VAL D 374 -9.96 -24.24 -24.58
N LEU D 375 -9.12 -24.77 -23.70
CA LEU D 375 -7.98 -23.99 -23.24
C LEU D 375 -6.79 -24.39 -24.08
N ASN D 376 -6.25 -23.44 -24.86
CA ASN D 376 -5.26 -23.86 -25.85
C ASN D 376 -3.99 -23.04 -25.83
N ARG D 377 -3.82 -22.19 -24.81
CA ARG D 377 -2.52 -21.53 -24.70
C ARG D 377 -2.16 -21.14 -23.28
N ASN D 378 -0.91 -21.48 -22.94
CA ASN D 378 -0.35 -21.05 -21.67
C ASN D 378 0.03 -19.59 -21.65
N PRO D 379 0.10 -19.01 -20.43
CA PRO D 379 0.54 -17.65 -20.35
C PRO D 379 2.00 -17.47 -20.72
N ASP D 380 2.39 -16.20 -20.84
CA ASP D 380 3.81 -15.85 -20.99
C ASP D 380 4.49 -15.68 -19.66
N ASN D 381 3.85 -14.98 -18.73
CA ASN D 381 4.49 -14.70 -17.46
C ASN D 381 3.45 -15.01 -16.41
N PHE D 382 3.80 -15.95 -15.55
CA PHE D 382 2.83 -16.47 -14.57
C PHE D 382 2.43 -15.35 -13.67
N PHE D 383 3.38 -14.54 -13.21
CA PHE D 383 2.96 -13.48 -12.27
C PHE D 383 2.03 -12.48 -12.87
N ALA D 384 2.39 -12.00 -14.06
CA ALA D 384 1.66 -10.92 -14.70
C ALA D 384 0.23 -11.33 -15.04
N GLU D 385 0.07 -12.55 -15.60
CA GLU D 385 -1.24 -13.00 -16.11
C GLU D 385 -2.01 -13.84 -15.07
N ASN D 386 -1.32 -14.76 -14.36
CA ASN D 386 -2.00 -15.69 -13.42
C ASN D 386 -2.09 -15.02 -12.08
N GLU D 387 -0.96 -14.63 -11.53
CA GLU D 387 -1.02 -14.12 -10.16
C GLU D 387 -1.86 -12.89 -10.05
N GLN D 388 -1.74 -11.92 -11.00
CA GLN D 388 -2.54 -10.73 -10.94
C GLN D 388 -3.98 -10.81 -11.47
N ALA D 389 -4.41 -11.96 -12.02
CA ALA D 389 -5.82 -12.05 -12.56
C ALA D 389 -6.77 -11.82 -11.35
N ALA D 390 -7.88 -11.12 -11.59
CA ALA D 390 -8.89 -10.94 -10.56
C ALA D 390 -10.24 -11.41 -11.11
N PHE D 391 -10.74 -12.45 -10.49
CA PHE D 391 -12.09 -12.96 -10.88
C PHE D 391 -13.09 -12.62 -9.78
N HIS D 392 -14.34 -12.33 -10.12
CA HIS D 392 -15.32 -11.94 -9.08
C HIS D 392 -16.72 -12.26 -9.57
N PRO D 393 -17.48 -13.08 -8.81
CA PRO D 393 -18.80 -13.49 -9.32
C PRO D 393 -19.86 -12.36 -9.49
N GLY D 394 -19.62 -11.16 -8.94
CA GLY D 394 -20.47 -10.02 -9.28
C GLY D 394 -20.20 -9.44 -10.66
N HIS D 395 -19.17 -9.95 -11.35
CA HIS D 395 -18.94 -9.41 -12.69
C HIS D 395 -19.89 -10.19 -13.60
N ILE D 396 -21.13 -9.68 -13.75
CA ILE D 396 -22.14 -10.30 -14.64
C ILE D 396 -22.44 -9.36 -15.79
N VAL D 397 -23.27 -9.77 -16.73
CA VAL D 397 -23.52 -8.99 -17.96
C VAL D 397 -25.07 -9.02 -18.15
N PRO D 398 -25.60 -8.02 -18.87
CA PRO D 398 -27.04 -8.07 -19.11
C PRO D 398 -27.44 -9.43 -19.67
N GLY D 399 -28.56 -9.97 -19.18
CA GLY D 399 -28.96 -11.35 -19.54
C GLY D 399 -28.70 -12.34 -18.41
N LEU D 400 -27.98 -11.88 -17.38
CA LEU D 400 -27.70 -12.69 -16.17
C LEU D 400 -28.20 -11.86 -14.99
N ASP D 401 -28.52 -12.49 -13.83
CA ASP D 401 -28.73 -11.70 -12.62
C ASP D 401 -28.49 -12.66 -11.43
N PHE D 402 -28.59 -12.11 -10.22
CA PHE D 402 -28.32 -12.86 -9.01
C PHE D 402 -29.61 -13.45 -8.45
N THR D 403 -29.51 -14.16 -7.32
CA THR D 403 -30.64 -14.50 -6.45
C THR D 403 -30.26 -14.12 -5.03
N ASN D 404 -31.16 -14.38 -4.08
CA ASN D 404 -30.94 -14.02 -2.67
C ASN D 404 -30.17 -15.10 -1.92
N ASP D 405 -29.62 -16.12 -2.60
CA ASP D 405 -28.66 -17.07 -1.95
C ASP D 405 -27.74 -16.21 -1.02
N PRO D 406 -27.80 -16.42 0.32
CA PRO D 406 -27.13 -15.50 1.24
C PRO D 406 -25.63 -15.72 1.32
N LEU D 407 -25.14 -16.76 0.69
CA LEU D 407 -23.68 -16.97 0.53
C LEU D 407 -23.24 -16.10 -0.69
N LEU D 408 -23.92 -16.31 -1.81
CA LEU D 408 -23.70 -15.45 -3.00
C LEU D 408 -23.78 -13.97 -2.68
N GLN D 409 -24.80 -13.56 -1.93
CA GLN D 409 -25.00 -12.13 -1.65
C GLN D 409 -23.77 -11.49 -0.97
N GLY D 410 -23.18 -12.16 0.03
CA GLY D 410 -21.91 -11.67 0.65
C GLY D 410 -20.72 -11.73 -0.27
N ARG D 411 -20.68 -12.71 -1.18
CA ARG D 411 -19.52 -12.85 -2.07
C ARG D 411 -19.46 -11.59 -2.86
N LEU D 412 -20.65 -11.06 -3.22
CA LEU D 412 -20.64 -9.82 -4.08
C LEU D 412 -19.87 -8.68 -3.44
N PHE D 413 -19.97 -8.51 -2.12
CA PHE D 413 -19.12 -7.54 -1.37
C PHE D 413 -17.55 -7.88 -1.46
N SER D 414 -17.24 -9.15 -1.23
CA SER D 414 -15.87 -9.49 -0.90
C SER D 414 -14.92 -9.29 -2.10
N TYR D 415 -15.33 -9.70 -3.32
CA TYR D 415 -14.30 -9.79 -4.34
C TYR D 415 -13.83 -8.40 -4.82
N THR D 416 -14.68 -7.39 -4.78
CA THR D 416 -14.26 -6.06 -5.14
C THR D 416 -13.34 -5.53 -4.00
N ASP D 417 -13.77 -5.76 -2.77
CA ASP D 417 -13.02 -5.28 -1.62
C ASP D 417 -11.60 -5.83 -1.58
N THR D 418 -11.44 -7.13 -1.64
CA THR D 418 -10.11 -7.77 -1.41
C THR D 418 -9.07 -7.31 -2.48
N GLN D 419 -9.51 -6.93 -3.68
CA GLN D 419 -8.59 -6.48 -4.72
C GLN D 419 -7.92 -5.17 -4.41
N ILE D 420 -8.52 -4.38 -3.54
CA ILE D 420 -7.95 -3.08 -3.27
C ILE D 420 -6.60 -3.25 -2.60
N SER D 421 -6.38 -4.29 -1.77
CA SER D 421 -5.05 -4.48 -1.18
C SER D 421 -4.22 -5.43 -2.02
N ARG D 422 -4.84 -6.53 -2.46
CA ARG D 422 -4.12 -7.57 -3.22
C ARG D 422 -3.44 -6.94 -4.42
N LEU D 423 -4.20 -6.13 -5.14
CA LEU D 423 -3.73 -5.57 -6.42
C LEU D 423 -3.42 -4.08 -6.36
N GLY D 424 -3.39 -3.54 -5.16
CA GLY D 424 -2.75 -2.25 -4.93
C GLY D 424 -3.69 -1.04 -5.16
N GLY D 425 -4.94 -1.28 -5.56
CA GLY D 425 -5.92 -0.18 -5.62
C GLY D 425 -7.10 -0.44 -6.53
N PRO D 426 -7.83 0.65 -6.89
CA PRO D 426 -9.10 0.48 -7.62
C PRO D 426 -8.91 0.37 -9.11
N ASN D 427 -7.67 0.53 -9.62
CA ASN D 427 -7.42 0.38 -11.06
C ASN D 427 -6.98 -1.01 -11.49
N PHE D 428 -7.37 -2.04 -10.75
CA PHE D 428 -6.91 -3.38 -11.10
C PHE D 428 -7.48 -3.86 -12.42
N HIS D 429 -8.52 -3.20 -12.92
CA HIS D 429 -9.11 -3.58 -14.21
C HIS D 429 -8.22 -3.13 -15.30
N GLU D 430 -7.28 -2.21 -15.01
CA GLU D 430 -6.27 -1.76 -16.00
C GLU D 430 -5.04 -2.70 -16.06
N ILE D 431 -4.89 -3.67 -15.14
CA ILE D 431 -3.84 -4.67 -15.28
C ILE D 431 -4.17 -5.52 -16.54
N PRO D 432 -3.19 -5.67 -17.47
CA PRO D 432 -3.56 -6.18 -18.77
C PRO D 432 -4.47 -7.39 -18.79
N ILE D 433 -4.10 -8.45 -18.06
CA ILE D 433 -4.99 -9.65 -18.07
C ILE D 433 -6.45 -9.34 -17.71
N ASN D 434 -6.70 -8.39 -16.81
CA ASN D 434 -8.09 -8.11 -16.38
C ASN D 434 -8.85 -7.19 -17.29
N ARG D 435 -8.18 -6.56 -18.25
CA ARG D 435 -8.84 -5.57 -19.11
C ARG D 435 -9.99 -6.16 -19.91
N PRO D 436 -11.15 -5.48 -19.94
CA PRO D 436 -12.18 -5.88 -20.94
C PRO D 436 -11.63 -5.70 -22.39
N THR D 437 -12.08 -6.54 -23.32
CA THR D 437 -11.76 -6.36 -24.72
C THR D 437 -12.84 -5.51 -25.41
N CYS D 438 -13.97 -5.26 -24.73
CA CYS D 438 -14.98 -4.33 -25.27
C CYS D 438 -14.73 -2.95 -24.72
N PRO D 439 -15.54 -1.95 -25.17
CA PRO D 439 -15.31 -0.56 -24.70
C PRO D 439 -15.61 -0.39 -23.24
N TYR D 440 -14.86 0.49 -22.57
CA TYR D 440 -15.25 0.88 -21.27
C TYR D 440 -14.97 2.39 -21.12
N HIS D 441 -15.97 3.17 -20.74
CA HIS D 441 -15.87 4.61 -20.52
C HIS D 441 -16.73 5.02 -19.36
N ASN D 442 -16.23 5.88 -18.48
CA ASN D 442 -17.07 6.38 -17.40
C ASN D 442 -16.42 7.58 -16.76
N PHE D 443 -16.96 7.97 -15.60
CA PHE D 443 -16.51 9.21 -15.03
C PHE D 443 -15.54 8.96 -13.87
N GLN D 444 -15.11 7.70 -13.68
CA GLN D 444 -14.27 7.37 -12.55
C GLN D 444 -12.87 7.89 -12.88
N ARG D 445 -12.17 8.41 -11.89
CA ARG D 445 -10.81 8.96 -12.21
C ARG D 445 -9.79 8.62 -11.11
N ASP D 446 -8.51 8.77 -11.43
CA ASP D 446 -7.41 8.74 -10.45
C ASP D 446 -7.24 7.31 -9.82
N GLY D 447 -6.79 7.26 -8.58
CA GLY D 447 -6.46 5.99 -7.89
C GLY D 447 -5.00 5.68 -8.19
N MET D 448 -4.37 4.85 -7.35
CA MET D 448 -2.99 4.45 -7.62
C MET D 448 -2.85 3.74 -8.92
N HIS D 449 -1.69 4.01 -9.59
CA HIS D 449 -1.29 3.19 -10.73
C HIS D 449 -2.30 3.52 -11.83
N ARG D 450 -2.79 4.76 -11.94
CA ARG D 450 -3.81 5.05 -13.00
C ARG D 450 -3.13 5.07 -14.41
N MET D 451 -3.58 4.20 -15.32
CA MET D 451 -3.03 4.09 -16.68
C MET D 451 -3.82 4.99 -17.66
N GLY D 452 -5.14 4.82 -17.66
CA GLY D 452 -5.93 5.55 -18.65
C GLY D 452 -5.86 7.06 -18.43
N ILE D 453 -5.61 7.79 -19.54
CA ILE D 453 -5.56 9.31 -19.51
C ILE D 453 -6.85 9.79 -20.15
N ASP D 454 -7.79 10.20 -19.28
CA ASP D 454 -9.11 10.59 -19.79
C ASP D 454 -9.01 11.98 -20.39
N THR D 455 -9.57 12.13 -21.59
CA THR D 455 -9.57 13.43 -22.21
C THR D 455 -10.95 14.15 -22.05
N ASN D 456 -11.94 13.49 -21.48
CA ASN D 456 -13.25 14.08 -21.35
C ASN D 456 -13.15 15.39 -20.49
N PRO D 457 -13.65 16.54 -21.03
CA PRO D 457 -13.76 17.76 -20.25
C PRO D 457 -14.49 17.52 -18.88
N ALA D 458 -15.52 16.68 -18.89
CA ALA D 458 -16.34 16.31 -17.71
C ALA D 458 -15.81 15.06 -17.01
N ASN D 459 -15.89 15.13 -15.69
CA ASN D 459 -15.69 13.90 -14.87
C ASN D 459 -16.90 13.61 -13.96
N TYR D 460 -18.05 14.07 -14.39
CA TYR D 460 -19.33 13.95 -13.66
C TYR D 460 -20.46 13.87 -14.68
N GLU D 461 -21.54 13.24 -14.30
CA GLU D 461 -22.81 13.39 -15.02
C GLU D 461 -23.94 13.60 -13.98
N PRO D 462 -24.97 14.42 -14.31
CA PRO D 462 -25.13 14.95 -15.71
C PRO D 462 -24.22 16.13 -16.04
N ASN D 463 -23.76 16.20 -17.29
CA ASN D 463 -22.93 17.34 -17.70
C ASN D 463 -23.44 17.94 -18.97
N SER D 464 -23.22 19.21 -19.15
CA SER D 464 -23.48 19.80 -20.47
C SER D 464 -22.19 19.99 -21.26
N ILE D 465 -21.07 20.09 -20.52
CA ILE D 465 -19.75 20.52 -21.12
C ILE D 465 -19.15 19.51 -22.11
N ASN D 466 -19.62 18.24 -22.02
CA ASN D 466 -19.27 17.22 -22.98
C ASN D 466 -20.57 16.63 -23.55
N ASP D 467 -21.65 17.42 -23.56
CA ASP D 467 -22.95 16.92 -24.08
C ASP D 467 -23.37 15.62 -23.41
N ASN D 468 -23.00 15.54 -22.14
CA ASN D 468 -23.36 14.36 -21.30
C ASN D 468 -22.72 13.01 -21.63
N TRP D 469 -21.70 13.04 -22.49
CA TRP D 469 -21.03 11.74 -22.82
C TRP D 469 -19.98 11.42 -21.73
N PRO D 470 -19.78 10.16 -21.46
CA PRO D 470 -20.50 8.99 -22.06
C PRO D 470 -21.87 8.87 -21.43
N ARG D 471 -22.83 8.35 -22.18
CA ARG D 471 -24.23 8.36 -21.80
C ARG D 471 -24.74 6.98 -21.29
N GLU D 472 -25.69 7.01 -20.38
CA GLU D 472 -26.51 5.85 -19.99
C GLU D 472 -27.22 5.28 -21.21
N THR D 473 -27.58 4.00 -21.07
CA THR D 473 -28.19 3.25 -22.18
C THR D 473 -29.31 2.46 -21.63
N PRO D 474 -30.52 2.68 -22.15
CA PRO D 474 -31.67 1.93 -21.73
C PRO D 474 -31.49 0.44 -21.91
N PRO D 475 -32.15 -0.34 -21.07
CA PRO D 475 -32.11 -1.80 -21.27
C PRO D 475 -32.82 -2.13 -22.55
N GLY D 476 -32.39 -3.23 -23.19
CA GLY D 476 -33.12 -3.72 -24.38
C GLY D 476 -32.60 -5.08 -24.77
N PRO D 477 -33.03 -5.59 -25.91
CA PRO D 477 -32.70 -6.94 -26.36
C PRO D 477 -31.21 -7.20 -26.62
N LYS D 478 -30.42 -6.21 -27.07
CA LYS D 478 -28.98 -6.44 -27.31
C LYS D 478 -28.30 -5.08 -27.06
N ARG D 479 -27.07 -5.07 -26.59
CA ARG D 479 -26.34 -3.79 -26.43
C ARG D 479 -27.07 -2.77 -25.52
N GLY D 480 -27.92 -3.27 -24.63
CA GLY D 480 -28.64 -2.37 -23.68
C GLY D 480 -27.93 -2.25 -22.34
N GLY D 481 -28.34 -1.27 -21.57
CA GLY D 481 -27.81 -1.10 -20.17
C GLY D 481 -28.27 -2.23 -19.27
N PHE D 482 -27.53 -2.41 -18.17
CA PHE D 482 -27.89 -3.38 -17.16
C PHE D 482 -29.04 -2.88 -16.27
N GLU D 483 -30.06 -3.73 -16.11
CA GLU D 483 -31.14 -3.38 -15.16
C GLU D 483 -31.43 -4.63 -14.38
N SER D 484 -31.55 -4.55 -13.06
CA SER D 484 -31.82 -5.74 -12.25
C SER D 484 -33.26 -6.19 -12.46
N TYR D 485 -33.44 -7.51 -12.47
CA TYR D 485 -34.81 -8.14 -12.48
C TYR D 485 -35.60 -7.61 -11.22
N GLN D 486 -36.84 -7.16 -11.42
CA GLN D 486 -37.59 -6.53 -10.30
C GLN D 486 -38.23 -7.57 -9.43
N GLU D 487 -37.38 -8.40 -8.79
CA GLU D 487 -37.85 -9.37 -7.82
C GLU D 487 -38.59 -8.71 -6.67
N ARG D 488 -39.68 -9.34 -6.22
CA ARG D 488 -40.38 -8.77 -5.03
C ARG D 488 -39.60 -9.10 -3.76
N VAL D 489 -39.42 -8.10 -2.91
CA VAL D 489 -38.80 -8.29 -1.59
C VAL D 489 -39.84 -7.98 -0.51
N GLU D 490 -40.03 -8.85 0.47
CA GLU D 490 -41.05 -8.55 1.45
C GLU D 490 -40.60 -9.21 2.75
N GLY D 491 -40.47 -8.46 3.82
CA GLY D 491 -40.05 -9.13 5.04
C GLY D 491 -39.62 -8.02 5.96
N ASN D 492 -39.19 -8.38 7.17
CA ASN D 492 -38.65 -7.38 8.07
C ASN D 492 -37.12 -7.45 8.00
N LYS D 493 -36.42 -6.42 8.48
CA LYS D 493 -34.95 -6.48 8.51
C LYS D 493 -34.51 -7.47 9.59
N VAL D 494 -33.98 -8.63 9.23
CA VAL D 494 -33.65 -9.62 10.24
C VAL D 494 -32.29 -10.24 10.03
N ARG D 495 -31.60 -10.63 11.10
CA ARG D 495 -30.43 -11.50 10.88
C ARG D 495 -30.95 -12.84 11.30
N GLU D 496 -31.43 -13.62 10.33
CA GLU D 496 -32.17 -14.86 10.61
C GLU D 496 -31.95 -15.83 9.47
N ARG D 497 -31.63 -17.07 9.79
CA ARG D 497 -31.48 -18.13 8.73
C ARG D 497 -32.89 -18.59 8.37
N SER D 498 -33.12 -18.82 7.09
CA SER D 498 -34.45 -19.34 6.68
C SER D 498 -34.69 -20.74 7.24
N PRO D 499 -35.90 -21.02 7.79
CA PRO D 499 -36.16 -22.37 8.32
C PRO D 499 -35.95 -23.39 7.21
N SER D 500 -36.13 -22.95 5.97
CA SER D 500 -36.01 -23.87 4.84
C SER D 500 -34.63 -24.39 4.64
N PHE D 501 -33.63 -23.71 5.24
CA PHE D 501 -32.21 -24.16 5.15
C PHE D 501 -31.85 -25.16 6.25
N GLY D 502 -32.77 -25.38 7.18
CA GLY D 502 -32.44 -26.15 8.42
C GLY D 502 -32.52 -27.66 8.26
N GLU D 503 -31.88 -28.20 7.25
CA GLU D 503 -31.83 -29.64 7.09
C GLU D 503 -30.43 -29.95 6.51
N TYR D 504 -29.79 -30.89 7.15
CA TYR D 504 -28.36 -31.07 6.98
C TYR D 504 -27.91 -32.42 6.50
N TYR D 505 -28.80 -33.42 6.55
CA TYR D 505 -28.30 -34.82 6.45
C TYR D 505 -28.74 -35.52 5.19
N SER D 506 -29.85 -35.06 4.64
CA SER D 506 -30.45 -35.82 3.47
C SER D 506 -29.57 -35.71 2.23
N HIS D 507 -28.96 -34.53 1.93
CA HIS D 507 -27.96 -34.48 0.78
C HIS D 507 -26.64 -35.28 0.96
N PRO D 508 -26.01 -35.18 2.12
CA PRO D 508 -24.95 -36.18 2.49
C PRO D 508 -25.33 -37.64 2.24
N ARG D 509 -26.51 -38.05 2.72
CA ARG D 509 -26.96 -39.42 2.48
C ARG D 509 -27.13 -39.67 1.01
N LEU D 510 -27.81 -38.77 0.29
CA LEU D 510 -27.98 -39.02 -1.17
C LEU D 510 -26.63 -39.21 -1.84
N PHE D 511 -25.64 -38.37 -1.44
CA PHE D 511 -24.33 -38.51 -2.03
C PHE D 511 -23.72 -39.85 -1.70
N TRP D 512 -23.75 -40.21 -0.43
CA TRP D 512 -23.20 -41.52 0.00
C TRP D 512 -23.81 -42.67 -0.81
N LEU D 513 -25.13 -42.64 -0.99
CA LEU D 513 -25.82 -43.83 -1.60
C LEU D 513 -25.55 -43.89 -3.09
N SER D 514 -25.04 -42.80 -3.65
CA SER D 514 -24.84 -42.73 -5.08
C SER D 514 -23.43 -43.17 -5.48
N GLN D 515 -22.58 -43.45 -4.49
CA GLN D 515 -21.19 -43.84 -4.76
C GLN D 515 -21.08 -45.34 -4.99
N THR D 516 -20.09 -45.81 -5.78
CA THR D 516 -19.85 -47.25 -5.89
C THR D 516 -19.33 -47.78 -4.56
N PRO D 517 -19.26 -49.11 -4.40
CA PRO D 517 -18.80 -49.68 -3.12
C PRO D 517 -17.34 -49.29 -2.84
N PHE D 518 -16.51 -49.22 -3.88
CA PHE D 518 -15.10 -48.82 -3.72
C PHE D 518 -15.00 -47.30 -3.37
N GLU D 519 -15.85 -46.48 -3.98
CA GLU D 519 -15.90 -45.06 -3.60
C GLU D 519 -16.32 -44.87 -2.19
N GLN D 520 -17.31 -45.66 -1.75
CA GLN D 520 -17.71 -45.60 -0.35
C GLN D 520 -16.56 -45.98 0.58
N ARG D 521 -15.80 -47.02 0.21
CA ARG D 521 -14.73 -47.38 1.10
C ARG D 521 -13.67 -46.29 1.14
N HIS D 522 -13.42 -45.60 0.01
CA HIS D 522 -12.50 -44.45 0.06
C HIS D 522 -13.01 -43.30 0.91
N ILE D 523 -14.33 -43.10 0.94
CA ILE D 523 -14.92 -42.07 1.84
C ILE D 523 -14.67 -42.43 3.33
N VAL D 524 -14.99 -43.68 3.67
CA VAL D 524 -14.73 -44.20 5.00
C VAL D 524 -13.21 -43.96 5.36
N ASP D 525 -12.32 -44.37 4.46
CA ASP D 525 -10.87 -44.25 4.67
C ASP D 525 -10.48 -42.80 4.82
N GLY D 526 -11.16 -41.92 4.08
CA GLY D 526 -10.90 -40.48 4.21
C GLY D 526 -11.27 -39.88 5.55
N PHE D 527 -12.52 -40.10 6.01
CA PHE D 527 -12.89 -39.75 7.35
C PHE D 527 -11.97 -40.36 8.39
N SER D 528 -11.67 -41.67 8.25
CA SER D 528 -10.82 -42.41 9.25
C SER D 528 -9.43 -41.72 9.35
N PHE D 529 -8.83 -41.44 8.20
CA PHE D 529 -7.50 -40.90 8.25
C PHE D 529 -7.54 -39.50 8.85
N GLU D 530 -8.51 -38.71 8.41
CA GLU D 530 -8.57 -37.34 8.82
C GLU D 530 -8.81 -37.21 10.29
N LEU D 531 -9.77 -37.97 10.80
CA LEU D 531 -10.07 -37.89 12.21
C LEU D 531 -8.96 -38.45 13.07
N SER D 532 -8.13 -39.31 12.51
CA SER D 532 -7.03 -39.88 13.27
C SER D 532 -6.05 -38.76 13.57
N LYS D 533 -6.09 -37.68 12.74
CA LYS D 533 -5.13 -36.56 12.95
C LYS D 533 -5.64 -35.52 13.93
N VAL D 534 -6.82 -35.73 14.45
CA VAL D 534 -7.47 -34.74 15.31
C VAL D 534 -7.03 -35.15 16.73
N VAL D 535 -6.30 -34.27 17.39
CA VAL D 535 -5.65 -34.69 18.68
C VAL D 535 -6.67 -34.83 19.80
N ARG D 536 -7.70 -34.01 19.78
CA ARG D 536 -8.71 -34.00 20.88
C ARG D 536 -9.76 -35.11 20.58
N PRO D 537 -9.76 -36.23 21.35
CA PRO D 537 -10.63 -37.33 20.94
C PRO D 537 -12.12 -37.00 20.90
N TYR D 538 -12.58 -36.08 21.76
CA TYR D 538 -14.01 -35.77 21.83
C TYR D 538 -14.50 -35.22 20.48
N ILE D 539 -13.59 -34.54 19.75
CA ILE D 539 -13.96 -33.99 18.47
C ILE D 539 -14.24 -35.14 17.51
N ARG D 540 -13.39 -36.17 17.49
CA ARG D 540 -13.62 -37.32 16.61
C ARG D 540 -14.97 -37.93 16.92
N GLU D 541 -15.28 -38.04 18.23
CA GLU D 541 -16.51 -38.68 18.68
C GLU D 541 -17.74 -37.91 18.18
N ARG D 542 -17.65 -36.58 18.22
CA ARG D 542 -18.74 -35.70 17.78
C ARG D 542 -18.92 -35.79 16.28
N VAL D 543 -17.84 -35.97 15.53
CA VAL D 543 -17.97 -36.19 14.08
C VAL D 543 -18.67 -37.51 13.77
N VAL D 544 -18.30 -38.55 14.54
CA VAL D 544 -18.84 -39.87 14.33
C VAL D 544 -20.36 -39.79 14.61
N ASP D 545 -20.75 -39.02 15.63
CA ASP D 545 -22.16 -38.81 15.92
C ASP D 545 -22.87 -38.19 14.76
N GLN D 546 -22.30 -37.19 14.07
CA GLN D 546 -22.95 -36.61 12.96
C GLN D 546 -23.05 -37.64 11.85
N LEU D 547 -22.01 -38.47 11.64
CA LEU D 547 -22.08 -39.52 10.58
C LEU D 547 -23.30 -40.46 10.86
N ALA D 548 -23.59 -40.71 12.14
CA ALA D 548 -24.69 -41.64 12.52
C ALA D 548 -26.00 -41.06 12.12
N HIS D 549 -26.04 -39.75 11.87
CA HIS D 549 -27.27 -39.07 11.34
C HIS D 549 -27.38 -39.12 9.84
N ILE D 550 -26.33 -39.58 9.15
CA ILE D 550 -26.35 -39.71 7.70
C ILE D 550 -26.58 -41.16 7.26
N ASP D 551 -25.73 -42.06 7.76
CA ASP D 551 -25.82 -43.43 7.35
C ASP D 551 -25.06 -44.27 8.37
N LEU D 552 -25.78 -45.24 8.93
CA LEU D 552 -25.20 -46.09 9.96
C LEU D 552 -24.01 -46.94 9.50
N THR D 553 -24.02 -47.47 8.26
CA THR D 553 -22.91 -48.26 7.76
C THR D 553 -21.67 -47.36 7.71
N LEU D 554 -21.83 -46.18 7.12
CA LEU D 554 -20.74 -45.19 7.12
C LEU D 554 -20.18 -44.93 8.53
N ALA D 555 -21.08 -44.63 9.43
CA ALA D 555 -20.72 -44.27 10.80
C ALA D 555 -20.03 -45.47 11.54
N GLN D 556 -20.54 -46.67 11.36
CA GLN D 556 -19.91 -47.85 11.97
C GLN D 556 -18.53 -48.14 11.41
N ALA D 557 -18.36 -48.01 10.11
CA ALA D 557 -17.09 -48.30 9.52
C ALA D 557 -16.00 -47.26 9.96
N VAL D 558 -16.36 -45.98 10.01
CA VAL D 558 -15.41 -44.94 10.52
C VAL D 558 -15.12 -45.17 12.01
N ALA D 559 -16.20 -45.42 12.77
CA ALA D 559 -16.04 -45.68 14.19
C ALA D 559 -15.06 -46.86 14.42
N LYS D 560 -15.17 -47.94 13.67
CA LYS D 560 -14.33 -49.10 13.90
C LYS D 560 -12.87 -48.70 13.73
N ASN D 561 -12.59 -47.89 12.70
CA ASN D 561 -11.23 -47.40 12.43
C ASN D 561 -10.66 -46.48 13.51
N LEU D 562 -11.55 -45.85 14.29
CA LEU D 562 -11.14 -44.94 15.36
C LEU D 562 -11.22 -45.61 16.75
N GLY D 563 -11.54 -46.91 16.74
CA GLY D 563 -11.70 -47.69 17.97
C GLY D 563 -12.76 -47.10 18.85
N ILE D 564 -13.77 -46.48 18.23
CA ILE D 564 -14.94 -45.94 18.92
C ILE D 564 -16.16 -46.90 18.73
N GLU D 565 -16.99 -47.07 19.76
CA GLU D 565 -18.12 -47.97 19.68
C GLU D 565 -19.39 -47.11 19.67
N LEU D 566 -20.28 -47.28 18.71
CA LEU D 566 -21.55 -46.54 18.68
C LEU D 566 -22.43 -46.89 19.87
N THR D 567 -23.12 -45.91 20.45
CA THR D 567 -24.16 -46.17 21.47
C THR D 567 -25.44 -46.74 20.87
N ASP D 568 -26.25 -47.39 21.70
CA ASP D 568 -27.53 -47.90 21.21
C ASP D 568 -28.33 -46.76 20.62
N ASP D 569 -28.26 -45.58 21.28
CA ASP D 569 -28.95 -44.36 20.79
C ASP D 569 -28.46 -44.04 19.38
N GLN D 570 -27.13 -44.05 19.18
CA GLN D 570 -26.60 -43.80 17.83
C GLN D 570 -27.03 -44.83 16.83
N LEU D 571 -27.04 -46.12 17.25
CA LEU D 571 -27.47 -47.19 16.35
C LEU D 571 -28.92 -47.06 15.88
N ASN D 572 -29.71 -46.22 16.53
CA ASN D 572 -31.14 -46.17 16.29
C ASN D 572 -31.60 -44.87 15.67
N ILE D 573 -30.66 -43.93 15.38
CA ILE D 573 -31.07 -42.64 14.78
C ILE D 573 -31.72 -42.97 13.47
N THR D 574 -32.90 -42.42 13.23
CA THR D 574 -33.48 -42.79 11.96
C THR D 574 -32.83 -41.97 10.84
N PRO D 575 -32.61 -42.61 9.68
CA PRO D 575 -31.96 -41.98 8.56
C PRO D 575 -32.79 -40.80 8.05
N PRO D 576 -32.15 -39.87 7.34
CA PRO D 576 -32.89 -38.73 6.87
C PRO D 576 -33.67 -39.14 5.68
N PRO D 577 -34.68 -38.35 5.28
CA PRO D 577 -35.54 -38.72 4.12
C PRO D 577 -34.77 -38.69 2.81
N ASP D 578 -35.25 -39.44 1.83
CA ASP D 578 -34.82 -39.40 0.44
C ASP D 578 -34.93 -37.94 -0.01
N VAL D 579 -34.26 -37.58 -1.11
CA VAL D 579 -34.41 -36.26 -1.68
C VAL D 579 -35.38 -36.35 -2.83
N ASN D 580 -36.59 -35.76 -2.65
CA ASN D 580 -37.65 -35.83 -3.65
C ASN D 580 -37.79 -37.22 -4.23
N GLY D 581 -37.78 -38.20 -3.35
CA GLY D 581 -37.99 -39.56 -3.80
C GLY D 581 -36.77 -40.32 -4.25
N LEU D 582 -35.66 -39.61 -4.48
CA LEU D 582 -34.42 -40.27 -4.94
C LEU D 582 -33.67 -41.06 -3.89
N LYS D 583 -33.31 -42.29 -4.22
CA LYS D 583 -32.46 -43.05 -3.31
C LYS D 583 -31.05 -43.15 -3.87
N LYS D 584 -30.79 -42.55 -5.03
CA LYS D 584 -29.40 -42.42 -5.53
C LYS D 584 -29.55 -41.63 -6.78
N ASP D 585 -28.43 -41.03 -7.16
CA ASP D 585 -28.33 -40.38 -8.46
C ASP D 585 -26.91 -40.69 -8.96
N PRO D 586 -26.79 -41.52 -10.00
CA PRO D 586 -25.46 -41.95 -10.44
C PRO D 586 -24.58 -40.82 -10.94
N SER D 587 -25.16 -39.68 -11.32
CA SER D 587 -24.33 -38.56 -11.77
C SER D 587 -23.45 -37.99 -10.62
N LEU D 588 -23.66 -38.44 -9.37
CA LEU D 588 -22.90 -37.96 -8.21
C LEU D 588 -21.65 -38.79 -7.99
N SER D 589 -21.53 -39.89 -8.74
CA SER D 589 -20.30 -40.76 -8.67
C SER D 589 -19.23 -40.38 -9.69
N LEU D 590 -17.94 -40.55 -9.36
CA LEU D 590 -16.94 -40.31 -10.37
C LEU D 590 -16.98 -41.44 -11.40
N TYR D 591 -17.36 -42.62 -10.94
CA TYR D 591 -17.02 -43.81 -11.73
C TYR D 591 -18.21 -44.70 -12.09
N ALA D 592 -19.33 -44.51 -11.43
CA ALA D 592 -20.43 -45.51 -11.63
C ALA D 592 -20.78 -45.64 -13.12
N ILE D 593 -20.80 -44.51 -13.87
CA ILE D 593 -21.11 -44.57 -15.33
C ILE D 593 -19.78 -44.27 -16.07
N PRO D 594 -19.21 -45.26 -16.77
CA PRO D 594 -17.92 -45.16 -17.51
C PRO D 594 -17.87 -43.86 -18.33
N ASP D 595 -16.78 -43.09 -18.21
CA ASP D 595 -16.60 -41.88 -19.08
C ASP D 595 -15.12 -41.67 -19.33
N GLY D 596 -14.34 -42.75 -19.24
CA GLY D 596 -12.88 -42.71 -19.40
C GLY D 596 -12.39 -42.25 -20.77
N ASP D 597 -11.28 -41.51 -20.81
CA ASP D 597 -10.66 -41.07 -22.09
C ASP D 597 -9.11 -41.19 -21.90
N VAL D 598 -8.46 -41.95 -22.76
CA VAL D 598 -7.03 -42.25 -22.61
C VAL D 598 -6.11 -41.14 -23.15
N LYS D 599 -6.61 -40.24 -24.01
CA LYS D 599 -5.73 -39.28 -24.65
C LYS D 599 -5.16 -38.33 -23.60
N GLY D 600 -3.85 -38.16 -23.62
CA GLY D 600 -3.25 -37.21 -22.67
C GLY D 600 -2.74 -37.90 -21.41
N ARG D 601 -3.09 -39.17 -21.22
CA ARG D 601 -2.60 -39.93 -20.08
C ARG D 601 -1.15 -40.39 -20.39
N VAL D 602 -0.51 -41.05 -19.43
CA VAL D 602 0.94 -41.36 -19.60
C VAL D 602 1.30 -42.68 -18.95
N VAL D 603 2.23 -43.37 -19.60
CA VAL D 603 2.61 -44.71 -19.20
C VAL D 603 4.12 -44.66 -18.95
N ALA D 604 4.56 -45.29 -17.86
CA ALA D 604 5.98 -45.51 -17.56
C ALA D 604 6.39 -46.80 -18.25
N ILE D 605 7.51 -46.78 -18.98
CA ILE D 605 8.07 -48.00 -19.63
C ILE D 605 9.38 -48.27 -18.89
N LEU D 606 9.47 -49.42 -18.22
CA LEU D 606 10.69 -49.69 -17.52
C LEU D 606 11.69 -50.45 -18.44
N LEU D 607 12.80 -49.78 -18.74
CA LEU D 607 13.77 -50.31 -19.70
C LEU D 607 14.75 -51.22 -18.95
N ASN D 608 15.50 -51.99 -19.76
CA ASN D 608 16.63 -52.84 -19.26
C ASN D 608 17.76 -52.62 -20.27
N ASP D 609 18.95 -53.12 -20.01
CA ASP D 609 20.04 -52.78 -20.94
C ASP D 609 20.03 -53.55 -22.30
N GLU D 610 19.05 -54.41 -22.53
CA GLU D 610 18.94 -55.05 -23.86
C GLU D 610 17.49 -55.36 -24.21
N VAL D 611 16.73 -54.26 -24.37
CA VAL D 611 15.29 -54.30 -24.58
C VAL D 611 15.00 -55.06 -25.86
N ARG D 612 13.98 -55.90 -25.83
CA ARG D 612 13.48 -56.51 -27.05
C ARG D 612 12.82 -55.41 -27.87
N SER D 613 13.50 -54.93 -28.91
CA SER D 613 13.00 -53.84 -29.74
C SER D 613 11.65 -54.04 -30.38
N ALA D 614 11.28 -55.28 -30.73
CA ALA D 614 9.91 -55.51 -31.32
C ALA D 614 8.77 -55.25 -30.29
N ASP D 615 9.01 -55.57 -29.02
CA ASP D 615 8.06 -55.20 -27.96
C ASP D 615 7.90 -53.68 -27.94
N LEU D 616 9.04 -52.97 -27.97
CA LEU D 616 9.01 -51.52 -27.70
C LEU D 616 8.38 -50.81 -28.90
N LEU D 617 8.56 -51.34 -30.13
CA LEU D 617 7.91 -50.72 -31.30
C LEU D 617 6.43 -50.91 -31.17
N ALA D 618 5.98 -52.11 -30.80
CA ALA D 618 4.57 -52.33 -30.63
C ALA D 618 3.98 -51.43 -29.55
N ILE D 619 4.65 -51.37 -28.39
CA ILE D 619 4.10 -50.59 -27.25
C ILE D 619 4.00 -49.14 -27.70
N LEU D 620 5.10 -48.63 -28.29
CA LEU D 620 5.08 -47.20 -28.54
C LEU D 620 4.12 -46.76 -29.59
N LYS D 621 3.99 -47.54 -30.68
CA LYS D 621 3.13 -47.10 -31.75
C LYS D 621 1.66 -47.22 -31.28
N ALA D 622 1.38 -48.19 -30.41
CA ALA D 622 0.02 -48.38 -29.95
C ALA D 622 -0.47 -47.19 -29.04
N LEU D 623 0.45 -46.75 -28.18
CA LEU D 623 0.19 -45.62 -27.33
C LEU D 623 -0.02 -44.37 -28.20
N LYS D 624 0.93 -44.14 -29.08
CA LYS D 624 0.85 -42.97 -29.96
C LYS D 624 -0.48 -42.91 -30.70
N ALA D 625 -0.93 -44.04 -31.27
CA ALA D 625 -2.19 -44.10 -32.00
C ALA D 625 -3.38 -43.62 -31.16
N LYS D 626 -3.32 -43.74 -29.81
CA LYS D 626 -4.46 -43.29 -28.97
C LYS D 626 -4.10 -42.01 -28.19
N GLY D 627 -2.99 -41.40 -28.54
CA GLY D 627 -2.65 -40.13 -27.84
C GLY D 627 -2.24 -40.27 -26.40
N VAL D 628 -1.72 -41.45 -26.05
CA VAL D 628 -1.23 -41.67 -24.70
C VAL D 628 0.30 -41.45 -24.74
N HIS D 629 0.83 -40.66 -23.83
CA HIS D 629 2.28 -40.48 -23.84
C HIS D 629 3.10 -41.56 -23.11
N ALA D 630 4.41 -41.57 -23.32
CA ALA D 630 5.24 -42.51 -22.56
C ALA D 630 6.47 -41.85 -22.03
N LYS D 631 7.03 -42.42 -20.97
CA LYS D 631 8.34 -41.99 -20.46
C LYS D 631 9.23 -43.20 -20.25
N LEU D 632 10.37 -43.19 -20.93
CA LEU D 632 11.31 -44.35 -20.87
C LEU D 632 12.18 -44.23 -19.61
N LEU D 633 12.09 -45.18 -18.69
CA LEU D 633 12.80 -45.05 -17.41
C LEU D 633 13.91 -46.07 -17.32
N TYR D 634 14.95 -45.79 -16.53
CA TYR D 634 16.04 -46.74 -16.33
C TYR D 634 16.72 -46.44 -14.96
N SER D 635 17.80 -47.12 -14.62
CA SER D 635 18.56 -46.87 -13.34
C SER D 635 19.56 -45.68 -13.39
N ARG D 636 19.66 -45.03 -14.54
CA ARG D 636 20.59 -43.94 -14.75
C ARG D 636 20.10 -43.13 -15.96
N MET D 637 20.68 -41.97 -16.19
CA MET D 637 20.31 -41.20 -17.39
C MET D 637 21.19 -41.63 -18.57
N GLY D 638 21.01 -41.03 -19.73
CA GLY D 638 21.77 -41.44 -20.88
C GLY D 638 20.99 -42.31 -21.81
N GLU D 639 21.65 -43.35 -22.32
CA GLU D 639 21.01 -44.21 -23.32
C GLU D 639 21.24 -45.68 -22.97
N VAL D 640 20.38 -46.56 -23.50
CA VAL D 640 20.67 -47.99 -23.51
C VAL D 640 20.44 -48.43 -24.96
N THR D 641 20.98 -49.61 -25.32
CA THR D 641 20.91 -50.17 -26.64
C THR D 641 20.08 -51.47 -26.67
N ALA D 642 19.13 -51.52 -27.61
CA ALA D 642 18.15 -52.61 -27.70
C ALA D 642 18.86 -53.77 -28.42
N ASP D 643 18.28 -54.99 -28.31
CA ASP D 643 18.77 -56.17 -29.05
C ASP D 643 19.22 -55.81 -30.45
N ASP D 644 18.48 -54.97 -31.16
CA ASP D 644 18.74 -54.74 -32.59
C ASP D 644 19.64 -53.54 -32.90
N GLY D 645 20.20 -52.90 -31.86
CA GLY D 645 21.06 -51.74 -32.03
C GLY D 645 20.37 -50.39 -31.91
N THR D 646 19.05 -50.41 -31.67
CA THR D 646 18.30 -49.11 -31.52
C THR D 646 18.74 -48.47 -30.18
N VAL D 647 19.09 -47.20 -30.27
CA VAL D 647 19.60 -46.40 -29.15
C VAL D 647 18.33 -45.79 -28.58
N LEU D 648 18.13 -45.98 -27.27
CA LEU D 648 16.89 -45.60 -26.58
C LEU D 648 17.25 -44.52 -25.58
N PRO D 649 16.73 -43.30 -25.78
CA PRO D 649 17.04 -42.21 -24.86
C PRO D 649 16.26 -42.35 -23.56
N ILE D 650 16.92 -42.13 -22.43
CA ILE D 650 16.28 -42.33 -21.11
C ILE D 650 15.72 -40.99 -20.65
N ALA D 651 14.46 -41.00 -20.24
CA ALA D 651 13.76 -39.76 -19.79
C ALA D 651 14.06 -39.41 -18.34
N ALA D 652 14.14 -40.41 -17.48
CA ALA D 652 14.28 -40.22 -16.03
C ALA D 652 14.65 -41.60 -15.45
N THR D 653 15.13 -41.59 -14.23
CA THR D 653 15.38 -42.79 -13.48
C THR D 653 14.15 -43.30 -12.77
N PHE D 654 14.19 -44.51 -12.25
CA PHE D 654 12.99 -45.03 -11.59
C PHE D 654 12.60 -44.12 -10.42
N ALA D 655 13.60 -43.68 -9.67
CA ALA D 655 13.32 -42.87 -8.49
C ALA D 655 12.96 -41.43 -8.84
N GLY D 656 13.50 -40.97 -9.98
CA GLY D 656 13.31 -39.60 -10.49
C GLY D 656 11.92 -39.30 -11.03
N ALA D 657 11.25 -40.33 -11.53
CA ALA D 657 9.91 -40.23 -12.10
C ALA D 657 9.03 -41.38 -11.58
N PRO D 658 8.61 -41.32 -10.28
CA PRO D 658 7.93 -42.44 -9.60
C PRO D 658 6.58 -42.75 -10.25
N SER D 659 6.06 -43.94 -9.91
CA SER D 659 4.85 -44.44 -10.54
C SER D 659 3.73 -43.47 -10.19
N LEU D 660 3.85 -42.73 -9.11
CA LEU D 660 2.81 -41.70 -8.79
C LEU D 660 2.45 -40.80 -9.98
N THR D 661 3.44 -40.54 -10.84
CA THR D 661 3.32 -39.56 -11.94
C THR D 661 2.76 -40.16 -13.24
N VAL D 662 2.43 -41.43 -13.25
CA VAL D 662 1.94 -42.08 -14.50
C VAL D 662 0.61 -42.78 -14.24
N ASP D 663 -0.05 -43.21 -15.30
CA ASP D 663 -1.39 -43.87 -15.18
C ASP D 663 -1.26 -45.40 -15.25
N ALA D 664 -0.10 -45.90 -15.66
CA ALA D 664 0.10 -47.33 -15.93
C ALA D 664 1.57 -47.55 -16.13
N VAL D 665 1.98 -48.82 -15.96
CA VAL D 665 3.39 -49.21 -16.17
C VAL D 665 3.40 -50.41 -17.14
N ILE D 666 4.33 -50.35 -18.09
CA ILE D 666 4.56 -51.44 -19.07
C ILE D 666 6.05 -51.86 -18.89
N VAL D 667 6.33 -53.16 -18.78
CA VAL D 667 7.73 -53.63 -18.80
C VAL D 667 7.94 -54.55 -20.04
N PRO D 668 8.79 -54.12 -20.98
CA PRO D 668 9.03 -54.96 -22.19
C PRO D 668 10.02 -56.06 -21.79
N CYS D 669 10.13 -57.10 -22.65
CA CYS D 669 11.08 -58.17 -22.38
C CYS D 669 12.49 -57.63 -22.68
N GLY D 670 13.49 -58.49 -22.50
CA GLY D 670 14.87 -58.22 -22.89
C GLY D 670 15.74 -58.86 -21.84
N ASN D 671 16.85 -58.19 -21.53
CA ASN D 671 17.70 -58.63 -20.39
C ASN D 671 17.09 -58.22 -19.05
N ILE D 672 16.09 -58.96 -18.61
CA ILE D 672 15.35 -58.62 -17.36
C ILE D 672 16.24 -58.71 -16.12
N ALA D 673 17.22 -59.60 -16.16
CA ALA D 673 18.06 -59.77 -14.96
C ALA D 673 18.79 -58.49 -14.62
N ASP D 674 18.99 -57.61 -15.63
CA ASP D 674 19.53 -56.26 -15.42
C ASP D 674 18.84 -55.51 -14.24
N ILE D 675 17.51 -55.67 -14.16
CA ILE D 675 16.66 -54.79 -13.33
C ILE D 675 15.85 -55.61 -12.32
N ALA D 676 15.86 -56.92 -12.50
CA ALA D 676 15.20 -57.84 -11.60
C ALA D 676 15.59 -57.67 -10.16
N ASP D 677 16.85 -57.33 -9.87
CA ASP D 677 17.18 -57.17 -8.44
C ASP D 677 17.32 -55.73 -8.06
N ASN D 678 16.84 -54.82 -8.93
CA ASN D 678 16.94 -53.38 -8.66
C ASN D 678 15.77 -53.04 -7.73
N GLY D 679 16.09 -52.59 -6.53
CA GLY D 679 15.03 -52.30 -5.56
C GLY D 679 14.01 -51.27 -6.08
N ASP D 680 14.51 -50.19 -6.67
CA ASP D 680 13.67 -49.15 -7.29
C ASP D 680 12.73 -49.68 -8.39
N ALA D 681 13.20 -50.56 -9.28
CA ALA D 681 12.34 -51.14 -10.29
C ALA D 681 11.23 -52.01 -9.73
N ASN D 682 11.59 -52.93 -8.83
CA ASN D 682 10.62 -53.67 -8.07
C ASN D 682 9.62 -52.76 -7.29
N TYR D 683 10.15 -51.80 -6.50
CA TYR D 683 9.28 -50.94 -5.75
C TYR D 683 8.34 -50.17 -6.72
N TYR D 684 8.83 -49.79 -7.91
CA TYR D 684 8.01 -49.01 -8.91
C TYR D 684 6.71 -49.76 -9.17
N LEU D 685 6.84 -51.09 -9.36
CA LEU D 685 5.71 -51.97 -9.64
C LEU D 685 4.81 -52.14 -8.42
N MET D 686 5.42 -52.27 -7.23
CA MET D 686 4.67 -52.35 -5.98
C MET D 686 3.82 -51.09 -5.73
N GLU D 687 4.43 -49.94 -5.95
CA GLU D 687 3.70 -48.69 -5.75
C GLU D 687 2.58 -48.62 -6.76
N ALA D 688 2.84 -48.95 -8.03
CA ALA D 688 1.81 -48.83 -9.14
C ALA D 688 0.67 -49.82 -8.83
N TYR D 689 1.08 -50.98 -8.30
CA TYR D 689 0.11 -52.04 -7.94
C TYR D 689 -0.81 -51.60 -6.77
N LYS D 690 -0.21 -51.12 -5.66
CA LYS D 690 -0.97 -50.60 -4.49
C LYS D 690 -2.02 -49.56 -4.91
N HIS D 691 -1.62 -48.69 -5.84
CA HIS D 691 -2.42 -47.56 -6.25
C HIS D 691 -3.36 -47.91 -7.38
N LEU D 692 -3.53 -49.22 -7.65
CA LEU D 692 -4.62 -49.71 -8.53
C LEU D 692 -4.39 -49.43 -10.04
N LYS D 693 -3.13 -49.21 -10.46
CA LYS D 693 -2.85 -48.89 -11.84
C LYS D 693 -2.62 -50.13 -12.69
N PRO D 694 -3.03 -50.04 -13.93
CA PRO D 694 -2.81 -51.17 -14.84
C PRO D 694 -1.30 -51.39 -15.03
N ILE D 695 -0.87 -52.67 -15.08
CA ILE D 695 0.51 -53.03 -15.24
C ILE D 695 0.55 -54.11 -16.33
N ALA D 696 1.50 -53.95 -17.26
CA ALA D 696 1.60 -54.88 -18.39
C ALA D 696 3.01 -55.39 -18.43
N LEU D 697 3.15 -56.73 -18.55
CA LEU D 697 4.46 -57.38 -18.48
C LEU D 697 4.64 -58.32 -19.71
N ALA D 698 5.67 -58.07 -20.53
CA ALA D 698 5.89 -58.86 -21.77
C ALA D 698 7.05 -59.82 -21.61
N GLY D 699 6.87 -61.02 -22.15
CA GLY D 699 7.99 -61.97 -22.17
C GLY D 699 8.51 -62.24 -20.75
N ASP D 700 9.84 -62.14 -20.60
CA ASP D 700 10.47 -62.47 -19.34
C ASP D 700 10.13 -61.40 -18.30
N ALA D 701 9.50 -60.29 -18.70
CA ALA D 701 9.11 -59.30 -17.64
C ALA D 701 8.12 -59.89 -16.68
N ARG D 702 7.51 -61.01 -17.04
CA ARG D 702 6.61 -61.71 -16.14
C ARG D 702 7.29 -62.26 -14.86
N LYS D 703 8.63 -62.24 -14.80
CA LYS D 703 9.36 -62.65 -13.59
C LYS D 703 9.01 -61.68 -12.44
N PHE D 704 8.64 -60.45 -12.79
CA PHE D 704 8.13 -59.44 -11.84
C PHE D 704 6.81 -59.79 -11.22
N LYS D 705 6.06 -60.77 -11.74
CA LYS D 705 4.87 -61.26 -11.10
C LYS D 705 5.11 -61.63 -9.63
N ALA D 706 6.26 -62.20 -9.28
CA ALA D 706 6.58 -62.56 -7.89
C ALA D 706 6.67 -61.35 -6.94
N THR D 707 7.18 -60.20 -7.39
CA THR D 707 7.19 -59.04 -6.49
C THR D 707 5.85 -58.52 -6.06
N ILE D 708 4.88 -58.61 -6.97
CA ILE D 708 3.55 -58.11 -6.69
C ILE D 708 2.63 -59.27 -6.35
N LYS D 709 3.20 -60.47 -6.21
CA LYS D 709 2.44 -61.68 -5.90
C LYS D 709 1.33 -62.05 -6.87
N ILE D 710 1.58 -62.18 -8.16
CA ILE D 710 0.46 -62.48 -9.06
C ILE D 710 0.44 -63.98 -9.26
N ALA D 711 -0.75 -64.62 -9.18
CA ALA D 711 -0.94 -66.05 -9.48
C ALA D 711 -0.44 -66.40 -10.90
N ASP D 712 0.09 -67.64 -11.06
CA ASP D 712 0.58 -68.13 -12.36
C ASP D 712 -0.41 -67.95 -13.48
N GLN D 713 -1.68 -68.27 -13.22
CA GLN D 713 -2.69 -68.13 -14.24
C GLN D 713 -3.19 -66.66 -14.38
N GLY D 714 -2.52 -65.74 -13.64
CA GLY D 714 -2.76 -64.29 -13.75
C GLY D 714 -3.95 -63.71 -13.04
N GLU D 715 -4.16 -62.41 -13.23
CA GLU D 715 -5.26 -61.72 -12.55
C GLU D 715 -5.78 -60.50 -13.32
N GLU D 716 -7.10 -60.22 -13.20
CA GLU D 716 -7.75 -58.99 -13.75
C GLU D 716 -6.93 -57.72 -13.37
N GLY D 717 -6.52 -56.95 -14.37
CA GLY D 717 -5.69 -55.78 -14.11
C GLY D 717 -4.20 -55.91 -14.38
N ILE D 718 -3.71 -57.12 -14.65
CA ILE D 718 -2.32 -57.37 -15.06
C ILE D 718 -2.35 -57.93 -16.48
N VAL D 719 -1.78 -57.21 -17.42
CA VAL D 719 -1.75 -57.67 -18.81
C VAL D 719 -0.44 -58.45 -18.97
N GLU D 720 -0.47 -59.70 -19.45
CA GLU D 720 0.83 -60.43 -19.56
C GLU D 720 0.67 -61.30 -20.80
N ALA D 721 1.77 -61.40 -21.56
CA ALA D 721 1.84 -62.29 -22.74
C ALA D 721 3.30 -62.61 -23.04
N ASP D 722 3.53 -63.60 -23.91
CA ASP D 722 4.88 -63.84 -24.42
C ASP D 722 5.55 -62.63 -25.04
N SER D 723 4.75 -61.80 -25.74
CA SER D 723 5.24 -60.58 -26.31
C SER D 723 4.14 -59.46 -26.31
N ALA D 724 4.60 -58.22 -26.50
CA ALA D 724 3.71 -57.00 -26.59
C ALA D 724 2.82 -56.89 -27.86
N ASP D 725 2.81 -57.91 -28.69
CA ASP D 725 2.06 -57.87 -29.93
C ASP D 725 0.65 -58.41 -29.71
N GLY D 726 0.00 -58.76 -30.82
CA GLY D 726 -1.41 -59.22 -30.80
C GLY D 726 -2.24 -58.28 -29.94
N SER D 727 -3.00 -58.88 -29.01
CA SER D 727 -3.97 -58.11 -28.23
C SER D 727 -3.38 -57.43 -26.97
N PHE D 728 -2.08 -57.55 -26.73
CA PHE D 728 -1.45 -57.04 -25.47
C PHE D 728 -1.77 -55.56 -25.21
N MET D 729 -1.59 -54.74 -26.24
CA MET D 729 -1.75 -53.26 -26.09
C MET D 729 -3.21 -52.87 -26.04
N ASP D 730 -4.04 -53.50 -26.87
CA ASP D 730 -5.51 -53.31 -26.69
C ASP D 730 -5.97 -53.57 -25.30
N GLU D 731 -5.49 -54.66 -24.70
CA GLU D 731 -5.89 -55.02 -23.37
C GLU D 731 -5.41 -53.99 -22.33
N LEU D 732 -4.16 -53.51 -22.49
CA LEU D 732 -3.59 -52.51 -21.59
C LEU D 732 -4.46 -51.21 -21.69
N LEU D 733 -4.81 -50.83 -22.93
CA LEU D 733 -5.55 -49.59 -23.21
C LEU D 733 -7.00 -49.63 -22.72
N THR D 734 -7.60 -50.81 -22.74
CA THR D 734 -8.94 -51.01 -22.18
C THR D 734 -8.85 -50.79 -20.71
N LEU D 735 -7.80 -51.31 -20.07
CA LEU D 735 -7.64 -51.04 -18.61
C LEU D 735 -7.43 -49.53 -18.33
N MET D 736 -6.62 -48.87 -19.16
CA MET D 736 -6.40 -47.48 -19.00
C MET D 736 -7.70 -46.67 -19.16
N ALA D 737 -8.60 -47.14 -20.03
CA ALA D 737 -9.86 -46.35 -20.23
C ALA D 737 -10.76 -46.50 -19.01
N ALA D 738 -10.60 -47.55 -18.19
CA ALA D 738 -11.38 -47.65 -16.93
C ALA D 738 -10.66 -46.99 -15.74
N HIS D 739 -9.48 -46.40 -16.01
CA HIS D 739 -8.71 -45.57 -15.01
C HIS D 739 -7.93 -46.39 -14.00
N ARG D 740 -8.60 -47.12 -13.11
CA ARG D 740 -7.93 -47.87 -12.07
C ARG D 740 -8.63 -49.25 -11.93
N VAL D 741 -7.94 -50.22 -11.32
CA VAL D 741 -8.44 -51.62 -11.21
C VAL D 741 -9.01 -51.72 -9.80
N TRP D 742 -10.26 -51.29 -9.65
CA TRP D 742 -10.88 -51.22 -8.34
C TRP D 742 -10.97 -52.59 -7.72
N SER D 743 -11.13 -53.62 -8.57
CA SER D 743 -11.26 -55.03 -8.05
C SER D 743 -10.01 -55.46 -7.26
N ARG D 744 -8.89 -54.73 -7.44
CA ARG D 744 -7.64 -55.08 -6.82
C ARG D 744 -7.60 -54.69 -5.36
N ILE D 745 -8.55 -53.86 -4.93
CA ILE D 745 -8.48 -53.24 -3.62
C ILE D 745 -8.25 -54.24 -2.46
N PRO D 746 -9.04 -55.32 -2.36
CA PRO D 746 -8.78 -56.32 -1.26
C PRO D 746 -7.40 -56.98 -1.33
N LYS D 747 -6.84 -57.11 -2.53
CA LYS D 747 -5.51 -57.69 -2.77
C LYS D 747 -4.32 -56.79 -2.31
N ILE D 748 -4.46 -55.45 -2.28
CA ILE D 748 -3.33 -54.51 -1.94
C ILE D 748 -3.23 -54.39 -0.45
N ASP D 749 -4.20 -55.02 0.20
CA ASP D 749 -4.53 -54.81 1.57
C ASP D 749 -3.49 -54.67 2.68
N LYS D 750 -2.47 -55.50 2.96
CA LYS D 750 -1.84 -56.69 2.40
C LYS D 750 -0.39 -56.31 2.11
N ILE D 751 -0.17 -55.53 1.05
CA ILE D 751 1.14 -55.38 0.44
C ILE D 751 2.06 -54.38 1.16
N PRO D 752 3.34 -54.76 1.39
CA PRO D 752 4.25 -53.87 2.11
C PRO D 752 4.79 -52.87 1.13
N ALA D 753 4.02 -51.80 0.91
CA ALA D 753 4.37 -50.76 -0.04
C ALA D 753 3.67 -49.46 0.37
FE HDD E . 18.98 -12.07 2.82
CHA HDD E . 15.91 -12.32 4.05
CHB HDD E . 20.25 -14.32 5.25
CHC HDD E . 22.06 -12.25 1.16
CHD HDD E . 18.01 -9.61 0.75
NA HDD E . 18.22 -13.19 4.38
C1A HDD E . 16.91 -13.18 4.74
C2A HDD E . 16.60 -14.07 5.89
C3A HDD E . 17.87 -14.65 6.19
C4A HDD E . 18.81 -14.07 5.22
CMA HDD E . 18.27 -15.64 7.28
CAA HDD E . 15.31 -14.38 6.64
CBA HDD E . 15.22 -13.50 7.92
CGA HDD E . 13.76 -13.70 8.39
O1A HDD E . 12.84 -12.82 8.23
O2A HDD E . 13.51 -14.78 8.93
NB HDD E . 20.78 -13.09 3.13
C1B HDD E . 21.16 -13.85 4.21
C2B HDD E . 22.57 -14.33 4.21
C3B HDD E . 23.09 -13.72 3.02
C4B HDD E . 21.94 -12.97 2.43
CMB HDD E . 23.22 -15.17 5.26
CAB HDD E . 24.45 -13.84 2.43
CBB HDD E . 25.54 -14.44 2.96
NC HDD E . 19.88 -11.12 1.19
C1C HDD E . 21.11 -11.29 0.63
C2C HDD E . 21.42 -10.42 -0.54
C3C HDD E . 20.22 -9.62 -0.59
C4C HDD E . 19.34 -10.12 0.47
CMC HDD E . 22.68 -10.30 -1.41
CAC HDD E . 19.94 -8.57 -1.61
CBC HDD E . 20.59 -7.43 -1.58
ND HDD E . 17.32 -11.16 2.50
C1D HDD E . 17.11 -10.13 1.63
C2D HDD E . 15.75 -9.42 1.79
C3D HDD E . 15.01 -10.28 2.83
C4D HDD E . 16.11 -11.33 3.15
CMD HDD E . 15.09 -9.16 0.43
CAD HDD E . 13.61 -10.82 2.49
CBD HDD E . 12.50 -10.01 3.21
CGD HDD E . 13.29 -9.44 4.34
O1D HDD E . 14.67 -9.53 4.00
O2D HDD E . 12.84 -8.96 5.38
OND HDD E . 15.92 -8.05 2.28
CHA HEM F . 15.89 -12.25 4.13
CHB HEM F . 20.20 -14.72 5.04
CHC HEM F . 22.21 -12.41 1.19
CHD HEM F . 18.02 -9.63 0.65
C1A HEM F . 16.94 -13.11 4.61
C2A HEM F . 16.65 -13.91 5.81
C3A HEM F . 17.87 -14.66 6.07
C4A HEM F . 18.84 -14.23 5.04
CMA HEM F . 18.16 -15.64 7.19
CAA HEM F . 15.31 -13.96 6.51
CBA HEM F . 15.33 -13.28 7.89
CGA HEM F . 14.01 -13.71 8.51
O1A HEM F . 12.98 -12.98 8.35
O2A HEM F . 13.98 -14.79 9.15
C1B HEM F . 21.13 -14.25 4.04
C2B HEM F . 22.44 -14.90 3.93
C3B HEM F . 22.99 -14.24 2.80
C4B HEM F . 22.01 -13.24 2.37
CMB HEM F . 23.06 -15.98 4.74
CAB HEM F . 24.30 -14.48 2.26
CBB HEM F . 25.26 -13.88 2.95
C1C HEM F . 21.22 -11.43 0.75
C2C HEM F . 21.56 -10.38 -0.26
C3C HEM F . 20.35 -9.61 -0.34
C4C HEM F . 19.34 -10.19 0.55
CMC HEM F . 22.87 -10.04 -1.01
CAC HEM F . 20.23 -8.42 -1.23
CBC HEM F . 21.36 -7.84 -1.61
C1D HEM F . 17.05 -10.20 1.60
C2D HEM F . 15.67 -9.71 1.53
C3D HEM F . 15.04 -10.51 2.56
C4D HEM F . 16.15 -11.30 3.08
CMD HEM F . 15.06 -8.64 0.63
CAD HEM F . 13.64 -10.50 3.09
CBD HEM F . 13.66 -9.70 4.38
CGD HEM F . 12.29 -9.28 4.91
O1D HEM F . 11.32 -9.30 4.14
O2D HEM F . 12.19 -8.87 6.09
NA HEM F . 18.26 -13.33 4.02
NB HEM F . 20.85 -13.35 3.07
NC HEM F . 19.79 -11.43 1.19
ND HEM F . 17.38 -11.18 2.49
FE HEM F . 19.27 -12.02 2.98
FE HDD G . 14.25 17.36 -3.76
CHA HDD G . 11.09 16.63 -4.76
CHB HDD G . 14.63 19.67 -6.27
CHC HDD G . 17.24 18.25 -2.30
CHD HDD G . 14.09 14.59 -1.74
NA HDD G . 13.02 18.02 -5.29
C1A HDD G . 11.76 17.66 -5.57
C2A HDD G . 11.16 18.36 -6.70
C3A HDD G . 12.24 19.26 -7.15
C4A HDD G . 13.31 19.01 -6.16
CMA HDD G . 12.32 20.30 -8.25
CAA HDD G . 9.79 18.17 -7.30
CBA HDD G . 9.93 17.30 -8.57
CGA HDD G . 8.56 17.26 -9.18
O1A HDD G . 7.87 16.18 -9.17
O2A HDD G . 8.11 18.38 -9.63
NB HDD G . 15.68 18.80 -4.21
C1B HDD G . 15.75 19.55 -5.32
C2B HDD G . 16.97 20.35 -5.42
C3B HDD G . 17.71 19.96 -4.22
C4B HDD G . 16.86 18.96 -3.57
CMB HDD G . 17.39 21.34 -6.44
CAB HDD G . 19.05 20.44 -3.78
CBB HDD G . 19.96 20.95 -4.60
NC HDD G . 15.47 16.52 -2.26
C1C HDD G . 16.64 17.03 -1.80
C2C HDD G . 17.31 16.29 -0.69
C3C HDD G . 16.38 15.20 -0.56
C4C HDD G . 15.28 15.42 -1.52
CMC HDD G . 18.62 16.52 0.05
CAC HDD G . 16.53 14.09 0.39
CBC HDD G . 17.64 13.33 0.34
ND HDD G . 12.90 15.99 -3.34
C1D HDD G . 13.07 14.89 -2.56
C2D HDD G . 11.95 13.82 -2.71
C3D HDD G . 11.01 14.40 -3.71
C4D HDD G . 11.70 15.76 -3.96
CMD HDD G . 11.38 13.31 -1.38
CAD HDD G . 9.53 14.52 -3.26
CBD HDD G . 8.70 13.39 -3.89
CGD HDD G . 9.54 13.00 -5.09
O1D HDD G . 10.85 13.47 -4.85
O2D HDD G . 9.15 12.39 -6.09
OND HDD G . 12.49 12.62 -3.20
CHA HEM H . 11.22 16.31 -4.94
CHB HEM H . 14.58 19.84 -6.18
CHC HEM H . 17.27 18.55 -2.30
CHD HEM H . 14.23 14.61 -1.51
C1A HEM H . 11.90 17.43 -5.54
C2A HEM H . 11.32 18.20 -6.67
C3A HEM H . 12.31 19.21 -7.03
C4A HEM H . 13.40 19.02 -6.05
CMA HEM H . 12.28 20.29 -8.11
CAA HEM H . 9.98 17.96 -7.33
CBA HEM H . 10.09 17.09 -8.58
CGA HEM H . 8.64 16.98 -8.98
O1A HEM H . 7.93 16.03 -8.51
O2A HEM H . 8.16 17.91 -9.69
C1B HEM H . 15.62 19.72 -5.19
C2B HEM H . 16.61 20.74 -5.19
C3B HEM H . 17.40 20.40 -4.05
C4B HEM H . 16.77 19.21 -3.52
CMB HEM H . 16.65 21.81 -6.20
CAB HEM H . 18.58 21.12 -3.56
CBB HEM H . 19.55 21.33 -4.42
C1C HEM H . 16.65 17.34 -1.85
C2C HEM H . 17.41 16.55 -0.87
C3C HEM H . 16.55 15.41 -0.66
C4C HEM H . 15.32 15.58 -1.47
CMC HEM H . 18.76 16.90 -0.34
CAC HEM H . 16.85 14.28 0.24
CBC HEM H . 18.08 13.81 0.39
C1D HEM H . 13.11 14.78 -2.42
C2D HEM H . 11.92 13.91 -2.28
C3D HEM H . 11.04 14.44 -3.27
C4D HEM H . 11.82 15.51 -3.89
CMD HEM H . 11.82 12.78 -1.28
CAD HEM H . 9.67 13.99 -3.75
CBD HEM H . 9.94 13.18 -5.04
CGD HEM H . 8.70 12.39 -5.47
O1D HEM H . 7.79 12.19 -4.63
O2D HEM H . 8.65 11.95 -6.65
NA HEM H . 13.16 17.98 -5.05
NB HEM H . 15.66 18.84 -4.18
NC HEM H . 15.29 16.87 -2.15
ND HEM H . 13.02 15.76 -3.33
FE HEM H . 14.53 17.10 -3.93
FE HDD I . -18.84 12.18 4.03
CHA HDD I . -15.61 12.36 5.01
CHB HDD I . -19.84 14.26 6.54
CHC HDD I . -22.04 12.30 2.57
CHD HDD I . -17.94 9.59 1.98
NA HDD I . -17.84 13.15 5.56
C1A HDD I . -16.53 13.16 5.81
C2A HDD I . -16.16 14.00 6.98
C3A HDD I . -17.44 14.57 7.42
C4A HDD I . -18.39 13.95 6.46
CMA HDD I . -17.78 15.48 8.56
CAA HDD I . -14.84 14.27 7.59
CBA HDD I . -14.63 13.18 8.67
CGA HDD I . -13.27 13.47 9.22
O1A HDD I . -12.35 12.63 8.97
O2A HDD I . -13.14 14.56 9.87
NB HDD I . -20.60 13.18 4.48
C1B HDD I . -20.87 13.88 5.59
C2B HDD I . -22.27 14.28 5.75
C3B HDD I . -22.89 13.75 4.57
C4B HDD I . -21.82 13.02 3.84
CMB HDD I . -22.80 15.08 6.86
CAB HDD I . -24.31 13.85 4.17
CBB HDD I . -25.31 13.97 5.01
NC HDD I . -19.80 11.10 2.53
C1C HDD I . -21.09 11.27 2.02
C2C HDD I . -21.47 10.38 0.92
C3C HDD I . -20.26 9.56 0.81
C4C HDD I . -19.29 10.10 1.79
CMC HDD I . -22.78 10.22 0.18
CAC HDD I . -19.99 8.46 -0.14
CBC HDD I . -20.89 7.59 -0.47
ND HDD I . -17.18 11.23 3.59
C1D HDD I . -17.02 10.12 2.79
C2D HDD I . -15.65 9.42 2.93
C3D HDD I . -14.86 10.30 3.89
C4D HDD I . -15.95 11.37 4.19
CMD HDD I . -14.99 9.13 1.60
CAD HDD I . -13.50 10.78 3.34
CBD HDD I . -12.35 9.96 3.97
CGD HDD I . -13.05 9.32 5.16
O1D HDD I . -14.45 9.48 5.03
O2D HDD I . -12.51 8.76 6.14
OND HDD I . -15.81 8.09 3.43
CHA HEM J . -15.69 12.12 5.22
CHB HEM J . -20.00 14.52 6.36
CHC HEM J . -22.18 12.41 2.53
CHD HEM J . -18.00 9.68 1.71
C1A HEM J . -16.67 13.03 5.79
C2A HEM J . -16.34 13.92 6.94
C3A HEM J . -17.58 14.62 7.25
C4A HEM J . -18.61 14.08 6.29
CMA HEM J . -17.82 15.63 8.33
CAA HEM J . -15.02 14.16 7.62
CBA HEM J . -14.78 13.27 8.84
CGA HEM J . -13.49 13.77 9.42
O1A HEM J . -12.55 12.96 9.46
O2A HEM J . -13.38 14.96 9.82
C1B HEM J . -20.98 14.12 5.36
C2B HEM J . -22.31 14.76 5.28
C3B HEM J . -22.84 14.13 4.14
C4B HEM J . -21.85 13.17 3.71
CMB HEM J . -22.98 15.84 6.06
CAB HEM J . -24.17 14.30 3.55
CBB HEM J . -24.97 13.32 3.92
C1C HEM J . -21.18 11.47 2.08
C2C HEM J . -21.63 10.45 1.14
C3C HEM J . -20.43 9.67 0.95
C4C HEM J . -19.32 10.25 1.74
CMC HEM J . -23.01 10.23 0.60
CAC HEM J . -20.42 8.49 0.10
CBC HEM J . -21.57 8.04 -0.27
C1D HEM J . -16.93 10.16 2.59
C2D HEM J . -15.51 9.75 2.42
C3D HEM J . -14.85 10.51 3.49
C4D HEM J . -15.98 11.22 4.13
CMD HEM J . -15.00 8.75 1.42
CAD HEM J . -13.43 10.55 3.98
CBD HEM J . -13.41 9.61 5.23
CGD HEM J . -11.99 9.20 5.65
O1D HEM J . -11.11 9.16 4.76
O2D HEM J . -11.79 8.85 6.85
NA HEM J . -18.05 13.15 5.32
NB HEM J . -20.68 13.20 4.41
NC HEM J . -19.73 11.51 2.42
ND HEM J . -17.20 11.06 3.57
FE HEM J . -19.05 11.85 4.22
FE HDD K . -14.50 -17.35 -3.05
CHA HDD K . -11.38 -16.53 -4.22
CHB HDD K . -14.92 -19.68 -5.56
CHC HDD K . -17.26 -18.33 -1.45
CHD HDD K . -14.34 -14.53 -0.98
NA HDD K . -13.31 -17.99 -4.61
C1A HDD K . -12.07 -17.57 -4.95
C2A HDD K . -11.52 -18.27 -6.13
C3A HDD K . -12.56 -19.21 -6.49
C4A HDD K . -13.61 -18.99 -5.50
CMA HDD K . -12.53 -20.22 -7.63
CAA HDD K . -10.18 -18.12 -6.84
CBA HDD K . -10.28 -17.19 -8.09
CGA HDD K . -8.93 -17.12 -8.75
O1A HDD K . -8.29 -16.00 -8.75
O2A HDD K . -8.47 -18.18 -9.29
NB HDD K . -15.86 -18.81 -3.44
C1B HDD K . -15.99 -19.60 -4.54
C2B HDD K . -17.19 -20.43 -4.59
C3B HDD K . -17.87 -19.99 -3.38
C4B HDD K . -16.97 -19.01 -2.73
CMB HDD K . -17.62 -21.38 -5.67
CAB HDD K . -19.13 -20.45 -2.82
CBB HDD K . -20.14 -20.74 -3.60
NC HDD K . -15.61 -16.56 -1.46
C1C HDD K . -16.73 -17.09 -0.93
C2C HDD K . -17.35 -16.37 0.22
C3C HDD K . -16.51 -15.21 0.32
C4C HDD K . -15.45 -15.45 -0.69
CMC HDD K . -18.60 -16.62 1.06
CAC HDD K . -16.64 -14.09 1.31
CBC HDD K . -17.71 -13.29 1.33
ND HDD K . -13.19 -15.94 -2.68
C1D HDD K . -13.33 -14.83 -1.85
C2D HDD K . -12.21 -13.78 -2.07
C3D HDD K . -11.28 -14.36 -3.12
C4D HDD K . -11.99 -15.68 -3.37
CMD HDD K . -11.49 -13.44 -0.75
CAD HDD K . -9.80 -14.51 -2.70
CBD HDD K . -8.92 -13.47 -3.45
CGD HDD K . -9.84 -13.02 -4.55
O1D HDD K . -11.17 -13.47 -4.27
O2D HDD K . -9.56 -12.37 -5.58
OND HDD K . -12.68 -12.48 -2.51
CHA HEM L . -11.47 -16.35 -4.48
CHB HEM L . -14.87 -20.02 -5.35
CHC HEM L . -17.47 -18.47 -1.52
CHD HEM L . -14.24 -14.64 -0.80
C1A HEM L . -12.20 -17.51 -4.94
C2A HEM L . -11.75 -18.24 -6.15
C3A HEM L . -12.71 -19.29 -6.38
C4A HEM L . -13.73 -19.14 -5.34
CMA HEM L . -12.67 -20.32 -7.50
CAA HEM L . -10.50 -18.02 -6.97
CBA HEM L . -10.67 -17.11 -8.20
CGA HEM L . -9.25 -17.14 -8.67
O1A HEM L . -8.48 -16.23 -8.27
O2A HEM L . -8.90 -18.14 -9.40
C1B HEM L . -15.89 -19.83 -4.35
C2B HEM L . -16.92 -20.83 -4.25
C3B HEM L . -17.71 -20.37 -3.14
C4B HEM L . -16.99 -19.17 -2.68
CMB HEM L . -17.15 -22.00 -5.10
CAB HEM L . -18.89 -21.04 -2.58
CBB HEM L . -19.80 -21.60 -3.41
C1C HEM L . -16.76 -17.29 -1.10
C2C HEM L . -17.45 -16.42 -0.10
C3C HEM L . -16.52 -15.34 0.06
C4C HEM L . -15.35 -15.61 -0.76
CMC HEM L . -18.83 -16.54 0.57
CAC HEM L . -16.71 -14.18 0.93
CBC HEM L . -17.77 -14.17 1.72
C1D HEM L . -13.16 -14.83 -1.77
C2D HEM L . -11.96 -13.97 -1.71
C3D HEM L . -11.15 -14.50 -2.79
C4D HEM L . -12.00 -15.53 -3.38
CMD HEM L . -11.71 -12.86 -0.71
CAD HEM L . -9.83 -14.06 -3.32
CBD HEM L . -10.20 -13.27 -4.58
CGD HEM L . -9.04 -12.39 -5.05
O1D HEM L . -8.13 -12.14 -4.26
O2D HEM L . -9.05 -11.89 -6.22
NA HEM L . -13.41 -18.11 -4.33
NB HEM L . -15.88 -18.84 -3.42
NC HEM L . -15.38 -16.89 -1.48
ND HEM L . -13.16 -15.79 -2.74
FE HEM L . -14.72 -17.10 -3.28
#